data_7VLK
#
_entry.id   7VLK
#
_cell.length_a   1.00
_cell.length_b   1.00
_cell.length_c   1.00
_cell.angle_alpha   90.00
_cell.angle_beta   90.00
_cell.angle_gamma   90.00
#
_symmetry.space_group_name_H-M   'P 1'
#
loop_
_entity.id
_entity.type
_entity.pdbx_description
1 polymer 'Translation initiation factor eIF-2B subunit alpha'
2 polymer 'Translation initiation factor eIF-2B subunit beta'
3 polymer 'Translation initiation factor eIF-2B subunit gamma'
4 polymer 'Translation initiation factor eIF-2B subunit delta'
5 polymer 'Translation initiation factor eIF-2B subunit epsilon'
6 polymer 'Non-structural protein NS-S'
#
loop_
_entity_poly.entity_id
_entity_poly.type
_entity_poly.pdbx_seq_one_letter_code
_entity_poly.pdbx_strand_id
1 'polypeptide(L)'
;GPMDDKELIEYFKSQMKEDPDMASAVAAIRTLLEFLKRDKGETIQGLRANLTSAIETLCGVDSSVAVSSGGELFLRFISL
ASLEYSDYSKCKKIMIERGELFLRRISLSRNKIADLCHTFIKDGATILTHAYSRVVLRVLEAAVAAKKRFSVYVTESQPD
LSGKKMAKALCHLNVPVTVVLDAAVGYIMEKADLVIVGAEGVVENGGIINKIGTNQMAVCAKAQNKPFYVVAESFKFVRL
FPLNQQDVPDKFKYKADTLKVAQTGQDLKEEHPWVDYTAPSLITLLFTDLGVLTPSAVSDELIKLYL
;
A,B
2 'polypeptide(L)'
;MPGSAAKGSELSERIESFVETLKRGGGPRSSEEMARETLGLLRQIITDHRWSNAGELMELIRREGRRMTAAQPSETTVGN
MVRRVLKIIREEYGRLHGRSDESDQQESLHKLLTSGGLNEDFSFHYAQLQSNIIEAINELLVELEGTMENIAAQALEHIH
SNEVIMTIGFSRTVEAFLKEAARKRKFHVIVAECAPFCQGHEMAVNLSKAGIETTVMTDAAIFAVMSRVNKVIIGTKTIL
ANGALRAVTGTHTLALAAKHHSTPLIVCAPMFKLSPQFPNEEDSFHKFVAPEEVLPFTEGDILEKVSVHCPVFDYVPPEL
ITLFISNIGGNAPSYIYRLMSELYHPDDHVL
;
C,D
3 'polypeptide(L)'
;MEFQAVVMAVGGGSRMTDLTSSIPKPLLPVGNKPLIWYPLNLLERVGFEEVIVVTTRDVQKALCAEFKMKMKPDIVCIPD
DADMGTADSLRYIYPKLKTDVLVLSCDLITDVALHEVVDLFRAYDASLAMLMRKGQDSIEPVPGQKGKKKAVEQRDFIGV
DSTGKRLLFMANEADLDEELVIKGSILQKHPRIRFHTGLVDAHLYCLKKYIVDFLMENGSITSIRSELIPYLVRKQFSSA
SSQQGQEEKEEDLKKKELKSLDIYSFIKEANTLNLAPYDACWNACRGDRWEDLSRSQVRCYVHIMKEGLCSRVSTLGLYM
EANRQVPKLLSALCPEEPPVHSSAQIVSKHLVGVDSLIGPETQIGEKSSIKRSVIGSSCLIKDRVTITNCLLMNSVTVEE
GSNIQGSVICNNAVIEKGADIKDCLIGSGQRIEAKAKRVNEVIVGNDQLMEI
;
E,F
4 'polypeptide(L)'
;MAAVAVAVREDSGSGMKAELPPGPGAVGREMTKEEKLQLRKEKKQQKKKRKEEKGAEPETGSAVSAAQCQVGPTRELPES
GIQLGTPREKVPAGRSKAELRAERRAKQEAERALKQARKGEQGGPPPKASPSTAGETPSGVKRLPEYPQVDDLLLRRLVK
KPERQQVPTRKDYGSKVSLFSHLPQYSRQNSLTQFMSIPSSVIHPAMVRLGLQYSQGLVSGSNARCIALLRALQQVIQDY
TTPPNEELSRDLVNKLKPYMSFLTQCRPLSASMHNAIKFLNKEITSVGSSKREEEAKSELRAAIDRYVQEKIVLAAQAIS
RFAYQKISNGDVILVYGCSSLVSRILQEAWTEGRRFRVVVVDSRPWLEGRHTLRSLVHAGVPASYLLIPAASYVLPEVSK
VLLGAHALLANGSVMSRVGTAQLALVARAHNVPVLVCCETYKFCERVQTDAFVSNELDDPDDLQCKRGEHVALANWQNHA
SLRLLNLVYDVTPPELVDLVITELGMIPCSSVPVVLRVKSSDQ
;
G,H
5 'polypeptide(L)'
;MAAPVVAPPGVVVSRANKRSGAGPGGSGGGGARGAEEEPPPPLQAVLVADSFDRRFFPISKDQPRVLLPLANVALIDYTL
EFLTATGVQETFVFCCWKAAQIKEHLLKSKWCRPTSLNVVRIITSELYRSLGDVLRDVDAKALVRSDFLLVYGDVISNIN
ITRALEEHRLRRKLEKNVSVMTMIFKESSPSHPTRCHEDNVVVAVDSTTNRVLHFQKTQGLRRFAFPLSLFQGSSDGVEV
RYDLLDCHISICSPQVAQLFTDNFDYQTRDDFVRGLLVNEEILGNQIHMHVTAKEYGARVSNLHMYSAVCADVIRRWVYP
LTPEANFTDSTTQSCTHSRHNIYRGPEVSLGHGSILEENVLLGSGTVIGSNCFITNSVIGPGCHIGDNVVLDQTYLWQGV
RVAAGAQIHQSLLCDNAEVKERVTLKPRSVLTSQVVVGPNITLPEGSVISLHPPDAEEDEDDGEFSDDSGADQEKDKVKM
KGYNPAEVGAAGKGYLWKAAGMNMEEEEELQQNLWGLKINMEEESESESEQSMDSEEPDSRGGSPQMDDIKVFQNEVLGT
LQRGKEENISCDNLVLEINSLKYAYNISLKEVMQVLSHVVLEFPLQQMDSPLDSSRYCALLLPLLKAWSPVFRNYIKRAA
DHLEALAAIEDFFLEHEALGISMAKVLMAFYQLEILAEETILSWFSQRDTTDKGQQLRKNQQLQRFIQWLKEAEEESSED
D
;
I,J
6 'polypeptide(L)'
;MNSQYMFDYPAINIDVRCHRLLSSVSYVAYNKFHTHDVSTYEHCEIPLEKLRLGFGRRNSLADFYSLGELPASWGPACYF
SSVKPMMYTFQGMASDLSRFDLTSFSRKGLPNVLKALSWPLGIPDCEIFSICSDRFVRGLQTRDQLMSYILRMGDSHSLD
ECIVQAHKKILQEARRLGLSDEHYNGYDLFREIGSLVCLRLINAEPFDTASSGEALDVRTVIRSYRASDPSTGLTEYGNS
LWTPIHSHVDENDESSSDSDF
;
K,L
#
# COMPACT_ATOMS: atom_id res chain seq x y z
N GLY A 1 25.99 -27.87 -48.22
CA GLY A 1 27.41 -27.62 -48.13
C GLY A 1 28.18 -28.80 -47.57
N PRO A 2 29.30 -28.52 -46.91
CA PRO A 2 30.08 -29.62 -46.29
C PRO A 2 29.26 -30.45 -45.32
N MET A 3 28.41 -29.82 -44.53
CA MET A 3 27.49 -30.53 -43.66
C MET A 3 26.05 -30.20 -44.04
N ASP A 4 25.24 -31.25 -44.17
CA ASP A 4 23.87 -31.15 -44.64
C ASP A 4 22.92 -31.09 -43.46
N ASP A 5 21.67 -30.70 -43.76
CA ASP A 5 20.65 -30.59 -42.72
C ASP A 5 20.44 -31.92 -42.00
N LYS A 6 20.38 -33.02 -42.76
CA LYS A 6 20.18 -34.33 -42.17
C LYS A 6 21.27 -34.68 -41.18
N GLU A 7 22.53 -34.55 -41.60
CA GLU A 7 23.63 -34.88 -40.71
C GLU A 7 23.84 -33.82 -39.64
N LEU A 8 23.39 -32.59 -39.86
CA LEU A 8 23.37 -31.59 -38.79
C LEU A 8 22.45 -32.02 -37.66
N ILE A 9 21.22 -32.41 -38.01
CA ILE A 9 20.28 -32.92 -36.99
C ILE A 9 20.82 -34.17 -36.35
N GLU A 10 21.46 -35.06 -37.14
CA GLU A 10 22.02 -36.28 -36.59
C GLU A 10 23.12 -35.98 -35.59
N TYR A 11 24.00 -35.03 -35.90
CA TYR A 11 25.06 -34.65 -34.97
C TYR A 11 24.48 -34.04 -33.70
N PHE A 12 23.48 -33.18 -33.84
CA PHE A 12 22.85 -32.58 -32.66
C PHE A 12 22.27 -33.66 -31.75
N LYS A 13 21.49 -34.57 -32.33
CA LYS A 13 20.86 -35.62 -31.54
C LYS A 13 21.89 -36.56 -30.92
N SER A 14 22.94 -36.90 -31.68
CA SER A 14 23.97 -37.79 -31.16
C SER A 14 24.73 -37.16 -30.01
N GLN A 15 25.04 -35.86 -30.12
CA GLN A 15 25.74 -35.18 -29.04
C GLN A 15 24.85 -35.06 -27.81
N MET A 16 23.54 -34.86 -28.01
CA MET A 16 22.63 -34.84 -26.88
C MET A 16 22.54 -36.21 -26.20
N LYS A 17 22.49 -37.27 -27.00
CA LYS A 17 22.27 -38.61 -26.46
C LYS A 17 23.53 -39.18 -25.81
N GLU A 18 24.71 -38.87 -26.36
CA GLU A 18 25.95 -39.43 -25.81
C GLU A 18 26.19 -38.93 -24.38
N ASP A 19 25.91 -37.65 -24.12
CA ASP A 19 26.05 -37.05 -22.80
C ASP A 19 24.70 -36.53 -22.37
N PRO A 20 23.88 -37.32 -21.67
CA PRO A 20 22.58 -36.84 -21.23
C PRO A 20 22.66 -35.70 -20.23
N ASP A 21 23.80 -35.50 -19.57
CA ASP A 21 23.93 -34.43 -18.60
C ASP A 21 23.96 -33.06 -19.27
N MET A 22 24.56 -32.98 -20.45
CA MET A 22 24.70 -31.70 -21.14
C MET A 22 23.34 -31.17 -21.59
N ALA A 23 23.14 -29.88 -21.40
CA ALA A 23 21.87 -29.24 -21.72
C ALA A 23 21.71 -29.06 -23.23
N SER A 24 20.47 -28.78 -23.65
CA SER A 24 20.18 -28.64 -25.07
C SER A 24 20.92 -27.46 -25.68
N ALA A 25 21.03 -26.35 -24.95
CA ALA A 25 21.72 -25.18 -25.47
C ALA A 25 23.20 -25.46 -25.70
N VAL A 26 23.84 -26.17 -24.76
CA VAL A 26 25.25 -26.49 -24.91
C VAL A 26 25.47 -27.39 -26.13
N ALA A 27 24.58 -28.38 -26.31
CA ALA A 27 24.69 -29.25 -27.47
C ALA A 27 24.48 -28.47 -28.77
N ALA A 28 23.54 -27.53 -28.78
CA ALA A 28 23.31 -26.72 -29.97
C ALA A 28 24.52 -25.85 -30.29
N ILE A 29 25.13 -25.26 -29.26
CA ILE A 29 26.31 -24.44 -29.48
C ILE A 29 27.47 -25.29 -29.99
N ARG A 30 27.62 -26.50 -29.44
CA ARG A 30 28.67 -27.41 -29.92
C ARG A 30 28.44 -27.78 -31.37
N THR A 31 27.18 -28.06 -31.74
CA THR A 31 26.86 -28.39 -33.12
C THR A 31 27.16 -27.22 -34.05
N LEU A 32 26.83 -25.99 -33.62
CA LEU A 32 27.13 -24.82 -34.44
C LEU A 32 28.63 -24.63 -34.60
N LEU A 33 29.40 -24.85 -33.54
CA LEU A 33 30.85 -24.73 -33.63
C LEU A 33 31.42 -25.78 -34.57
N GLU A 34 30.89 -27.01 -34.50
CA GLU A 34 31.32 -28.06 -35.43
C GLU A 34 30.97 -27.70 -36.86
N PHE A 35 29.79 -27.11 -37.07
CA PHE A 35 29.41 -26.63 -38.41
C PHE A 35 30.39 -25.58 -38.91
N LEU A 36 30.79 -24.66 -38.03
CA LEU A 36 31.79 -23.66 -38.41
C LEU A 36 33.13 -24.30 -38.72
N LYS A 37 33.47 -25.40 -38.04
CA LYS A 37 34.76 -26.05 -38.28
C LYS A 37 34.87 -26.53 -39.72
N ARG A 38 33.80 -27.13 -40.24
CA ARG A 38 33.77 -27.65 -41.61
C ARG A 38 32.73 -26.85 -42.40
N ASP A 39 33.17 -25.74 -42.98
CA ASP A 39 32.31 -24.88 -43.78
C ASP A 39 32.81 -24.68 -45.20
N LYS A 40 34.13 -24.70 -45.42
CA LYS A 40 34.73 -24.59 -46.74
C LYS A 40 34.34 -23.28 -47.44
N GLY A 41 34.00 -22.26 -46.65
CA GLY A 41 33.66 -20.96 -47.19
C GLY A 41 34.82 -19.99 -47.13
N GLU A 42 34.64 -18.86 -47.82
CA GLU A 42 35.64 -17.80 -47.85
C GLU A 42 35.07 -16.42 -47.60
N THR A 43 33.77 -16.31 -47.33
CA THR A 43 33.11 -15.03 -47.13
C THR A 43 32.38 -15.03 -45.79
N ILE A 44 32.54 -13.96 -45.02
CA ILE A 44 31.88 -13.87 -43.72
C ILE A 44 30.38 -13.66 -43.87
N GLN A 45 29.92 -13.16 -45.02
CA GLN A 45 28.49 -13.02 -45.26
C GLN A 45 27.84 -14.39 -45.45
N GLY A 46 28.45 -15.25 -46.27
CA GLY A 46 27.92 -16.59 -46.46
C GLY A 46 27.99 -17.41 -45.18
N LEU A 47 29.08 -17.24 -44.41
CA LEU A 47 29.17 -17.93 -43.13
C LEU A 47 28.04 -17.50 -42.21
N ARG A 48 27.76 -16.20 -42.13
CA ARG A 48 26.67 -15.73 -41.29
C ARG A 48 25.33 -16.27 -41.76
N ALA A 49 25.08 -16.24 -43.07
CA ALA A 49 23.82 -16.76 -43.60
C ALA A 49 23.68 -18.25 -43.34
N ASN A 50 24.76 -19.00 -43.55
CA ASN A 50 24.72 -20.44 -43.31
C ASN A 50 24.50 -20.75 -41.83
N LEU A 51 25.14 -19.99 -40.95
CA LEU A 51 24.93 -20.18 -39.51
C LEU A 51 23.50 -19.84 -39.11
N THR A 52 22.93 -18.79 -39.69
CA THR A 52 21.53 -18.47 -39.41
C THR A 52 20.59 -19.57 -39.87
N SER A 53 20.85 -20.13 -41.06
CA SER A 53 20.03 -21.24 -41.53
C SER A 53 20.18 -22.47 -40.64
N ALA A 54 21.41 -22.74 -40.19
CA ALA A 54 21.65 -23.86 -39.30
C ALA A 54 20.92 -23.67 -37.96
N ILE A 55 20.94 -22.44 -37.45
CA ILE A 55 20.22 -22.15 -36.21
C ILE A 55 18.72 -22.32 -36.40
N GLU A 56 18.21 -21.90 -37.56
CA GLU A 56 16.79 -22.09 -37.85
C GLU A 56 16.45 -23.58 -37.86
N THR A 57 17.28 -24.40 -38.51
CA THR A 57 17.05 -25.84 -38.55
C THR A 57 17.11 -26.44 -37.15
N LEU A 58 18.10 -26.04 -36.35
CA LEU A 58 18.25 -26.59 -35.01
C LEU A 58 17.05 -26.22 -34.13
N CYS A 59 16.57 -24.97 -34.24
CA CYS A 59 15.38 -24.58 -33.50
C CYS A 59 14.14 -25.31 -34.02
N GLY A 60 14.16 -25.71 -35.29
CA GLY A 60 13.09 -26.56 -35.79
C GLY A 60 13.17 -27.97 -35.24
N VAL A 61 14.37 -28.43 -34.88
CA VAL A 61 14.53 -29.76 -34.29
C VAL A 61 13.86 -29.81 -32.92
N ASP A 62 14.15 -28.82 -32.06
CA ASP A 62 13.55 -28.74 -30.74
C ASP A 62 13.20 -27.29 -30.46
N SER A 63 12.03 -27.09 -29.84
CA SER A 63 11.43 -25.77 -29.69
C SER A 63 11.74 -25.13 -28.34
N SER A 64 12.93 -25.36 -27.80
CA SER A 64 13.33 -24.79 -26.52
C SER A 64 13.88 -23.38 -26.71
N VAL A 65 13.62 -22.53 -25.71
CA VAL A 65 14.10 -21.16 -25.74
C VAL A 65 15.62 -21.13 -25.65
N ALA A 66 16.21 -22.07 -24.91
CA ALA A 66 17.66 -22.07 -24.70
C ALA A 66 18.41 -22.26 -26.02
N VAL A 67 17.87 -23.07 -26.92
CA VAL A 67 18.52 -23.29 -28.21
C VAL A 67 18.58 -21.99 -29.00
N SER A 68 17.46 -21.25 -29.04
CA SER A 68 17.44 -19.97 -29.75
C SER A 68 18.37 -18.96 -29.08
N SER A 69 18.41 -18.95 -27.75
CA SER A 69 19.32 -18.04 -27.05
C SER A 69 20.77 -18.36 -27.39
N GLY A 70 21.12 -19.65 -27.42
CA GLY A 70 22.47 -20.04 -27.82
C GLY A 70 22.77 -19.65 -29.26
N GLY A 71 21.78 -19.77 -30.15
CA GLY A 71 21.99 -19.37 -31.53
C GLY A 71 22.27 -17.88 -31.66
N GLU A 72 21.48 -17.05 -30.96
CA GLU A 72 21.72 -15.62 -30.97
C GLU A 72 23.06 -15.27 -30.36
N LEU A 73 23.44 -15.94 -29.27
CA LEU A 73 24.74 -15.71 -28.66
C LEU A 73 25.87 -16.06 -29.62
N PHE A 74 25.72 -17.17 -30.35
CA PHE A 74 26.72 -17.56 -31.33
C PHE A 74 26.81 -16.53 -32.46
N LEU A 75 25.66 -16.03 -32.92
CA LEU A 75 25.67 -15.01 -33.97
C LEU A 75 26.37 -13.75 -33.49
N ARG A 76 26.11 -13.32 -32.25
CA ARG A 76 26.81 -12.16 -31.71
C ARG A 76 28.31 -12.42 -31.59
N PHE A 77 28.68 -13.64 -31.19
CA PHE A 77 30.10 -14.00 -31.13
C PHE A 77 30.76 -13.89 -32.50
N ILE A 78 30.08 -14.38 -33.54
CA ILE A 78 30.62 -14.29 -34.89
C ILE A 78 30.75 -12.83 -35.31
N SER A 79 29.74 -12.01 -35.00
CA SER A 79 29.81 -10.60 -35.37
C SER A 79 30.97 -9.90 -34.67
N LEU A 80 31.17 -10.19 -33.38
CA LEU A 80 32.29 -9.60 -32.66
C LEU A 80 33.63 -10.04 -33.24
N ALA A 81 33.76 -11.34 -33.55
CA ALA A 81 35.00 -11.83 -34.13
C ALA A 81 35.28 -11.18 -35.49
N SER A 82 34.23 -11.02 -36.31
CA SER A 82 34.39 -10.35 -37.59
C SER A 82 34.79 -8.90 -37.41
N LEU A 83 34.23 -8.23 -36.40
CA LEU A 83 34.62 -6.86 -36.11
C LEU A 83 36.08 -6.76 -35.70
N GLU A 84 36.56 -7.74 -34.93
CA GLU A 84 37.95 -7.71 -34.47
C GLU A 84 38.94 -7.89 -35.62
N TYR A 85 38.69 -8.85 -36.50
CA TYR A 85 39.60 -9.17 -37.60
C TYR A 85 38.87 -9.04 -38.92
N SER A 86 39.43 -8.22 -39.82
CA SER A 86 38.80 -8.00 -41.11
C SER A 86 38.98 -9.18 -42.06
N ASP A 87 40.18 -9.78 -42.08
CA ASP A 87 40.44 -10.87 -43.00
C ASP A 87 39.74 -12.14 -42.52
N TYR A 88 39.06 -12.82 -43.44
CA TYR A 88 38.30 -14.01 -43.08
C TYR A 88 39.20 -15.16 -42.66
N SER A 89 40.33 -15.33 -43.36
CA SER A 89 41.24 -16.44 -43.05
C SER A 89 41.80 -16.30 -41.64
N LYS A 90 42.25 -15.10 -41.27
CA LYS A 90 42.72 -14.88 -39.91
C LYS A 90 41.58 -14.91 -38.90
N CYS A 91 40.37 -14.60 -39.35
CA CYS A 91 39.22 -14.57 -38.43
C CYS A 91 38.76 -15.98 -38.06
N LYS A 92 38.85 -16.94 -39.00
CA LYS A 92 38.28 -18.26 -38.77
C LYS A 92 38.98 -18.98 -37.62
N LYS A 93 40.32 -18.91 -37.58
CA LYS A 93 41.05 -19.57 -36.50
C LYS A 93 40.72 -18.95 -35.16
N ILE A 94 40.62 -17.62 -35.10
CA ILE A 94 40.25 -16.94 -33.88
C ILE A 94 38.86 -17.38 -33.43
N MET A 95 37.92 -17.47 -34.36
CA MET A 95 36.58 -17.95 -34.02
C MET A 95 36.62 -19.36 -33.47
N ILE A 96 37.43 -20.23 -34.07
CA ILE A 96 37.47 -21.63 -33.63
C ILE A 96 38.03 -21.72 -32.21
N GLU A 97 39.16 -21.04 -31.94
CA GLU A 97 39.75 -21.13 -30.61
C GLU A 97 38.87 -20.46 -29.56
N ARG A 98 38.28 -19.31 -29.90
CA ARG A 98 37.39 -18.63 -28.97
C ARG A 98 36.15 -19.49 -28.69
N GLY A 99 35.66 -20.20 -29.69
CA GLY A 99 34.55 -21.12 -29.47
C GLY A 99 34.91 -22.29 -28.58
N GLU A 100 36.14 -22.81 -28.71
CA GLU A 100 36.58 -23.86 -27.80
C GLU A 100 36.61 -23.36 -26.36
N LEU A 101 37.18 -22.16 -26.15
CA LEU A 101 37.20 -21.59 -24.80
C LEU A 101 35.79 -21.33 -24.28
N PHE A 102 34.90 -20.85 -25.16
CA PHE A 102 33.52 -20.61 -24.81
C PHE A 102 32.82 -21.91 -24.39
N LEU A 103 33.09 -22.99 -25.10
CA LEU A 103 32.54 -24.29 -24.74
C LEU A 103 33.03 -24.73 -23.36
N ARG A 104 34.33 -24.54 -23.10
CA ARG A 104 34.86 -24.88 -21.78
C ARG A 104 34.17 -24.08 -20.68
N ARG A 105 33.99 -22.77 -20.91
CA ARG A 105 33.37 -21.93 -19.88
C ARG A 105 31.91 -22.29 -19.66
N ILE A 106 31.15 -22.54 -20.73
CA ILE A 106 29.76 -22.92 -20.55
C ILE A 106 29.63 -24.31 -19.97
N SER A 107 30.66 -25.14 -20.08
CA SER A 107 30.68 -26.42 -19.36
C SER A 107 30.94 -26.24 -17.88
N LEU A 108 31.83 -25.30 -17.50
CA LEU A 108 32.10 -25.04 -16.10
C LEU A 108 31.02 -24.19 -15.43
N SER A 109 30.11 -23.60 -16.22
CA SER A 109 29.11 -22.69 -15.67
C SER A 109 28.21 -23.37 -14.64
N ARG A 110 27.84 -24.63 -14.88
CA ARG A 110 26.93 -25.32 -13.95
C ARG A 110 27.57 -25.48 -12.57
N ASN A 111 28.82 -25.92 -12.54
CA ASN A 111 29.53 -26.04 -11.26
C ASN A 111 29.73 -24.68 -10.62
N LYS A 112 30.00 -23.64 -11.41
CA LYS A 112 30.11 -22.30 -10.85
C LYS A 112 28.81 -21.88 -10.16
N ILE A 113 27.68 -22.12 -10.82
CA ILE A 113 26.38 -21.76 -10.25
C ILE A 113 26.13 -22.55 -8.97
N ALA A 114 26.44 -23.85 -8.99
CA ALA A 114 26.22 -24.66 -7.79
C ALA A 114 27.07 -24.16 -6.63
N ASP A 115 28.35 -23.86 -6.88
CA ASP A 115 29.22 -23.37 -5.82
C ASP A 115 28.76 -22.03 -5.28
N LEU A 116 28.28 -21.14 -6.14
CA LEU A 116 27.83 -19.82 -5.70
C LEU A 116 26.43 -19.83 -5.11
N CYS A 117 25.65 -20.91 -5.31
CA CYS A 117 24.27 -20.94 -4.86
C CYS A 117 24.01 -21.83 -3.65
N HIS A 118 24.87 -22.83 -3.41
CA HIS A 118 24.58 -23.77 -2.32
C HIS A 118 24.57 -23.09 -0.95
N THR A 119 25.20 -21.91 -0.84
CA THR A 119 25.31 -21.24 0.45
C THR A 119 23.98 -20.69 0.94
N PHE A 120 23.00 -20.53 0.06
CA PHE A 120 21.72 -19.93 0.45
C PHE A 120 20.77 -20.92 1.12
N ILE A 121 21.13 -22.19 1.19
CA ILE A 121 20.32 -23.21 1.85
C ILE A 121 20.80 -23.38 3.28
N LYS A 122 19.87 -23.34 4.23
CA LYS A 122 20.18 -23.44 5.65
C LYS A 122 19.91 -24.85 6.15
N ASP A 123 20.44 -25.14 7.34
CA ASP A 123 20.19 -26.42 7.97
C ASP A 123 18.74 -26.53 8.42
N GLY A 124 18.10 -27.64 8.09
CA GLY A 124 16.70 -27.83 8.42
C GLY A 124 15.73 -27.05 7.57
N ALA A 125 16.17 -26.54 6.42
CA ALA A 125 15.30 -25.78 5.55
C ALA A 125 14.40 -26.71 4.75
N THR A 126 13.37 -26.11 4.14
CA THR A 126 12.43 -26.83 3.28
C THR A 126 12.44 -26.15 1.91
N ILE A 127 13.08 -26.78 0.95
CA ILE A 127 13.25 -26.21 -0.39
C ILE A 127 12.13 -26.71 -1.29
N LEU A 128 11.45 -25.79 -1.95
CA LEU A 128 10.38 -26.11 -2.88
C LEU A 128 10.88 -25.93 -4.31
N THR A 129 10.73 -26.97 -5.13
CA THR A 129 11.12 -26.93 -6.53
C THR A 129 9.92 -27.34 -7.37
N HIS A 130 9.97 -27.00 -8.66
CA HIS A 130 8.83 -27.19 -9.54
C HIS A 130 8.91 -28.47 -10.35
N ALA A 131 10.00 -28.69 -11.09
CA ALA A 131 10.12 -29.87 -11.93
C ALA A 131 11.60 -30.24 -12.01
N TYR A 132 11.94 -31.11 -12.95
CA TYR A 132 13.33 -31.54 -13.11
C TYR A 132 14.19 -30.40 -13.61
N SER A 133 15.38 -30.27 -13.01
CA SER A 133 16.35 -29.27 -13.44
C SER A 133 17.73 -29.76 -13.01
N ARG A 134 18.63 -29.92 -13.98
CA ARG A 134 19.98 -30.40 -13.67
C ARG A 134 20.73 -29.39 -12.80
N VAL A 135 20.49 -28.10 -13.00
CA VAL A 135 21.16 -27.09 -12.20
C VAL A 135 20.70 -27.15 -10.75
N VAL A 136 19.38 -27.32 -10.53
CA VAL A 136 18.87 -27.45 -9.17
C VAL A 136 19.40 -28.73 -8.53
N LEU A 137 19.46 -29.81 -9.30
CA LEU A 137 20.00 -31.06 -8.78
C LEU A 137 21.45 -30.90 -8.35
N ARG A 138 22.26 -30.22 -9.16
CA ARG A 138 23.65 -29.99 -8.82
C ARG A 138 23.79 -29.08 -7.61
N VAL A 139 22.92 -28.07 -7.50
CA VAL A 139 22.93 -27.17 -6.35
C VAL A 139 22.65 -27.96 -5.07
N LEU A 140 21.64 -28.83 -5.11
CA LEU A 140 21.33 -29.64 -3.94
C LEU A 140 22.42 -30.66 -3.65
N GLU A 141 23.09 -31.19 -4.68
CA GLU A 141 24.24 -32.06 -4.46
C GLU A 141 25.34 -31.32 -3.72
N ALA A 142 25.65 -30.10 -4.16
CA ALA A 142 26.68 -29.31 -3.49
C ALA A 142 26.28 -28.95 -2.06
N ALA A 143 24.99 -28.68 -1.83
CA ALA A 143 24.52 -28.41 -0.47
C ALA A 143 24.66 -29.64 0.41
N VAL A 144 24.33 -30.82 -0.11
CA VAL A 144 24.47 -32.06 0.65
C VAL A 144 25.94 -32.34 0.95
N ALA A 145 26.82 -32.10 -0.02
CA ALA A 145 28.25 -32.29 0.20
C ALA A 145 28.80 -31.37 1.27
N ALA A 146 28.09 -30.29 1.60
CA ALA A 146 28.49 -29.37 2.65
C ALA A 146 27.99 -29.79 4.03
N LYS A 147 27.55 -31.04 4.17
CA LYS A 147 27.04 -31.57 5.44
C LYS A 147 25.86 -30.74 5.94
N LYS A 148 24.93 -30.45 5.04
CA LYS A 148 23.72 -29.71 5.36
C LYS A 148 22.51 -30.64 5.26
N ARG A 149 21.57 -30.46 6.17
CA ARG A 149 20.36 -31.28 6.24
C ARG A 149 19.15 -30.42 5.90
N PHE A 150 18.35 -30.88 4.94
CA PHE A 150 17.18 -30.14 4.51
C PHE A 150 16.20 -31.09 3.84
N SER A 151 14.95 -30.66 3.73
CA SER A 151 13.91 -31.39 3.04
C SER A 151 13.57 -30.69 1.73
N VAL A 152 13.04 -31.46 0.79
CA VAL A 152 12.72 -30.97 -0.55
C VAL A 152 11.32 -31.41 -0.93
N TYR A 153 10.53 -30.48 -1.46
CA TYR A 153 9.25 -30.78 -2.08
C TYR A 153 9.34 -30.52 -3.57
N VAL A 154 8.78 -31.43 -4.36
CA VAL A 154 8.76 -31.31 -5.81
C VAL A 154 7.32 -31.51 -6.28
N THR A 155 7.01 -30.92 -7.42
CA THR A 155 5.71 -31.10 -8.06
C THR A 155 5.84 -32.09 -9.21
N GLU A 156 4.76 -32.84 -9.45
CA GLU A 156 4.80 -33.94 -10.41
C GLU A 156 4.96 -33.48 -11.85
N SER A 157 4.68 -32.21 -12.15
CA SER A 157 4.86 -31.66 -13.50
C SER A 157 4.02 -32.45 -14.52
N GLN A 158 2.71 -32.27 -14.38
CA GLN A 158 1.72 -33.15 -15.02
C GLN A 158 1.96 -33.46 -16.50
N PRO A 159 2.26 -32.48 -17.38
CA PRO A 159 2.37 -32.83 -18.81
C PRO A 159 3.37 -33.94 -19.08
N ASP A 160 4.52 -33.93 -18.41
CA ASP A 160 5.46 -35.05 -18.42
C ASP A 160 6.08 -35.14 -17.04
N LEU A 161 5.94 -36.30 -16.40
CA LEU A 161 6.25 -36.39 -14.97
C LEU A 161 7.75 -36.32 -14.72
N SER A 162 8.35 -35.16 -15.01
CA SER A 162 9.75 -34.94 -14.70
C SER A 162 9.97 -34.70 -13.22
N GLY A 163 8.92 -34.31 -12.49
CA GLY A 163 9.04 -34.18 -11.05
C GLY A 163 9.35 -35.51 -10.37
N LYS A 164 8.74 -36.59 -10.85
CA LYS A 164 9.06 -37.92 -10.33
C LYS A 164 10.52 -38.28 -10.62
N LYS A 165 11.01 -37.93 -11.80
CA LYS A 165 12.41 -38.16 -12.14
C LYS A 165 13.33 -37.38 -11.19
N MET A 166 12.98 -36.12 -10.92
CA MET A 166 13.76 -35.31 -9.99
C MET A 166 13.74 -35.92 -8.59
N ALA A 167 12.59 -36.41 -8.16
CA ALA A 167 12.48 -37.04 -6.84
C ALA A 167 13.33 -38.29 -6.76
N LYS A 168 13.34 -39.11 -7.81
CA LYS A 168 14.19 -40.29 -7.83
C LYS A 168 15.66 -39.92 -7.80
N ALA A 169 16.05 -38.92 -8.60
CA ALA A 169 17.44 -38.48 -8.62
C ALA A 169 17.86 -37.91 -7.26
N LEU A 170 16.93 -37.29 -6.54
CA LEU A 170 17.26 -36.76 -5.22
C LEU A 170 17.33 -37.88 -4.18
N CYS A 171 16.46 -38.88 -4.29
CA CYS A 171 16.55 -40.04 -3.41
C CYS A 171 17.86 -40.80 -3.64
N HIS A 172 18.41 -40.70 -4.86
CA HIS A 172 19.66 -41.39 -5.15
C HIS A 172 20.78 -40.99 -4.20
N LEU A 173 20.82 -39.71 -3.81
CA LEU A 173 21.80 -39.25 -2.83
C LEU A 173 21.23 -39.10 -1.43
N ASN A 174 20.14 -39.81 -1.11
CA ASN A 174 19.58 -39.86 0.25
C ASN A 174 19.18 -38.47 0.73
N VAL A 175 18.23 -37.86 0.00
CA VAL A 175 17.69 -36.57 0.38
C VAL A 175 16.20 -36.74 0.66
N PRO A 176 15.72 -36.37 1.85
CA PRO A 176 14.28 -36.49 2.13
C PRO A 176 13.47 -35.60 1.20
N VAL A 177 12.70 -36.23 0.32
CA VAL A 177 11.94 -35.50 -0.69
C VAL A 177 10.49 -35.98 -0.67
N THR A 178 9.60 -35.09 -1.09
CA THR A 178 8.17 -35.38 -1.18
C THR A 178 7.67 -34.95 -2.56
N VAL A 179 6.65 -35.64 -3.04
CA VAL A 179 6.04 -35.35 -4.33
C VAL A 179 4.62 -34.89 -4.09
N VAL A 180 4.27 -33.72 -4.65
CA VAL A 180 2.95 -33.16 -4.51
C VAL A 180 2.40 -32.86 -5.89
N LEU A 181 1.08 -32.70 -5.96
CA LEU A 181 0.42 -32.39 -7.22
C LEU A 181 0.75 -30.96 -7.64
N ASP A 182 0.51 -30.68 -8.93
CA ASP A 182 0.66 -29.31 -9.42
C ASP A 182 -0.39 -28.38 -8.84
N ALA A 183 -1.48 -28.92 -8.31
CA ALA A 183 -2.51 -28.14 -7.65
C ALA A 183 -2.24 -27.93 -6.16
N ALA A 184 -1.13 -28.47 -5.65
CA ALA A 184 -0.82 -28.39 -4.22
C ALA A 184 0.36 -27.46 -3.93
N VAL A 185 0.75 -26.62 -4.89
CA VAL A 185 1.84 -25.68 -4.64
C VAL A 185 1.42 -24.63 -3.62
N GLY A 186 0.21 -24.08 -3.77
CA GLY A 186 -0.27 -23.12 -2.80
C GLY A 186 -0.52 -23.73 -1.43
N TYR A 187 -1.00 -24.97 -1.41
CA TYR A 187 -1.22 -25.65 -0.14
C TYR A 187 0.11 -25.89 0.59
N ILE A 188 1.15 -26.28 -0.14
CA ILE A 188 2.43 -26.62 0.48
C ILE A 188 3.36 -25.43 0.63
N MET A 189 2.97 -24.25 0.15
CA MET A 189 3.86 -23.10 0.15
C MET A 189 4.23 -22.68 1.57
N GLU A 190 3.26 -22.76 2.51
CA GLU A 190 3.54 -22.34 3.87
C GLU A 190 4.55 -23.23 4.57
N LYS A 191 4.71 -24.47 4.12
CA LYS A 191 5.72 -25.36 4.72
C LYS A 191 7.12 -25.02 4.24
N ALA A 192 7.27 -24.58 2.99
CA ALA A 192 8.58 -24.31 2.43
C ALA A 192 9.14 -22.99 2.95
N ASP A 193 10.47 -22.92 3.04
CA ASP A 193 11.16 -21.71 3.45
C ASP A 193 11.62 -20.87 2.27
N LEU A 194 12.06 -21.49 1.18
CA LEU A 194 12.50 -20.77 0.00
C LEU A 194 12.26 -21.64 -1.22
N VAL A 195 12.23 -20.99 -2.39
CA VAL A 195 11.91 -21.64 -3.66
C VAL A 195 13.11 -21.51 -4.59
N ILE A 196 13.53 -22.64 -5.16
CA ILE A 196 14.57 -22.67 -6.18
C ILE A 196 14.02 -23.40 -7.40
N VAL A 197 14.10 -22.75 -8.56
CA VAL A 197 13.65 -23.32 -9.82
C VAL A 197 14.70 -23.05 -10.88
N GLY A 198 14.62 -23.81 -11.97
CA GLY A 198 15.44 -23.56 -13.14
C GLY A 198 14.79 -22.57 -14.09
N ALA A 199 15.48 -22.31 -15.19
CA ALA A 199 14.96 -21.41 -16.21
C ALA A 199 15.45 -21.85 -17.57
N GLU A 200 14.52 -21.98 -18.52
CA GLU A 200 14.89 -22.27 -19.90
C GLU A 200 15.37 -21.04 -20.64
N GLY A 201 14.96 -19.85 -20.22
CA GLY A 201 15.40 -18.62 -20.85
C GLY A 201 15.17 -17.41 -19.96
N VAL A 202 16.14 -16.49 -19.95
CA VAL A 202 16.05 -15.27 -19.15
C VAL A 202 15.79 -14.12 -20.11
N VAL A 203 14.63 -13.48 -19.96
CA VAL A 203 14.20 -12.41 -20.86
C VAL A 203 14.86 -11.10 -20.45
N GLU A 204 14.69 -10.08 -21.30
CA GLU A 204 15.45 -8.83 -21.17
C GLU A 204 15.21 -8.16 -19.82
N ASN A 205 13.97 -8.13 -19.34
CA ASN A 205 13.65 -7.34 -18.15
C ASN A 205 13.96 -8.06 -16.85
N GLY A 206 14.53 -9.27 -16.90
CA GLY A 206 14.86 -10.01 -15.70
C GLY A 206 13.93 -11.17 -15.40
N GLY A 207 12.78 -11.24 -16.05
CA GLY A 207 11.89 -12.37 -15.89
C GLY A 207 12.49 -13.62 -16.52
N ILE A 208 11.78 -14.73 -16.35
CA ILE A 208 12.26 -16.01 -16.84
C ILE A 208 11.17 -16.70 -17.64
N ILE A 209 11.60 -17.58 -18.55
CA ILE A 209 10.72 -18.50 -19.25
C ILE A 209 11.00 -19.89 -18.71
N ASN A 210 9.95 -20.57 -18.24
CA ASN A 210 10.14 -21.86 -17.58
C ASN A 210 8.93 -22.73 -17.85
N LYS A 211 8.91 -23.91 -17.23
CA LYS A 211 7.81 -24.85 -17.41
C LYS A 211 6.49 -24.22 -16.96
N ILE A 212 5.40 -24.80 -17.45
CA ILE A 212 4.08 -24.17 -17.40
C ILE A 212 3.63 -23.83 -15.97
N GLY A 213 4.13 -24.55 -14.96
CA GLY A 213 3.70 -24.31 -13.60
C GLY A 213 4.51 -23.29 -12.82
N THR A 214 5.46 -22.60 -13.46
CA THR A 214 6.37 -21.73 -12.72
C THR A 214 5.69 -20.45 -12.27
N ASN A 215 4.83 -19.87 -13.13
CA ASN A 215 4.27 -18.55 -12.84
C ASN A 215 3.36 -18.58 -11.61
N GLN A 216 2.47 -19.57 -11.54
CA GLN A 216 1.59 -19.66 -10.38
C GLN A 216 2.37 -19.97 -9.12
N MET A 217 3.43 -20.75 -9.23
CA MET A 217 4.30 -21.04 -8.09
C MET A 217 4.94 -19.76 -7.58
N ALA A 218 5.44 -18.91 -8.49
CA ALA A 218 6.05 -17.65 -8.09
C ALA A 218 5.02 -16.71 -7.48
N VAL A 219 3.81 -16.67 -8.03
CA VAL A 219 2.77 -15.82 -7.46
C VAL A 219 2.39 -16.27 -6.06
N CYS A 220 2.29 -17.59 -5.86
CA CYS A 220 1.96 -18.11 -4.54
C CYS A 220 3.10 -17.84 -3.55
N ALA A 221 4.35 -17.92 -4.00
CA ALA A 221 5.47 -17.59 -3.13
C ALA A 221 5.45 -16.11 -2.76
N LYS A 222 5.10 -15.25 -3.71
CA LYS A 222 5.01 -13.81 -3.43
C LYS A 222 3.89 -13.51 -2.44
N ALA A 223 2.76 -14.20 -2.56
CA ALA A 223 1.64 -13.96 -1.68
C ALA A 223 1.93 -14.31 -0.22
N GLN A 224 2.95 -15.14 0.02
CA GLN A 224 3.31 -15.57 1.37
C GLN A 224 4.70 -15.10 1.76
N ASN A 225 5.25 -14.11 1.05
CA ASN A 225 6.55 -13.52 1.37
C ASN A 225 7.67 -14.57 1.38
N LYS A 226 7.63 -15.48 0.40
CA LYS A 226 8.72 -16.44 0.37
C LYS A 226 9.72 -16.08 -0.72
N PRO A 227 11.02 -16.16 -0.43
CA PRO A 227 12.02 -15.87 -1.46
C PRO A 227 11.91 -16.83 -2.63
N PHE A 228 12.05 -16.28 -3.84
CA PHE A 228 11.95 -17.05 -5.08
C PHE A 228 13.30 -16.93 -5.79
N TYR A 229 14.10 -18.00 -5.74
CA TYR A 229 15.42 -18.00 -6.33
C TYR A 229 15.40 -18.77 -7.64
N VAL A 230 16.12 -18.25 -8.63
CA VAL A 230 16.21 -18.84 -9.95
C VAL A 230 17.68 -19.12 -10.26
N VAL A 231 17.97 -20.36 -10.66
CA VAL A 231 19.29 -20.73 -11.15
C VAL A 231 19.22 -20.89 -12.67
N ALA A 232 20.07 -20.17 -13.38
CA ALA A 232 20.06 -20.18 -14.84
C ALA A 232 21.45 -19.86 -15.35
N GLU A 233 21.82 -20.47 -16.46
CA GLU A 233 23.12 -20.23 -17.08
C GLU A 233 23.08 -18.95 -17.91
N SER A 234 24.27 -18.42 -18.19
CA SER A 234 24.36 -17.15 -18.91
C SER A 234 23.92 -17.28 -20.36
N PHE A 235 24.16 -18.43 -21.00
CA PHE A 235 23.80 -18.58 -22.40
C PHE A 235 22.29 -18.65 -22.62
N LYS A 236 21.48 -18.49 -21.57
CA LYS A 236 20.03 -18.45 -21.70
C LYS A 236 19.48 -17.03 -21.61
N PHE A 237 20.35 -16.03 -21.77
CA PHE A 237 19.92 -14.64 -21.77
C PHE A 237 19.43 -14.26 -23.17
N VAL A 238 18.13 -13.94 -23.27
CA VAL A 238 17.50 -13.65 -24.56
C VAL A 238 16.90 -12.26 -24.50
N ARG A 239 17.03 -11.51 -25.61
CA ARG A 239 16.42 -10.18 -25.73
C ARG A 239 14.97 -10.33 -26.18
N LEU A 240 14.14 -10.75 -25.24
CA LEU A 240 12.70 -10.84 -25.43
C LEU A 240 12.01 -10.06 -24.33
N PHE A 241 10.91 -9.39 -24.67
CA PHE A 241 10.18 -8.55 -23.72
C PHE A 241 8.70 -8.90 -23.81
N PRO A 242 8.30 -10.04 -23.23
CA PRO A 242 6.87 -10.39 -23.23
C PRO A 242 6.11 -9.51 -22.26
N LEU A 243 5.04 -8.89 -22.75
CA LEU A 243 4.21 -8.06 -21.88
C LEU A 243 3.30 -8.90 -21.00
N ASN A 244 2.81 -10.03 -21.49
CA ASN A 244 1.95 -10.92 -20.73
C ASN A 244 2.23 -12.35 -21.17
N GLN A 245 1.38 -13.27 -20.72
CA GLN A 245 1.55 -14.68 -21.08
C GLN A 245 1.28 -14.90 -22.57
N GLN A 246 0.29 -14.21 -23.13
CA GLN A 246 -0.02 -14.34 -24.55
C GLN A 246 1.09 -13.77 -25.43
N ASP A 247 1.93 -12.90 -24.89
CA ASP A 247 3.00 -12.27 -25.66
C ASP A 247 4.19 -13.19 -25.90
N VAL A 248 4.25 -14.32 -25.22
CA VAL A 248 5.35 -15.27 -25.44
C VAL A 248 5.24 -15.83 -26.87
N PRO A 249 6.34 -15.93 -27.61
CA PRO A 249 6.26 -16.47 -28.97
C PRO A 249 5.68 -17.88 -28.99
N ASP A 250 4.86 -18.15 -30.01
CA ASP A 250 4.18 -19.44 -30.10
C ASP A 250 5.13 -20.58 -30.41
N LYS A 251 6.30 -20.29 -30.97
CA LYS A 251 7.26 -21.35 -31.27
C LYS A 251 7.87 -21.97 -30.03
N PHE A 252 7.69 -21.35 -28.86
CA PHE A 252 8.18 -21.92 -27.61
C PHE A 252 7.08 -22.54 -26.77
N LYS A 253 5.82 -22.14 -26.96
CA LYS A 253 4.74 -22.66 -26.15
C LYS A 253 4.41 -24.11 -26.51
N TYR A 254 4.35 -24.42 -27.80
CA TYR A 254 3.82 -25.68 -28.27
C TYR A 254 4.90 -26.52 -28.95
N LYS A 255 4.60 -27.82 -29.08
CA LYS A 255 5.47 -28.78 -29.75
C LYS A 255 6.85 -28.84 -29.08
N ALA A 256 6.83 -29.19 -27.79
CA ALA A 256 8.04 -29.32 -27.01
C ALA A 256 7.85 -30.28 -25.84
N GLU A 270 -7.37 -29.58 -24.19
CA GLU A 270 -7.49 -29.00 -25.53
C GLU A 270 -6.20 -28.26 -25.90
N GLU A 271 -5.93 -27.17 -25.18
CA GLU A 271 -4.70 -26.43 -25.36
C GLU A 271 -3.75 -26.71 -24.19
N HIS A 272 -2.47 -26.86 -24.49
CA HIS A 272 -1.47 -27.20 -23.48
C HIS A 272 -0.16 -26.51 -23.81
N PRO A 273 0.02 -25.28 -23.34
CA PRO A 273 1.33 -24.63 -23.46
C PRO A 273 2.36 -25.34 -22.61
N TRP A 274 3.61 -25.31 -23.07
CA TRP A 274 4.70 -25.96 -22.38
C TRP A 274 5.54 -25.01 -21.53
N VAL A 275 5.42 -23.71 -21.76
CA VAL A 275 6.23 -22.72 -21.03
C VAL A 275 5.35 -21.55 -20.60
N ASP A 276 5.84 -20.83 -19.60
CA ASP A 276 5.23 -19.60 -19.13
C ASP A 276 6.33 -18.60 -18.79
N TYR A 277 5.92 -17.36 -18.57
CA TYR A 277 6.83 -16.26 -18.26
C TYR A 277 6.57 -15.76 -16.85
N THR A 278 7.64 -15.47 -16.13
CA THR A 278 7.59 -14.96 -14.77
C THR A 278 8.26 -13.60 -14.72
N ALA A 279 7.53 -12.61 -14.19
CA ALA A 279 7.99 -11.24 -14.18
C ALA A 279 9.16 -11.07 -13.20
N PRO A 280 10.05 -10.10 -13.47
CA PRO A 280 11.18 -9.87 -12.55
C PRO A 280 10.77 -9.46 -11.16
N SER A 281 9.59 -8.86 -10.98
CA SER A 281 9.16 -8.44 -9.66
C SER A 281 8.82 -9.62 -8.76
N LEU A 282 8.63 -10.81 -9.32
CA LEU A 282 8.35 -12.01 -8.55
C LEU A 282 9.60 -12.82 -8.25
N ILE A 283 10.78 -12.31 -8.61
CA ILE A 283 12.05 -13.04 -8.48
C ILE A 283 12.92 -12.28 -7.49
N THR A 284 13.47 -13.00 -6.51
CA THR A 284 14.34 -12.37 -5.52
C THR A 284 15.75 -12.19 -6.07
N LEU A 285 16.41 -13.28 -6.44
CA LEU A 285 17.77 -13.24 -6.96
C LEU A 285 17.93 -14.31 -8.03
N LEU A 286 18.87 -14.09 -8.94
CA LEU A 286 19.23 -15.05 -9.98
C LEU A 286 20.66 -15.51 -9.76
N PHE A 287 20.87 -16.83 -9.84
CA PHE A 287 22.19 -17.42 -9.66
C PHE A 287 22.69 -17.88 -11.02
N THR A 288 23.66 -17.16 -11.56
CA THR A 288 24.26 -17.49 -12.86
C THR A 288 25.76 -17.64 -12.69
N ASP A 289 26.41 -18.08 -13.77
CA ASP A 289 27.86 -18.16 -13.77
C ASP A 289 28.53 -16.80 -13.68
N LEU A 290 27.79 -15.72 -13.92
CA LEU A 290 28.29 -14.38 -13.68
C LEU A 290 28.22 -13.98 -12.21
N GLY A 291 27.45 -14.71 -11.39
CA GLY A 291 27.36 -14.47 -9.97
C GLY A 291 25.91 -14.45 -9.51
N VAL A 292 25.70 -13.83 -8.35
CA VAL A 292 24.36 -13.59 -7.83
C VAL A 292 23.93 -12.21 -8.29
N LEU A 293 22.83 -12.14 -9.04
CA LEU A 293 22.41 -10.92 -9.68
C LEU A 293 20.96 -10.60 -9.34
N THR A 294 20.64 -9.31 -9.35
CA THR A 294 19.26 -8.87 -9.37
C THR A 294 18.73 -8.96 -10.80
N PRO A 295 17.40 -9.02 -10.96
CA PRO A 295 16.85 -9.08 -12.32
C PRO A 295 17.23 -7.89 -13.19
N SER A 296 17.60 -6.75 -12.59
CA SER A 296 17.99 -5.58 -13.37
C SER A 296 19.34 -5.76 -14.05
N ALA A 297 20.17 -6.69 -13.58
CA ALA A 297 21.49 -6.90 -14.17
C ALA A 297 21.44 -7.60 -15.51
N VAL A 298 20.38 -8.37 -15.77
CA VAL A 298 20.27 -9.06 -17.06
C VAL A 298 20.14 -8.06 -18.19
N SER A 299 19.34 -7.01 -17.99
CA SER A 299 19.20 -5.98 -19.01
C SER A 299 20.52 -5.25 -19.25
N ASP A 300 21.26 -4.97 -18.18
CA ASP A 300 22.57 -4.36 -18.33
C ASP A 300 23.51 -5.24 -19.13
N GLU A 301 23.51 -6.55 -18.84
CA GLU A 301 24.36 -7.48 -19.57
C GLU A 301 23.99 -7.50 -21.05
N LEU A 302 22.69 -7.57 -21.36
CA LEU A 302 22.26 -7.63 -22.75
C LEU A 302 22.57 -6.32 -23.48
N ILE A 303 22.45 -5.18 -22.80
CA ILE A 303 22.78 -3.91 -23.42
C ILE A 303 24.28 -3.80 -23.68
N LYS A 304 25.10 -4.24 -22.72
CA LYS A 304 26.54 -4.19 -22.90
C LYS A 304 27.00 -5.11 -24.03
N LEU A 305 26.34 -6.27 -24.18
CA LEU A 305 26.73 -7.21 -25.23
C LEU A 305 26.50 -6.61 -26.61
N TYR A 306 25.35 -5.99 -26.82
CA TYR A 306 24.99 -5.44 -28.12
C TYR A 306 25.32 -3.95 -28.20
N LEU A 307 26.60 -3.64 -27.99
CA LEU A 307 27.12 -2.28 -28.04
C LEU A 307 26.41 -1.36 -27.06
N GLY B 1 -29.98 -51.33 18.08
CA GLY B 1 -31.34 -50.88 17.83
C GLY B 1 -31.74 -50.98 16.37
N PRO B 2 -32.86 -50.36 16.00
CA PRO B 2 -33.33 -50.43 14.62
C PRO B 2 -32.34 -49.81 13.64
N MET B 3 -32.22 -50.41 12.45
CA MET B 3 -31.39 -49.87 11.39
C MET B 3 -29.94 -49.67 11.79
N ASP B 4 -29.23 -50.77 12.08
CA ASP B 4 -27.84 -50.70 12.51
C ASP B 4 -26.96 -50.14 11.41
N ASP B 5 -25.65 -50.12 11.67
CA ASP B 5 -24.70 -49.43 10.81
C ASP B 5 -24.76 -49.94 9.37
N LYS B 6 -24.95 -51.24 9.17
CA LYS B 6 -25.01 -51.79 7.83
C LYS B 6 -26.17 -51.21 7.04
N GLU B 7 -27.36 -51.16 7.65
CA GLU B 7 -28.52 -50.62 6.95
C GLU B 7 -28.36 -49.13 6.68
N LEU B 8 -27.75 -48.40 7.61
CA LEU B 8 -27.52 -46.97 7.41
C LEU B 8 -26.60 -46.72 6.22
N ILE B 9 -25.49 -47.46 6.16
CA ILE B 9 -24.56 -47.33 5.04
C ILE B 9 -25.25 -47.71 3.73
N GLU B 10 -26.02 -48.80 3.75
CA GLU B 10 -26.71 -49.23 2.55
C GLU B 10 -27.70 -48.19 2.06
N TYR B 11 -28.46 -47.58 2.98
CA TYR B 11 -29.42 -46.55 2.59
C TYR B 11 -28.71 -45.32 2.04
N PHE B 12 -27.61 -44.91 2.67
CA PHE B 12 -26.85 -43.76 2.18
C PHE B 12 -26.33 -44.01 0.77
N LYS B 13 -25.73 -45.18 0.55
CA LYS B 13 -25.18 -45.49 -0.76
C LYS B 13 -26.28 -45.63 -1.81
N SER B 14 -27.43 -46.20 -1.42
CA SER B 14 -28.54 -46.33 -2.36
C SER B 14 -29.09 -44.96 -2.75
N GLN B 15 -29.21 -44.05 -1.78
CA GLN B 15 -29.66 -42.70 -2.10
C GLN B 15 -28.67 -41.97 -3.00
N MET B 16 -27.38 -42.18 -2.76
CA MET B 16 -26.36 -41.56 -3.61
C MET B 16 -26.41 -42.12 -5.03
N LYS B 17 -26.57 -43.44 -5.17
CA LYS B 17 -26.48 -44.08 -6.48
C LYS B 17 -27.76 -43.87 -7.29
N GLU B 18 -28.92 -43.89 -6.64
CA GLU B 18 -30.18 -43.79 -7.36
C GLU B 18 -30.31 -42.44 -8.07
N ASP B 19 -29.89 -41.36 -7.40
CA ASP B 19 -29.95 -40.01 -7.97
C ASP B 19 -28.55 -39.43 -7.94
N PRO B 20 -27.78 -39.59 -9.02
CA PRO B 20 -26.42 -39.01 -9.05
C PRO B 20 -26.40 -37.50 -8.98
N ASP B 21 -27.51 -36.84 -9.33
CA ASP B 21 -27.56 -35.38 -9.25
C ASP B 21 -27.51 -34.91 -7.80
N MET B 22 -28.12 -35.66 -6.89
CA MET B 22 -28.19 -35.26 -5.50
C MET B 22 -26.79 -35.23 -4.86
N ALA B 23 -26.54 -34.17 -4.08
CA ALA B 23 -25.24 -33.99 -3.45
C ALA B 23 -25.09 -34.93 -2.25
N SER B 24 -23.83 -35.07 -1.81
CA SER B 24 -23.54 -35.96 -0.69
C SER B 24 -24.20 -35.48 0.60
N ALA B 25 -24.20 -34.16 0.83
CA ALA B 25 -24.81 -33.63 2.04
C ALA B 25 -26.31 -33.86 2.05
N VAL B 26 -26.96 -33.69 0.90
CA VAL B 26 -28.41 -33.91 0.83
C VAL B 26 -28.74 -35.38 1.10
N ALA B 27 -27.94 -36.29 0.54
CA ALA B 27 -28.15 -37.71 0.79
C ALA B 27 -27.93 -38.05 2.27
N ALA B 28 -26.90 -37.45 2.88
CA ALA B 28 -26.65 -37.70 4.29
C ALA B 28 -27.80 -37.18 5.16
N ILE B 29 -28.32 -36.00 4.85
CA ILE B 29 -29.44 -35.45 5.61
C ILE B 29 -30.69 -36.31 5.41
N ARG B 30 -30.90 -36.81 4.18
CA ARG B 30 -32.02 -37.72 3.95
C ARG B 30 -31.88 -39.00 4.76
N THR B 31 -30.67 -39.55 4.81
CA THR B 31 -30.44 -40.76 5.60
C THR B 31 -30.68 -40.51 7.08
N LEU B 32 -30.22 -39.36 7.58
CA LEU B 32 -30.43 -39.03 8.99
C LEU B 32 -31.91 -38.86 9.31
N LEU B 33 -32.66 -38.18 8.43
CA LEU B 33 -34.08 -37.99 8.68
C LEU B 33 -34.83 -39.32 8.60
N GLU B 34 -34.46 -40.18 7.67
CA GLU B 34 -35.15 -41.46 7.53
C GLU B 34 -34.78 -42.39 8.68
N PHE B 35 -33.59 -42.20 9.25
CA PHE B 35 -33.26 -42.82 10.53
C PHE B 35 -34.16 -42.28 11.64
N LEU B 36 -34.39 -40.97 11.65
CA LEU B 36 -35.28 -40.37 12.63
C LEU B 36 -36.69 -40.93 12.52
N LYS B 37 -37.09 -41.32 11.30
CA LYS B 37 -38.44 -41.83 11.09
C LYS B 37 -38.69 -43.09 11.91
N ARG B 38 -37.71 -44.01 11.93
CA ARG B 38 -37.84 -45.28 12.64
C ARG B 38 -36.71 -45.39 13.66
N ASP B 39 -36.97 -44.91 14.88
CA ASP B 39 -36.01 -44.98 15.97
C ASP B 39 -36.48 -45.81 17.15
N LYS B 40 -37.78 -45.83 17.44
CA LYS B 40 -38.33 -46.61 18.55
C LYS B 40 -37.68 -46.24 19.88
N GLY B 41 -37.50 -44.94 20.08
CA GLY B 41 -36.97 -44.40 21.31
C GLY B 41 -38.03 -43.61 22.07
N GLU B 42 -37.74 -43.39 23.35
CA GLU B 42 -38.64 -42.66 24.24
C GLU B 42 -38.07 -41.37 24.79
N THR B 43 -36.76 -41.17 24.73
CA THR B 43 -36.11 -39.99 25.28
C THR B 43 -35.37 -39.24 24.21
N ILE B 44 -35.22 -37.92 24.40
CA ILE B 44 -34.47 -37.10 23.46
C ILE B 44 -32.97 -37.24 23.65
N GLN B 45 -32.52 -37.69 24.83
CA GLN B 45 -31.09 -37.87 25.06
C GLN B 45 -30.54 -39.05 24.25
N GLY B 46 -31.24 -40.19 24.30
CA GLY B 46 -30.83 -41.32 23.49
C GLY B 46 -30.98 -41.05 22.01
N LEU B 47 -32.01 -40.29 21.63
CA LEU B 47 -32.17 -39.89 20.24
C LEU B 47 -30.98 -39.05 19.78
N ARG B 48 -30.57 -38.09 20.60
CA ARG B 48 -29.42 -37.25 20.24
C ARG B 48 -28.15 -38.08 20.16
N ALA B 49 -27.94 -38.98 21.12
CA ALA B 49 -26.75 -39.83 21.08
C ALA B 49 -26.75 -40.75 19.87
N ASN B 50 -27.91 -41.35 19.56
CA ASN B 50 -28.00 -42.22 18.40
C ASN B 50 -27.76 -41.45 17.10
N LEU B 51 -28.31 -40.24 17.00
CA LEU B 51 -28.07 -39.42 15.82
C LEU B 51 -26.60 -39.02 15.70
N THR B 52 -25.97 -38.71 16.83
CA THR B 52 -24.54 -38.38 16.80
C THR B 52 -23.71 -39.56 16.33
N SER B 53 -24.02 -40.77 16.81
CA SER B 53 -23.30 -41.95 16.34
C SER B 53 -23.57 -42.23 14.87
N ALA B 54 -24.81 -42.00 14.42
CA ALA B 54 -25.13 -42.16 13.01
C ALA B 54 -24.35 -41.18 12.15
N ILE B 55 -24.22 -39.94 12.61
CA ILE B 55 -23.42 -38.95 11.89
C ILE B 55 -21.96 -39.36 11.87
N GLU B 56 -21.48 -39.93 12.98
CA GLU B 56 -20.10 -40.39 13.06
C GLU B 56 -19.83 -41.46 12.00
N THR B 57 -20.69 -42.48 11.95
CA THR B 57 -20.46 -43.55 10.99
C THR B 57 -20.69 -43.09 9.55
N LEU B 58 -21.63 -42.16 9.32
CA LEU B 58 -21.84 -41.62 7.98
C LEU B 58 -20.61 -40.84 7.50
N CYS B 59 -20.02 -40.03 8.40
CA CYS B 59 -18.78 -39.36 8.05
C CYS B 59 -17.63 -40.36 7.89
N GLY B 60 -17.73 -41.51 8.56
CA GLY B 60 -16.79 -42.58 8.28
C GLY B 60 -16.94 -43.11 6.86
N VAL B 61 -18.18 -43.17 6.37
CA VAL B 61 -18.40 -43.60 4.99
C VAL B 61 -17.83 -42.59 4.00
N ASP B 62 -18.13 -41.32 4.19
CA ASP B 62 -17.70 -40.25 3.29
C ASP B 62 -16.95 -39.19 4.09
N SER B 63 -15.72 -38.90 3.68
CA SER B 63 -14.84 -37.97 4.39
C SER B 63 -14.98 -36.54 3.88
N SER B 64 -16.13 -36.18 3.34
CA SER B 64 -16.36 -34.84 2.82
C SER B 64 -16.80 -33.89 3.93
N VAL B 65 -16.46 -32.61 3.75
CA VAL B 65 -16.86 -31.59 4.71
C VAL B 65 -18.38 -31.42 4.73
N ALA B 66 -19.02 -31.57 3.56
CA ALA B 66 -20.46 -31.34 3.47
C ALA B 66 -21.25 -32.33 4.31
N VAL B 67 -20.79 -33.57 4.42
CA VAL B 67 -21.49 -34.55 5.24
C VAL B 67 -21.49 -34.13 6.71
N SER B 68 -20.33 -33.70 7.20
CA SER B 68 -20.24 -33.23 8.58
C SER B 68 -21.07 -31.97 8.79
N SER B 69 -21.07 -31.08 7.79
CA SER B 69 -21.90 -29.88 7.88
C SER B 69 -23.37 -30.24 8.00
N GLY B 70 -23.83 -31.18 7.18
CA GLY B 70 -25.21 -31.63 7.28
C GLY B 70 -25.50 -32.29 8.61
N GLY B 71 -24.55 -33.06 9.14
CA GLY B 71 -24.75 -33.67 10.45
C GLY B 71 -24.90 -32.64 11.56
N GLU B 72 -24.03 -31.64 11.57
CA GLU B 72 -24.15 -30.58 12.59
C GLU B 72 -25.44 -29.78 12.41
N LEU B 73 -25.83 -29.50 11.16
CA LEU B 73 -27.07 -28.79 10.92
C LEU B 73 -28.27 -29.60 11.41
N PHE B 74 -28.25 -30.92 11.19
CA PHE B 74 -29.32 -31.77 11.67
C PHE B 74 -29.36 -31.80 13.19
N LEU B 75 -28.20 -31.87 13.84
CA LEU B 75 -28.16 -31.84 15.30
C LEU B 75 -28.74 -30.53 15.83
N ARG B 76 -28.37 -29.40 15.22
CA ARG B 76 -28.91 -28.12 15.64
C ARG B 76 -30.42 -28.07 15.41
N PHE B 77 -30.89 -28.63 14.30
CA PHE B 77 -32.34 -28.68 14.05
C PHE B 77 -33.05 -29.48 15.12
N ILE B 78 -32.49 -30.63 15.52
CA ILE B 78 -33.08 -31.45 16.57
C ILE B 78 -33.12 -30.67 17.88
N SER B 79 -32.02 -29.99 18.22
CA SER B 79 -31.98 -29.23 19.46
C SER B 79 -33.01 -28.09 19.45
N LEU B 80 -33.13 -27.39 18.32
CA LEU B 80 -34.12 -26.31 18.22
C LEU B 80 -35.53 -26.85 18.35
N ALA B 81 -35.82 -27.99 17.72
CA ALA B 81 -37.15 -28.58 17.85
C ALA B 81 -37.43 -29.01 19.28
N SER B 82 -36.43 -29.57 19.96
CA SER B 82 -36.61 -29.98 21.35
C SER B 82 -36.82 -28.79 22.27
N LEU B 83 -36.20 -27.65 21.93
CA LEU B 83 -36.34 -26.45 22.74
C LEU B 83 -37.79 -25.97 22.84
N GLU B 84 -38.61 -26.23 21.83
CA GLU B 84 -39.98 -25.71 21.81
C GLU B 84 -41.00 -26.66 22.42
N TYR B 85 -40.78 -27.98 22.31
CA TYR B 85 -41.72 -28.97 22.81
C TYR B 85 -41.03 -29.86 23.82
N SER B 86 -41.64 -30.03 25.00
CA SER B 86 -41.06 -30.86 26.03
C SER B 86 -41.44 -32.33 25.88
N ASP B 87 -42.69 -32.60 25.50
CA ASP B 87 -43.12 -33.98 25.32
C ASP B 87 -42.42 -34.58 24.10
N TYR B 88 -41.98 -35.84 24.23
CA TYR B 88 -41.15 -36.43 23.18
C TYR B 88 -41.97 -36.82 21.96
N SER B 89 -43.22 -37.23 22.16
CA SER B 89 -44.05 -37.64 21.02
C SER B 89 -44.37 -36.45 20.12
N LYS B 90 -44.88 -35.36 20.72
CA LYS B 90 -45.17 -34.16 19.94
C LYS B 90 -43.90 -33.60 19.32
N CYS B 91 -42.80 -33.61 20.06
CA CYS B 91 -41.53 -33.15 19.52
C CYS B 91 -41.12 -34.00 18.31
N LYS B 92 -41.32 -35.31 18.39
CA LYS B 92 -40.96 -36.18 17.26
C LYS B 92 -41.83 -35.91 16.04
N LYS B 93 -43.14 -35.70 16.24
CA LYS B 93 -44.00 -35.37 15.11
C LYS B 93 -43.56 -34.05 14.46
N ILE B 94 -43.26 -33.04 15.29
CA ILE B 94 -42.80 -31.76 14.76
C ILE B 94 -41.48 -31.92 14.03
N MET B 95 -40.59 -32.76 14.57
CA MET B 95 -39.31 -33.00 13.90
C MET B 95 -39.49 -33.66 12.55
N ILE B 96 -40.40 -34.64 12.45
CA ILE B 96 -40.63 -35.29 11.16
C ILE B 96 -41.20 -34.30 10.16
N GLU B 97 -42.18 -33.49 10.57
CA GLU B 97 -42.79 -32.52 9.65
C GLU B 97 -41.75 -31.48 9.21
N ARG B 98 -41.02 -30.92 10.16
CA ARG B 98 -40.01 -29.91 9.84
C ARG B 98 -38.89 -30.51 9.00
N GLY B 99 -38.55 -31.78 9.21
CA GLY B 99 -37.54 -32.42 8.39
C GLY B 99 -37.99 -32.62 6.95
N GLU B 100 -39.26 -32.99 6.76
CA GLU B 100 -39.79 -33.09 5.42
C GLU B 100 -39.75 -31.72 4.72
N LEU B 101 -40.17 -30.67 5.44
CA LEU B 101 -40.11 -29.34 4.86
C LEU B 101 -38.68 -28.91 4.57
N PHE B 102 -37.74 -29.26 5.47
CA PHE B 102 -36.34 -28.93 5.29
C PHE B 102 -35.76 -29.63 4.07
N LEU B 103 -36.11 -30.90 3.88
CA LEU B 103 -35.66 -31.64 2.70
C LEU B 103 -36.22 -31.01 1.42
N ARG B 104 -37.50 -30.63 1.45
CA ARG B 104 -38.08 -29.96 0.28
C ARG B 104 -37.37 -28.65 -0.02
N ARG B 105 -37.03 -27.88 1.02
CA ARG B 105 -36.39 -26.58 0.81
C ARG B 105 -34.97 -26.74 0.31
N ILE B 106 -34.22 -27.70 0.84
CA ILE B 106 -32.83 -27.89 0.42
C ILE B 106 -32.72 -28.64 -0.90
N SER B 107 -33.79 -29.28 -1.36
CA SER B 107 -33.73 -29.97 -2.64
C SER B 107 -33.73 -29.01 -3.82
N LEU B 108 -34.18 -27.76 -3.62
CA LEU B 108 -34.27 -26.79 -4.70
C LEU B 108 -33.34 -25.59 -4.50
N SER B 109 -32.30 -25.73 -3.68
CA SER B 109 -31.37 -24.64 -3.47
C SER B 109 -30.54 -24.37 -4.72
N ARG B 110 -30.23 -25.42 -5.49
CA ARG B 110 -29.40 -25.26 -6.68
C ARG B 110 -30.05 -24.36 -7.70
N ASN B 111 -31.36 -24.52 -7.91
CA ASN B 111 -32.06 -23.66 -8.88
C ASN B 111 -32.08 -22.21 -8.42
N LYS B 112 -32.27 -21.97 -7.13
CA LYS B 112 -32.23 -20.60 -6.61
C LYS B 112 -30.86 -19.98 -6.81
N ILE B 113 -29.80 -20.75 -6.53
CA ILE B 113 -28.44 -20.25 -6.74
C ILE B 113 -28.22 -19.93 -8.21
N ALA B 114 -28.70 -20.79 -9.11
CA ALA B 114 -28.53 -20.54 -10.54
C ALA B 114 -29.25 -19.27 -10.96
N ASP B 115 -30.51 -19.11 -10.52
CA ASP B 115 -31.28 -17.93 -10.89
C ASP B 115 -30.70 -16.65 -10.31
N LEU B 116 -30.03 -16.73 -9.16
CA LEU B 116 -29.42 -15.54 -8.58
C LEU B 116 -28.01 -15.27 -9.08
N CYS B 117 -27.35 -16.26 -9.66
CA CYS B 117 -25.96 -16.12 -10.07
C CYS B 117 -25.76 -15.94 -11.57
N HIS B 118 -26.69 -16.42 -12.41
CA HIS B 118 -26.49 -16.33 -13.85
C HIS B 118 -26.48 -14.89 -14.36
N THR B 119 -27.02 -13.95 -13.57
CA THR B 119 -27.02 -12.56 -14.00
C THR B 119 -25.61 -11.97 -14.05
N PHE B 120 -24.69 -12.51 -13.26
CA PHE B 120 -23.32 -11.98 -13.21
C PHE B 120 -22.50 -12.39 -14.42
N ILE B 121 -23.00 -13.27 -15.27
CA ILE B 121 -22.29 -13.69 -16.47
C ILE B 121 -22.70 -12.77 -17.62
N LYS B 122 -21.71 -12.19 -18.29
CA LYS B 122 -21.93 -11.25 -19.37
C LYS B 122 -21.80 -11.94 -20.72
N ASP B 123 -22.32 -11.28 -21.75
CA ASP B 123 -22.20 -11.79 -23.11
C ASP B 123 -20.75 -11.70 -23.57
N GLY B 124 -20.24 -12.80 -24.12
CA GLY B 124 -18.86 -12.84 -24.56
C GLY B 124 -17.83 -12.94 -23.45
N ALA B 125 -18.26 -13.25 -22.23
CA ALA B 125 -17.33 -13.35 -21.12
C ALA B 125 -16.59 -14.69 -21.16
N THR B 126 -15.45 -14.72 -20.48
CA THR B 126 -14.62 -15.92 -20.37
C THR B 126 -14.66 -16.39 -18.92
N ILE B 127 -15.28 -17.55 -18.70
CA ILE B 127 -15.50 -18.08 -17.36
C ILE B 127 -14.42 -19.11 -17.06
N LEU B 128 -13.79 -18.99 -15.90
CA LEU B 128 -12.80 -19.95 -15.43
C LEU B 128 -13.39 -20.77 -14.30
N THR B 129 -13.30 -22.10 -14.41
CA THR B 129 -13.76 -23.01 -13.38
C THR B 129 -12.62 -23.96 -13.01
N HIS B 130 -12.72 -24.55 -11.83
CA HIS B 130 -11.64 -25.38 -11.31
C HIS B 130 -11.88 -26.87 -11.58
N ALA B 131 -13.00 -27.39 -11.11
CA ALA B 131 -13.26 -28.83 -11.20
C ALA B 131 -14.74 -29.03 -11.48
N TYR B 132 -15.20 -30.28 -11.37
CA TYR B 132 -16.61 -30.57 -11.56
C TYR B 132 -17.43 -30.07 -10.38
N SER B 133 -18.55 -29.42 -10.68
CA SER B 133 -19.45 -28.92 -9.65
C SER B 133 -20.85 -28.84 -10.23
N ARG B 134 -21.80 -29.50 -9.58
CA ARG B 134 -23.18 -29.47 -10.06
C ARG B 134 -23.76 -28.07 -10.05
N VAL B 135 -23.40 -27.27 -9.04
CA VAL B 135 -23.94 -25.91 -8.95
C VAL B 135 -23.41 -25.03 -10.09
N VAL B 136 -22.12 -25.15 -10.40
CA VAL B 136 -21.55 -24.38 -11.51
C VAL B 136 -22.19 -24.80 -12.82
N LEU B 137 -22.38 -26.11 -13.01
CA LEU B 137 -23.04 -26.59 -14.21
C LEU B 137 -24.46 -26.03 -14.30
N ARG B 138 -25.17 -25.97 -13.18
CA ARG B 138 -26.54 -25.46 -13.19
C ARG B 138 -26.57 -23.97 -13.51
N VAL B 139 -25.65 -23.19 -12.94
CA VAL B 139 -25.64 -21.75 -13.23
C VAL B 139 -25.27 -21.50 -14.69
N LEU B 140 -24.38 -22.31 -15.25
CA LEU B 140 -24.04 -22.16 -16.66
C LEU B 140 -25.20 -22.57 -17.55
N GLU B 141 -25.96 -23.60 -17.16
CA GLU B 141 -27.16 -23.96 -17.88
C GLU B 141 -28.18 -22.84 -17.86
N ALA B 142 -28.36 -22.21 -16.69
CA ALA B 142 -29.31 -21.10 -16.59
C ALA B 142 -28.86 -19.91 -17.41
N ALA B 143 -27.55 -19.65 -17.47
CA ALA B 143 -27.04 -18.57 -18.31
C ALA B 143 -27.24 -18.88 -19.79
N VAL B 144 -27.03 -20.13 -20.19
CA VAL B 144 -27.26 -20.53 -21.57
C VAL B 144 -28.73 -20.38 -21.94
N ALA B 145 -29.63 -20.77 -21.04
CA ALA B 145 -31.06 -20.62 -21.29
C ALA B 145 -31.47 -19.16 -21.41
N ALA B 146 -30.64 -18.23 -20.94
CA ALA B 146 -30.91 -16.81 -21.05
C ALA B 146 -30.41 -16.22 -22.37
N LYS B 147 -30.08 -17.07 -23.34
CA LYS B 147 -29.59 -16.63 -24.65
C LYS B 147 -28.33 -15.77 -24.51
N LYS B 148 -27.40 -16.23 -23.68
CA LYS B 148 -26.12 -15.57 -23.46
C LYS B 148 -25.00 -16.44 -24.00
N ARG B 149 -24.00 -15.80 -24.60
CA ARG B 149 -22.88 -16.50 -25.21
C ARG B 149 -21.62 -16.23 -24.42
N PHE B 150 -20.90 -17.29 -24.07
CA PHE B 150 -19.69 -17.18 -23.27
C PHE B 150 -18.84 -18.43 -23.47
N SER B 151 -17.56 -18.31 -23.10
CA SER B 151 -16.61 -19.41 -23.17
C SER B 151 -16.18 -19.79 -21.76
N VAL B 152 -15.84 -21.06 -21.58
CA VAL B 152 -15.50 -21.62 -20.28
C VAL B 152 -14.16 -22.32 -20.35
N TYR B 153 -13.31 -22.07 -19.37
CA TYR B 153 -12.06 -22.81 -19.17
C TYR B 153 -12.17 -23.65 -17.90
N VAL B 154 -11.62 -24.86 -17.94
CA VAL B 154 -11.66 -25.75 -16.79
C VAL B 154 -10.34 -26.47 -16.66
N THR B 155 -9.87 -26.63 -15.42
CA THR B 155 -8.67 -27.40 -15.16
C THR B 155 -9.01 -28.89 -15.10
N GLU B 156 -7.99 -29.72 -15.35
CA GLU B 156 -8.23 -31.15 -15.48
C GLU B 156 -8.37 -31.85 -14.13
N SER B 157 -7.94 -31.23 -13.03
CA SER B 157 -8.05 -31.83 -11.72
C SER B 157 -7.32 -33.17 -11.66
N GLN B 158 -5.98 -33.13 -11.73
CA GLN B 158 -5.19 -34.34 -11.93
C GLN B 158 -5.54 -35.52 -11.02
N PRO B 159 -5.75 -35.35 -9.68
CA PRO B 159 -6.05 -36.53 -8.84
C PRO B 159 -7.13 -37.43 -9.42
N ASP B 160 -8.32 -36.87 -9.66
CA ASP B 160 -9.36 -37.54 -10.44
C ASP B 160 -9.86 -36.56 -11.48
N LEU B 161 -9.81 -36.95 -12.75
CA LEU B 161 -10.06 -36.01 -13.84
C LEU B 161 -11.53 -35.64 -13.90
N SER B 162 -12.02 -34.94 -12.88
CA SER B 162 -13.38 -34.42 -12.90
C SER B 162 -13.52 -33.23 -13.82
N GLY B 163 -12.42 -32.55 -14.15
CA GLY B 163 -12.48 -31.48 -15.12
C GLY B 163 -12.90 -31.97 -16.49
N LYS B 164 -12.42 -33.15 -16.88
CA LYS B 164 -12.86 -33.76 -18.14
C LYS B 164 -14.36 -34.04 -18.12
N LYS B 165 -14.87 -34.55 -17.00
CA LYS B 165 -16.30 -34.79 -16.87
C LYS B 165 -17.09 -33.49 -16.98
N MET B 166 -16.60 -32.43 -16.34
CA MET B 166 -17.26 -31.13 -16.45
C MET B 166 -17.23 -30.62 -17.89
N ALA B 167 -16.12 -30.83 -18.58
CA ALA B 167 -16.03 -30.39 -19.98
C ALA B 167 -17.02 -31.14 -20.87
N LYS B 168 -17.15 -32.46 -20.66
CA LYS B 168 -18.14 -33.21 -21.43
C LYS B 168 -19.56 -32.77 -21.11
N ALA B 169 -19.86 -32.55 -19.83
CA ALA B 169 -21.18 -32.09 -19.44
C ALA B 169 -21.50 -30.72 -20.03
N LEU B 170 -20.48 -29.87 -20.17
CA LEU B 170 -20.70 -28.56 -20.76
C LEU B 170 -20.85 -28.65 -22.28
N CYS B 171 -20.08 -29.53 -22.91
CA CYS B 171 -20.24 -29.76 -24.35
C CYS B 171 -21.61 -30.33 -24.66
N HIS B 172 -22.22 -31.02 -23.68
CA HIS B 172 -23.54 -31.61 -23.90
C HIS B 172 -24.57 -30.54 -24.30
N LEU B 173 -24.49 -29.36 -23.72
CA LEU B 173 -25.38 -28.26 -24.07
C LEU B 173 -24.73 -27.24 -25.01
N ASN B 174 -23.70 -27.64 -25.75
CA ASN B 174 -23.08 -26.81 -26.79
C ASN B 174 -22.55 -25.49 -26.20
N VAL B 175 -21.59 -25.63 -25.29
CA VAL B 175 -20.91 -24.49 -24.68
C VAL B 175 -19.44 -24.58 -25.07
N PRO B 176 -18.88 -23.56 -25.71
CA PRO B 176 -17.44 -23.61 -26.04
C PRO B 176 -16.59 -23.66 -24.77
N VAL B 177 -15.92 -24.79 -24.58
CA VAL B 177 -15.14 -25.02 -23.37
C VAL B 177 -13.74 -25.50 -23.74
N THR B 178 -12.80 -25.25 -22.84
CA THR B 178 -11.41 -25.64 -23.01
C THR B 178 -10.93 -26.30 -21.73
N VAL B 179 -10.01 -27.26 -21.89
CA VAL B 179 -9.41 -27.99 -20.77
C VAL B 179 -7.94 -27.61 -20.69
N VAL B 180 -7.52 -27.16 -19.51
CA VAL B 180 -6.14 -26.74 -19.28
C VAL B 180 -5.58 -27.56 -18.12
N LEU B 181 -4.26 -27.56 -18.04
CA LEU B 181 -3.58 -28.26 -16.95
C LEU B 181 -3.82 -27.54 -15.62
N ASP B 182 -3.58 -28.25 -14.53
CA ASP B 182 -3.59 -27.61 -13.22
C ASP B 182 -2.44 -26.64 -13.05
N ALA B 183 -1.38 -26.79 -13.85
CA ALA B 183 -0.26 -25.85 -13.82
C ALA B 183 -0.47 -24.66 -14.76
N ALA B 184 -1.56 -24.66 -15.52
CA ALA B 184 -1.86 -23.58 -16.46
C ALA B 184 -2.85 -22.57 -15.89
N VAL B 185 -3.04 -22.58 -14.57
CA VAL B 185 -3.98 -21.64 -13.94
C VAL B 185 -3.47 -20.21 -14.09
N GLY B 186 -2.20 -19.98 -13.75
CA GLY B 186 -1.66 -18.64 -13.87
C GLY B 186 -1.54 -18.18 -15.31
N TYR B 187 -1.22 -19.10 -16.23
CA TYR B 187 -1.07 -18.75 -17.63
C TYR B 187 -2.39 -18.26 -18.23
N ILE B 188 -3.50 -18.93 -17.92
CA ILE B 188 -4.78 -18.64 -18.54
C ILE B 188 -5.59 -17.60 -17.77
N MET B 189 -5.09 -17.14 -16.62
CA MET B 189 -5.88 -16.22 -15.80
C MET B 189 -6.12 -14.89 -16.51
N GLU B 190 -5.14 -14.42 -17.28
CA GLU B 190 -5.27 -13.13 -17.96
C GLU B 190 -6.34 -13.15 -19.05
N LYS B 191 -6.74 -14.33 -19.53
CA LYS B 191 -7.77 -14.43 -20.55
C LYS B 191 -9.17 -14.52 -19.97
N ALA B 192 -9.31 -14.99 -18.73
CA ALA B 192 -10.63 -15.11 -18.12
C ALA B 192 -11.09 -13.75 -17.60
N ASP B 193 -12.39 -13.51 -17.69
CA ASP B 193 -12.98 -12.28 -17.16
C ASP B 193 -13.40 -12.42 -15.70
N LEU B 194 -13.92 -13.58 -15.32
CA LEU B 194 -14.31 -13.84 -13.94
C LEU B 194 -14.16 -15.32 -13.66
N VAL B 195 -14.04 -15.64 -12.37
CA VAL B 195 -13.83 -17.00 -11.89
C VAL B 195 -15.03 -17.41 -11.06
N ILE B 196 -15.57 -18.60 -11.35
CA ILE B 196 -16.68 -19.16 -10.59
C ILE B 196 -16.29 -20.57 -10.15
N VAL B 197 -16.37 -20.82 -8.84
CA VAL B 197 -16.06 -22.14 -8.29
C VAL B 197 -17.16 -22.56 -7.34
N GLY B 198 -17.18 -23.86 -7.03
CA GLY B 198 -18.02 -24.39 -5.97
C GLY B 198 -17.28 -24.49 -4.66
N ALA B 199 -17.95 -25.05 -3.66
CA ALA B 199 -17.35 -25.22 -2.35
C ALA B 199 -17.94 -26.45 -1.67
N GLU B 200 -17.07 -27.28 -1.10
CA GLU B 200 -17.53 -28.41 -0.30
C GLU B 200 -17.93 -27.99 1.11
N GLY B 201 -17.42 -26.86 1.60
CA GLY B 201 -17.75 -26.37 2.93
C GLY B 201 -17.39 -24.91 3.11
N VAL B 202 -18.27 -24.15 3.76
CA VAL B 202 -18.05 -22.73 4.01
C VAL B 202 -17.72 -22.57 5.49
N VAL B 203 -16.51 -22.12 5.79
CA VAL B 203 -16.02 -21.99 7.15
C VAL B 203 -16.54 -20.71 7.79
N GLU B 204 -16.33 -20.57 9.09
CA GLU B 204 -16.97 -19.51 9.86
C GLU B 204 -16.61 -18.11 9.34
N ASN B 205 -15.35 -17.89 8.99
CA ASN B 205 -14.91 -16.54 8.65
C ASN B 205 -15.23 -16.12 7.22
N GLY B 206 -15.92 -16.97 6.45
CA GLY B 206 -16.25 -16.66 5.08
C GLY B 206 -15.41 -17.37 4.04
N GLY B 207 -14.30 -17.97 4.43
CA GLY B 207 -13.51 -18.77 3.51
C GLY B 207 -14.25 -20.04 3.13
N ILE B 208 -13.64 -20.80 2.23
CA ILE B 208 -14.25 -22.01 1.72
C ILE B 208 -13.26 -23.17 1.78
N ILE B 209 -13.80 -24.38 1.90
CA ILE B 209 -13.02 -25.61 1.74
C ILE B 209 -13.43 -26.21 0.41
N ASN B 210 -12.44 -26.47 -0.46
CA ASN B 210 -12.75 -26.89 -1.81
C ASN B 210 -11.63 -27.80 -2.32
N LYS B 211 -11.74 -28.22 -3.57
CA LYS B 211 -10.76 -29.11 -4.17
C LYS B 211 -9.37 -28.49 -4.10
N ILE B 212 -8.35 -29.35 -4.07
CA ILE B 212 -6.97 -29.02 -3.73
C ILE B 212 -6.44 -27.84 -4.54
N GLY B 213 -6.95 -27.64 -5.74
CA GLY B 213 -6.46 -26.58 -6.59
C GLY B 213 -7.16 -25.25 -6.49
N THR B 214 -8.06 -25.06 -5.52
CA THR B 214 -8.84 -23.83 -5.47
C THR B 214 -8.00 -22.65 -4.98
N ASN B 215 -7.12 -22.89 -4.01
CA ASN B 215 -6.35 -21.79 -3.43
C ASN B 215 -5.44 -21.14 -4.46
N GLN B 216 -4.80 -21.94 -5.32
CA GLN B 216 -3.95 -21.39 -6.36
C GLN B 216 -4.74 -20.47 -7.28
N MET B 217 -5.92 -20.92 -7.70
CA MET B 217 -6.73 -20.13 -8.61
C MET B 217 -7.20 -18.85 -7.95
N ALA B 218 -7.58 -18.92 -6.67
CA ALA B 218 -8.00 -17.71 -5.96
C ALA B 218 -6.86 -16.71 -5.83
N VAL B 219 -5.66 -17.19 -5.50
CA VAL B 219 -4.51 -16.29 -5.35
C VAL B 219 -4.14 -15.68 -6.70
N CYS B 220 -4.17 -16.49 -7.76
CA CYS B 220 -3.85 -15.96 -9.09
C CYS B 220 -4.88 -14.94 -9.55
N ALA B 221 -6.16 -15.17 -9.24
CA ALA B 221 -7.18 -14.19 -9.59
C ALA B 221 -7.02 -12.90 -8.78
N LYS B 222 -6.62 -13.03 -7.52
CA LYS B 222 -6.34 -11.83 -6.71
C LYS B 222 -5.18 -11.04 -7.28
N ALA B 223 -4.12 -11.73 -7.72
CA ALA B 223 -2.95 -11.05 -8.26
C ALA B 223 -3.25 -10.31 -9.57
N GLN B 224 -4.32 -10.67 -10.26
CA GLN B 224 -4.68 -10.04 -11.53
C GLN B 224 -6.01 -9.29 -11.45
N ASN B 225 -6.51 -9.02 -10.24
CA ASN B 225 -7.75 -8.26 -10.04
C ASN B 225 -8.94 -8.91 -10.73
N LYS B 226 -9.01 -10.24 -10.65
CA LYS B 226 -10.18 -10.87 -11.25
C LYS B 226 -11.18 -11.26 -10.17
N PRO B 227 -12.47 -11.01 -10.41
CA PRO B 227 -13.49 -11.40 -9.43
C PRO B 227 -13.50 -12.91 -9.21
N PHE B 228 -13.71 -13.31 -7.96
CA PHE B 228 -13.73 -14.71 -7.56
C PHE B 228 -15.05 -14.98 -6.85
N TYR B 229 -15.92 -15.75 -7.50
CA TYR B 229 -17.26 -16.04 -7.02
C TYR B 229 -17.35 -17.50 -6.61
N VAL B 230 -18.04 -17.75 -5.49
CA VAL B 230 -18.24 -19.09 -4.96
C VAL B 230 -19.73 -19.36 -4.90
N VAL B 231 -20.16 -20.47 -5.50
CA VAL B 231 -21.54 -20.94 -5.39
C VAL B 231 -21.54 -22.10 -4.39
N ALA B 232 -22.36 -21.98 -3.36
CA ALA B 232 -22.41 -22.97 -2.29
C ALA B 232 -23.79 -22.95 -1.65
N GLU B 233 -24.23 -24.11 -1.19
CA GLU B 233 -25.53 -24.25 -0.54
C GLU B 233 -25.43 -23.88 0.93
N SER B 234 -26.60 -23.60 1.53
CA SER B 234 -26.63 -23.18 2.92
C SER B 234 -26.15 -24.29 3.86
N PHE B 235 -26.51 -25.55 3.56
CA PHE B 235 -26.15 -26.64 4.45
C PHE B 235 -24.65 -26.95 4.45
N LYS B 236 -23.81 -26.17 3.77
CA LYS B 236 -22.37 -26.35 3.80
C LYS B 236 -21.68 -25.33 4.70
N PHE B 237 -22.44 -24.66 5.58
CA PHE B 237 -21.90 -23.66 6.48
C PHE B 237 -21.35 -24.36 7.72
N VAL B 238 -20.03 -24.49 7.79
CA VAL B 238 -19.35 -25.16 8.90
C VAL B 238 -18.84 -24.13 9.88
N ARG B 239 -18.92 -24.45 11.17
CA ARG B 239 -18.33 -23.62 12.21
C ARG B 239 -16.89 -24.04 12.48
N LEU B 240 -16.06 -23.87 11.47
CA LEU B 240 -14.63 -24.14 11.55
C LEU B 240 -13.86 -22.86 11.26
N PHE B 241 -12.73 -22.68 11.94
CA PHE B 241 -11.90 -21.49 11.80
C PHE B 241 -10.45 -21.91 11.59
N PRO B 242 -10.11 -22.42 10.41
CA PRO B 242 -8.71 -22.74 10.13
C PRO B 242 -7.87 -21.47 10.07
N LEU B 243 -6.64 -21.57 10.55
CA LEU B 243 -5.71 -20.45 10.49
C LEU B 243 -4.80 -20.51 9.27
N ASN B 244 -4.47 -21.73 8.83
CA ASN B 244 -3.66 -21.92 7.63
C ASN B 244 -4.08 -23.23 6.97
N GLN B 245 -3.30 -23.69 6.00
CA GLN B 245 -3.61 -24.93 5.32
C GLN B 245 -3.42 -26.13 6.25
N GLN B 246 -2.43 -26.07 7.14
CA GLN B 246 -2.18 -27.16 8.08
C GLN B 246 -3.27 -27.28 9.13
N ASP B 247 -4.03 -26.20 9.38
CA ASP B 247 -5.06 -26.22 10.42
C ASP B 247 -6.33 -26.94 9.98
N VAL B 248 -6.46 -27.29 8.71
CA VAL B 248 -7.64 -28.02 8.25
C VAL B 248 -7.62 -29.42 8.87
N PRO B 249 -8.74 -29.90 9.39
CA PRO B 249 -8.76 -31.24 10.00
C PRO B 249 -8.33 -32.31 9.00
N ASP B 250 -7.58 -33.30 9.50
CA ASP B 250 -7.04 -34.34 8.64
C ASP B 250 -8.10 -35.30 8.14
N LYS B 251 -9.26 -35.36 8.79
CA LYS B 251 -10.33 -36.25 8.33
C LYS B 251 -10.93 -35.80 7.01
N PHE B 252 -10.69 -34.56 6.60
CA PHE B 252 -11.16 -34.06 5.31
C PHE B 252 -10.07 -34.03 4.25
N LYS B 253 -8.79 -33.93 4.66
CA LYS B 253 -7.71 -33.85 3.70
C LYS B 253 -7.51 -35.16 2.95
N TYR B 254 -7.49 -36.28 3.68
CA TYR B 254 -7.07 -37.56 3.14
C TYR B 254 -8.24 -38.54 3.09
N LYS B 255 -8.04 -39.60 2.30
CA LYS B 255 -9.01 -40.70 2.16
C LYS B 255 -10.37 -40.19 1.68
N ALA B 256 -10.34 -39.57 0.50
CA ALA B 256 -11.56 -39.05 -0.10
C ALA B 256 -11.43 -38.99 -1.63
N GLU B 270 3.11 -38.94 -3.07
CA GLU B 270 3.31 -39.00 -1.63
C GLU B 270 2.20 -38.26 -0.89
N GLU B 271 2.49 -37.06 -0.40
CA GLU B 271 1.49 -36.27 0.28
C GLU B 271 0.48 -35.72 -0.72
N HIS B 272 -0.75 -36.23 -0.67
CA HIS B 272 -1.80 -35.89 -1.63
C HIS B 272 -3.06 -35.49 -0.88
N PRO B 273 -3.13 -34.26 -0.37
CA PRO B 273 -4.38 -33.77 0.21
C PRO B 273 -5.44 -33.62 -0.86
N TRP B 274 -6.71 -33.77 -0.45
CA TRP B 274 -7.82 -33.67 -1.36
C TRP B 274 -8.54 -32.33 -1.32
N VAL B 275 -8.35 -31.54 -0.25
CA VAL B 275 -9.04 -30.27 -0.10
C VAL B 275 -8.05 -29.21 0.38
N ASP B 276 -8.45 -27.96 0.18
CA ASP B 276 -7.69 -26.80 0.64
C ASP B 276 -8.67 -25.73 1.11
N TYR B 277 -8.13 -24.74 1.82
CA TYR B 277 -8.92 -23.65 2.39
C TYR B 277 -8.56 -22.35 1.70
N THR B 278 -9.59 -21.55 1.40
CA THR B 278 -9.45 -20.26 0.76
C THR B 278 -9.98 -19.17 1.68
N ALA B 279 -9.15 -18.17 1.95
CA ALA B 279 -9.48 -17.12 2.90
C ALA B 279 -10.59 -16.22 2.35
N PRO B 280 -11.40 -15.62 3.24
CA PRO B 280 -12.47 -14.72 2.77
C PRO B 280 -11.97 -13.50 2.02
N SER B 281 -10.74 -13.06 2.27
CA SER B 281 -10.22 -11.89 1.57
C SER B 281 -9.96 -12.15 0.09
N LEU B 282 -9.91 -13.42 -0.31
CA LEU B 282 -9.71 -13.79 -1.70
C LEU B 282 -11.02 -14.05 -2.44
N ILE B 283 -12.16 -13.83 -1.80
CA ILE B 283 -13.47 -14.13 -2.35
C ILE B 283 -14.24 -12.83 -2.51
N THR B 284 -14.82 -12.63 -3.69
CA THR B 284 -15.60 -11.42 -3.95
C THR B 284 -17.00 -11.53 -3.37
N LEU B 285 -17.77 -12.52 -3.82
CA LEU B 285 -19.13 -12.73 -3.36
C LEU B 285 -19.42 -14.22 -3.32
N LEU B 286 -20.38 -14.59 -2.46
CA LEU B 286 -20.85 -15.97 -2.36
C LEU B 286 -22.31 -16.02 -2.79
N PHE B 287 -22.64 -17.01 -3.61
CA PHE B 287 -24.00 -17.20 -4.11
C PHE B 287 -24.60 -18.42 -3.42
N THR B 288 -25.52 -18.19 -2.50
CA THR B 288 -26.19 -19.25 -1.77
C THR B 288 -27.70 -19.12 -1.93
N ASP B 289 -28.43 -20.11 -1.43
CA ASP B 289 -29.88 -20.04 -1.44
C ASP B 289 -30.40 -18.92 -0.55
N LEU B 290 -29.57 -18.40 0.36
CA LEU B 290 -29.93 -17.21 1.11
C LEU B 290 -29.81 -15.94 0.28
N GLY B 291 -29.02 -15.96 -0.78
CA GLY B 291 -28.89 -14.83 -1.67
C GLY B 291 -27.43 -14.62 -2.04
N VAL B 292 -27.14 -13.39 -2.48
CA VAL B 292 -25.77 -12.98 -2.74
C VAL B 292 -25.22 -12.33 -1.48
N LEU B 293 -24.15 -12.90 -0.94
CA LEU B 293 -23.63 -12.50 0.36
C LEU B 293 -22.16 -12.15 0.27
N THR B 294 -21.73 -11.27 1.16
CA THR B 294 -20.32 -11.09 1.42
C THR B 294 -19.84 -12.18 2.38
N PRO B 295 -18.54 -12.46 2.41
CA PRO B 295 -18.03 -13.48 3.35
C PRO B 295 -18.33 -13.18 4.80
N SER B 296 -18.58 -11.91 5.16
CA SER B 296 -18.89 -11.56 6.54
C SER B 296 -20.27 -12.05 6.96
N ALA B 297 -21.17 -12.29 6.01
CA ALA B 297 -22.53 -12.71 6.36
C ALA B 297 -22.60 -14.16 6.83
N VAL B 298 -21.65 -15.01 6.44
CA VAL B 298 -21.65 -16.39 6.88
C VAL B 298 -21.47 -16.48 8.38
N SER B 299 -20.54 -15.68 8.93
CA SER B 299 -20.32 -15.67 10.37
C SER B 299 -21.56 -15.17 11.11
N ASP B 300 -22.22 -14.16 10.57
CA ASP B 300 -23.46 -13.67 11.17
C ASP B 300 -24.53 -14.75 11.17
N GLU B 301 -24.65 -15.49 10.07
CA GLU B 301 -25.63 -16.57 10.00
C GLU B 301 -25.32 -17.65 11.04
N LEU B 302 -24.05 -18.03 11.15
CA LEU B 302 -23.67 -19.07 12.11
C LEU B 302 -23.88 -18.60 13.54
N ILE B 303 -23.61 -17.33 13.83
CA ILE B 303 -23.84 -16.80 15.17
C ILE B 303 -25.33 -16.77 15.49
N LYS B 304 -26.16 -16.36 14.53
CA LYS B 304 -27.60 -16.31 14.75
C LYS B 304 -28.17 -17.71 14.96
N LEU B 305 -27.63 -18.71 14.24
CA LEU B 305 -28.13 -20.07 14.37
C LEU B 305 -27.89 -20.62 15.78
N TYR B 306 -26.70 -20.41 16.30
CA TYR B 306 -26.33 -20.94 17.62
C TYR B 306 -26.55 -19.89 18.71
N LEU B 307 -27.80 -19.44 18.81
CA LEU B 307 -28.20 -18.43 19.79
C LEU B 307 -27.36 -17.16 19.69
N GLY C 8 57.18 -3.16 11.02
CA GLY C 8 57.89 -2.69 12.18
C GLY C 8 57.17 -2.96 13.49
N SER C 9 57.88 -2.77 14.61
CA SER C 9 57.27 -2.98 15.91
C SER C 9 56.14 -2.00 16.16
N GLU C 10 56.33 -0.73 15.79
CA GLU C 10 55.28 0.26 15.98
C GLU C 10 54.05 -0.08 15.15
N LEU C 11 54.24 -0.49 13.90
CA LEU C 11 53.11 -0.87 13.06
C LEU C 11 52.39 -2.09 13.62
N SER C 12 53.14 -3.08 14.11
CA SER C 12 52.51 -4.26 14.70
C SER C 12 51.71 -3.88 15.95
N GLU C 13 52.26 -2.99 16.78
CA GLU C 13 51.53 -2.56 17.98
C GLU C 13 50.29 -1.77 17.61
N ARG C 14 50.35 -0.97 16.54
CA ARG C 14 49.16 -0.25 16.08
C ARG C 14 48.10 -1.22 15.58
N ILE C 15 48.51 -2.24 14.83
CA ILE C 15 47.55 -3.24 14.35
C ILE C 15 46.91 -3.98 15.52
N GLU C 16 47.73 -4.36 16.51
CA GLU C 16 47.19 -5.05 17.69
C GLU C 16 46.23 -4.17 18.46
N SER C 17 46.56 -2.89 18.62
CA SER C 17 45.67 -1.97 19.32
C SER C 17 44.35 -1.82 18.57
N PHE C 18 44.42 -1.70 17.24
CA PHE C 18 43.20 -1.60 16.45
C PHE C 18 42.34 -2.85 16.58
N VAL C 19 42.97 -4.04 16.52
CA VAL C 19 42.23 -5.28 16.63
C VAL C 19 41.57 -5.40 18.00
N GLU C 20 42.31 -5.08 19.07
CA GLU C 20 41.76 -5.19 20.42
C GLU C 20 40.65 -4.16 20.64
N THR C 21 40.79 -2.96 20.08
CA THR C 21 39.72 -1.96 20.17
C THR C 21 38.47 -2.44 19.45
N LEU C 22 38.63 -3.06 18.28
CA LEU C 22 37.48 -3.60 17.57
C LEU C 22 36.82 -4.73 18.37
N LYS C 23 37.63 -5.61 18.96
CA LYS C 23 37.08 -6.74 19.70
C LYS C 23 36.33 -6.27 20.95
N ARG C 24 36.87 -5.30 21.67
CA ARG C 24 36.27 -4.82 22.91
C ARG C 24 35.22 -3.75 22.72
N GLY C 25 34.97 -3.33 21.48
CA GLY C 25 34.01 -2.29 21.22
C GLY C 25 34.61 -0.91 21.44
N GLY C 26 33.79 0.10 21.15
CA GLY C 26 34.26 1.46 21.29
C GLY C 26 35.23 1.84 20.19
N GLY C 27 36.05 2.84 20.49
CA GLY C 27 37.01 3.35 19.54
C GLY C 27 36.45 4.47 18.71
N PRO C 28 36.58 4.37 17.39
CA PRO C 28 36.03 5.40 16.50
C PRO C 28 34.51 5.44 16.55
N ARG C 29 33.96 6.54 17.10
CA ARG C 29 32.51 6.66 17.19
C ARG C 29 31.86 6.77 15.83
N SER C 30 32.43 7.59 14.94
CA SER C 30 31.87 7.81 13.63
C SER C 30 32.42 6.80 12.62
N SER C 31 31.59 6.47 11.63
CA SER C 31 32.03 5.54 10.59
C SER C 31 33.13 6.16 9.74
N GLU C 32 33.06 7.47 9.48
CA GLU C 32 34.09 8.13 8.71
C GLU C 32 35.44 8.07 9.41
N GLU C 33 35.46 8.25 10.74
CA GLU C 33 36.70 8.16 11.49
C GLU C 33 37.28 6.75 11.42
N MET C 34 36.43 5.73 11.52
CA MET C 34 36.92 4.36 11.43
C MET C 34 37.46 4.05 10.04
N ALA C 35 36.80 4.55 8.99
CA ALA C 35 37.32 4.36 7.65
C ALA C 35 38.66 5.07 7.48
N ARG C 36 38.79 6.28 8.04
CA ARG C 36 40.05 7.00 7.97
C ARG C 36 41.16 6.24 8.68
N GLU C 37 40.86 5.70 9.87
CA GLU C 37 41.87 4.94 10.61
C GLU C 37 42.26 3.67 9.85
N THR C 38 41.28 2.97 9.26
CA THR C 38 41.60 1.78 8.49
C THR C 38 42.48 2.11 7.29
N LEU C 39 42.16 3.20 6.58
CA LEU C 39 42.96 3.58 5.42
C LEU C 39 44.37 3.98 5.84
N GLY C 40 44.51 4.70 6.96
CA GLY C 40 45.83 5.05 7.45
C GLY C 40 46.63 3.83 7.85
N LEU C 41 45.99 2.87 8.52
CA LEU C 41 46.67 1.64 8.89
C LEU C 41 47.12 0.87 7.66
N LEU C 42 46.26 0.78 6.63
CA LEU C 42 46.64 0.09 5.41
C LEU C 42 47.77 0.78 4.70
N ARG C 43 47.77 2.12 4.67
CA ARG C 43 48.86 2.87 4.06
C ARG C 43 50.17 2.62 4.81
N GLN C 44 50.12 2.63 6.14
CA GLN C 44 51.33 2.34 6.92
C GLN C 44 51.81 0.92 6.69
N ILE C 45 50.88 -0.03 6.57
CA ILE C 45 51.26 -1.41 6.28
C ILE C 45 51.97 -1.49 4.92
N ILE C 46 51.42 -0.81 3.92
CA ILE C 46 52.02 -0.85 2.58
C ILE C 46 53.41 -0.23 2.60
N THR C 47 53.56 0.92 3.27
CA THR C 47 54.85 1.60 3.28
C THR C 47 55.91 0.83 4.06
N ASP C 48 55.57 0.39 5.28
CA ASP C 48 56.58 -0.18 6.16
C ASP C 48 56.96 -1.60 5.74
N HIS C 49 55.98 -2.43 5.38
CA HIS C 49 56.27 -3.82 5.05
C HIS C 49 57.08 -3.93 3.77
N ARG C 50 57.85 -5.01 3.66
CA ARG C 50 58.67 -5.28 2.50
C ARG C 50 57.95 -6.30 1.62
N TRP C 51 57.68 -5.90 0.37
CA TRP C 51 57.06 -6.79 -0.60
C TRP C 51 57.72 -6.58 -1.95
N SER C 52 58.13 -7.67 -2.58
CA SER C 52 58.83 -7.58 -3.86
C SER C 52 57.87 -7.22 -4.99
N ASN C 53 56.68 -7.82 -4.99
CA ASN C 53 55.73 -7.67 -6.08
C ASN C 53 54.32 -7.46 -5.52
N ALA C 54 53.36 -7.36 -6.43
CA ALA C 54 51.98 -7.09 -6.02
C ALA C 54 51.32 -8.30 -5.38
N GLY C 55 51.75 -9.51 -5.75
CA GLY C 55 51.12 -10.69 -5.19
C GLY C 55 51.34 -10.82 -3.69
N GLU C 56 52.58 -10.64 -3.25
CA GLU C 56 52.89 -10.72 -1.83
C GLU C 56 52.14 -9.64 -1.05
N LEU C 57 52.09 -8.43 -1.61
CA LEU C 57 51.35 -7.35 -0.98
C LEU C 57 49.88 -7.70 -0.86
N MET C 58 49.28 -8.26 -1.91
CA MET C 58 47.88 -8.62 -1.87
C MET C 58 47.60 -9.71 -0.83
N GLU C 59 48.44 -10.73 -0.78
CA GLU C 59 48.23 -11.78 0.22
C GLU C 59 48.41 -11.26 1.65
N LEU C 60 49.40 -10.40 1.88
CA LEU C 60 49.58 -9.87 3.23
C LEU C 60 48.43 -8.95 3.61
N ILE C 61 47.94 -8.14 2.67
CA ILE C 61 46.79 -7.29 2.94
C ILE C 61 45.56 -8.14 3.21
N ARG C 62 45.40 -9.24 2.47
CA ARG C 62 44.27 -10.15 2.71
C ARG C 62 44.35 -10.77 4.10
N ARG C 63 45.55 -11.16 4.53
CA ARG C 63 45.71 -11.71 5.87
C ARG C 63 45.35 -10.68 6.95
N GLU C 64 45.85 -9.46 6.80
CA GLU C 64 45.54 -8.41 7.77
C GLU C 64 44.04 -8.10 7.78
N GLY C 65 43.42 -8.04 6.60
CA GLY C 65 41.99 -7.79 6.54
C GLY C 65 41.18 -8.92 7.13
N ARG C 66 41.64 -10.16 6.95
CA ARG C 66 40.98 -11.29 7.59
C ARG C 66 41.02 -11.15 9.10
N ARG C 67 42.19 -10.78 9.63
CA ARG C 67 42.30 -10.59 11.08
C ARG C 67 41.36 -9.50 11.57
N MET C 68 41.36 -8.35 10.89
CA MET C 68 40.50 -7.24 11.31
C MET C 68 39.03 -7.59 11.21
N THR C 69 38.63 -8.29 10.14
CA THR C 69 37.24 -8.68 9.98
C THR C 69 36.83 -9.69 11.04
N ALA C 70 37.69 -10.66 11.35
CA ALA C 70 37.39 -11.62 12.41
C ALA C 70 37.36 -10.95 13.78
N ALA C 71 38.04 -9.82 13.94
CA ALA C 71 37.98 -9.10 15.21
C ALA C 71 36.56 -8.66 15.53
N GLN C 72 35.83 -8.14 14.54
CA GLN C 72 34.45 -7.70 14.73
C GLN C 72 33.73 -7.80 13.39
N PRO C 73 32.98 -8.88 13.17
CA PRO C 73 32.30 -9.04 11.87
C PRO C 73 31.29 -7.97 11.55
N SER C 74 30.61 -7.41 12.56
CA SER C 74 29.55 -6.44 12.30
C SER C 74 30.08 -5.12 11.77
N GLU C 75 31.37 -4.83 11.96
CA GLU C 75 31.96 -3.58 11.46
C GLU C 75 32.47 -3.83 10.05
N THR C 76 31.60 -3.59 9.07
CA THR C 76 31.91 -3.85 7.67
C THR C 76 32.80 -2.78 7.04
N THR C 77 32.98 -1.63 7.70
CA THR C 77 33.76 -0.56 7.11
C THR C 77 35.22 -0.97 6.95
N VAL C 78 35.76 -1.71 7.92
CA VAL C 78 37.16 -2.14 7.83
C VAL C 78 37.36 -3.06 6.63
N GLY C 79 36.47 -4.05 6.48
CA GLY C 79 36.58 -4.93 5.33
C GLY C 79 36.36 -4.22 4.01
N ASN C 80 35.46 -3.24 4.00
CA ASN C 80 35.25 -2.44 2.81
C ASN C 80 36.51 -1.68 2.43
N MET C 81 37.20 -1.09 3.42
CA MET C 81 38.44 -0.40 3.15
C MET C 81 39.51 -1.36 2.64
N VAL C 82 39.59 -2.56 3.23
CA VAL C 82 40.58 -3.54 2.78
C VAL C 82 40.32 -3.91 1.33
N ARG C 83 39.06 -4.15 0.98
CA ARG C 83 38.73 -4.53 -0.39
C ARG C 83 38.91 -3.36 -1.36
N ARG C 84 38.64 -2.13 -0.93
CA ARG C 84 38.91 -0.97 -1.77
C ARG C 84 40.41 -0.84 -2.06
N VAL C 85 41.24 -1.05 -1.04
CA VAL C 85 42.69 -0.98 -1.24
C VAL C 85 43.15 -2.10 -2.16
N LEU C 86 42.57 -3.30 -2.01
CA LEU C 86 42.92 -4.40 -2.91
C LEU C 86 42.54 -4.09 -4.35
N LYS C 87 41.35 -3.51 -4.56
CA LYS C 87 40.93 -3.14 -5.91
C LYS C 87 41.82 -2.04 -6.48
N ILE C 88 42.22 -1.08 -5.64
CA ILE C 88 43.14 -0.04 -6.08
C ILE C 88 44.47 -0.64 -6.52
N ILE C 89 44.99 -1.59 -5.73
CA ILE C 89 46.24 -2.27 -6.09
C ILE C 89 46.08 -3.01 -7.41
N ARG C 90 44.96 -3.72 -7.57
CA ARG C 90 44.71 -4.45 -8.81
C ARG C 90 44.68 -3.52 -10.01
N GLU C 91 43.98 -2.40 -9.90
CA GLU C 91 43.86 -1.49 -11.04
C GLU C 91 45.19 -0.80 -11.33
N GLU C 92 45.96 -0.46 -10.30
CA GLU C 92 47.27 0.13 -10.52
C GLU C 92 48.20 -0.84 -11.22
N TYR C 93 48.22 -2.10 -10.77
CA TYR C 93 49.07 -3.10 -11.41
C TYR C 93 48.63 -3.36 -12.84
N GLY C 94 47.32 -3.42 -13.09
CA GLY C 94 46.85 -3.64 -14.44
C GLY C 94 47.18 -2.49 -15.38
N ARG C 95 47.10 -1.26 -14.88
CA ARG C 95 47.42 -0.10 -15.71
C ARG C 95 48.92 -0.02 -15.96
N LEU C 96 49.74 -0.33 -14.95
CA LEU C 96 51.18 -0.23 -15.11
C LEU C 96 51.77 -1.38 -15.92
N HIS C 97 51.15 -2.55 -15.90
CA HIS C 97 51.70 -3.75 -16.51
C HIS C 97 50.92 -4.22 -17.73
N GLY C 98 49.60 -4.33 -17.62
CA GLY C 98 48.79 -4.78 -18.73
C GLY C 98 48.10 -3.66 -19.47
N ARG C 99 46.79 -3.79 -19.67
CA ARG C 99 46.01 -2.76 -20.35
C ARG C 99 44.93 -2.20 -19.44
N GLN C 106 36.00 -8.08 -14.10
CA GLN C 106 34.56 -8.07 -14.30
C GLN C 106 34.13 -9.20 -15.23
N GLU C 107 33.03 -9.86 -14.88
CA GLU C 107 32.49 -10.96 -15.66
C GLU C 107 31.24 -10.50 -16.39
N SER C 108 31.21 -10.74 -17.70
CA SER C 108 30.09 -10.31 -18.53
C SER C 108 29.97 -11.23 -19.73
N LEU C 109 28.82 -11.14 -20.41
CA LEU C 109 28.63 -11.91 -21.63
C LEU C 109 29.61 -11.46 -22.72
N HIS C 110 29.91 -10.17 -22.76
CA HIS C 110 30.89 -9.67 -23.73
C HIS C 110 32.27 -10.28 -23.48
N LYS C 111 32.71 -10.26 -22.21
CA LYS C 111 34.00 -10.85 -21.88
C LYS C 111 33.99 -12.37 -22.11
N LEU C 112 32.88 -13.02 -21.78
CA LEU C 112 32.79 -14.46 -21.99
C LEU C 112 32.88 -14.82 -23.45
N LEU C 113 32.23 -14.06 -24.32
CA LEU C 113 32.30 -14.32 -25.76
C LEU C 113 33.68 -13.97 -26.32
N THR C 114 34.29 -12.88 -25.83
CA THR C 114 35.57 -12.44 -26.36
C THR C 114 36.75 -13.16 -25.73
N SER C 115 36.74 -13.32 -24.41
CA SER C 115 37.82 -13.97 -23.67
C SER C 115 39.18 -13.33 -23.96
N ASP C 121 48.10 -12.09 -14.67
CA ASP C 121 49.17 -12.71 -13.90
C ASP C 121 49.95 -11.67 -13.11
N PHE C 122 49.93 -11.81 -11.78
CA PHE C 122 50.62 -10.90 -10.89
C PHE C 122 52.04 -11.38 -10.61
N SER C 123 52.68 -10.80 -9.58
CA SER C 123 54.04 -11.15 -9.19
C SER C 123 55.06 -10.75 -10.25
N PHE C 124 55.02 -9.48 -10.63
CA PHE C 124 56.00 -8.89 -11.56
C PHE C 124 56.38 -7.53 -11.00
N HIS C 125 57.59 -7.44 -10.44
CA HIS C 125 58.05 -6.21 -9.79
C HIS C 125 58.26 -5.10 -10.82
N TYR C 126 57.85 -3.88 -10.45
CA TYR C 126 57.89 -2.73 -11.36
C TYR C 126 58.57 -1.49 -10.80
N ALA C 127 58.91 -1.44 -9.51
CA ALA C 127 59.66 -0.36 -8.88
C ALA C 127 58.93 0.97 -8.87
N GLN C 128 57.67 1.01 -9.29
CA GLN C 128 56.91 2.26 -9.25
C GLN C 128 55.48 2.07 -8.77
N LEU C 129 55.06 0.85 -8.43
CA LEU C 129 53.68 0.62 -8.02
C LEU C 129 53.38 1.24 -6.66
N GLN C 130 54.36 1.30 -5.77
CA GLN C 130 54.11 1.76 -4.41
C GLN C 130 53.67 3.22 -4.39
N SER C 131 54.34 4.08 -5.17
CA SER C 131 53.98 5.48 -5.20
C SER C 131 52.56 5.68 -5.76
N ASN C 132 52.22 4.94 -6.80
CA ASN C 132 50.88 5.04 -7.37
C ASN C 132 49.83 4.58 -6.36
N ILE C 133 50.11 3.49 -5.64
CA ILE C 133 49.17 3.01 -4.63
C ILE C 133 48.99 4.06 -3.53
N ILE C 134 50.09 4.67 -3.09
CA ILE C 134 50.02 5.65 -2.01
C ILE C 134 49.23 6.87 -2.45
N GLU C 135 49.49 7.37 -3.68
CA GLU C 135 48.76 8.55 -4.12
C GLU C 135 47.28 8.24 -4.36
N ALA C 136 46.96 7.03 -4.83
CA ALA C 136 45.56 6.64 -4.96
C ALA C 136 44.87 6.57 -3.61
N ILE C 137 45.56 6.03 -2.61
CA ILE C 137 45.00 5.96 -1.26
C ILE C 137 44.79 7.37 -0.70
N ASN C 138 45.74 8.27 -0.95
CA ASN C 138 45.59 9.65 -0.50
C ASN C 138 44.40 10.33 -1.17
N GLU C 139 44.22 10.09 -2.47
CA GLU C 139 43.06 10.64 -3.17
C GLU C 139 41.76 10.07 -2.61
N LEU C 140 41.75 8.77 -2.29
CA LEU C 140 40.57 8.17 -1.68
C LEU C 140 40.26 8.80 -0.33
N LEU C 141 41.30 9.06 0.47
CA LEU C 141 41.10 9.71 1.76
C LEU C 141 40.56 11.12 1.58
N VAL C 142 41.10 11.86 0.60
CA VAL C 142 40.62 13.22 0.34
C VAL C 142 39.15 13.20 -0.06
N GLU C 143 38.77 12.26 -0.92
CA GLU C 143 37.35 12.12 -1.28
C GLU C 143 36.51 11.72 -0.07
N LEU C 144 37.08 10.91 0.84
CA LEU C 144 36.37 10.52 2.04
C LEU C 144 36.12 11.70 2.97
N GLU C 145 37.03 12.68 2.99
CA GLU C 145 36.88 13.81 3.89
C GLU C 145 35.63 14.63 3.58
N GLY C 146 35.22 14.67 2.33
CA GLY C 146 34.10 15.53 1.93
C GLY C 146 32.81 14.81 1.63
N THR C 147 32.68 13.55 2.10
CA THR C 147 31.47 12.78 1.81
C THR C 147 30.24 13.39 2.48
N MET C 148 30.37 13.81 3.73
CA MET C 148 29.22 14.31 4.47
C MET C 148 28.66 15.59 3.85
N GLU C 149 29.54 16.51 3.47
CA GLU C 149 29.08 17.75 2.83
C GLU C 149 28.47 17.47 1.47
N ASN C 150 29.05 16.53 0.72
CA ASN C 150 28.51 16.17 -0.58
C ASN C 150 27.10 15.59 -0.44
N ILE C 151 26.88 14.75 0.58
CA ILE C 151 25.54 14.21 0.80
C ILE C 151 24.58 15.30 1.24
N ALA C 152 25.03 16.18 2.15
CA ALA C 152 24.14 17.22 2.67
C ALA C 152 23.80 18.28 1.65
N ALA C 153 24.63 18.46 0.61
CA ALA C 153 24.35 19.45 -0.41
C ALA C 153 23.10 19.14 -1.21
N GLN C 154 22.61 17.90 -1.15
CA GLN C 154 21.43 17.48 -1.89
C GLN C 154 20.16 17.52 -1.06
N ALA C 155 20.22 18.12 0.14
CA ALA C 155 19.06 18.13 1.03
C ALA C 155 17.90 18.90 0.44
N LEU C 156 18.17 20.04 -0.20
CA LEU C 156 17.09 20.89 -0.70
C LEU C 156 16.33 20.25 -1.85
N GLU C 157 16.94 19.32 -2.58
CA GLU C 157 16.26 18.66 -3.70
C GLU C 157 15.25 17.62 -3.24
N HIS C 158 15.24 17.25 -1.96
CA HIS C 158 14.38 16.17 -1.47
C HIS C 158 13.44 16.60 -0.36
N ILE C 159 13.55 17.82 0.16
CA ILE C 159 12.70 18.32 1.22
C ILE C 159 11.99 19.57 0.74
N HIS C 160 10.67 19.60 0.87
CA HIS C 160 9.86 20.75 0.50
C HIS C 160 9.33 21.43 1.76
N SER C 161 8.54 22.48 1.56
CA SER C 161 8.05 23.28 2.66
C SER C 161 7.02 22.52 3.49
N ASN C 162 7.13 22.64 4.82
CA ASN C 162 6.17 22.07 5.76
C ASN C 162 6.06 20.55 5.60
N GLU C 163 7.17 19.90 5.33
CA GLU C 163 7.20 18.45 5.24
C GLU C 163 7.31 17.83 6.63
N VAL C 164 6.99 16.53 6.70
CA VAL C 164 7.12 15.75 7.93
C VAL C 164 8.13 14.64 7.64
N ILE C 165 9.21 14.61 8.43
CA ILE C 165 10.29 13.66 8.26
C ILE C 165 10.33 12.75 9.48
N MET C 166 10.55 11.46 9.25
CA MET C 166 10.66 10.46 10.31
C MET C 166 12.05 9.87 10.32
N THR C 167 12.67 9.81 11.50
CA THR C 167 14.00 9.26 11.66
C THR C 167 14.01 8.30 12.84
N ILE C 168 14.98 7.40 12.86
CA ILE C 168 15.17 6.44 13.94
C ILE C 168 16.63 6.47 14.37
N GLY C 169 16.86 6.46 15.69
CA GLY C 169 18.20 6.46 16.20
C GLY C 169 18.91 7.80 15.99
N PHE C 170 20.25 7.72 15.96
CA PHE C 170 21.10 8.89 15.81
C PHE C 170 22.08 8.61 14.68
N SER C 171 21.93 9.32 13.56
CA SER C 171 22.81 9.18 12.41
C SER C 171 23.42 10.54 12.10
N ARG C 172 24.75 10.58 11.97
CA ARG C 172 25.43 11.84 11.68
C ARG C 172 25.02 12.38 10.31
N THR C 173 24.94 11.50 9.31
CA THR C 173 24.62 11.94 7.95
C THR C 173 23.22 12.53 7.87
N VAL C 174 22.25 11.89 8.52
CA VAL C 174 20.88 12.41 8.50
C VAL C 174 20.81 13.73 9.26
N GLU C 175 21.58 13.86 10.35
CA GLU C 175 21.62 15.12 11.08
C GLU C 175 22.17 16.24 10.22
N ALA C 176 23.25 15.99 9.49
CA ALA C 176 23.79 17.00 8.59
C ALA C 176 22.79 17.33 7.48
N PHE C 177 22.13 16.30 6.93
CA PHE C 177 21.10 16.50 5.92
C PHE C 177 20.03 17.46 6.40
N LEU C 178 19.47 17.18 7.58
CA LEU C 178 18.38 18.01 8.10
C LEU C 178 18.86 19.40 8.49
N LYS C 179 20.07 19.51 9.05
CA LYS C 179 20.59 20.83 9.41
C LYS C 179 20.81 21.68 8.17
N GLU C 180 21.32 21.10 7.09
CA GLU C 180 21.50 21.85 5.86
C GLU C 180 20.16 22.22 5.25
N ALA C 181 19.17 21.32 5.30
CA ALA C 181 17.87 21.62 4.73
C ALA C 181 17.14 22.70 5.52
N ALA C 182 17.38 22.78 6.83
CA ALA C 182 16.67 23.73 7.67
C ALA C 182 17.12 25.17 7.48
N ARG C 183 18.24 25.40 6.79
CA ARG C 183 18.71 26.77 6.58
C ARG C 183 17.75 27.56 5.70
N LYS C 184 17.02 26.90 4.81
CA LYS C 184 16.13 27.56 3.88
C LYS C 184 14.68 27.10 3.96
N ARG C 185 14.38 26.00 4.65
CA ARG C 185 13.04 25.44 4.66
C ARG C 185 12.61 25.12 6.09
N LYS C 186 11.30 25.14 6.31
CA LYS C 186 10.71 24.81 7.60
C LYS C 186 9.95 23.49 7.47
N PHE C 187 10.23 22.55 8.37
CA PHE C 187 9.59 21.24 8.33
C PHE C 187 9.58 20.65 9.73
N HIS C 188 8.88 19.53 9.87
CA HIS C 188 8.76 18.81 11.13
C HIS C 188 9.52 17.49 11.03
N VAL C 189 10.23 17.16 12.10
CA VAL C 189 11.03 15.93 12.17
C VAL C 189 10.57 15.12 13.37
N ILE C 190 10.25 13.85 13.15
CA ILE C 190 9.88 12.91 14.20
C ILE C 190 11.02 11.92 14.38
N VAL C 191 11.49 11.78 15.61
CA VAL C 191 12.62 10.90 15.93
C VAL C 191 12.14 9.82 16.88
N ALA C 192 12.39 8.57 16.50
CA ALA C 192 12.06 7.42 17.34
C ALA C 192 13.31 6.99 18.10
N GLU C 193 13.18 6.86 19.42
CA GLU C 193 14.30 6.44 20.24
C GLU C 193 14.61 4.97 20.00
N CYS C 194 15.84 4.67 19.58
CA CYS C 194 16.23 3.31 19.20
C CYS C 194 16.55 2.52 20.46
N ALA C 195 15.50 2.05 21.12
CA ALA C 195 15.67 1.31 22.37
C ALA C 195 16.46 0.03 22.12
N PRO C 196 17.29 -0.40 23.08
CA PRO C 196 17.50 0.19 24.41
C PRO C 196 18.41 1.41 24.42
N PHE C 197 19.38 1.48 23.51
CA PHE C 197 20.29 2.62 23.43
C PHE C 197 19.53 3.79 22.80
N CYS C 198 18.81 4.52 23.65
CA CYS C 198 17.92 5.57 23.18
C CYS C 198 18.72 6.76 22.67
N GLN C 199 19.45 6.56 21.57
CA GLN C 199 20.26 7.61 20.97
C GLN C 199 19.43 8.61 20.17
N GLY C 200 18.15 8.31 19.92
CA GLY C 200 17.29 9.26 19.26
C GLY C 200 17.03 10.51 20.07
N HIS C 201 17.17 10.43 21.39
CA HIS C 201 17.03 11.62 22.23
C HIS C 201 18.12 12.64 21.89
N GLU C 202 19.34 12.18 21.70
CA GLU C 202 20.43 13.07 21.32
C GLU C 202 20.16 13.72 19.96
N MET C 203 19.66 12.93 19.01
CA MET C 203 19.32 13.48 17.70
C MET C 203 18.24 14.54 17.82
N ALA C 204 17.20 14.27 18.61
CA ALA C 204 16.12 15.24 18.77
C ALA C 204 16.62 16.53 19.44
N VAL C 205 17.46 16.40 20.47
CA VAL C 205 17.99 17.57 21.15
C VAL C 205 18.86 18.38 20.19
N ASN C 206 19.73 17.71 19.44
CA ASN C 206 20.61 18.41 18.51
C ASN C 206 19.81 19.13 17.42
N LEU C 207 18.77 18.47 16.90
CA LEU C 207 17.94 19.11 15.87
C LEU C 207 17.14 20.27 16.44
N SER C 208 16.69 20.16 17.69
CA SER C 208 16.00 21.28 18.32
C SER C 208 16.95 22.45 18.56
N LYS C 209 18.23 22.16 18.82
CA LYS C 209 19.21 23.24 18.97
C LYS C 209 19.35 24.06 17.70
N ALA C 210 19.06 23.46 16.54
CA ALA C 210 19.15 24.14 15.26
C ALA C 210 17.85 24.82 14.86
N GLY C 211 16.85 24.82 15.74
CA GLY C 211 15.59 25.48 15.46
C GLY C 211 14.55 24.62 14.79
N ILE C 212 14.89 23.39 14.38
CA ILE C 212 13.92 22.50 13.78
C ILE C 212 12.94 22.01 14.84
N GLU C 213 11.65 22.04 14.50
CA GLU C 213 10.65 21.49 15.41
C GLU C 213 10.71 19.97 15.37
N THR C 214 10.86 19.36 16.55
CA THR C 214 11.13 17.94 16.65
C THR C 214 10.21 17.29 17.69
N THR C 215 9.95 16.01 17.49
CA THR C 215 9.11 15.21 18.38
C THR C 215 9.86 13.97 18.80
N VAL C 216 9.72 13.60 20.07
CA VAL C 216 10.35 12.40 20.64
C VAL C 216 9.26 11.38 20.90
N MET C 217 9.49 10.15 20.44
CA MET C 217 8.54 9.07 20.65
C MET C 217 9.29 7.74 20.67
N THR C 218 8.61 6.71 21.16
CA THR C 218 9.17 5.36 21.18
C THR C 218 8.90 4.66 19.85
N ASP C 219 9.62 3.55 19.64
CA ASP C 219 9.43 2.77 18.42
C ASP C 219 8.03 2.15 18.35
N ALA C 220 7.43 1.86 19.51
CA ALA C 220 6.09 1.28 19.52
C ALA C 220 5.06 2.17 18.84
N ALA C 221 5.33 3.46 18.72
CA ALA C 221 4.42 4.40 18.08
C ALA C 221 4.71 4.62 16.61
N ILE C 222 5.73 3.95 16.06
CA ILE C 222 6.12 4.20 14.67
C ILE C 222 4.93 4.00 13.73
N PHE C 223 4.38 2.78 13.71
CA PHE C 223 3.24 2.49 12.86
C PHE C 223 2.04 3.38 13.20
N ALA C 224 1.99 3.91 14.42
CA ALA C 224 0.87 4.78 14.79
C ALA C 224 0.95 6.13 14.07
N VAL C 225 2.16 6.61 13.76
CA VAL C 225 2.33 7.95 13.22
C VAL C 225 2.72 7.98 11.76
N MET C 226 3.05 6.83 11.16
CA MET C 226 3.45 6.82 9.76
C MET C 226 2.34 7.31 8.82
N SER C 227 1.09 7.26 9.26
CA SER C 227 0.00 7.77 8.44
C SER C 227 0.06 9.29 8.27
N ARG C 228 0.84 9.98 9.11
CA ARG C 228 0.98 11.44 9.02
C ARG C 228 2.41 11.84 8.64
N VAL C 229 3.21 10.92 8.13
CA VAL C 229 4.59 11.17 7.74
C VAL C 229 4.67 11.24 6.23
N ASN C 230 5.41 12.22 5.72
CA ASN C 230 5.53 12.41 4.27
C ASN C 230 6.64 11.55 3.68
N LYS C 231 7.80 11.48 4.33
CA LYS C 231 8.87 10.61 3.87
C LYS C 231 9.75 10.25 5.06
N VAL C 232 10.54 9.19 4.88
CA VAL C 232 11.40 8.66 5.92
C VAL C 232 12.85 8.77 5.45
N ILE C 233 13.68 9.39 6.26
CA ILE C 233 15.10 9.55 5.99
C ILE C 233 15.87 8.87 7.12
N ILE C 234 16.66 7.85 6.77
CA ILE C 234 17.36 7.04 7.76
C ILE C 234 18.80 6.82 7.30
N GLY C 235 19.67 6.52 8.28
CA GLY C 235 21.00 6.04 8.00
C GLY C 235 21.06 4.52 8.03
N THR C 236 22.28 4.01 7.83
CA THR C 236 22.48 2.57 7.83
C THR C 236 23.92 2.26 8.26
N LYS C 237 24.13 1.03 8.70
CA LYS C 237 25.46 0.54 9.03
C LYS C 237 26.15 -0.07 7.81
N THR C 238 25.42 -0.86 7.03
CA THR C 238 25.98 -1.56 5.88
C THR C 238 24.96 -1.58 4.76
N ILE C 239 25.45 -1.58 3.52
CA ILE C 239 24.63 -1.77 2.33
C ILE C 239 25.12 -3.04 1.63
N LEU C 240 24.21 -3.98 1.40
CA LEU C 240 24.56 -5.26 0.82
C LEU C 240 24.54 -5.20 -0.71
N ALA C 241 25.03 -6.28 -1.32
CA ALA C 241 25.21 -6.30 -2.77
C ALA C 241 23.87 -6.24 -3.51
N ASN C 242 22.80 -6.73 -2.91
CA ASN C 242 21.48 -6.72 -3.53
C ASN C 242 20.70 -5.46 -3.22
N GLY C 243 21.30 -4.51 -2.50
CA GLY C 243 20.59 -3.32 -2.07
C GLY C 243 19.94 -3.42 -0.71
N ALA C 244 20.16 -4.52 0.01
CA ALA C 244 19.61 -4.68 1.35
C ALA C 244 20.42 -3.87 2.36
N LEU C 245 19.85 -3.69 3.54
CA LEU C 245 20.44 -2.85 4.57
C LEU C 245 20.71 -3.66 5.84
N ARG C 246 21.82 -3.36 6.49
CA ARG C 246 22.06 -3.72 7.88
C ARG C 246 21.95 -2.41 8.67
N ALA C 247 20.83 -2.22 9.34
CA ALA C 247 20.56 -0.96 10.04
C ALA C 247 20.41 -1.26 11.53
N VAL C 248 20.04 -0.23 12.30
CA VAL C 248 19.77 -0.43 13.72
C VAL C 248 18.49 -1.21 13.90
N THR C 249 18.42 -1.96 15.00
CA THR C 249 17.24 -2.77 15.28
C THR C 249 16.01 -1.89 15.40
N GLY C 250 14.92 -2.30 14.74
CA GLY C 250 13.72 -1.49 14.63
C GLY C 250 13.55 -0.81 13.30
N THR C 251 14.57 -0.82 12.44
CA THR C 251 14.46 -0.21 11.13
C THR C 251 13.63 -1.06 10.17
N HIS C 252 13.62 -2.38 10.35
CA HIS C 252 12.82 -3.23 9.48
C HIS C 252 11.33 -2.97 9.66
N THR C 253 10.88 -2.81 10.90
CA THR C 253 9.47 -2.51 11.14
C THR C 253 9.12 -1.11 10.63
N LEU C 254 10.04 -0.16 10.77
CA LEU C 254 9.81 1.18 10.23
C LEU C 254 9.67 1.13 8.71
N ALA C 255 10.53 0.35 8.04
CA ALA C 255 10.45 0.22 6.59
C ALA C 255 9.15 -0.47 6.18
N LEU C 256 8.74 -1.50 6.94
CA LEU C 256 7.47 -2.17 6.63
C LEU C 256 6.30 -1.22 6.77
N ALA C 257 6.30 -0.40 7.83
CA ALA C 257 5.22 0.57 8.03
C ALA C 257 5.22 1.62 6.92
N ALA C 258 6.41 2.07 6.51
CA ALA C 258 6.47 3.02 5.41
C ALA C 258 5.97 2.42 4.11
N LYS C 259 6.31 1.15 3.85
CA LYS C 259 5.82 0.48 2.66
C LYS C 259 4.30 0.28 2.71
N HIS C 260 3.75 0.07 3.90
CA HIS C 260 2.30 -0.08 4.03
C HIS C 260 1.57 1.17 3.58
N HIS C 261 2.14 2.36 3.82
CA HIS C 261 1.53 3.62 3.42
C HIS C 261 2.13 4.19 2.14
N SER C 262 2.97 3.41 1.45
CA SER C 262 3.66 3.87 0.25
C SER C 262 4.49 5.12 0.52
N THR C 263 4.93 5.27 1.76
CA THR C 263 5.75 6.41 2.13
C THR C 263 7.18 6.20 1.61
N PRO C 264 7.73 7.14 0.84
CA PRO C 264 9.09 6.96 0.33
C PRO C 264 10.10 6.88 1.47
N LEU C 265 11.04 5.95 1.33
CA LEU C 265 12.09 5.73 2.32
C LEU C 265 13.43 6.06 1.67
N ILE C 266 14.16 7.01 2.27
CA ILE C 266 15.42 7.49 1.73
C ILE C 266 16.53 7.10 2.69
N VAL C 267 17.58 6.47 2.16
CA VAL C 267 18.73 6.06 2.94
C VAL C 267 19.88 6.98 2.59
N CYS C 268 20.30 7.79 3.58
CA CYS C 268 21.44 8.68 3.42
C CYS C 268 22.67 7.97 3.95
N ALA C 269 23.46 7.39 3.03
CA ALA C 269 24.61 6.60 3.41
C ALA C 269 25.74 6.87 2.43
N PRO C 270 26.94 7.15 2.93
CA PRO C 270 28.09 7.37 2.04
C PRO C 270 28.49 6.08 1.33
N MET C 271 29.28 6.26 0.27
CA MET C 271 29.66 5.14 -0.57
C MET C 271 30.54 4.13 0.13
N PHE C 272 31.19 4.49 1.23
CA PHE C 272 32.11 3.56 1.87
C PHE C 272 31.41 2.53 2.76
N LYS C 273 30.08 2.56 2.83
CA LYS C 273 29.32 1.57 3.59
C LYS C 273 28.78 0.46 2.70
N LEU C 274 29.20 0.40 1.45
CA LEU C 274 28.76 -0.67 0.54
C LEU C 274 29.66 -1.89 0.73
N SER C 275 29.05 -3.04 0.98
CA SER C 275 29.78 -4.28 1.21
C SER C 275 29.39 -5.31 0.16
N PRO C 276 30.35 -5.91 -0.54
CA PRO C 276 30.01 -6.82 -1.64
C PRO C 276 29.48 -8.17 -1.16
N GLN C 277 29.18 -8.29 0.12
CA GLN C 277 28.62 -9.52 0.65
C GLN C 277 27.13 -9.58 0.37
N PHE C 278 26.57 -10.78 0.50
CA PHE C 278 25.18 -11.07 0.23
C PHE C 278 24.49 -11.52 1.51
N PRO C 279 23.16 -11.43 1.57
CA PRO C 279 22.44 -11.77 2.80
C PRO C 279 22.34 -13.27 3.08
N ASN C 280 23.11 -14.11 2.39
CA ASN C 280 23.11 -15.53 2.68
C ASN C 280 23.64 -15.82 4.09
N GLU C 281 24.58 -15.02 4.56
CA GLU C 281 25.14 -15.20 5.90
C GLU C 281 24.06 -15.00 6.95
N GLU C 282 24.03 -15.90 7.94
CA GLU C 282 23.02 -15.88 8.97
C GLU C 282 23.66 -16.10 10.33
N ASP C 283 22.99 -15.59 11.36
CA ASP C 283 23.32 -15.75 12.78
C ASP C 283 24.57 -14.98 13.18
N SER C 284 25.26 -14.34 12.24
CA SER C 284 26.31 -13.37 12.55
C SER C 284 25.96 -11.97 12.08
N PHE C 285 24.85 -11.82 11.35
CA PHE C 285 24.43 -10.51 10.87
C PHE C 285 24.19 -9.54 12.03
N HIS C 286 23.24 -9.88 12.90
CA HIS C 286 22.95 -9.05 14.06
C HIS C 286 24.06 -9.13 15.09
N LYS C 287 24.22 -8.05 15.85
CA LYS C 287 25.17 -8.00 16.96
C LYS C 287 24.41 -8.21 18.25
N PHE C 288 24.74 -9.26 18.98
CA PHE C 288 24.08 -9.59 20.23
C PHE C 288 24.92 -9.10 21.41
N VAL C 289 24.31 -8.27 22.26
CA VAL C 289 25.00 -7.67 23.39
C VAL C 289 24.42 -8.23 24.68
N ALA C 290 24.95 -7.80 25.81
CA ALA C 290 24.54 -8.35 27.09
C ALA C 290 23.05 -8.12 27.32
N PRO C 291 22.35 -9.11 27.89
CA PRO C 291 20.91 -8.94 28.14
C PRO C 291 20.57 -7.88 29.17
N GLU C 292 21.56 -7.30 29.86
CA GLU C 292 21.30 -6.26 30.84
C GLU C 292 20.59 -5.07 30.23
N GLU C 293 20.84 -4.78 28.96
CA GLU C 293 20.21 -3.62 28.32
C GLU C 293 18.71 -3.79 28.18
N VAL C 294 18.23 -5.01 28.07
CA VAL C 294 16.80 -5.29 27.90
C VAL C 294 16.14 -5.65 29.22
N LEU C 295 16.74 -6.57 29.97
CA LEU C 295 16.22 -6.98 31.27
C LEU C 295 17.30 -6.77 32.32
N PRO C 296 17.08 -5.91 33.30
CA PRO C 296 18.13 -5.62 34.29
C PRO C 296 18.46 -6.82 35.16
N PHE C 297 19.68 -6.81 35.68
CA PHE C 297 20.16 -7.88 36.55
C PHE C 297 19.38 -7.95 37.86
N THR C 298 18.72 -6.86 38.25
CA THR C 298 17.99 -6.80 39.51
C THR C 298 16.66 -7.54 39.48
N GLU C 299 16.31 -8.18 38.36
CA GLU C 299 15.06 -8.93 38.29
C GLU C 299 15.06 -10.08 39.28
N GLY C 300 16.18 -10.80 39.39
CA GLY C 300 16.33 -11.82 40.41
C GLY C 300 16.24 -13.25 39.94
N ASP C 301 15.34 -14.02 40.54
CA ASP C 301 15.27 -15.45 40.27
C ASP C 301 14.76 -15.75 38.87
N ILE C 302 13.85 -14.94 38.35
CA ILE C 302 13.24 -15.22 37.05
C ILE C 302 14.27 -15.20 35.93
N LEU C 303 15.40 -14.52 36.13
CA LEU C 303 16.47 -14.53 35.13
C LEU C 303 17.07 -15.91 34.93
N GLU C 304 16.85 -16.83 35.86
CA GLU C 304 17.41 -18.17 35.73
C GLU C 304 16.78 -18.95 34.58
N LYS C 305 15.48 -18.78 34.36
CA LYS C 305 14.74 -19.58 33.39
C LYS C 305 14.19 -18.76 32.24
N VAL C 306 14.66 -17.52 32.07
CA VAL C 306 14.20 -16.66 30.99
C VAL C 306 15.37 -16.41 30.04
N SER C 307 15.14 -16.65 28.76
CA SER C 307 16.13 -16.38 27.72
C SER C 307 15.79 -15.02 27.09
N VAL C 308 16.74 -14.09 27.18
CA VAL C 308 16.56 -12.73 26.66
C VAL C 308 17.67 -12.46 25.67
N HIS C 309 17.30 -11.99 24.48
CA HIS C 309 18.23 -11.69 23.41
C HIS C 309 18.10 -10.23 23.01
N CYS C 310 19.24 -9.58 22.77
CA CYS C 310 19.29 -8.16 22.43
C CYS C 310 20.07 -7.98 21.14
N PRO C 311 19.44 -8.17 19.99
CA PRO C 311 20.11 -7.89 18.72
C PRO C 311 20.23 -6.39 18.49
N VAL C 312 21.41 -5.96 18.05
CA VAL C 312 21.65 -4.55 17.81
C VAL C 312 21.28 -4.13 16.39
N PHE C 313 21.43 -5.03 15.42
CA PHE C 313 21.23 -4.70 14.02
C PHE C 313 20.08 -5.50 13.43
N ASP C 314 19.52 -4.97 12.36
CA ASP C 314 18.37 -5.53 11.67
C ASP C 314 18.61 -5.57 10.17
N TYR C 315 18.00 -6.55 9.52
CA TYR C 315 18.12 -6.75 8.08
C TYR C 315 16.90 -6.17 7.38
N VAL C 316 17.13 -5.31 6.41
CA VAL C 316 16.08 -4.65 5.64
C VAL C 316 16.16 -5.11 4.20
N PRO C 317 15.12 -5.76 3.66
CA PRO C 317 15.19 -6.21 2.27
C PRO C 317 15.24 -5.02 1.31
N PRO C 318 15.86 -5.18 0.14
CA PRO C 318 15.98 -4.05 -0.79
C PRO C 318 14.65 -3.54 -1.32
N GLU C 319 13.60 -4.36 -1.33
CA GLU C 319 12.32 -3.92 -1.89
C GLU C 319 11.62 -2.88 -1.01
N LEU C 320 12.09 -2.66 0.21
CA LEU C 320 11.51 -1.67 1.09
C LEU C 320 12.22 -0.32 1.03
N ILE C 321 13.24 -0.19 0.19
CA ILE C 321 14.03 1.03 0.07
C ILE C 321 13.70 1.70 -1.24
N THR C 322 13.42 3.01 -1.19
CA THR C 322 13.08 3.77 -2.37
C THR C 322 14.30 4.39 -3.06
N LEU C 323 15.20 5.00 -2.28
CA LEU C 323 16.31 5.74 -2.86
C LEU C 323 17.52 5.69 -1.95
N PHE C 324 18.70 5.65 -2.56
CA PHE C 324 19.96 5.75 -1.86
C PHE C 324 20.62 7.07 -2.24
N ILE C 325 20.93 7.90 -1.25
CA ILE C 325 21.62 9.16 -1.46
C ILE C 325 23.04 9.02 -0.93
N SER C 326 24.02 9.14 -1.81
CA SER C 326 25.43 9.04 -1.45
C SER C 326 26.16 10.25 -2.03
N ASN C 327 27.48 10.27 -1.81
CA ASN C 327 28.29 11.41 -2.25
C ASN C 327 28.34 11.54 -3.77
N ILE C 328 27.91 10.50 -4.50
CA ILE C 328 27.86 10.57 -5.95
C ILE C 328 26.46 10.85 -6.48
N GLY C 329 25.48 11.00 -5.60
CA GLY C 329 24.13 11.33 -6.04
C GLY C 329 23.06 10.36 -5.56
N GLY C 330 21.94 10.32 -6.27
CA GLY C 330 20.82 9.46 -5.93
C GLY C 330 20.74 8.26 -6.86
N ASN C 331 20.45 7.10 -6.28
CA ASN C 331 20.37 5.86 -7.05
C ASN C 331 19.22 5.01 -6.53
N ALA C 332 18.74 4.14 -7.40
CA ALA C 332 17.77 3.13 -6.99
C ALA C 332 18.50 1.92 -6.43
N PRO C 333 17.85 1.14 -5.56
CA PRO C 333 18.48 -0.10 -5.07
C PRO C 333 18.84 -1.06 -6.18
N SER C 334 18.04 -1.13 -7.25
CA SER C 334 18.29 -2.07 -8.33
C SER C 334 19.59 -1.77 -9.06
N TYR C 335 20.16 -0.59 -8.88
CA TYR C 335 21.44 -0.23 -9.49
C TYR C 335 22.62 -0.49 -8.57
N ILE C 336 22.38 -0.89 -7.31
CA ILE C 336 23.46 -1.00 -6.34
C ILE C 336 24.54 -1.93 -6.84
N TYR C 337 24.14 -3.06 -7.46
CA TYR C 337 25.11 -4.02 -7.97
C TYR C 337 26.16 -3.35 -8.83
N ARG C 338 25.74 -2.43 -9.72
CA ARG C 338 26.70 -1.75 -10.58
C ARG C 338 27.69 -0.95 -9.75
N LEU C 339 27.17 -0.17 -8.79
CA LEU C 339 28.05 0.56 -7.89
C LEU C 339 28.96 -0.38 -7.12
N MET C 340 28.48 -1.61 -6.86
CA MET C 340 29.31 -2.58 -6.17
C MET C 340 30.36 -3.18 -7.10
N SER C 341 30.05 -3.30 -8.40
CA SER C 341 31.02 -3.82 -9.34
C SER C 341 32.10 -2.80 -9.68
N GLU C 342 31.82 -1.51 -9.51
CA GLU C 342 32.80 -0.47 -9.78
C GLU C 342 33.81 -0.31 -8.66
N LEU C 343 33.49 -0.76 -7.45
CA LEU C 343 34.34 -0.55 -6.28
C LEU C 343 35.17 -1.78 -5.90
N TYR C 344 34.64 -2.98 -6.11
CA TYR C 344 35.29 -4.19 -5.63
C TYR C 344 35.44 -5.22 -6.75
N HIS C 345 36.58 -5.89 -6.75
CA HIS C 345 36.81 -7.02 -7.65
C HIS C 345 36.09 -8.25 -7.14
N PRO C 346 35.47 -9.03 -8.02
CA PRO C 346 34.72 -10.22 -7.55
C PRO C 346 35.58 -11.27 -6.87
N ASP C 347 36.89 -11.26 -7.10
CA ASP C 347 37.78 -12.23 -6.46
C ASP C 347 38.10 -11.89 -5.01
N ASP C 348 37.82 -10.67 -4.57
CA ASP C 348 38.12 -10.23 -3.22
C ASP C 348 36.90 -10.32 -2.29
N HIS C 349 35.77 -10.83 -2.78
CA HIS C 349 34.57 -10.92 -1.93
C HIS C 349 34.80 -11.86 -0.75
N VAL C 350 35.44 -13.00 -0.99
CA VAL C 350 35.69 -13.95 0.09
C VAL C 350 36.73 -13.40 1.06
N LEU C 351 37.73 -12.70 0.53
CA LEU C 351 38.83 -12.15 1.33
C LEU C 351 39.55 -13.23 2.11
N GLY D 8 -57.01 12.17 -7.34
CA GLY D 8 -57.36 11.63 -8.65
C GLY D 8 -56.64 12.30 -9.79
N SER D 9 -57.29 13.31 -10.38
CA SER D 9 -56.67 14.04 -11.49
C SER D 9 -55.43 14.79 -11.03
N GLU D 10 -55.50 15.43 -9.86
CA GLU D 10 -54.34 16.15 -9.34
C GLU D 10 -53.18 15.20 -9.06
N LEU D 11 -53.48 14.03 -8.49
CA LEU D 11 -52.43 13.05 -8.23
C LEU D 11 -51.81 12.56 -9.54
N SER D 12 -52.63 12.34 -10.57
CA SER D 12 -52.09 11.92 -11.87
C SER D 12 -51.21 13.00 -12.46
N GLU D 13 -51.63 14.27 -12.36
CA GLU D 13 -50.79 15.36 -12.86
C GLU D 13 -49.48 15.44 -12.11
N ARG D 14 -49.51 15.26 -10.79
CA ARG D 14 -48.28 15.29 -10.00
C ARG D 14 -47.35 14.15 -10.40
N ILE D 15 -47.91 12.95 -10.60
CA ILE D 15 -47.08 11.80 -10.99
C ILE D 15 -46.47 12.04 -12.37
N GLU D 16 -47.26 12.55 -13.32
CA GLU D 16 -46.74 12.81 -14.65
C GLU D 16 -45.66 13.88 -14.62
N SER D 17 -45.87 14.94 -13.84
CA SER D 17 -44.86 15.99 -13.73
C SER D 17 -43.56 15.45 -13.12
N PHE D 18 -43.67 14.61 -12.09
CA PHE D 18 -42.49 14.01 -11.49
C PHE D 18 -41.75 13.13 -12.49
N VAL D 19 -42.49 12.32 -13.24
CA VAL D 19 -41.88 11.42 -14.21
C VAL D 19 -41.17 12.22 -15.30
N GLU D 20 -41.82 13.27 -15.81
CA GLU D 20 -41.22 14.08 -16.86
C GLU D 20 -40.00 14.84 -16.36
N THR D 21 -40.05 15.32 -15.11
CA THR D 21 -38.89 16.00 -14.53
C THR D 21 -37.72 15.03 -14.39
N LEU D 22 -38.00 13.80 -13.95
CA LEU D 22 -36.93 12.80 -13.86
C LEU D 22 -36.36 12.48 -15.24
N LYS D 23 -37.24 12.35 -16.24
CA LYS D 23 -36.78 12.00 -17.58
C LYS D 23 -35.94 13.10 -18.20
N ARG D 24 -36.32 14.36 -18.00
CA ARG D 24 -35.65 15.49 -18.61
C ARG D 24 -34.55 16.08 -17.73
N GLY D 25 -34.32 15.51 -16.55
CA GLY D 25 -33.31 16.03 -15.65
C GLY D 25 -33.78 17.26 -14.90
N GLY D 26 -32.88 17.78 -14.07
CA GLY D 26 -33.22 18.94 -13.27
C GLY D 26 -34.18 18.59 -12.15
N GLY D 27 -34.96 19.59 -11.74
CA GLY D 27 -35.90 19.41 -10.66
C GLY D 27 -35.26 19.61 -9.30
N PRO D 28 -35.34 18.60 -8.44
CA PRO D 28 -34.76 18.69 -7.10
C PRO D 28 -33.25 18.45 -7.14
N ARG D 29 -32.48 19.52 -6.92
CA ARG D 29 -31.02 19.38 -6.90
C ARG D 29 -30.58 18.53 -5.71
N SER D 30 -31.16 18.76 -4.54
CA SER D 30 -30.77 18.02 -3.34
C SER D 30 -31.36 16.61 -3.36
N SER D 31 -30.55 15.64 -2.96
CA SER D 31 -31.04 14.27 -2.84
C SER D 31 -32.07 14.15 -1.74
N GLU D 32 -31.88 14.88 -0.64
CA GLU D 32 -32.86 14.88 0.44
C GLU D 32 -34.19 15.45 -0.04
N GLU D 33 -34.15 16.51 -0.87
CA GLU D 33 -35.37 17.07 -1.42
C GLU D 33 -36.08 16.08 -2.31
N MET D 34 -35.32 15.34 -3.13
CA MET D 34 -35.94 14.32 -3.99
C MET D 34 -36.56 13.20 -3.17
N ALA D 35 -35.88 12.77 -2.11
CA ALA D 35 -36.46 11.75 -1.23
C ALA D 35 -37.74 12.25 -0.57
N ARG D 36 -37.74 13.51 -0.12
CA ARG D 36 -38.92 14.09 0.49
C ARG D 36 -40.08 14.15 -0.50
N GLU D 37 -39.80 14.57 -1.74
CA GLU D 37 -40.84 14.63 -2.76
C GLU D 37 -41.37 13.25 -3.09
N THR D 38 -40.50 12.25 -3.18
CA THR D 38 -40.95 10.89 -3.43
C THR D 38 -41.83 10.38 -2.31
N LEU D 39 -41.43 10.64 -1.06
CA LEU D 39 -42.25 10.21 0.07
C LEU D 39 -43.61 10.91 0.08
N GLY D 40 -43.63 12.21 -0.23
CA GLY D 40 -44.89 12.92 -0.33
C GLY D 40 -45.79 12.38 -1.42
N LEU D 41 -45.21 12.06 -2.58
CA LEU D 41 -45.98 11.48 -3.67
C LEU D 41 -46.55 10.12 -3.28
N LEU D 42 -45.75 9.29 -2.61
CA LEU D 42 -46.23 7.98 -2.18
C LEU D 42 -47.33 8.12 -1.13
N ARG D 43 -47.18 9.08 -0.22
CA ARG D 43 -48.23 9.33 0.77
C ARG D 43 -49.53 9.77 0.10
N GLN D 44 -49.43 10.65 -0.90
CA GLN D 44 -50.62 11.08 -1.63
C GLN D 44 -51.25 9.92 -2.38
N ILE D 45 -50.43 9.04 -2.97
CA ILE D 45 -50.95 7.87 -3.65
C ILE D 45 -51.72 6.98 -2.67
N ILE D 46 -51.15 6.77 -1.48
CA ILE D 46 -51.81 5.92 -0.49
C ILE D 46 -53.12 6.55 -0.04
N THR D 47 -53.12 7.87 0.21
CA THR D 47 -54.33 8.53 0.72
C THR D 47 -55.43 8.57 -0.32
N ASP D 48 -55.10 9.01 -1.55
CA ASP D 48 -56.14 9.32 -2.52
C ASP D 48 -56.65 8.07 -3.24
N HIS D 49 -55.75 7.21 -3.70
CA HIS D 49 -56.14 6.04 -4.46
C HIS D 49 -56.92 5.07 -3.56
N ARG D 50 -57.85 4.35 -4.18
CA ARG D 50 -58.72 3.42 -3.45
C ARG D 50 -58.15 2.02 -3.49
N TRP D 51 -58.01 1.42 -2.31
CA TRP D 51 -57.54 0.05 -2.18
C TRP D 51 -58.23 -0.59 -0.97
N SER D 52 -58.37 -1.92 -1.02
CA SER D 52 -59.06 -2.66 0.02
C SER D 52 -58.09 -3.34 0.98
N ASN D 53 -57.20 -4.17 0.45
CA ASN D 53 -56.27 -4.94 1.26
C ASN D 53 -54.84 -4.50 0.95
N ALA D 54 -53.88 -5.14 1.64
CA ALA D 54 -52.48 -4.77 1.47
C ALA D 54 -51.93 -5.18 0.11
N GLY D 55 -52.47 -6.26 -0.48
CA GLY D 55 -51.97 -6.72 -1.76
C GLY D 55 -52.19 -5.72 -2.88
N GLU D 56 -53.39 -5.13 -2.94
CA GLU D 56 -53.68 -4.13 -3.96
C GLU D 56 -52.79 -2.91 -3.79
N LEU D 57 -52.59 -2.45 -2.55
CA LEU D 57 -51.72 -1.31 -2.31
C LEU D 57 -50.29 -1.61 -2.72
N MET D 58 -49.80 -2.81 -2.40
CA MET D 58 -48.44 -3.19 -2.77
C MET D 58 -48.27 -3.25 -4.28
N GLU D 59 -49.26 -3.80 -4.99
CA GLU D 59 -49.19 -3.85 -6.44
C GLU D 59 -49.21 -2.46 -7.05
N LEU D 60 -50.06 -1.57 -6.52
CA LEU D 60 -50.12 -0.20 -7.02
C LEU D 60 -48.80 0.52 -6.80
N ILE D 61 -48.23 0.40 -5.60
CA ILE D 61 -46.95 1.02 -5.30
C ILE D 61 -45.86 0.44 -6.19
N ARG D 62 -45.91 -0.87 -6.43
CA ARG D 62 -44.93 -1.50 -7.31
C ARG D 62 -45.01 -0.94 -8.73
N ARG D 63 -46.22 -0.78 -9.25
CA ARG D 63 -46.37 -0.22 -10.60
C ARG D 63 -45.85 1.21 -10.66
N GLU D 64 -46.21 2.03 -9.68
CA GLU D 64 -45.75 3.42 -9.68
C GLU D 64 -44.24 3.50 -9.55
N GLY D 65 -43.65 2.69 -8.67
CA GLY D 65 -42.21 2.68 -8.51
C GLY D 65 -41.49 2.19 -9.75
N ARG D 66 -42.08 1.20 -10.44
CA ARG D 66 -41.52 0.75 -11.71
C ARG D 66 -41.51 1.88 -12.73
N ARG D 67 -42.62 2.62 -12.81
CA ARG D 67 -42.68 3.75 -13.75
C ARG D 67 -41.62 4.80 -13.42
N MET D 68 -41.52 5.19 -12.15
CA MET D 68 -40.55 6.21 -11.77
C MET D 68 -39.12 5.73 -11.98
N THR D 69 -38.83 4.47 -11.68
CA THR D 69 -37.49 3.93 -11.90
C THR D 69 -37.15 3.89 -13.38
N ALA D 70 -38.10 3.47 -14.22
CA ALA D 70 -37.86 3.45 -15.66
C ALA D 70 -37.72 4.87 -16.22
N ALA D 71 -38.30 5.85 -15.54
CA ALA D 71 -38.14 7.24 -15.99
C ALA D 71 -36.69 7.67 -15.95
N GLN D 72 -35.96 7.31 -14.90
CA GLN D 72 -34.54 7.63 -14.77
C GLN D 72 -33.89 6.59 -13.88
N PRO D 73 -33.28 5.56 -14.48
CA PRO D 73 -32.70 4.48 -13.66
C PRO D 73 -31.54 4.92 -12.79
N SER D 74 -30.86 6.01 -13.13
CA SER D 74 -29.69 6.44 -12.35
C SER D 74 -30.09 7.09 -11.04
N GLU D 75 -31.33 7.54 -10.90
CA GLU D 75 -31.81 8.15 -9.66
C GLU D 75 -32.35 7.04 -8.77
N THR D 76 -31.47 6.48 -7.94
CA THR D 76 -31.84 5.36 -7.08
C THR D 76 -32.63 5.77 -5.85
N THR D 77 -32.67 7.07 -5.53
CA THR D 77 -33.38 7.52 -4.34
C THR D 77 -34.88 7.25 -4.44
N VAL D 78 -35.46 7.43 -5.63
CA VAL D 78 -36.88 7.18 -5.82
C VAL D 78 -37.21 5.72 -5.57
N GLY D 79 -36.43 4.81 -6.16
CA GLY D 79 -36.65 3.40 -5.93
C GLY D 79 -36.41 2.99 -4.49
N ASN D 80 -35.41 3.60 -3.85
CA ASN D 80 -35.18 3.34 -2.43
C ASN D 80 -36.37 3.76 -1.59
N MET D 81 -36.95 4.92 -1.88
CA MET D 81 -38.15 5.35 -1.16
C MET D 81 -39.32 4.42 -1.41
N VAL D 82 -39.50 3.96 -2.65
CA VAL D 82 -40.58 3.04 -2.95
C VAL D 82 -40.42 1.75 -2.16
N ARG D 83 -39.19 1.21 -2.11
CA ARG D 83 -38.96 -0.02 -1.39
C ARG D 83 -39.09 0.18 0.12
N ARG D 84 -38.69 1.35 0.63
CA ARG D 84 -38.89 1.64 2.05
C ARG D 84 -40.37 1.68 2.40
N VAL D 85 -41.18 2.30 1.54
CA VAL D 85 -42.62 2.34 1.77
C VAL D 85 -43.21 0.94 1.71
N LEU D 86 -42.75 0.12 0.76
CA LEU D 86 -43.23 -1.26 0.68
C LEU D 86 -42.87 -2.05 1.94
N LYS D 87 -41.65 -1.87 2.44
CA LYS D 87 -41.24 -2.56 3.66
C LYS D 87 -42.05 -2.07 4.86
N ILE D 88 -42.34 -0.77 4.92
CA ILE D 88 -43.17 -0.23 5.99
C ILE D 88 -44.57 -0.84 5.94
N ILE D 89 -45.13 -0.94 4.74
CA ILE D 89 -46.46 -1.55 4.57
C ILE D 89 -46.43 -3.00 5.03
N ARG D 90 -45.39 -3.74 4.63
CA ARG D 90 -45.27 -5.14 5.04
C ARG D 90 -45.18 -5.26 6.56
N GLU D 91 -44.37 -4.41 7.20
CA GLU D 91 -44.23 -4.46 8.64
C GLU D 91 -45.54 -4.15 9.36
N GLU D 92 -46.26 -3.11 8.89
CA GLU D 92 -47.54 -2.77 9.50
C GLU D 92 -48.55 -3.89 9.33
N TYR D 93 -48.60 -4.49 8.13
CA TYR D 93 -49.54 -5.59 7.92
C TYR D 93 -49.19 -6.80 8.78
N GLY D 94 -47.90 -7.11 8.91
CA GLY D 94 -47.52 -8.22 9.76
C GLY D 94 -47.82 -7.96 11.22
N ARG D 95 -47.66 -6.72 11.68
CA ARG D 95 -47.98 -6.38 13.05
C ARG D 95 -49.48 -6.44 13.30
N LEU D 96 -50.29 -6.01 12.33
CA LEU D 96 -51.73 -5.96 12.51
C LEU D 96 -52.42 -7.29 12.20
N HIS D 97 -51.74 -8.22 11.55
CA HIS D 97 -52.35 -9.47 11.13
C HIS D 97 -51.72 -10.69 11.78
N GLY D 98 -50.40 -10.82 11.72
CA GLY D 98 -49.69 -11.97 12.28
C GLY D 98 -49.06 -11.65 13.62
N ARG D 99 -47.83 -12.11 13.80
CA ARG D 99 -47.10 -11.89 15.04
C ARG D 99 -45.73 -11.29 14.77
N GLN D 106 -37.07 -12.22 6.09
CA GLN D 106 -35.65 -12.49 6.19
C GLN D 106 -35.35 -13.99 6.04
N GLU D 107 -34.30 -14.31 5.30
CA GLU D 107 -33.88 -15.68 5.07
C GLU D 107 -32.63 -15.98 5.88
N SER D 108 -32.65 -17.07 6.64
CA SER D 108 -31.54 -17.43 7.50
C SER D 108 -31.56 -18.93 7.73
N LEU D 109 -30.43 -19.44 8.24
CA LEU D 109 -30.36 -20.86 8.59
C LEU D 109 -31.34 -21.18 9.72
N HIS D 110 -31.49 -20.27 10.68
CA HIS D 110 -32.44 -20.47 11.76
C HIS D 110 -33.86 -20.59 11.23
N LYS D 111 -34.25 -19.69 10.33
CA LYS D 111 -35.58 -19.75 9.74
C LYS D 111 -35.75 -20.99 8.87
N LEU D 112 -34.69 -21.37 8.15
CA LEU D 112 -34.75 -22.56 7.31
C LEU D 112 -34.95 -23.82 8.15
N LEU D 113 -34.27 -23.90 9.29
CA LEU D 113 -34.40 -25.07 10.15
C LEU D 113 -35.75 -25.08 10.87
N THR D 114 -36.06 -24.02 11.61
CA THR D 114 -37.30 -23.98 12.37
C THR D 114 -38.47 -23.48 11.52
N SER D 115 -38.70 -24.15 10.39
CA SER D 115 -39.80 -23.82 9.47
C SER D 115 -39.78 -22.34 9.07
N ASP D 121 -49.65 -14.06 2.69
CA ASP D 121 -51.05 -13.77 2.39
C ASP D 121 -51.41 -12.36 2.84
N PHE D 122 -51.58 -11.46 1.88
CA PHE D 122 -51.89 -10.06 2.15
C PHE D 122 -53.31 -9.69 1.75
N SER D 123 -54.21 -10.67 1.66
CA SER D 123 -55.57 -10.43 1.21
C SER D 123 -56.48 -9.89 2.31
N PHE D 124 -56.08 -9.98 3.57
CA PHE D 124 -56.91 -9.50 4.66
C PHE D 124 -56.95 -7.98 4.69
N HIS D 125 -58.08 -7.44 5.12
CA HIS D 125 -58.31 -6.00 5.17
C HIS D 125 -58.46 -5.53 6.62
N TYR D 126 -57.86 -4.38 6.93
CA TYR D 126 -57.96 -3.78 8.24
C TYR D 126 -58.23 -2.29 8.09
N ALA D 127 -59.06 -1.75 8.98
CA ALA D 127 -59.49 -0.36 8.86
C ALA D 127 -58.40 0.60 9.31
N GLN D 128 -57.60 0.23 10.30
CA GLN D 128 -56.59 1.12 10.86
C GLN D 128 -55.21 0.93 10.25
N LEU D 129 -55.08 0.08 9.23
CA LEU D 129 -53.79 -0.12 8.58
C LEU D 129 -53.30 1.14 7.89
N GLN D 130 -54.22 1.87 7.22
CA GLN D 130 -53.82 3.07 6.49
C GLN D 130 -53.26 4.14 7.41
N SER D 131 -53.89 4.33 8.58
CA SER D 131 -53.40 5.31 9.53
C SER D 131 -52.00 4.95 10.04
N ASN D 132 -51.77 3.67 10.31
CA ASN D 132 -50.45 3.23 10.73
C ASN D 132 -49.41 3.47 9.64
N ILE D 133 -49.77 3.18 8.39
CA ILE D 133 -48.85 3.42 7.28
C ILE D 133 -48.51 4.90 7.18
N ILE D 134 -49.54 5.75 7.29
CA ILE D 134 -49.32 7.20 7.16
C ILE D 134 -48.44 7.72 8.29
N GLU D 135 -48.69 7.28 9.52
CA GLU D 135 -47.87 7.76 10.63
C GLU D 135 -46.44 7.24 10.54
N ALA D 136 -46.25 6.01 10.05
CA ALA D 136 -44.89 5.51 9.83
C ALA D 136 -44.18 6.32 8.76
N ILE D 137 -44.88 6.68 7.68
CA ILE D 137 -44.28 7.51 6.63
C ILE D 137 -43.92 8.88 7.19
N ASN D 138 -44.79 9.45 8.02
CA ASN D 138 -44.50 10.75 8.63
C ASN D 138 -43.28 10.67 9.54
N GLU D 139 -43.16 9.59 10.32
CA GLU D 139 -41.99 9.41 11.16
C GLU D 139 -40.73 9.27 10.31
N LEU D 140 -40.82 8.55 9.19
CA LEU D 140 -39.69 8.43 8.28
C LEU D 140 -39.28 9.78 7.73
N LEU D 141 -40.26 10.61 7.35
CA LEU D 141 -39.95 11.95 6.86
C LEU D 141 -39.29 12.80 7.95
N VAL D 142 -39.80 12.70 9.18
CA VAL D 142 -39.22 13.46 10.29
C VAL D 142 -37.77 13.05 10.52
N GLU D 143 -37.50 11.75 10.49
CA GLU D 143 -36.11 11.29 10.60
C GLU D 143 -35.28 11.75 9.42
N LEU D 144 -35.88 11.86 8.23
CA LEU D 144 -35.18 12.34 7.05
C LEU D 144 -34.78 13.80 7.18
N GLU D 145 -35.61 14.61 7.86
CA GLU D 145 -35.31 16.03 7.96
C GLU D 145 -34.04 16.30 8.75
N GLY D 146 -33.75 15.46 9.74
CA GLY D 146 -32.59 15.70 10.60
C GLY D 146 -31.38 14.86 10.27
N THR D 147 -31.32 14.32 9.05
CA THR D 147 -30.23 13.44 8.67
C THR D 147 -28.91 14.19 8.56
N MET D 148 -28.91 15.37 7.92
CA MET D 148 -27.67 16.10 7.67
C MET D 148 -27.02 16.54 8.98
N GLU D 149 -27.81 17.04 9.93
CA GLU D 149 -27.25 17.45 11.21
C GLU D 149 -26.72 16.24 11.98
N ASN D 150 -27.42 15.11 11.90
CA ASN D 150 -26.95 13.90 12.57
C ASN D 150 -25.61 13.46 12.01
N ILE D 151 -25.45 13.51 10.68
CA ILE D 151 -24.17 13.14 10.07
C ILE D 151 -23.08 14.14 10.45
N ALA D 152 -23.40 15.43 10.43
CA ALA D 152 -22.39 16.45 10.72
C ALA D 152 -21.98 16.47 12.19
N ALA D 153 -22.83 15.98 13.10
CA ALA D 153 -22.49 15.98 14.51
C ALA D 153 -21.31 15.07 14.83
N GLN D 154 -20.92 14.18 13.92
CA GLN D 154 -19.81 13.26 14.13
C GLN D 154 -18.51 13.76 13.51
N ALA D 155 -18.48 15.02 13.07
CA ALA D 155 -17.30 15.54 12.37
C ALA D 155 -16.08 15.59 13.29
N LEU D 156 -16.27 15.98 14.55
CA LEU D 156 -15.14 16.15 15.46
C LEU D 156 -14.48 14.84 15.83
N GLU D 157 -15.20 13.72 15.76
CA GLU D 157 -14.62 12.43 16.09
C GLU D 157 -13.69 11.89 15.00
N HIS D 158 -13.66 12.52 13.82
CA HIS D 158 -12.88 12.01 12.71
C HIS D 158 -11.87 13.00 12.15
N ILE D 159 -11.88 14.26 12.59
CA ILE D 159 -10.94 15.27 12.11
C ILE D 159 -10.15 15.79 13.31
N HIS D 160 -8.83 15.74 13.20
CA HIS D 160 -7.94 16.25 14.23
C HIS D 160 -7.29 17.56 13.75
N SER D 161 -6.41 18.10 14.59
CA SER D 161 -5.81 19.39 14.31
C SER D 161 -4.81 19.29 13.16
N ASN D 162 -4.86 20.29 12.28
CA ASN D 162 -3.90 20.44 11.17
C ASN D 162 -3.95 19.23 10.23
N GLU D 163 -5.14 18.67 10.04
CA GLU D 163 -5.30 17.57 9.10
C GLU D 163 -5.42 18.08 7.67
N VAL D 164 -5.20 17.18 6.72
CA VAL D 164 -5.38 17.46 5.30
C VAL D 164 -6.49 16.56 4.78
N ILE D 165 -7.53 17.17 4.23
CA ILE D 165 -8.70 16.45 3.74
C ILE D 165 -8.78 16.64 2.23
N MET D 166 -9.11 15.57 1.52
CA MET D 166 -9.26 15.60 0.07
C MET D 166 -10.70 15.28 -0.30
N THR D 167 -11.28 16.12 -1.17
CA THR D 167 -12.65 15.95 -1.63
C THR D 167 -12.70 16.08 -3.14
N ILE D 168 -13.77 15.54 -3.74
CA ILE D 168 -13.99 15.63 -5.17
C ILE D 168 -15.43 16.06 -5.42
N GLY D 169 -15.62 16.96 -6.38
CA GLY D 169 -16.95 17.42 -6.70
C GLY D 169 -17.55 18.31 -5.62
N PHE D 170 -18.88 18.35 -5.58
CA PHE D 170 -19.63 19.16 -4.64
C PHE D 170 -20.63 18.26 -3.94
N SER D 171 -20.34 17.91 -2.69
CA SER D 171 -21.24 17.12 -1.86
C SER D 171 -21.72 17.99 -0.71
N ARG D 172 -23.04 18.12 -0.56
CA ARG D 172 -23.59 18.97 0.50
C ARG D 172 -23.35 18.35 1.87
N THR D 173 -23.44 17.02 1.97
CA THR D 173 -23.17 16.36 3.25
C THR D 173 -21.72 16.56 3.69
N VAL D 174 -20.78 16.44 2.76
CA VAL D 174 -19.38 16.67 3.09
C VAL D 174 -19.14 18.13 3.44
N GLU D 175 -19.85 19.05 2.75
CA GLU D 175 -19.73 20.46 3.08
C GLU D 175 -20.19 20.74 4.50
N ALA D 176 -21.33 20.17 4.90
CA ALA D 176 -21.81 20.33 6.27
C ALA D 176 -20.84 19.71 7.26
N PHE D 177 -20.31 18.53 6.93
CA PHE D 177 -19.31 17.86 7.77
C PHE D 177 -18.12 18.78 8.03
N LEU D 178 -17.55 19.34 6.97
CA LEU D 178 -16.36 20.17 7.11
C LEU D 178 -16.67 21.49 7.80
N LYS D 179 -17.83 22.08 7.51
CA LYS D 179 -18.20 23.34 8.16
C LYS D 179 -18.41 23.14 9.65
N GLU D 180 -19.03 22.02 10.06
CA GLU D 180 -19.17 21.74 11.48
C GLU D 180 -17.83 21.46 12.13
N ALA D 181 -16.95 20.74 11.44
CA ALA D 181 -15.64 20.44 12.01
C ALA D 181 -14.79 21.69 12.16
N ALA D 182 -14.95 22.67 11.26
CA ALA D 182 -14.11 23.86 11.28
C ALA D 182 -14.45 24.80 12.43
N ARG D 183 -15.58 24.61 13.10
CA ARG D 183 -15.94 25.50 14.21
C ARG D 183 -14.98 25.36 15.39
N LYS D 184 -14.26 24.24 15.51
CA LYS D 184 -13.38 24.01 16.63
C LYS D 184 -11.99 23.54 16.26
N ARG D 185 -11.73 23.17 15.00
CA ARG D 185 -10.44 22.67 14.59
C ARG D 185 -9.99 23.38 13.31
N LYS D 186 -8.69 23.47 13.14
CA LYS D 186 -8.08 24.06 11.94
C LYS D 186 -7.47 22.95 11.10
N PHE D 187 -7.81 22.94 9.81
CA PHE D 187 -7.32 21.92 8.90
C PHE D 187 -7.33 22.46 7.48
N HIS D 188 -6.75 21.70 6.57
CA HIS D 188 -6.70 22.04 5.15
C HIS D 188 -7.56 21.08 4.35
N VAL D 189 -8.23 21.61 3.33
CA VAL D 189 -9.10 20.83 2.47
C VAL D 189 -8.68 21.02 1.02
N ILE D 190 -8.49 19.92 0.31
CA ILE D 190 -8.15 19.94 -1.11
C ILE D 190 -9.36 19.44 -1.88
N VAL D 191 -9.81 20.23 -2.87
CA VAL D 191 -10.99 19.92 -3.66
C VAL D 191 -10.58 19.74 -5.10
N ALA D 192 -10.97 18.61 -5.69
CA ALA D 192 -10.73 18.33 -7.10
C ALA D 192 -11.99 18.68 -7.90
N GLU D 193 -11.81 19.46 -8.96
CA GLU D 193 -12.93 19.85 -9.80
C GLU D 193 -13.38 18.66 -10.65
N CYS D 194 -14.61 18.20 -10.41
CA CYS D 194 -15.13 17.00 -11.07
C CYS D 194 -15.48 17.35 -12.51
N ALA D 195 -14.47 17.33 -13.38
CA ALA D 195 -14.65 17.66 -14.77
C ALA D 195 -15.58 16.67 -15.44
N PRO D 196 -16.39 17.10 -16.43
CA PRO D 196 -16.43 18.45 -17.00
C PRO D 196 -17.22 19.46 -16.18
N PHE D 197 -18.25 19.01 -15.48
CA PHE D 197 -19.07 19.88 -14.64
C PHE D 197 -18.27 20.19 -13.37
N CYS D 198 -17.43 21.22 -13.45
CA CYS D 198 -16.49 21.50 -12.37
C CYS D 198 -17.21 22.07 -11.16
N GLN D 199 -18.03 21.25 -10.52
CA GLN D 199 -18.76 21.66 -9.32
C GLN D 199 -17.87 21.78 -8.10
N GLY D 200 -16.64 21.29 -8.17
CA GLY D 200 -15.71 21.44 -7.07
C GLY D 200 -15.31 22.88 -6.79
N HIS D 201 -15.43 23.76 -7.79
CA HIS D 201 -15.15 25.18 -7.56
C HIS D 201 -16.15 25.77 -6.58
N GLU D 202 -17.43 25.42 -6.72
CA GLU D 202 -18.43 25.91 -5.78
C GLU D 202 -18.15 25.41 -4.37
N MET D 203 -17.79 24.14 -4.23
CA MET D 203 -17.43 23.62 -2.91
C MET D 203 -16.23 24.35 -2.33
N ALA D 204 -15.21 24.60 -3.16
CA ALA D 204 -14.02 25.28 -2.67
C ALA D 204 -14.33 26.70 -2.21
N VAL D 205 -15.10 27.45 -3.00
CA VAL D 205 -15.41 28.83 -2.62
C VAL D 205 -16.32 28.86 -1.39
N ASN D 206 -17.25 27.90 -1.29
CA ASN D 206 -18.11 27.83 -0.11
C ASN D 206 -17.31 27.54 1.14
N LEU D 207 -16.36 26.61 1.05
CA LEU D 207 -15.53 26.27 2.21
C LEU D 207 -14.60 27.43 2.57
N SER D 208 -14.08 28.14 1.56
CA SER D 208 -13.23 29.30 1.83
C SER D 208 -14.03 30.43 2.48
N LYS D 209 -15.30 30.57 2.13
CA LYS D 209 -16.15 31.56 2.77
C LYS D 209 -16.37 31.27 4.25
N ALA D 210 -16.18 30.02 4.67
CA ALA D 210 -16.31 29.63 6.07
C ALA D 210 -15.00 29.70 6.83
N GLY D 211 -13.94 30.22 6.22
CA GLY D 211 -12.66 30.37 6.86
C GLY D 211 -11.71 29.21 6.70
N ILE D 212 -12.16 28.10 6.12
CA ILE D 212 -11.28 26.96 5.89
C ILE D 212 -10.32 27.26 4.75
N GLU D 213 -9.06 26.90 4.93
CA GLU D 213 -8.07 27.06 3.87
C GLU D 213 -8.23 25.93 2.86
N THR D 214 -8.47 26.30 1.60
CA THR D 214 -8.83 25.35 0.57
C THR D 214 -7.95 25.52 -0.66
N THR D 215 -7.77 24.42 -1.40
CA THR D 215 -6.99 24.39 -2.62
C THR D 215 -7.85 23.87 -3.75
N VAL D 216 -7.70 24.47 -4.94
CA VAL D 216 -8.40 24.05 -6.14
C VAL D 216 -7.40 23.39 -7.07
N MET D 217 -7.74 22.20 -7.55
CA MET D 217 -6.89 21.47 -8.48
C MET D 217 -7.76 20.60 -9.38
N THR D 218 -7.18 20.17 -10.49
CA THR D 218 -7.87 19.28 -11.40
C THR D 218 -7.74 17.82 -10.94
N ASP D 219 -8.57 16.96 -11.53
CA ASP D 219 -8.52 15.54 -11.19
C ASP D 219 -7.20 14.91 -11.59
N ALA D 220 -6.54 15.45 -12.62
CA ALA D 220 -5.27 14.90 -13.06
C ALA D 220 -4.21 14.91 -11.98
N ALA D 221 -4.34 15.78 -10.97
CA ALA D 221 -3.40 15.88 -9.88
C ALA D 221 -3.79 15.04 -8.67
N ILE D 222 -4.91 14.30 -8.75
CA ILE D 222 -5.41 13.57 -7.58
C ILE D 222 -4.33 12.64 -7.03
N PHE D 223 -3.68 11.88 -7.92
CA PHE D 223 -2.60 11.01 -7.48
C PHE D 223 -1.43 11.83 -6.94
N ALA D 224 -1.06 12.90 -7.64
CA ALA D 224 0.18 13.61 -7.36
C ALA D 224 0.21 14.15 -5.93
N VAL D 225 -0.91 14.71 -5.47
CA VAL D 225 -0.98 15.24 -4.11
C VAL D 225 -1.43 14.21 -3.09
N MET D 226 -1.82 13.00 -3.53
CA MET D 226 -2.36 12.01 -2.60
C MET D 226 -1.35 11.61 -1.54
N SER D 227 -0.05 11.72 -1.83
CA SER D 227 0.98 11.39 -0.85
C SER D 227 1.01 12.36 0.32
N ARG D 228 0.37 13.52 0.20
CA ARG D 228 0.36 14.52 1.27
C ARG D 228 -1.03 14.69 1.89
N VAL D 229 -1.92 13.74 1.66
CA VAL D 229 -3.29 13.79 2.17
C VAL D 229 -3.41 12.81 3.33
N ASN D 230 -4.05 13.26 4.41
CA ASN D 230 -4.20 12.42 5.60
C ASN D 230 -5.41 11.48 5.49
N LYS D 231 -6.54 11.98 5.00
CA LYS D 231 -7.70 11.12 4.79
C LYS D 231 -8.57 11.76 3.71
N VAL D 232 -9.46 10.94 3.15
CA VAL D 232 -10.34 11.34 2.06
C VAL D 232 -11.78 11.23 2.54
N ILE D 233 -12.54 12.32 2.39
CA ILE D 233 -13.96 12.36 2.74
C ILE D 233 -14.73 12.72 1.49
N ILE D 234 -15.62 11.82 1.06
CA ILE D 234 -16.37 11.98 -0.18
C ILE D 234 -17.82 11.63 0.05
N GLY D 235 -18.68 12.16 -0.83
CA GLY D 235 -20.06 11.75 -0.91
C GLY D 235 -20.26 10.68 -1.98
N THR D 236 -21.52 10.28 -2.14
CA THR D 236 -21.86 9.27 -3.13
C THR D 236 -23.29 9.47 -3.58
N LYS D 237 -23.61 8.90 -4.74
CA LYS D 237 -24.97 8.89 -5.26
C LYS D 237 -25.75 7.68 -4.77
N THR D 238 -25.14 6.49 -4.81
CA THR D 238 -25.79 5.26 -4.41
C THR D 238 -24.80 4.38 -3.66
N ILE D 239 -25.32 3.56 -2.76
CA ILE D 239 -24.55 2.53 -2.07
C ILE D 239 -25.19 1.19 -2.41
N LEU D 240 -24.39 0.27 -2.95
CA LEU D 240 -24.88 -1.03 -3.37
C LEU D 240 -24.92 -2.01 -2.19
N ALA D 241 -25.52 -3.18 -2.45
CA ALA D 241 -25.74 -4.15 -1.37
C ALA D 241 -24.44 -4.72 -0.83
N ASN D 242 -23.39 -4.78 -1.65
CA ASN D 242 -22.10 -5.31 -1.23
C ASN D 242 -21.20 -4.25 -0.63
N GLY D 243 -21.67 -3.01 -0.50
CA GLY D 243 -20.85 -1.92 -0.03
C GLY D 243 -20.16 -1.12 -1.11
N ALA D 244 -20.46 -1.40 -2.38
CA ALA D 244 -19.88 -0.66 -3.49
C ALA D 244 -20.57 0.70 -3.63
N LEU D 245 -19.92 1.60 -4.36
CA LEU D 245 -20.39 2.96 -4.52
C LEU D 245 -20.71 3.26 -5.98
N ARG D 246 -21.79 4.01 -6.18
CA ARG D 246 -22.05 4.71 -7.43
C ARG D 246 -21.78 6.19 -7.14
N ALA D 247 -20.61 6.67 -7.52
CA ALA D 247 -20.20 8.02 -7.20
C ALA D 247 -20.04 8.83 -8.48
N VAL D 248 -19.58 10.07 -8.34
CA VAL D 248 -19.29 10.88 -9.52
C VAL D 248 -18.07 10.33 -10.23
N THR D 249 -17.96 10.59 -11.53
CA THR D 249 -16.85 10.07 -12.30
C THR D 249 -15.53 10.63 -11.78
N GLY D 250 -14.50 9.79 -11.82
CA GLY D 250 -13.22 10.14 -11.24
C GLY D 250 -13.04 9.70 -9.79
N THR D 251 -14.11 9.22 -9.14
CA THR D 251 -14.00 8.77 -7.76
C THR D 251 -13.30 7.43 -7.64
N HIS D 252 -13.41 6.58 -8.66
CA HIS D 252 -12.69 5.31 -8.64
C HIS D 252 -11.18 5.54 -8.66
N THR D 253 -10.72 6.51 -9.46
CA THR D 253 -9.29 6.85 -9.47
C THR D 253 -8.84 7.40 -8.13
N LEU D 254 -9.66 8.24 -7.51
CA LEU D 254 -9.34 8.77 -6.18
C LEU D 254 -9.26 7.66 -5.15
N ALA D 255 -10.20 6.71 -5.20
CA ALA D 255 -10.18 5.59 -4.27
C ALA D 255 -8.94 4.71 -4.49
N LEU D 256 -8.58 4.47 -5.75
CA LEU D 256 -7.37 3.69 -6.03
C LEU D 256 -6.12 4.41 -5.52
N ALA D 257 -6.05 5.73 -5.71
CA ALA D 257 -4.90 6.49 -5.22
C ALA D 257 -4.83 6.44 -3.69
N ALA D 258 -5.98 6.56 -3.03
CA ALA D 258 -5.99 6.48 -1.57
C ALA D 258 -5.57 5.09 -1.09
N LYS D 259 -6.03 4.04 -1.78
CA LYS D 259 -5.64 2.68 -1.41
C LYS D 259 -4.16 2.44 -1.63
N HIS D 260 -3.58 3.09 -2.65
CA HIS D 260 -2.15 2.92 -2.91
C HIS D 260 -1.31 3.42 -1.74
N HIS D 261 -1.76 4.49 -1.09
CA HIS D 261 -1.06 5.07 0.05
C HIS D 261 -1.66 4.67 1.39
N SER D 262 -2.59 3.71 1.39
CA SER D 262 -3.28 3.28 2.60
C SER D 262 -3.98 4.45 3.29
N THR D 263 -4.36 5.45 2.51
CA THR D 263 -5.06 6.60 3.06
C THR D 263 -6.52 6.22 3.34
N PRO D 264 -7.00 6.42 4.56
CA PRO D 264 -8.40 6.08 4.87
C PRO D 264 -9.35 6.89 4.01
N LEU D 265 -10.41 6.23 3.54
CA LEU D 265 -11.43 6.85 2.71
C LEU D 265 -12.76 6.78 3.44
N ILE D 266 -13.35 7.94 3.70
CA ILE D 266 -14.60 8.04 4.45
C ILE D 266 -15.70 8.48 3.50
N VAL D 267 -16.82 7.76 3.52
CA VAL D 267 -17.98 8.09 2.70
C VAL D 267 -19.05 8.63 3.63
N CYS D 268 -19.35 9.92 3.49
CA CYS D 268 -20.42 10.56 4.25
C CYS D 268 -21.69 10.48 3.41
N ALA D 269 -22.51 9.47 3.68
CA ALA D 269 -23.69 9.22 2.89
C ALA D 269 -24.87 8.89 3.80
N PRO D 270 -26.02 9.54 3.59
CA PRO D 270 -27.20 9.23 4.41
C PRO D 270 -27.70 7.82 4.15
N MET D 271 -28.53 7.34 5.08
CA MET D 271 -29.07 5.99 4.99
C MET D 271 -30.04 5.81 3.82
N PHE D 272 -30.59 6.89 3.28
CA PHE D 272 -31.57 6.75 2.21
C PHE D 272 -30.94 6.56 0.85
N LYS D 273 -29.61 6.52 0.77
CA LYS D 273 -28.91 6.26 -0.48
C LYS D 273 -28.50 4.80 -0.62
N LEU D 274 -28.96 3.94 0.28
CA LEU D 274 -28.67 2.51 0.19
C LEU D 274 -29.66 1.82 -0.73
N SER D 275 -29.15 1.12 -1.73
CA SER D 275 -29.98 0.44 -2.72
C SER D 275 -29.71 -1.05 -2.68
N PRO D 276 -30.74 -1.89 -2.57
CA PRO D 276 -30.51 -3.34 -2.43
C PRO D 276 -30.11 -4.02 -3.73
N GLN D 277 -29.76 -3.22 -4.74
CA GLN D 277 -29.30 -3.77 -6.01
C GLN D 277 -27.85 -4.22 -5.89
N PHE D 278 -27.40 -4.97 -6.88
CA PHE D 278 -26.05 -5.51 -6.93
C PHE D 278 -25.35 -5.05 -8.19
N PRO D 279 -24.02 -5.08 -8.22
CA PRO D 279 -23.28 -4.53 -9.38
C PRO D 279 -23.35 -5.43 -10.62
N ASN D 280 -24.24 -6.42 -10.60
CA ASN D 280 -24.40 -7.28 -11.78
C ASN D 280 -24.93 -6.51 -12.97
N GLU D 281 -25.78 -5.51 -12.75
CA GLU D 281 -26.33 -4.73 -13.84
C GLU D 281 -25.24 -3.98 -14.59
N GLU D 282 -25.36 -3.93 -15.92
CA GLU D 282 -24.35 -3.35 -16.78
C GLU D 282 -24.99 -2.43 -17.80
N ASP D 283 -24.21 -1.45 -18.26
CA ASP D 283 -24.54 -0.57 -19.38
C ASP D 283 -25.63 0.43 -19.02
N SER D 284 -26.19 0.32 -17.82
CA SER D 284 -27.11 1.32 -17.29
C SER D 284 -26.58 1.97 -16.02
N PHE D 285 -25.46 1.50 -15.49
CA PHE D 285 -24.89 2.06 -14.27
C PHE D 285 -24.51 3.52 -14.45
N HIS D 286 -23.57 3.78 -15.35
CA HIS D 286 -23.14 5.15 -15.61
C HIS D 286 -24.20 5.92 -16.38
N LYS D 287 -24.24 7.23 -16.16
CA LYS D 287 -25.13 8.12 -16.88
C LYS D 287 -24.34 8.78 -18.00
N PHE D 288 -24.77 8.57 -19.24
CA PHE D 288 -24.11 9.12 -20.42
C PHE D 288 -24.86 10.35 -20.90
N VAL D 289 -24.14 11.46 -21.03
CA VAL D 289 -24.74 12.73 -21.41
C VAL D 289 -24.14 13.18 -22.73
N ALA D 290 -24.56 14.34 -23.22
CA ALA D 290 -24.15 14.80 -24.53
C ALA D 290 -22.63 14.97 -24.59
N PRO D 291 -22.00 14.60 -25.71
CA PRO D 291 -20.54 14.77 -25.82
C PRO D 291 -20.08 16.21 -25.83
N GLU D 292 -20.99 17.18 -25.88
CA GLU D 292 -20.60 18.59 -25.88
C GLU D 292 -19.83 18.96 -24.63
N GLU D 293 -20.11 18.30 -23.51
CA GLU D 293 -19.41 18.61 -22.27
C GLU D 293 -17.92 18.28 -22.35
N VAL D 294 -17.56 17.28 -23.16
CA VAL D 294 -16.17 16.84 -23.27
C VAL D 294 -15.50 17.42 -24.52
N LEU D 295 -16.17 17.34 -25.66
CA LEU D 295 -15.64 17.86 -26.92
C LEU D 295 -16.66 18.83 -27.50
N PRO D 296 -16.33 20.11 -27.65
CA PRO D 296 -17.32 21.08 -28.12
C PRO D 296 -17.72 20.84 -29.56
N PHE D 297 -18.92 21.32 -29.89
CA PHE D 297 -19.45 21.19 -31.24
C PHE D 297 -18.64 21.97 -32.27
N THR D 298 -17.86 22.95 -31.83
CA THR D 298 -17.10 23.80 -32.74
C THR D 298 -15.83 23.13 -33.26
N GLU D 299 -15.58 21.87 -32.90
CA GLU D 299 -14.39 21.18 -33.40
C GLU D 299 -14.45 21.03 -34.92
N GLY D 300 -15.62 20.68 -35.46
CA GLY D 300 -15.80 20.67 -36.90
C GLY D 300 -15.90 19.30 -37.52
N ASP D 301 -15.06 19.07 -38.54
CA ASP D 301 -15.15 17.83 -39.33
C ASP D 301 -14.71 16.61 -38.53
N ILE D 302 -13.72 16.76 -37.65
CA ILE D 302 -13.19 15.61 -36.92
C ILE D 302 -14.24 14.96 -36.03
N LEU D 303 -15.31 15.69 -35.69
CA LEU D 303 -16.39 15.11 -34.91
C LEU D 303 -17.14 14.02 -35.65
N GLU D 304 -16.97 13.92 -36.97
CA GLU D 304 -17.68 12.91 -37.74
C GLU D 304 -17.17 11.50 -37.48
N LYS D 305 -15.87 11.37 -37.18
CA LYS D 305 -15.24 10.05 -37.06
C LYS D 305 -14.61 9.83 -35.70
N VAL D 306 -15.04 10.55 -34.67
CA VAL D 306 -14.51 10.41 -33.33
C VAL D 306 -15.65 10.01 -32.40
N SER D 307 -15.45 8.94 -31.63
CA SER D 307 -16.42 8.50 -30.64
C SER D 307 -16.11 9.20 -29.32
N VAL D 308 -17.09 9.96 -28.82
CA VAL D 308 -16.95 10.72 -27.58
C VAL D 308 -17.98 10.18 -26.59
N HIS D 309 -17.50 9.75 -25.43
CA HIS D 309 -18.36 9.23 -24.38
C HIS D 309 -18.11 10.02 -23.10
N CYS D 310 -19.18 10.40 -22.42
CA CYS D 310 -19.11 11.21 -21.20
C CYS D 310 -19.92 10.53 -20.11
N PRO D 311 -19.35 9.54 -19.43
CA PRO D 311 -20.05 8.93 -18.29
C PRO D 311 -20.02 9.86 -17.09
N VAL D 312 -21.17 10.01 -16.44
CA VAL D 312 -21.28 10.91 -15.29
C VAL D 312 -20.90 10.20 -14.00
N PHE D 313 -21.19 8.90 -13.88
CA PHE D 313 -21.01 8.18 -12.64
C PHE D 313 -19.99 7.06 -12.81
N ASP D 314 -19.42 6.65 -11.67
CA ASP D 314 -18.36 5.66 -11.60
C ASP D 314 -18.68 4.63 -10.54
N TYR D 315 -18.17 3.42 -10.75
CA TYR D 315 -18.35 2.30 -9.84
C TYR D 315 -17.10 2.14 -8.98
N VAL D 316 -17.29 2.11 -7.67
CA VAL D 316 -16.21 1.97 -6.70
C VAL D 316 -16.39 0.65 -5.97
N PRO D 317 -15.44 -0.28 -6.06
CA PRO D 317 -15.59 -1.54 -5.35
C PRO D 317 -15.56 -1.35 -3.84
N PRO D 318 -16.24 -2.20 -3.09
CA PRO D 318 -16.28 -2.02 -1.62
C PRO D 318 -14.93 -2.14 -0.93
N GLU D 319 -13.95 -2.82 -1.54
CA GLU D 319 -12.67 -3.01 -0.88
C GLU D 319 -11.84 -1.73 -0.83
N LEU D 320 -12.25 -0.68 -1.54
CA LEU D 320 -11.55 0.60 -1.51
C LEU D 320 -12.14 1.58 -0.51
N ILE D 321 -13.18 1.18 0.21
CA ILE D 321 -13.87 2.06 1.15
C ILE D 321 -13.52 1.62 2.57
N THR D 322 -13.14 2.58 3.41
CA THR D 322 -12.78 2.28 4.78
C THR D 322 -13.95 2.39 5.76
N LEU D 323 -14.77 3.43 5.63
CA LEU D 323 -15.82 3.68 6.62
C LEU D 323 -16.99 4.38 5.96
N PHE D 324 -18.20 4.04 6.42
CA PHE D 324 -19.43 4.71 6.01
C PHE D 324 -19.97 5.46 7.23
N ILE D 325 -20.19 6.76 7.07
CA ILE D 325 -20.77 7.60 8.11
C ILE D 325 -22.17 7.98 7.68
N SER D 326 -23.17 7.54 8.45
CA SER D 326 -24.56 7.85 8.19
C SER D 326 -25.21 8.39 9.46
N ASN D 327 -26.52 8.68 9.37
CA ASN D 327 -27.23 9.26 10.50
C ASN D 327 -27.31 8.31 11.69
N ILE D 328 -27.00 7.02 11.49
CA ILE D 328 -26.98 6.05 12.57
C ILE D 328 -25.58 5.78 13.09
N GLY D 329 -24.56 6.44 12.53
CA GLY D 329 -23.21 6.26 13.03
C GLY D 329 -22.22 5.80 11.98
N GLY D 330 -21.13 5.19 12.44
CA GLY D 330 -20.09 4.69 11.55
C GLY D 330 -20.18 3.17 11.40
N ASN D 331 -19.87 2.70 10.20
CA ASN D 331 -19.96 1.28 9.90
C ASN D 331 -18.89 0.90 8.90
N ALA D 332 -18.54 -0.38 8.90
CA ALA D 332 -17.66 -0.91 7.88
C ALA D 332 -18.48 -1.34 6.66
N PRO D 333 -17.87 -1.37 5.48
CA PRO D 333 -18.60 -1.86 4.30
C PRO D 333 -19.08 -3.30 4.45
N SER D 334 -18.32 -4.15 5.16
CA SER D 334 -18.69 -5.54 5.31
C SER D 334 -19.99 -5.71 6.09
N TYR D 335 -20.44 -4.69 6.80
CA TYR D 335 -21.70 -4.73 7.53
C TYR D 335 -22.88 -4.17 6.73
N ILE D 336 -22.62 -3.61 5.54
CA ILE D 336 -23.67 -2.92 4.81
C ILE D 336 -24.86 -3.84 4.56
N TYR D 337 -24.60 -5.10 4.22
CA TYR D 337 -25.67 -6.06 3.97
C TYR D 337 -26.68 -6.08 5.11
N ARG D 338 -26.20 -6.07 6.36
CA ARG D 338 -27.12 -6.14 7.48
C ARG D 338 -28.03 -4.92 7.50
N LEU D 339 -27.47 -3.73 7.27
CA LEU D 339 -28.31 -2.54 7.16
C LEU D 339 -29.30 -2.71 6.02
N MET D 340 -28.84 -3.26 4.89
CA MET D 340 -29.75 -3.48 3.77
C MET D 340 -30.81 -4.50 4.11
N SER D 341 -30.52 -5.40 5.05
CA SER D 341 -31.55 -6.34 5.50
C SER D 341 -32.57 -5.67 6.40
N GLU D 342 -32.18 -4.61 7.09
CA GLU D 342 -33.07 -3.91 8.02
C GLU D 342 -33.97 -2.91 7.34
N LEU D 343 -33.69 -2.55 6.09
CA LEU D 343 -34.46 -1.53 5.38
C LEU D 343 -35.39 -2.08 4.31
N TYR D 344 -35.00 -3.17 3.63
CA TYR D 344 -35.73 -3.66 2.47
C TYR D 344 -36.00 -5.15 2.60
N HIS D 345 -37.20 -5.55 2.17
CA HIS D 345 -37.56 -6.96 2.07
C HIS D 345 -36.91 -7.58 0.83
N PRO D 346 -36.40 -8.80 0.92
CA PRO D 346 -35.73 -9.42 -0.25
C PRO D 346 -36.66 -9.61 -1.44
N ASP D 347 -37.97 -9.66 -1.25
CA ASP D 347 -38.89 -9.84 -2.35
C ASP D 347 -39.15 -8.55 -3.14
N ASP D 348 -38.73 -7.40 -2.61
CA ASP D 348 -38.94 -6.12 -3.29
C ASP D 348 -37.74 -5.65 -4.07
N HIS D 349 -36.66 -6.44 -4.13
CA HIS D 349 -35.48 -6.03 -4.87
C HIS D 349 -35.77 -5.89 -6.37
N VAL D 350 -36.52 -6.84 -6.93
CA VAL D 350 -36.86 -6.77 -8.34
C VAL D 350 -37.82 -5.62 -8.61
N LEU D 351 -38.76 -5.38 -7.70
CA LEU D 351 -39.76 -4.33 -7.83
C LEU D 351 -40.59 -4.50 -9.08
N MET E 1 20.74 44.08 -32.62
CA MET E 1 20.03 45.17 -33.27
C MET E 1 18.82 44.65 -34.05
N GLU E 2 17.70 44.46 -33.35
CA GLU E 2 16.49 43.98 -33.97
C GLU E 2 15.65 45.09 -34.60
N PHE E 3 16.01 46.35 -34.38
CA PHE E 3 15.25 47.46 -34.92
C PHE E 3 16.16 48.65 -35.21
N GLN E 4 15.91 49.32 -36.32
CA GLN E 4 16.58 50.56 -36.68
C GLN E 4 15.52 51.66 -36.75
N ALA E 5 15.71 52.71 -35.96
CA ALA E 5 14.74 53.80 -35.93
C ALA E 5 14.86 54.66 -37.18
N VAL E 6 13.73 54.96 -37.80
CA VAL E 6 13.69 55.73 -39.04
C VAL E 6 12.51 56.69 -38.94
N VAL E 7 12.74 57.96 -39.28
CA VAL E 7 11.74 59.02 -39.14
C VAL E 7 11.48 59.65 -40.49
N MET E 8 10.20 59.76 -40.87
CA MET E 8 9.76 60.34 -42.12
C MET E 8 9.38 61.80 -41.94
N ALA E 9 9.83 62.66 -42.85
CA ALA E 9 9.44 64.06 -42.88
C ALA E 9 9.61 64.55 -44.31
N VAL E 10 8.50 64.79 -45.00
CA VAL E 10 8.53 65.24 -46.39
C VAL E 10 7.47 66.31 -46.63
N LEU E 27 9.58 68.82 -38.91
CA LEU E 27 8.36 69.53 -39.29
C LEU E 27 8.29 70.79 -38.42
N LEU E 28 7.47 71.75 -38.83
CA LEU E 28 7.39 73.04 -38.14
C LEU E 28 7.06 72.85 -36.67
N PRO E 29 7.78 73.50 -35.75
CA PRO E 29 7.54 73.28 -34.31
C PRO E 29 6.28 73.97 -33.81
N VAL E 30 5.13 73.31 -33.97
CA VAL E 30 3.85 73.85 -33.50
C VAL E 30 3.60 73.25 -32.12
N GLY E 31 4.05 73.96 -31.09
CA GLY E 31 3.81 73.52 -29.73
C GLY E 31 4.83 74.12 -28.79
N ASN E 32 4.76 73.68 -27.52
CA ASN E 32 5.72 74.11 -26.53
C ASN E 32 7.14 73.66 -26.90
N LYS E 33 7.26 72.42 -27.36
CA LYS E 33 8.50 71.86 -27.86
C LYS E 33 8.36 71.55 -29.35
N PRO E 34 9.47 71.42 -30.07
CA PRO E 34 9.37 71.06 -31.50
C PRO E 34 8.64 69.75 -31.68
N LEU E 35 7.85 69.69 -32.76
CA LEU E 35 7.00 68.53 -33.00
C LEU E 35 7.83 67.27 -33.20
N ILE E 36 8.97 67.39 -33.89
CA ILE E 36 9.84 66.25 -34.11
C ILE E 36 10.45 65.73 -32.81
N TRP E 37 10.49 66.56 -31.76
CA TRP E 37 11.13 66.16 -30.52
C TRP E 37 10.38 65.02 -29.84
N TYR E 38 9.04 65.05 -29.86
CA TYR E 38 8.27 64.04 -29.14
C TYR E 38 8.50 62.63 -29.66
N PRO E 39 8.46 62.34 -30.96
CA PRO E 39 8.87 61.00 -31.41
C PRO E 39 10.31 60.68 -31.04
N LEU E 40 11.21 61.66 -31.15
CA LEU E 40 12.59 61.45 -30.76
C LEU E 40 12.70 61.13 -29.27
N ASN E 41 11.95 61.86 -28.44
CA ASN E 41 11.95 61.60 -27.01
C ASN E 41 11.43 60.21 -26.70
N LEU E 42 10.33 59.80 -27.37
CA LEU E 42 9.77 58.48 -27.15
C LEU E 42 10.77 57.39 -27.51
N LEU E 43 11.44 57.54 -28.66
CA LEU E 43 12.45 56.56 -29.05
C LEU E 43 13.62 56.55 -28.06
N GLU E 44 13.97 57.72 -27.52
CA GLU E 44 15.08 57.78 -26.57
C GLU E 44 14.73 57.05 -25.27
N ARG E 45 13.53 57.29 -24.72
CA ARG E 45 13.18 56.60 -23.48
C ARG E 45 12.95 55.11 -23.72
N VAL E 46 12.47 54.73 -24.90
CA VAL E 46 12.21 53.32 -25.14
C VAL E 46 13.50 52.52 -25.28
N GLY E 47 14.63 53.18 -25.51
CA GLY E 47 15.91 52.49 -25.50
C GLY E 47 16.78 52.69 -26.72
N PHE E 48 16.25 53.39 -27.73
CA PHE E 48 17.02 53.64 -28.94
C PHE E 48 18.16 54.63 -28.68
N GLU E 49 19.26 54.43 -29.41
CA GLU E 49 20.40 55.33 -29.34
C GLU E 49 20.83 55.88 -30.69
N GLU E 50 20.52 55.19 -31.79
CA GLU E 50 20.84 55.65 -33.14
C GLU E 50 19.52 55.84 -33.88
N VAL E 51 19.31 57.04 -34.41
CA VAL E 51 18.06 57.40 -35.09
C VAL E 51 18.40 58.02 -36.44
N ILE E 52 17.59 57.70 -37.45
CA ILE E 52 17.75 58.22 -38.79
C ILE E 52 16.53 59.09 -39.12
N VAL E 53 16.80 60.33 -39.53
CA VAL E 53 15.75 61.29 -39.85
C VAL E 53 15.93 61.71 -41.31
N VAL E 54 14.83 61.72 -42.05
CA VAL E 54 14.80 62.22 -43.42
C VAL E 54 14.04 63.55 -43.40
N THR E 55 14.74 64.63 -43.70
CA THR E 55 14.19 65.98 -43.56
C THR E 55 13.67 66.49 -44.90
N THR E 56 12.65 67.33 -44.82
CA THR E 56 12.04 67.90 -46.02
C THR E 56 12.99 68.86 -46.71
N ARG E 57 12.94 68.86 -48.05
CA ARG E 57 13.74 69.76 -48.86
C ARG E 57 12.92 70.47 -49.93
N ASP E 58 11.59 70.33 -49.91
CA ASP E 58 10.76 71.01 -50.89
C ASP E 58 10.87 72.53 -50.75
N VAL E 59 10.84 73.03 -49.52
CA VAL E 59 11.00 74.46 -49.28
C VAL E 59 12.45 74.81 -48.98
N GLN E 60 13.06 74.12 -48.02
CA GLN E 60 14.45 74.36 -47.66
C GLN E 60 14.94 73.19 -46.83
N LYS E 61 16.10 72.64 -47.19
CA LYS E 61 16.69 71.54 -46.44
C LYS E 61 17.46 72.06 -45.23
N ALA E 62 16.80 72.88 -44.42
CA ALA E 62 17.42 73.45 -43.23
C ALA E 62 16.95 72.79 -41.94
N LEU E 63 16.13 71.75 -42.03
CA LEU E 63 15.69 71.05 -40.82
C LEU E 63 16.87 70.37 -40.13
N CYS E 64 17.87 69.93 -40.87
CA CYS E 64 19.08 69.40 -40.27
C CYS E 64 19.79 70.46 -39.44
N ALA E 65 19.87 71.68 -39.97
CA ALA E 65 20.48 72.77 -39.22
C ALA E 65 19.67 73.09 -37.95
N GLU E 66 18.34 73.05 -38.06
CA GLU E 66 17.50 73.30 -36.89
C GLU E 66 17.71 72.22 -35.82
N PHE E 67 17.81 70.96 -36.24
CA PHE E 67 17.99 69.87 -35.30
C PHE E 67 19.43 69.74 -34.80
N LYS E 68 20.39 70.41 -35.45
CA LYS E 68 21.76 70.38 -34.96
C LYS E 68 21.92 71.06 -33.61
N MET E 69 20.93 71.85 -33.19
CA MET E 69 20.96 72.51 -31.90
C MET E 69 20.28 71.69 -30.80
N LYS E 70 19.80 70.48 -31.12
CA LYS E 70 19.14 69.64 -30.14
C LYS E 70 20.16 68.96 -29.23
N MET E 71 19.67 68.45 -28.10
CA MET E 71 20.51 67.78 -27.11
C MET E 71 20.25 66.28 -27.05
N LYS E 72 19.71 65.70 -28.10
CA LYS E 72 19.44 64.27 -28.11
C LYS E 72 20.74 63.48 -28.21
N PRO E 73 20.70 62.19 -27.86
CA PRO E 73 21.94 61.39 -27.83
C PRO E 73 22.66 61.32 -29.17
N ASP E 74 21.98 60.85 -30.21
CA ASP E 74 22.60 60.70 -31.52
C ASP E 74 21.53 60.73 -32.60
N ILE E 75 21.75 61.56 -33.62
CA ILE E 75 20.83 61.71 -34.74
C ILE E 75 21.64 61.67 -36.03
N VAL E 76 21.07 61.07 -37.08
CA VAL E 76 21.66 61.08 -38.40
C VAL E 76 20.61 61.64 -39.36
N CYS E 77 20.82 62.86 -39.84
CA CYS E 77 19.87 63.56 -40.67
C CYS E 77 20.27 63.46 -42.14
N ILE E 78 19.27 63.37 -43.02
CA ILE E 78 19.51 63.27 -44.46
C ILE E 78 18.47 64.12 -45.19
N PRO E 79 18.89 65.04 -46.05
CA PRO E 79 17.91 65.83 -46.81
C PRO E 79 17.26 65.01 -47.91
N ASP E 80 15.97 65.27 -48.13
CA ASP E 80 15.20 64.55 -49.13
C ASP E 80 15.26 65.29 -50.46
N ASP E 81 14.42 64.89 -51.41
CA ASP E 81 14.36 65.53 -52.72
C ASP E 81 13.25 66.58 -52.72
N ALA E 82 12.96 67.14 -53.89
CA ALA E 82 11.92 68.17 -53.99
C ALA E 82 10.55 67.60 -53.66
N ASP E 83 10.24 66.40 -54.16
CA ASP E 83 8.96 65.76 -53.92
C ASP E 83 9.15 64.25 -53.93
N MET E 84 8.71 63.58 -52.88
CA MET E 84 8.82 62.14 -52.78
C MET E 84 7.77 61.62 -51.81
N GLY E 85 7.39 60.36 -51.99
CA GLY E 85 6.44 59.71 -51.13
C GLY E 85 7.10 59.06 -49.92
N THR E 86 6.26 58.54 -49.03
CA THR E 86 6.76 57.85 -47.84
C THR E 86 7.54 56.60 -48.22
N ALA E 87 6.99 55.78 -49.12
CA ALA E 87 7.70 54.60 -49.58
C ALA E 87 8.92 54.97 -50.42
N ASP E 88 8.81 56.04 -51.22
CA ASP E 88 9.95 56.50 -51.98
C ASP E 88 11.08 56.97 -51.07
N SER E 89 10.74 57.72 -50.02
CA SER E 89 11.76 58.16 -49.07
C SER E 89 12.33 56.99 -48.28
N LEU E 90 11.53 55.96 -48.02
CA LEU E 90 12.07 54.74 -47.43
C LEU E 90 13.08 54.08 -48.37
N ARG E 91 12.76 54.03 -49.67
CA ARG E 91 13.70 53.54 -50.67
C ARG E 91 14.94 54.40 -50.75
N TYR E 92 14.84 55.67 -50.39
CA TYR E 92 15.98 56.59 -50.51
C TYR E 92 17.12 56.19 -49.59
N ILE E 93 16.81 55.65 -48.41
CA ILE E 93 17.83 55.39 -47.40
C ILE E 93 18.07 53.89 -47.24
N TYR E 94 17.86 53.14 -48.32
CA TYR E 94 18.07 51.69 -48.25
C TYR E 94 19.47 51.29 -47.82
N PRO E 95 20.57 51.88 -48.31
CA PRO E 95 21.90 51.47 -47.82
C PRO E 95 22.08 51.67 -46.33
N LYS E 96 21.29 52.55 -45.72
CA LYS E 96 21.36 52.78 -44.28
C LYS E 96 20.54 51.78 -43.47
N LEU E 97 19.83 50.86 -44.13
CA LEU E 97 18.99 49.89 -43.46
C LEU E 97 19.62 48.50 -43.58
N LYS E 98 19.75 47.82 -42.44
CA LYS E 98 20.29 46.47 -42.41
C LYS E 98 19.41 45.46 -41.68
N THR E 99 18.47 45.91 -40.85
CA THR E 99 17.60 45.01 -40.11
C THR E 99 16.15 45.48 -40.20
N ASP E 100 15.27 44.92 -39.38
CA ASP E 100 13.89 45.37 -39.34
C ASP E 100 13.81 46.83 -38.95
N VAL E 101 12.93 47.58 -39.62
CA VAL E 101 12.89 49.02 -39.52
C VAL E 101 11.69 49.44 -38.66
N LEU E 102 11.93 50.35 -37.73
CA LEU E 102 10.87 51.00 -36.95
C LEU E 102 10.63 52.37 -37.57
N VAL E 103 9.59 52.46 -38.38
CA VAL E 103 9.28 53.67 -39.15
C VAL E 103 8.26 54.50 -38.39
N LEU E 104 8.57 55.78 -38.21
CA LEU E 104 7.73 56.71 -37.48
C LEU E 104 7.64 58.03 -38.22
N SER E 105 6.75 58.90 -37.73
CA SER E 105 6.54 60.22 -38.28
C SER E 105 6.66 61.26 -37.16
N CYS E 106 7.03 62.48 -37.55
CA CYS E 106 7.26 63.54 -36.56
C CYS E 106 5.99 63.96 -35.84
N ASP E 107 4.82 63.62 -36.38
CA ASP E 107 3.55 64.07 -35.81
C ASP E 107 3.10 63.22 -34.62
N LEU E 108 3.81 62.14 -34.29
CA LEU E 108 3.39 61.25 -33.22
C LEU E 108 3.59 61.91 -31.87
N ILE E 109 2.49 62.10 -31.13
CA ILE E 109 2.54 62.58 -29.74
C ILE E 109 1.66 61.62 -28.93
N THR E 110 2.29 60.62 -28.31
CA THR E 110 1.54 59.66 -27.52
C THR E 110 2.43 59.14 -26.40
N ASP E 111 1.78 58.65 -25.34
CA ASP E 111 2.47 58.04 -24.20
C ASP E 111 2.37 56.52 -24.25
N VAL E 112 2.39 55.94 -25.45
CA VAL E 112 2.26 54.50 -25.60
C VAL E 112 3.47 53.79 -25.01
N ALA E 113 3.24 52.63 -24.42
CA ALA E 113 4.31 51.69 -24.10
C ALA E 113 4.59 50.90 -25.37
N LEU E 114 5.74 51.16 -25.99
CA LEU E 114 6.04 50.56 -27.28
C LEU E 114 6.09 49.04 -27.23
N HIS E 115 6.34 48.46 -26.06
CA HIS E 115 6.33 47.01 -25.93
C HIS E 115 4.97 46.41 -26.22
N GLU E 116 3.90 47.22 -26.19
CA GLU E 116 2.59 46.73 -26.57
C GLU E 116 2.49 46.47 -28.07
N VAL E 117 3.37 47.06 -28.86
CA VAL E 117 3.42 46.84 -30.30
C VAL E 117 4.58 45.93 -30.67
N VAL E 118 5.77 46.23 -30.14
CA VAL E 118 6.97 45.46 -30.48
C VAL E 118 6.79 44.00 -30.11
N ASP E 119 6.12 43.72 -28.99
CA ASP E 119 5.87 42.33 -28.60
C ASP E 119 5.04 41.62 -29.65
N LEU E 120 4.06 42.32 -30.24
CA LEU E 120 3.29 41.72 -31.32
C LEU E 120 4.18 41.37 -32.50
N PHE E 121 5.22 42.16 -32.73
CA PHE E 121 6.21 41.84 -33.76
C PHE E 121 7.17 40.74 -33.32
N ARG E 122 7.32 40.52 -32.01
CA ARG E 122 8.28 39.55 -31.49
C ARG E 122 7.66 38.16 -31.35
N ALA E 123 6.57 38.05 -30.60
CA ALA E 123 6.04 36.75 -30.23
C ALA E 123 5.57 35.96 -31.46
N TYR E 124 4.88 36.62 -32.38
CA TYR E 124 4.28 35.94 -33.52
C TYR E 124 5.17 35.97 -34.77
N ASP E 125 6.37 36.53 -34.68
CA ASP E 125 7.27 36.68 -35.83
C ASP E 125 6.54 37.39 -36.97
N ALA E 126 5.88 38.49 -36.62
CA ALA E 126 5.02 39.20 -37.55
C ALA E 126 5.79 39.78 -38.72
N SER E 127 5.13 39.86 -39.87
CA SER E 127 5.70 40.57 -41.01
C SER E 127 5.57 42.07 -40.84
N LEU E 128 4.49 42.55 -40.21
CA LEU E 128 4.32 43.96 -39.95
C LEU E 128 3.42 44.14 -38.73
N ALA E 129 3.79 45.08 -37.87
CA ALA E 129 3.02 45.44 -36.70
C ALA E 129 2.76 46.93 -36.71
N MET E 130 1.53 47.32 -36.36
CA MET E 130 1.12 48.71 -36.44
C MET E 130 0.37 49.11 -35.17
N LEU E 131 0.26 50.42 -34.96
CA LEU E 131 -0.41 50.99 -33.81
C LEU E 131 -1.57 51.86 -34.26
N MET E 132 -2.75 51.64 -33.67
CA MET E 132 -3.94 52.41 -33.98
C MET E 132 -4.68 52.71 -32.69
N ARG E 133 -5.48 53.76 -32.70
CA ARG E 133 -6.18 54.24 -31.51
C ARG E 133 -7.65 54.49 -31.82
N LYS E 134 -8.46 54.44 -30.77
CA LYS E 134 -9.87 54.74 -30.88
C LYS E 134 -10.08 56.21 -31.20
N GLY E 135 -10.99 56.49 -32.14
CA GLY E 135 -11.26 57.85 -32.52
C GLY E 135 -12.04 58.61 -31.47
N GLN E 136 -12.08 59.93 -31.63
CA GLN E 136 -12.79 60.79 -30.70
C GLN E 136 -14.30 60.57 -30.77
N GLN E 154 -13.42 60.29 -45.88
CA GLN E 154 -12.97 58.95 -46.20
C GLN E 154 -12.55 58.18 -44.95
N ARG E 155 -13.46 57.38 -44.43
CA ARG E 155 -13.16 56.57 -43.25
C ARG E 155 -12.45 55.28 -43.66
N ASP E 156 -11.83 54.64 -42.67
CA ASP E 156 -11.04 53.43 -42.88
C ASP E 156 -11.73 52.26 -42.21
N PHE E 157 -11.91 51.17 -42.96
CA PHE E 157 -12.51 49.94 -42.44
C PHE E 157 -11.39 48.99 -42.03
N ILE E 158 -11.41 48.59 -40.76
CA ILE E 158 -10.38 47.75 -40.16
C ILE E 158 -11.04 46.46 -39.72
N GLY E 159 -10.60 45.34 -40.28
CA GLY E 159 -11.17 44.06 -39.89
C GLY E 159 -10.16 43.19 -39.16
N VAL E 160 -10.45 42.89 -37.89
CA VAL E 160 -9.56 42.10 -37.04
C VAL E 160 -10.27 40.79 -36.68
N ASP E 161 -9.54 39.93 -35.98
CA ASP E 161 -10.04 38.62 -35.61
C ASP E 161 -10.66 38.67 -34.22
N SER E 162 -11.00 37.50 -33.68
CA SER E 162 -11.63 37.43 -32.36
C SER E 162 -10.70 37.96 -31.27
N THR E 163 -9.41 37.62 -31.35
CA THR E 163 -8.46 38.08 -30.35
C THR E 163 -8.25 39.60 -30.41
N GLY E 164 -8.63 40.24 -31.52
CA GLY E 164 -8.46 41.67 -31.65
C GLY E 164 -7.07 42.13 -31.98
N LYS E 165 -6.17 41.23 -32.35
CA LYS E 165 -4.79 41.56 -32.67
C LYS E 165 -4.42 41.32 -34.12
N ARG E 166 -4.89 40.22 -34.71
CA ARG E 166 -4.57 39.90 -36.09
C ARG E 166 -5.43 40.73 -37.02
N LEU E 167 -4.80 41.48 -37.92
CA LEU E 167 -5.50 42.32 -38.88
C LEU E 167 -5.84 41.49 -40.11
N LEU E 168 -7.13 41.38 -40.42
CA LEU E 168 -7.58 40.58 -41.55
C LEU E 168 -8.00 41.40 -42.75
N PHE E 169 -8.46 42.64 -42.54
CA PHE E 169 -9.04 43.42 -43.63
C PHE E 169 -8.63 44.88 -43.51
N MET E 170 -8.27 45.47 -44.65
CA MET E 170 -7.82 46.86 -44.76
C MET E 170 -8.57 47.52 -45.89
N ALA E 171 -9.39 48.52 -45.59
CA ALA E 171 -10.18 49.12 -46.67
C ALA E 171 -10.34 50.61 -46.47
N ASN E 172 -10.53 51.31 -47.58
CA ASN E 172 -10.95 52.71 -47.60
C ASN E 172 -12.04 52.87 -48.65
N GLU E 173 -12.93 53.85 -48.42
CA GLU E 173 -14.10 54.00 -49.29
C GLU E 173 -13.72 54.37 -50.72
N ALA E 174 -12.50 54.84 -50.95
CA ALA E 174 -12.09 55.24 -52.30
C ALA E 174 -12.11 54.05 -53.27
N ASP E 175 -11.65 52.88 -52.81
CA ASP E 175 -11.54 51.71 -53.67
C ASP E 175 -12.78 50.83 -53.66
N LEU E 176 -13.81 51.20 -52.89
CA LEU E 176 -15.03 50.39 -52.78
C LEU E 176 -16.18 51.05 -53.51
N ASP E 177 -16.90 50.26 -54.29
CA ASP E 177 -18.07 50.71 -55.05
C ASP E 177 -19.39 50.56 -54.28
N GLU E 178 -19.35 50.99 -53.02
CA GLU E 178 -20.43 50.87 -52.04
C GLU E 178 -20.72 49.43 -51.67
N GLU E 179 -19.75 48.53 -51.82
CA GLU E 179 -19.89 47.13 -51.44
C GLU E 179 -18.57 46.63 -50.89
N LEU E 180 -18.56 46.26 -49.62
CA LEU E 180 -17.37 45.70 -48.98
C LEU E 180 -17.34 44.20 -49.24
N VAL E 181 -16.25 43.72 -49.83
CA VAL E 181 -16.13 42.34 -50.32
C VAL E 181 -15.09 41.61 -49.50
N ILE E 182 -15.47 40.45 -48.95
CA ILE E 182 -14.57 39.59 -48.19
C ILE E 182 -14.53 38.22 -48.86
N LYS E 183 -13.33 37.69 -49.03
CA LYS E 183 -13.17 36.37 -49.66
C LYS E 183 -13.75 35.28 -48.76
N GLY E 184 -14.27 34.23 -49.40
CA GLY E 184 -14.86 33.13 -48.65
C GLY E 184 -13.85 32.36 -47.83
N SER E 185 -12.62 32.23 -48.35
CA SER E 185 -11.58 31.49 -47.62
C SER E 185 -11.20 32.21 -46.33
N ILE E 186 -11.23 33.54 -46.32
CA ILE E 186 -10.91 34.28 -45.10
C ILE E 186 -11.91 33.95 -44.01
N LEU E 187 -13.21 33.92 -44.35
CA LEU E 187 -14.21 33.54 -43.36
C LEU E 187 -14.13 32.06 -43.02
N GLN E 188 -13.65 31.23 -43.96
CA GLN E 188 -13.44 29.82 -43.66
C GLN E 188 -12.38 29.66 -42.56
N LYS E 189 -11.27 30.37 -42.68
CA LYS E 189 -10.22 30.30 -41.67
C LYS E 189 -10.60 31.10 -40.42
N HIS E 190 -11.22 32.27 -40.59
CA HIS E 190 -11.59 33.14 -39.48
C HIS E 190 -13.07 33.48 -39.60
N PRO E 191 -13.94 32.72 -38.94
CA PRO E 191 -15.38 32.93 -39.08
C PRO E 191 -15.95 34.08 -38.27
N ARG E 192 -15.11 34.86 -37.58
CA ARG E 192 -15.56 36.04 -36.85
C ARG E 192 -14.62 37.18 -37.14
N ILE E 193 -15.15 38.29 -37.66
CA ILE E 193 -14.37 39.45 -38.02
C ILE E 193 -14.97 40.67 -37.31
N ARG E 194 -14.16 41.33 -36.48
CA ARG E 194 -14.58 42.55 -35.80
C ARG E 194 -14.21 43.73 -36.68
N PHE E 195 -15.20 44.56 -36.99
CA PHE E 195 -15.02 45.69 -37.91
C PHE E 195 -15.03 47.00 -37.15
N HIS E 196 -14.01 47.81 -37.40
CA HIS E 196 -13.89 49.16 -36.84
C HIS E 196 -13.96 50.16 -37.98
N THR E 197 -14.82 51.17 -37.82
CA THR E 197 -14.99 52.22 -38.81
C THR E 197 -14.24 53.50 -38.47
N GLY E 198 -14.35 53.96 -37.23
CA GLY E 198 -13.59 55.13 -36.80
C GLY E 198 -12.38 54.77 -35.96
N LEU E 199 -11.20 54.79 -36.57
CA LEU E 199 -9.95 54.46 -35.90
C LEU E 199 -8.85 55.29 -36.53
N VAL E 200 -7.88 55.71 -35.72
CA VAL E 200 -6.80 56.59 -36.17
C VAL E 200 -5.49 55.81 -36.13
N ASP E 201 -4.86 55.67 -37.29
CA ASP E 201 -3.55 55.04 -37.38
C ASP E 201 -2.48 56.00 -36.84
N ALA E 202 -1.50 55.46 -36.13
CA ALA E 202 -0.41 56.27 -35.60
C ALA E 202 0.80 56.34 -36.51
N HIS E 203 0.75 55.66 -37.66
CA HIS E 203 1.86 55.62 -38.62
C HIS E 203 3.15 55.11 -37.98
N LEU E 204 3.02 54.27 -36.95
CA LEU E 204 4.14 53.61 -36.30
C LEU E 204 4.19 52.18 -36.81
N TYR E 205 5.28 51.82 -37.48
CA TYR E 205 5.33 50.54 -38.18
C TYR E 205 6.61 49.79 -37.84
N CYS E 206 6.48 48.50 -37.56
CA CYS E 206 7.62 47.60 -37.45
C CYS E 206 7.61 46.72 -38.70
N LEU E 207 8.62 46.87 -39.56
CA LEU E 207 8.63 46.21 -40.85
C LEU E 207 9.85 45.32 -40.99
N LYS E 208 9.64 44.15 -41.59
CA LYS E 208 10.73 43.22 -41.85
C LYS E 208 11.60 43.72 -43.00
N LYS E 209 12.80 43.15 -43.10
CA LYS E 209 13.74 43.57 -44.15
C LYS E 209 13.21 43.26 -45.54
N TYR E 210 12.63 42.07 -45.72
CA TYR E 210 12.14 41.70 -47.04
C TYR E 210 10.98 42.58 -47.50
N ILE E 211 10.29 43.24 -46.57
CA ILE E 211 9.29 44.24 -46.97
C ILE E 211 9.95 45.38 -47.71
N VAL E 212 11.07 45.88 -47.19
CA VAL E 212 11.81 46.96 -47.86
C VAL E 212 12.43 46.45 -49.16
N ASP E 213 12.91 45.20 -49.16
CA ASP E 213 13.45 44.64 -50.39
C ASP E 213 12.39 44.58 -51.48
N PHE E 214 11.17 44.15 -51.14
CA PHE E 214 10.08 44.17 -52.10
C PHE E 214 9.72 45.59 -52.51
N LEU E 215 9.78 46.53 -51.55
CA LEU E 215 9.47 47.92 -51.86
C LEU E 215 10.41 48.46 -52.94
N MET E 216 11.70 48.17 -52.82
CA MET E 216 12.63 48.56 -53.89
C MET E 216 12.43 47.73 -55.16
N GLU E 217 12.06 46.46 -55.02
CA GLU E 217 11.87 45.62 -56.20
C GLU E 217 10.72 46.13 -57.05
N ASN E 218 9.63 46.55 -56.43
CA ASN E 218 8.46 47.09 -57.14
C ASN E 218 8.33 48.57 -56.81
N GLY E 219 8.66 49.42 -57.77
CA GLY E 219 8.60 50.86 -57.59
C GLY E 219 7.23 51.48 -57.76
N SER E 220 6.21 50.67 -58.03
CA SER E 220 4.86 51.20 -58.18
C SER E 220 4.32 51.79 -56.89
N ILE E 221 4.67 51.18 -55.75
CA ILE E 221 4.17 51.66 -54.46
C ILE E 221 4.77 53.03 -54.16
N THR E 222 3.92 53.97 -53.79
CA THR E 222 4.32 55.35 -53.51
C THR E 222 4.33 55.66 -52.02
N SER E 223 3.28 55.26 -51.29
CA SER E 223 3.19 55.51 -49.86
C SER E 223 2.93 54.19 -49.14
N ILE E 224 3.61 53.99 -48.02
CA ILE E 224 3.41 52.75 -47.25
C ILE E 224 2.02 52.74 -46.61
N ARG E 225 1.53 53.91 -46.19
CA ARG E 225 0.29 53.96 -45.43
C ARG E 225 -0.93 53.59 -46.28
N SER E 226 -0.94 54.01 -47.55
CA SER E 226 -2.14 53.86 -48.38
C SER E 226 -2.10 52.67 -49.32
N GLU E 227 -0.93 52.22 -49.75
CA GLU E 227 -0.84 51.09 -50.67
C GLU E 227 -0.14 49.88 -50.10
N LEU E 228 1.01 50.06 -49.43
CA LEU E 228 1.81 48.92 -49.01
C LEU E 228 1.08 48.09 -47.95
N ILE E 229 0.53 48.74 -46.93
CA ILE E 229 -0.19 48.01 -45.88
C ILE E 229 -1.42 47.30 -46.42
N PRO E 230 -2.30 47.94 -47.21
CA PRO E 230 -3.41 47.17 -47.81
C PRO E 230 -2.93 46.03 -48.69
N TYR E 231 -1.83 46.22 -49.42
CA TYR E 231 -1.29 45.14 -50.25
C TYR E 231 -0.86 43.97 -49.39
N LEU E 232 -0.18 44.24 -48.28
CA LEU E 232 0.26 43.16 -47.39
C LEU E 232 -0.95 42.45 -46.76
N VAL E 233 -1.96 43.22 -46.35
CA VAL E 233 -3.14 42.61 -45.76
C VAL E 233 -3.86 41.73 -46.77
N ARG E 234 -3.91 42.16 -48.04
CA ARG E 234 -4.52 41.34 -49.07
C ARG E 234 -3.69 40.10 -49.35
N LYS E 235 -2.36 40.23 -49.38
CA LYS E 235 -1.48 39.10 -49.60
C LYS E 235 -1.40 38.16 -48.40
N GLN E 236 -1.96 38.57 -47.25
CA GLN E 236 -1.97 37.69 -46.09
C GLN E 236 -2.67 36.37 -46.38
N PHE E 237 -3.69 36.38 -47.24
CA PHE E 237 -4.44 35.18 -47.60
C PHE E 237 -4.35 35.00 -49.11
N SER E 238 -3.71 33.92 -49.54
CA SER E 238 -3.56 33.64 -50.97
C SER E 238 -4.23 32.33 -51.34
N LYS E 259 6.55 30.29 -46.45
CA LYS E 259 6.09 31.53 -47.05
C LYS E 259 4.76 31.97 -46.45
N SER E 260 4.80 32.52 -45.24
CA SER E 260 3.61 32.98 -44.55
C SER E 260 3.78 34.44 -44.17
N LEU E 261 2.72 35.22 -44.37
CA LEU E 261 2.71 36.66 -44.10
C LEU E 261 1.69 36.95 -43.02
N ASP E 262 2.10 37.73 -42.02
CA ASP E 262 1.25 38.03 -40.87
C ASP E 262 1.26 39.53 -40.60
N ILE E 263 0.08 40.07 -40.29
CA ILE E 263 -0.09 41.49 -39.98
C ILE E 263 -0.76 41.59 -38.61
N TYR E 264 -0.21 42.44 -37.75
CA TYR E 264 -0.75 42.63 -36.41
C TYR E 264 -0.90 44.11 -36.10
N SER E 265 -1.92 44.43 -35.29
CA SER E 265 -2.23 45.80 -34.93
C SER E 265 -2.57 45.86 -33.45
N PHE E 266 -2.07 46.89 -32.77
CA PHE E 266 -2.39 47.15 -31.37
C PHE E 266 -3.33 48.34 -31.30
N ILE E 267 -4.48 48.15 -30.65
CA ILE E 267 -5.50 49.18 -30.53
C ILE E 267 -5.43 49.78 -29.13
N LYS E 268 -5.36 51.11 -29.08
CA LYS E 268 -5.19 51.86 -27.85
C LYS E 268 -6.42 52.73 -27.60
N GLU E 269 -6.65 53.07 -26.33
CA GLU E 269 -7.78 53.90 -25.93
C GLU E 269 -7.36 54.95 -24.92
N ALA E 270 -6.13 55.46 -25.04
CA ALA E 270 -5.64 56.48 -24.11
C ALA E 270 -5.30 57.80 -24.79
N ASN E 271 -4.47 57.78 -25.84
CA ASN E 271 -4.03 59.01 -26.47
C ASN E 271 -3.53 58.72 -27.88
N THR E 272 -3.61 59.72 -28.74
CA THR E 272 -3.19 59.58 -30.13
C THR E 272 -2.42 60.83 -30.56
N LEU E 273 -1.94 60.80 -31.79
CA LEU E 273 -1.19 61.92 -32.36
C LEU E 273 -2.14 62.91 -33.02
N ASN E 274 -1.78 64.19 -32.95
CA ASN E 274 -2.55 65.24 -33.61
C ASN E 274 -2.29 65.21 -35.11
N LEU E 275 -3.37 65.21 -35.89
CA LEU E 275 -3.25 65.06 -37.34
C LEU E 275 -2.51 66.26 -37.94
N ALA E 276 -2.12 66.08 -39.20
CA ALA E 276 -1.41 67.16 -39.91
C ALA E 276 -2.20 68.45 -39.95
N PRO E 277 -3.52 68.45 -40.17
CA PRO E 277 -4.26 69.71 -40.16
C PRO E 277 -4.17 70.41 -38.81
N TYR E 278 -4.14 71.74 -38.85
CA TYR E 278 -3.99 72.55 -37.65
C TYR E 278 -5.20 72.47 -36.72
N ASP E 279 -6.32 71.92 -37.18
CA ASP E 279 -7.52 71.88 -36.35
C ASP E 279 -7.27 71.10 -35.06
N ALA E 280 -6.56 69.99 -35.14
CA ALA E 280 -6.18 69.22 -33.97
C ALA E 280 -4.93 69.75 -33.29
N CYS E 281 -4.23 70.70 -33.91
CA CYS E 281 -2.96 71.19 -33.35
C CYS E 281 -3.18 71.81 -31.97
N TRP E 282 -4.29 72.50 -31.78
CA TRP E 282 -4.62 73.01 -30.46
C TRP E 282 -4.87 71.88 -29.47
N ASN E 283 -5.58 70.83 -29.91
CA ASN E 283 -5.96 69.76 -28.99
C ASN E 283 -4.73 69.09 -28.38
N ALA E 284 -3.72 68.82 -29.21
CA ALA E 284 -2.46 68.28 -28.69
C ALA E 284 -1.90 69.19 -27.60
N CYS E 285 -1.91 70.50 -27.85
CA CYS E 285 -1.48 71.45 -26.83
C CYS E 285 -2.34 71.32 -25.59
N ARG E 286 -3.66 71.18 -25.77
CA ARG E 286 -4.56 70.99 -24.64
C ARG E 286 -4.21 69.75 -23.84
N GLY E 287 -3.55 68.77 -24.46
CA GLY E 287 -3.10 67.59 -23.74
C GLY E 287 -1.62 67.64 -23.42
N ASP E 288 -0.90 68.55 -24.07
CA ASP E 288 0.55 68.58 -23.92
C ASP E 288 0.95 68.82 -22.47
N ARG E 289 0.39 69.86 -21.85
CA ARG E 289 0.68 70.11 -20.44
C ARG E 289 0.23 68.95 -19.56
N TRP E 290 -0.79 68.22 -19.99
CA TRP E 290 -1.21 67.02 -19.26
C TRP E 290 -0.13 65.94 -19.30
N GLU E 291 0.53 65.78 -20.45
CA GLU E 291 1.54 64.75 -20.62
C GLU E 291 2.97 65.25 -20.37
N ASP E 292 3.16 66.55 -20.19
CA ASP E 292 4.50 67.09 -19.99
C ASP E 292 5.03 66.84 -18.59
N LEU E 293 4.17 66.56 -17.61
CA LEU E 293 4.63 66.33 -16.26
C LEU E 293 5.50 65.09 -16.17
N SER E 294 5.02 63.97 -16.70
CA SER E 294 5.80 62.75 -16.69
C SER E 294 6.95 62.82 -17.69
N ARG E 295 6.68 63.30 -18.89
CA ARG E 295 7.70 63.40 -19.93
C ARG E 295 8.27 64.82 -19.99
N MET F 1 -18.60 11.05 56.70
CA MET F 1 -17.32 11.68 56.38
C MET F 1 -16.19 10.66 56.37
N GLU F 2 -15.11 10.99 55.66
CA GLU F 2 -13.95 10.12 55.59
C GLU F 2 -12.93 10.41 56.68
N PHE F 3 -13.13 11.45 57.48
CA PHE F 3 -12.18 11.80 58.53
C PHE F 3 -12.91 12.54 59.63
N GLN F 4 -12.68 12.13 60.88
CA GLN F 4 -13.21 12.80 62.05
C GLN F 4 -12.04 13.43 62.80
N ALA F 5 -12.10 14.75 62.98
CA ALA F 5 -11.00 15.48 63.61
C ALA F 5 -11.10 15.36 65.13
N VAL F 6 -10.01 14.92 65.76
CA VAL F 6 -9.94 14.76 67.21
C VAL F 6 -8.64 15.39 67.70
N VAL F 7 -8.72 16.14 68.79
CA VAL F 7 -7.59 16.89 69.33
C VAL F 7 -7.26 16.36 70.73
N MET F 8 -5.97 16.11 70.97
CA MET F 8 -5.49 15.65 72.27
C MET F 8 -5.08 16.84 73.12
N ALA F 9 -5.56 16.87 74.37
CA ALA F 9 -5.16 17.89 75.33
C ALA F 9 -5.37 17.29 76.73
N VAL F 10 -4.26 16.85 77.34
CA VAL F 10 -4.32 16.24 78.66
C VAL F 10 -3.14 16.70 79.50
N LEU F 27 -4.73 23.69 76.04
CA LEU F 27 -3.56 24.03 76.85
C LEU F 27 -3.48 25.55 76.94
N LEU F 28 -2.68 26.05 77.88
CA LEU F 28 -2.65 27.48 78.16
C LEU F 28 -2.28 28.27 76.90
N PRO F 29 -2.93 29.42 76.66
CA PRO F 29 -2.67 30.21 75.44
C PRO F 29 -1.37 31.01 75.48
N VAL F 30 -0.27 30.34 75.15
CA VAL F 30 1.05 30.94 75.14
C VAL F 30 1.36 31.43 73.73
N GLY F 31 1.64 32.72 73.59
CA GLY F 31 2.00 33.35 72.33
C GLY F 31 1.08 34.49 72.02
N ASN F 32 1.26 35.05 70.81
CA ASN F 32 0.38 36.12 70.34
C ASN F 32 -1.06 35.62 70.21
N LYS F 33 -1.23 34.41 69.69
CA LYS F 33 -2.51 33.74 69.58
C LYS F 33 -2.48 32.49 70.46
N PRO F 34 -3.64 32.02 70.94
CA PRO F 34 -3.64 30.80 71.76
C PRO F 34 -3.00 29.63 71.02
N LEU F 35 -2.26 28.82 71.78
CA LEU F 35 -1.54 27.70 71.18
C LEU F 35 -2.49 26.70 70.54
N ILE F 36 -3.61 26.42 71.21
CA ILE F 36 -4.58 25.48 70.67
C ILE F 36 -5.28 26.03 69.43
N TRP F 37 -5.26 27.35 69.22
CA TRP F 37 -6.00 27.94 68.12
C TRP F 37 -5.47 27.46 66.77
N TYR F 38 -4.14 27.38 66.62
CA TYR F 38 -3.57 27.01 65.33
C TYR F 38 -3.99 25.63 64.85
N PRO F 39 -4.05 24.57 65.69
CA PRO F 39 -4.60 23.28 65.22
C PRO F 39 -6.00 23.40 64.61
N LEU F 40 -6.94 23.98 65.34
CA LEU F 40 -8.30 24.10 64.82
C LEU F 40 -8.35 25.04 63.61
N ASN F 41 -7.51 26.08 63.59
CA ASN F 41 -7.45 26.96 62.43
C ASN F 41 -7.03 26.19 61.19
N LEU F 42 -5.97 25.38 61.30
CA LEU F 42 -5.54 24.56 60.17
C LEU F 42 -6.61 23.56 59.76
N LEU F 43 -7.24 22.91 60.73
CA LEU F 43 -8.28 21.93 60.42
C LEU F 43 -9.44 22.56 59.68
N GLU F 44 -9.89 23.75 60.12
CA GLU F 44 -11.00 24.42 59.44
C GLU F 44 -10.57 24.98 58.10
N ARG F 45 -9.31 25.40 57.96
CA ARG F 45 -8.82 25.86 56.67
C ARG F 45 -8.79 24.74 55.65
N VAL F 46 -8.40 23.53 56.08
CA VAL F 46 -8.32 22.41 55.15
C VAL F 46 -9.70 21.90 54.75
N GLY F 47 -10.74 22.23 55.51
CA GLY F 47 -12.09 21.86 55.11
C GLY F 47 -12.95 21.22 56.19
N PHE F 48 -12.36 20.97 57.36
CA PHE F 48 -13.13 20.37 58.44
C PHE F 48 -14.19 21.33 58.95
N GLU F 49 -15.38 20.79 59.24
CA GLU F 49 -16.49 21.59 59.74
C GLU F 49 -16.80 21.35 61.20
N GLU F 50 -16.48 20.18 61.75
CA GLU F 50 -16.55 19.93 63.18
C GLU F 50 -15.29 19.20 63.62
N VAL F 51 -14.86 19.49 64.85
CA VAL F 51 -13.67 18.87 65.43
C VAL F 51 -13.98 18.51 66.88
N ILE F 52 -13.70 17.27 67.26
CA ILE F 52 -13.89 16.82 68.63
C ILE F 52 -12.67 17.20 69.45
N VAL F 53 -12.88 17.88 70.56
CA VAL F 53 -11.81 18.36 71.42
C VAL F 53 -11.96 17.73 72.80
N VAL F 54 -10.89 17.13 73.30
CA VAL F 54 -10.82 16.58 74.65
C VAL F 54 -9.84 17.44 75.43
N THR F 55 -10.32 18.07 76.49
CA THR F 55 -9.55 19.05 77.25
C THR F 55 -9.08 18.47 78.57
N THR F 56 -8.05 19.09 79.12
CA THR F 56 -7.48 18.66 80.39
C THR F 56 -8.43 18.97 81.54
N ARG F 57 -8.40 18.11 82.56
CA ARG F 57 -9.20 18.32 83.77
C ARG F 57 -8.45 18.03 85.06
N ASP F 58 -7.15 17.71 84.99
CA ASP F 58 -6.40 17.46 86.21
C ASP F 58 -6.33 18.70 87.09
N VAL F 59 -6.10 19.86 86.49
CA VAL F 59 -6.05 21.12 87.23
C VAL F 59 -7.44 21.73 87.26
N GLN F 60 -8.01 21.96 86.09
CA GLN F 60 -9.35 22.53 85.98
C GLN F 60 -9.86 22.32 84.56
N LYS F 61 -11.09 21.81 84.44
CA LYS F 61 -11.70 21.62 83.13
C LYS F 61 -12.33 22.92 82.64
N ALA F 62 -11.56 23.99 82.63
CA ALA F 62 -12.03 25.31 82.21
C ALA F 62 -11.64 25.64 80.78
N LEU F 63 -11.01 24.70 80.06
CA LEU F 63 -10.65 24.96 78.67
C LEU F 63 -11.89 25.13 77.80
N CYS F 64 -12.99 24.47 78.15
CA CYS F 64 -14.24 24.69 77.44
C CYS F 64 -14.71 26.13 77.60
N ALA F 65 -14.59 26.69 78.81
CA ALA F 65 -14.95 28.09 79.02
C ALA F 65 -14.07 29.02 78.19
N GLU F 66 -12.77 28.72 78.13
CA GLU F 66 -11.87 29.53 77.32
C GLU F 66 -12.23 29.45 75.83
N PHE F 67 -12.56 28.25 75.34
CA PHE F 67 -12.91 28.09 73.93
C PHE F 67 -14.30 28.63 73.62
N LYS F 68 -15.14 28.85 74.65
CA LYS F 68 -16.45 29.44 74.41
C LYS F 68 -16.36 30.86 73.85
N MET F 69 -15.21 31.52 74.02
CA MET F 69 -15.01 32.85 73.45
C MET F 69 -14.46 32.81 72.04
N LYS F 70 -14.12 31.63 71.52
CA LYS F 70 -13.59 31.51 70.17
C LYS F 70 -14.70 31.69 69.14
N MET F 71 -14.31 32.10 67.94
CA MET F 71 -15.24 32.36 66.84
C MET F 71 -15.13 31.30 65.74
N LYS F 72 -14.68 30.10 66.08
CA LYS F 72 -14.56 29.04 65.10
C LYS F 72 -15.93 28.52 64.69
N PRO F 73 -16.02 27.82 63.56
CA PRO F 73 -17.33 27.38 63.05
C PRO F 73 -18.10 26.49 64.02
N ASP F 74 -17.50 25.36 64.40
CA ASP F 74 -18.16 24.41 65.29
C ASP F 74 -17.13 23.68 66.12
N ILE F 75 -17.36 23.62 67.43
CA ILE F 75 -16.44 22.97 68.36
C ILE F 75 -17.26 22.06 69.29
N VAL F 76 -16.72 20.88 69.58
CA VAL F 76 -17.31 19.95 70.53
C VAL F 76 -16.25 19.63 71.57
N CYS F 77 -16.54 19.96 72.83
CA CYS F 77 -15.60 19.78 73.93
C CYS F 77 -16.09 18.71 74.88
N ILE F 78 -15.16 17.93 75.41
CA ILE F 78 -15.47 16.87 76.36
C ILE F 78 -14.42 16.85 77.46
N PRO F 79 -14.79 17.02 78.72
CA PRO F 79 -13.80 16.95 79.80
C PRO F 79 -13.25 15.55 79.95
N ASP F 80 -11.98 15.48 80.36
CA ASP F 80 -11.26 14.22 80.52
C ASP F 80 -11.09 13.91 82.00
N ASP F 81 -10.34 12.85 82.29
CA ASP F 81 -10.06 12.43 83.65
C ASP F 81 -8.84 13.18 84.18
N ALA F 82 -8.33 12.75 85.33
CA ALA F 82 -7.17 13.42 85.93
C ALA F 82 -5.89 13.08 85.17
N ASP F 83 -5.54 11.80 85.13
CA ASP F 83 -4.33 11.34 84.46
C ASP F 83 -4.70 10.33 83.39
N MET F 84 -4.31 10.61 82.15
CA MET F 84 -4.60 9.71 81.04
C MET F 84 -3.64 10.02 79.90
N GLY F 85 -3.32 8.97 79.13
CA GLY F 85 -2.47 9.12 77.96
C GLY F 85 -3.25 9.49 76.72
N THR F 86 -2.51 9.66 75.62
CA THR F 86 -3.14 9.98 74.34
C THR F 86 -4.04 8.85 73.87
N ALA F 87 -3.57 7.60 73.99
CA ALA F 87 -4.41 6.46 73.63
C ALA F 87 -5.60 6.33 74.58
N ASP F 88 -5.39 6.65 75.86
CA ASP F 88 -6.50 6.62 76.81
C ASP F 88 -7.57 7.65 76.44
N SER F 89 -7.15 8.86 76.07
CA SER F 89 -8.11 9.87 75.61
C SER F 89 -8.80 9.44 74.33
N LEU F 90 -8.06 8.80 73.43
CA LEU F 90 -8.65 8.31 72.18
C LEU F 90 -9.73 7.28 72.43
N ARG F 91 -9.45 6.32 73.33
CA ARG F 91 -10.44 5.30 73.65
C ARG F 91 -11.54 5.80 74.57
N TYR F 92 -11.35 6.94 75.22
CA TYR F 92 -12.40 7.51 76.06
C TYR F 92 -13.56 8.08 75.26
N ILE F 93 -13.36 8.34 73.97
CA ILE F 93 -14.40 8.97 73.14
C ILE F 93 -14.80 8.03 72.01
N TYR F 94 -14.77 6.72 72.27
CA TYR F 94 -15.17 5.75 71.24
C TYR F 94 -16.60 5.92 70.74
N PRO F 95 -17.62 6.16 71.57
CA PRO F 95 -18.99 6.25 71.03
C PRO F 95 -19.18 7.35 70.00
N LYS F 96 -18.34 8.39 69.99
CA LYS F 96 -18.47 9.48 69.04
C LYS F 96 -17.48 9.36 67.88
N LEU F 97 -16.94 8.17 67.63
CA LEU F 97 -16.06 7.91 66.51
C LEU F 97 -16.75 6.92 65.56
N LYS F 98 -16.88 7.32 64.29
CA LYS F 98 -17.58 6.50 63.31
C LYS F 98 -16.78 6.19 62.06
N THR F 99 -15.62 6.79 61.86
CA THR F 99 -14.83 6.57 60.64
C THR F 99 -13.35 6.72 60.99
N ASP F 100 -12.53 6.84 59.95
CA ASP F 100 -11.09 7.06 60.16
C ASP F 100 -10.88 8.39 60.88
N VAL F 101 -9.94 8.40 61.81
CA VAL F 101 -9.78 9.49 62.76
C VAL F 101 -8.49 10.24 62.46
N LEU F 102 -8.58 11.57 62.42
CA LEU F 102 -7.42 12.45 62.31
C LEU F 102 -7.11 12.98 63.70
N VAL F 103 -6.11 12.41 64.34
CA VAL F 103 -5.69 12.80 65.68
C VAL F 103 -4.62 13.87 65.57
N LEU F 104 -4.81 14.98 66.27
CA LEU F 104 -3.90 16.10 66.27
C LEU F 104 -3.58 16.51 67.71
N SER F 105 -2.55 17.33 67.85
CA SER F 105 -2.13 17.85 69.15
C SER F 105 -2.19 19.37 69.14
N CYS F 106 -2.37 19.95 70.33
CA CYS F 106 -2.49 21.40 70.45
C CYS F 106 -1.20 22.13 70.11
N ASP F 107 -0.07 21.43 70.11
CA ASP F 107 1.23 22.06 69.92
C ASP F 107 1.61 22.26 68.46
N LEU F 108 0.77 21.83 67.52
CA LEU F 108 1.12 21.90 66.10
C LEU F 108 0.89 23.31 65.56
N ILE F 109 1.98 23.96 65.14
CA ILE F 109 1.92 25.23 64.42
C ILE F 109 2.78 25.04 63.17
N THR F 110 2.15 24.63 62.08
CA THR F 110 2.86 24.41 60.83
C THR F 110 1.99 24.85 59.65
N ASP F 111 2.66 25.22 58.57
CA ASP F 111 1.99 25.62 57.33
C ASP F 111 2.01 24.52 56.27
N VAL F 112 2.12 23.27 56.71
CA VAL F 112 2.20 22.16 55.76
C VAL F 112 0.86 21.97 55.06
N ALA F 113 0.91 21.48 53.83
CA ALA F 113 -0.29 21.10 53.10
C ALA F 113 -0.76 19.74 53.62
N LEU F 114 -1.94 19.72 54.24
CA LEU F 114 -2.42 18.49 54.86
C LEU F 114 -2.65 17.39 53.83
N HIS F 115 -3.09 17.76 52.63
CA HIS F 115 -3.38 16.76 51.60
C HIS F 115 -2.16 15.90 51.31
N GLU F 116 -0.97 16.50 51.29
CA GLU F 116 0.24 15.75 50.98
C GLU F 116 0.53 14.66 52.01
N VAL F 117 -0.09 14.73 53.18
CA VAL F 117 -0.11 13.59 54.09
C VAL F 117 -1.34 12.73 53.88
N VAL F 118 -2.51 13.39 53.77
CA VAL F 118 -3.77 12.66 53.59
C VAL F 118 -3.75 11.85 52.32
N ASP F 119 -3.08 12.35 51.27
CA ASP F 119 -2.96 11.59 50.03
C ASP F 119 -2.27 10.26 50.27
N LEU F 120 -1.24 10.25 51.12
CA LEU F 120 -0.59 8.99 51.46
C LEU F 120 -1.56 8.02 52.10
N PHE F 121 -2.54 8.53 52.85
CA PHE F 121 -3.58 7.67 53.41
C PHE F 121 -4.60 7.25 52.36
N ARG F 122 -4.78 8.04 51.31
CA ARG F 122 -5.80 7.75 50.31
C ARG F 122 -5.29 6.81 49.21
N ALA F 123 -4.15 7.15 48.61
CA ALA F 123 -3.70 6.42 47.43
C ALA F 123 -3.39 4.97 47.75
N TYR F 124 -2.70 4.72 48.86
CA TYR F 124 -2.23 3.38 49.18
C TYR F 124 -3.15 2.63 50.15
N ASP F 125 -4.29 3.22 50.52
CA ASP F 125 -5.21 2.61 51.48
C ASP F 125 -4.47 2.24 52.78
N ALA F 126 -3.69 3.19 53.28
CA ALA F 126 -2.79 2.93 54.39
C ALA F 126 -3.54 2.62 55.67
N SER F 127 -2.89 1.85 56.55
CA SER F 127 -3.42 1.65 57.88
C SER F 127 -3.25 2.89 58.74
N LEU F 128 -2.09 3.55 58.64
CA LEU F 128 -1.88 4.81 59.32
C LEU F 128 -0.95 5.69 58.50
N ALA F 129 -1.20 6.99 58.56
CA ALA F 129 -0.37 8.00 57.92
C ALA F 129 0.08 9.01 58.95
N MET F 130 1.34 9.44 58.85
CA MET F 130 1.92 10.32 59.84
C MET F 130 2.79 11.37 59.16
N LEU F 131 3.04 12.46 59.89
CA LEU F 131 3.83 13.58 59.41
C LEU F 131 5.05 13.76 60.30
N MET F 132 6.19 14.09 59.68
CA MET F 132 7.43 14.34 60.41
C MET F 132 8.19 15.47 59.71
N ARG F 133 9.09 16.08 60.46
CA ARG F 133 9.90 17.18 59.95
C ARG F 133 11.38 16.88 60.18
N LYS F 134 12.22 17.40 59.29
CA LYS F 134 13.66 17.29 59.46
C LYS F 134 14.12 18.14 60.63
N GLY F 135 14.93 17.56 61.50
CA GLY F 135 15.36 18.26 62.69
C GLY F 135 16.26 19.44 62.37
N GLN F 136 16.26 20.41 63.28
CA GLN F 136 17.07 21.62 63.13
C GLN F 136 18.57 21.29 63.23
N GLN F 154 17.86 10.07 74.16
CA GLN F 154 16.85 9.12 73.70
C GLN F 154 16.24 9.58 72.38
N ARG F 155 17.02 9.49 71.31
CA ARG F 155 16.53 9.86 69.99
C ARG F 155 15.73 8.73 69.37
N ASP F 156 15.03 9.04 68.28
CA ASP F 156 14.17 8.09 67.60
C ASP F 156 14.77 7.74 66.25
N PHE F 157 14.99 6.45 66.01
CA PHE F 157 15.53 5.96 64.75
C PHE F 157 14.38 5.46 63.90
N ILE F 158 14.22 6.05 62.71
CA ILE F 158 13.18 5.62 61.78
C ILE F 158 13.84 5.15 60.50
N GLY F 159 13.22 4.15 59.87
CA GLY F 159 13.74 3.58 58.65
C GLY F 159 12.67 3.46 57.58
N VAL F 160 12.90 4.12 56.44
CA VAL F 160 11.94 4.14 55.35
C VAL F 160 12.55 3.40 54.15
N ASP F 161 11.74 3.24 53.12
CA ASP F 161 12.16 2.52 51.92
C ASP F 161 12.85 3.48 50.94
N SER F 162 13.11 3.00 49.72
CA SER F 162 13.79 3.82 48.73
C SER F 162 12.95 5.04 48.35
N THR F 163 11.64 4.86 48.19
CA THR F 163 10.77 5.97 47.82
C THR F 163 10.66 7.01 48.93
N GLY F 164 10.99 6.65 50.17
CA GLY F 164 10.90 7.59 51.27
C GLY F 164 9.52 7.76 51.86
N LYS F 165 8.54 6.96 51.42
CA LYS F 165 7.18 7.07 51.91
C LYS F 165 6.83 6.00 52.94
N ARG F 166 7.08 4.73 52.61
CA ARG F 166 6.71 3.64 53.51
C ARG F 166 7.67 3.56 54.69
N LEU F 167 7.13 3.51 55.89
CA LEU F 167 7.92 3.42 57.11
C LEU F 167 8.13 1.94 57.44
N LEU F 168 9.39 1.49 57.41
CA LEU F 168 9.72 0.10 57.65
C LEU F 168 10.18 -0.18 59.07
N PHE F 169 10.80 0.79 59.74
CA PHE F 169 11.35 0.58 61.07
C PHE F 169 11.15 1.81 61.93
N MET F 170 11.00 1.60 63.24
CA MET F 170 10.82 2.70 64.19
C MET F 170 11.20 2.20 65.57
N ALA F 171 12.16 2.87 66.21
CA ALA F 171 12.60 2.41 67.52
C ALA F 171 13.21 3.56 68.31
N ASN F 172 13.12 3.43 69.64
CA ASN F 172 13.79 4.32 70.57
C ASN F 172 14.84 3.55 71.36
N GLU F 173 15.84 4.29 71.85
CA GLU F 173 16.95 3.65 72.56
C GLU F 173 16.52 3.00 73.88
N ALA F 174 15.33 3.30 74.38
CA ALA F 174 14.87 2.69 75.63
C ALA F 174 14.74 1.17 75.48
N ASP F 175 14.22 0.71 74.35
CA ASP F 175 14.02 -0.71 74.11
C ASP F 175 15.16 -1.34 73.31
N LEU F 176 16.21 -0.58 72.99
CA LEU F 176 17.33 -1.08 72.19
C LEU F 176 18.46 -1.53 73.11
N ASP F 177 18.96 -2.74 72.87
CA ASP F 177 20.08 -3.28 73.65
C ASP F 177 21.40 -2.98 72.96
N GLU F 178 21.65 -1.68 72.78
CA GLU F 178 22.90 -1.15 72.20
C GLU F 178 23.08 -1.59 70.75
N GLU F 179 22.01 -1.99 70.07
CA GLU F 179 22.10 -2.39 68.67
C GLU F 179 20.69 -2.49 68.10
N LEU F 180 20.52 -2.04 66.86
CA LEU F 180 19.28 -2.27 66.13
C LEU F 180 19.21 -3.73 65.69
N VAL F 181 17.98 -4.24 65.59
CA VAL F 181 17.74 -5.60 65.11
C VAL F 181 16.71 -5.53 64.00
N ILE F 182 17.10 -5.94 62.80
CA ILE F 182 16.24 -5.93 61.63
C ILE F 182 16.08 -7.36 61.14
N LYS F 183 14.84 -7.79 60.95
CA LYS F 183 14.57 -9.14 60.49
C LYS F 183 15.05 -9.35 59.07
N GLY F 184 15.46 -10.58 58.77
CA GLY F 184 15.95 -10.89 57.44
C GLY F 184 14.89 -10.76 56.36
N SER F 185 13.64 -11.08 56.68
CA SER F 185 12.57 -10.97 55.70
C SER F 185 12.33 -9.53 55.28
N ILE F 186 12.50 -8.58 56.21
CA ILE F 186 12.33 -7.16 55.86
C ILE F 186 13.33 -6.75 54.80
N LEU F 187 14.59 -7.14 54.97
CA LEU F 187 15.60 -6.82 53.97
C LEU F 187 15.41 -7.65 52.70
N GLN F 188 14.80 -8.83 52.82
CA GLN F 188 14.47 -9.61 51.63
C GLN F 188 13.46 -8.88 50.76
N LYS F 189 12.39 -8.36 51.38
CA LYS F 189 11.39 -7.61 50.62
C LYS F 189 11.89 -6.21 50.26
N HIS F 190 12.57 -5.55 51.18
CA HIS F 190 13.09 -4.20 50.97
C HIS F 190 14.58 -4.16 51.25
N PRO F 191 15.43 -4.29 50.23
CA PRO F 191 16.88 -4.36 50.45
C PRO F 191 17.58 -3.02 50.61
N ARG F 192 16.85 -1.91 50.71
CA ARG F 192 17.43 -0.60 50.97
C ARG F 192 16.58 0.11 52.01
N ILE F 193 17.20 0.51 53.11
CA ILE F 193 16.50 1.18 54.20
C ILE F 193 17.23 2.49 54.50
N ARG F 194 16.54 3.60 54.31
CA ARG F 194 17.07 4.93 54.62
C ARG F 194 16.75 5.22 56.08
N PHE F 195 17.78 5.51 56.86
CA PHE F 195 17.66 5.71 58.30
C PHE F 195 17.76 7.19 58.65
N HIS F 196 16.78 7.67 59.41
CA HIS F 196 16.77 9.03 59.95
C HIS F 196 16.88 8.96 61.46
N THR F 197 17.83 9.71 62.02
CA THR F 197 18.07 9.77 63.44
C THR F 197 17.47 11.00 64.10
N GLY F 198 17.73 12.18 63.53
CA GLY F 198 17.14 13.40 64.05
C GLY F 198 15.91 13.84 63.29
N LEU F 199 14.74 13.54 63.83
CA LEU F 199 13.48 13.90 63.20
C LEU F 199 12.51 14.39 64.28
N VAL F 200 11.58 15.25 63.87
CA VAL F 200 10.58 15.81 64.76
C VAL F 200 9.24 15.21 64.40
N ASP F 201 8.60 14.55 65.37
CA ASP F 201 7.29 13.95 65.17
C ASP F 201 6.22 15.01 65.40
N ALA F 202 5.40 15.26 64.39
CA ALA F 202 4.37 16.29 64.47
C ALA F 202 3.12 15.81 65.20
N HIS F 203 3.02 14.53 65.53
CA HIS F 203 1.88 13.92 66.21
C HIS F 203 0.57 14.11 65.45
N LEU F 204 0.65 14.26 64.13
CA LEU F 204 -0.53 14.27 63.27
C LEU F 204 -0.71 12.88 62.69
N TYR F 205 -1.85 12.25 63.00
CA TYR F 205 -2.04 10.85 62.66
C TYR F 205 -3.38 10.63 61.97
N CYS F 206 -3.35 10.01 60.80
CA CYS F 206 -4.54 9.52 60.14
C CYS F 206 -4.63 8.01 60.40
N LEU F 207 -5.67 7.59 61.12
CA LEU F 207 -5.78 6.23 61.61
C LEU F 207 -7.07 5.59 61.12
N LYS F 208 -7.00 4.31 60.80
CA LYS F 208 -8.16 3.54 60.37
C LYS F 208 -9.03 3.18 61.58
N LYS F 209 -10.27 2.76 61.29
CA LYS F 209 -11.21 2.44 62.35
C LYS F 209 -10.76 1.22 63.15
N TYR F 210 -10.26 0.19 62.45
CA TYR F 210 -9.88 -1.03 63.16
C TYR F 210 -8.68 -0.82 64.08
N ILE F 211 -7.88 0.22 63.85
CA ILE F 211 -6.84 0.57 64.82
C ILE F 211 -7.48 0.97 66.15
N VAL F 212 -8.51 1.81 66.09
CA VAL F 212 -9.22 2.21 67.31
C VAL F 212 -9.95 1.02 67.92
N ASP F 213 -10.49 0.13 67.09
CA ASP F 213 -11.13 -1.06 67.64
C ASP F 213 -10.13 -1.94 68.39
N PHE F 214 -8.92 -2.10 67.82
CA PHE F 214 -7.87 -2.86 68.50
C PHE F 214 -7.44 -2.17 69.79
N LEU F 215 -7.38 -0.84 69.78
CA LEU F 215 -7.07 -0.09 71.00
C LEU F 215 -8.12 -0.35 72.07
N MET F 216 -9.40 -0.37 71.68
CA MET F 216 -10.45 -0.71 72.63
C MET F 216 -10.29 -2.12 73.16
N GLU F 217 -9.95 -3.07 72.28
CA GLU F 217 -9.80 -4.47 72.68
C GLU F 217 -8.50 -4.73 73.42
N ASN F 218 -7.54 -3.83 73.37
CA ASN F 218 -6.25 -3.98 74.06
C ASN F 218 -6.02 -2.74 74.92
N GLY F 219 -6.34 -2.84 76.20
CA GLY F 219 -6.17 -1.74 77.12
C GLY F 219 -4.77 -1.56 77.65
N SER F 220 -3.83 -2.42 77.25
CA SER F 220 -2.45 -2.29 77.72
C SER F 220 -1.80 -1.02 77.20
N ILE F 221 -2.11 -0.65 75.95
CA ILE F 221 -1.50 0.53 75.34
C ILE F 221 -1.98 1.78 76.06
N THR F 222 -1.04 2.65 76.45
CA THR F 222 -1.33 3.87 77.17
C THR F 222 -1.26 5.12 76.30
N SER F 223 -0.24 5.22 75.45
CA SER F 223 -0.08 6.36 74.55
C SER F 223 0.12 5.85 73.12
N ILE F 224 -0.50 6.52 72.16
CA ILE F 224 -0.41 6.09 70.78
C ILE F 224 1.02 6.22 70.26
N ARG F 225 1.64 7.38 70.49
CA ARG F 225 2.92 7.69 69.87
C ARG F 225 4.02 6.75 70.32
N SER F 226 4.06 6.41 71.61
CA SER F 226 5.18 5.65 72.14
C SER F 226 5.02 4.14 72.02
N GLU F 227 3.77 3.63 71.98
CA GLU F 227 3.56 2.20 71.88
C GLU F 227 2.83 1.77 70.62
N LEU F 228 1.72 2.43 70.28
CA LEU F 228 0.85 1.92 69.23
C LEU F 228 1.54 1.96 67.87
N ILE F 229 2.14 3.10 67.52
CA ILE F 229 2.81 3.21 66.22
C ILE F 229 3.99 2.24 66.11
N PRO F 230 4.90 2.14 67.09
CA PRO F 230 5.94 1.09 66.97
C PRO F 230 5.37 -0.31 66.89
N TYR F 231 4.28 -0.58 67.61
CA TYR F 231 3.65 -1.89 67.52
C TYR F 231 3.14 -2.17 66.11
N LEU F 232 2.50 -1.17 65.50
CA LEU F 232 1.97 -1.36 64.15
C LEU F 232 3.10 -1.52 63.14
N VAL F 233 4.20 -0.78 63.31
CA VAL F 233 5.35 -0.94 62.43
C VAL F 233 5.96 -2.32 62.57
N ARG F 234 6.00 -2.84 63.80
CA ARG F 234 6.49 -4.21 64.00
C ARG F 234 5.56 -5.22 63.35
N LYS F 235 4.25 -5.01 63.47
CA LYS F 235 3.27 -5.90 62.86
C LYS F 235 3.15 -5.72 61.35
N GLN F 236 3.82 -4.71 60.79
CA GLN F 236 3.76 -4.49 59.34
C GLN F 236 4.29 -5.71 58.58
N PHE F 237 5.26 -6.42 59.13
CA PHE F 237 5.85 -7.59 58.50
C PHE F 237 5.66 -8.79 59.43
N SER F 238 5.06 -9.85 58.89
CA SER F 238 4.81 -11.05 59.68
C SER F 238 5.10 -12.31 58.87
N LYS F 259 -5.30 -9.19 54.85
CA LYS F 259 -4.85 -8.69 56.14
C LYS F 259 -3.41 -8.19 56.06
N SER F 260 -3.24 -6.96 55.60
CA SER F 260 -1.93 -6.34 55.47
C SER F 260 -1.96 -4.96 56.08
N LEU F 261 -0.94 -4.65 56.89
CA LEU F 261 -0.80 -3.35 57.52
C LEU F 261 0.16 -2.50 56.69
N ASP F 262 -0.27 -1.28 56.37
CA ASP F 262 0.55 -0.34 55.62
C ASP F 262 0.66 0.97 56.39
N ILE F 263 1.88 1.44 56.58
CA ILE F 263 2.16 2.64 57.37
C ILE F 263 2.99 3.58 56.53
N TYR F 264 2.56 4.84 56.44
CA TYR F 264 3.24 5.81 55.60
C TYR F 264 3.54 7.08 56.39
N SER F 265 4.64 7.73 56.01
CA SER F 265 5.12 8.93 56.68
C SER F 265 5.56 9.94 55.65
N PHE F 266 5.14 11.20 55.82
CA PHE F 266 5.59 12.30 54.99
C PHE F 266 6.57 13.17 55.77
N ILE F 267 7.77 13.33 55.22
CA ILE F 267 8.82 14.13 55.84
C ILE F 267 8.90 15.47 55.12
N LYS F 268 8.80 16.55 55.88
CA LYS F 268 8.82 17.91 55.34
C LYS F 268 10.03 18.67 55.87
N GLU F 269 10.34 19.76 55.19
CA GLU F 269 11.49 20.60 55.55
C GLU F 269 11.13 22.07 55.48
N ALA F 270 9.93 22.43 55.96
CA ALA F 270 9.49 23.83 55.95
C ALA F 270 9.26 24.38 57.34
N ASN F 271 8.45 23.72 58.16
CA ASN F 271 8.12 24.22 59.50
C ASN F 271 7.51 23.10 60.32
N THR F 272 7.86 23.05 61.60
CA THR F 272 7.39 22.03 62.51
C THR F 272 6.62 22.65 63.66
N LEU F 273 6.18 21.80 64.59
CA LEU F 273 5.45 22.23 65.76
C LEU F 273 6.39 22.80 66.82
N ASN F 274 5.80 23.47 67.81
CA ASN F 274 6.54 23.94 68.97
C ASN F 274 6.50 22.87 70.05
N LEU F 275 7.67 22.55 70.60
CA LEU F 275 7.78 21.49 71.59
C LEU F 275 7.05 21.88 72.87
N ALA F 276 6.65 20.85 73.63
CA ALA F 276 6.00 21.09 74.91
C ALA F 276 6.84 21.93 75.86
N PRO F 277 8.15 21.70 75.98
CA PRO F 277 8.97 22.58 76.82
C PRO F 277 8.95 24.01 76.30
N TYR F 278 9.00 24.96 77.23
CA TYR F 278 8.96 26.38 76.88
C TYR F 278 10.20 26.85 76.13
N ASP F 279 11.28 26.05 76.13
CA ASP F 279 12.53 26.48 75.50
C ASP F 279 12.32 26.76 74.01
N ALA F 280 11.55 25.92 73.32
CA ALA F 280 11.25 26.15 71.92
C ALA F 280 10.13 27.15 71.71
N CYS F 281 9.41 27.53 72.78
CA CYS F 281 8.28 28.44 72.62
C CYS F 281 8.70 29.77 72.02
N TRP F 282 9.84 30.31 72.48
CA TRP F 282 10.36 31.54 71.90
C TRP F 282 10.59 31.36 70.41
N ASN F 283 11.12 30.21 69.99
CA ASN F 283 11.28 29.94 68.57
C ASN F 283 9.94 30.01 67.85
N ALA F 284 8.90 29.45 68.46
CA ALA F 284 7.55 29.62 67.89
C ALA F 284 7.18 31.09 67.82
N CYS F 285 7.48 31.85 68.88
CA CYS F 285 7.25 33.29 68.84
C CYS F 285 8.09 33.96 67.75
N ARG F 286 9.25 33.38 67.43
CA ARG F 286 10.05 33.89 66.33
C ARG F 286 9.53 33.48 64.97
N GLY F 287 8.68 32.46 64.91
CA GLY F 287 8.19 31.97 63.64
C GLY F 287 6.77 32.37 63.31
N ASP F 288 5.87 32.31 64.31
CA ASP F 288 4.46 32.56 64.05
C ASP F 288 4.23 33.96 63.50
N ARG F 289 4.88 34.96 64.09
CA ARG F 289 4.76 36.33 63.58
C ARG F 289 5.22 36.43 62.13
N TRP F 290 6.21 35.63 61.74
CA TRP F 290 6.63 35.61 60.35
C TRP F 290 5.59 34.91 59.47
N GLU F 291 4.90 33.91 60.00
CA GLU F 291 3.92 33.14 59.24
C GLU F 291 2.50 33.64 59.42
N ASP F 292 2.29 34.70 60.20
CA ASP F 292 0.95 35.21 60.46
C ASP F 292 0.42 36.07 59.33
N LEU F 293 1.26 36.46 58.37
CA LEU F 293 0.79 37.28 57.26
C LEU F 293 -0.22 36.53 56.41
N SER F 294 0.06 35.26 56.10
CA SER F 294 -0.88 34.46 55.33
C SER F 294 -2.06 34.03 56.19
N ARG F 295 -1.81 33.64 57.43
CA ARG F 295 -2.86 33.20 58.34
C ARG F 295 -3.09 34.22 59.45
N GLN G 166 20.32 45.61 -15.56
CA GLN G 166 20.22 44.24 -16.05
C GLN G 166 18.77 43.82 -16.24
N VAL G 167 18.51 42.52 -16.09
CA VAL G 167 17.17 41.97 -16.27
C VAL G 167 16.45 41.98 -14.94
N PRO G 168 15.26 42.59 -14.85
CA PRO G 168 14.53 42.60 -13.58
C PRO G 168 13.97 41.21 -13.26
N THR G 169 13.58 41.05 -12.01
CA THR G 169 13.03 39.79 -11.53
C THR G 169 11.51 39.79 -11.71
N ARG G 170 11.00 38.72 -12.32
CA ARG G 170 9.56 38.61 -12.54
C ARG G 170 8.83 38.44 -11.20
N LYS G 171 7.71 39.16 -11.06
CA LYS G 171 6.96 39.15 -9.81
C LYS G 171 6.04 37.95 -9.75
N ASP G 172 6.01 37.28 -8.59
CA ASP G 172 5.10 36.17 -8.39
C ASP G 172 3.66 36.67 -8.39
N TYR G 173 2.77 35.84 -8.93
CA TYR G 173 1.36 36.19 -9.07
C TYR G 173 0.51 35.29 -8.18
N GLY G 174 -0.39 35.90 -7.41
CA GLY G 174 -1.31 35.15 -6.57
C GLY G 174 -0.65 34.57 -5.34
N SER G 175 -1.47 33.88 -4.56
CA SER G 175 -1.01 33.20 -3.35
C SER G 175 -0.84 31.71 -3.64
N LYS G 176 0.30 31.16 -3.23
CA LYS G 176 0.63 29.78 -3.51
C LYS G 176 0.31 28.89 -2.32
N VAL G 177 0.04 27.61 -2.61
CA VAL G 177 -0.15 26.63 -1.55
C VAL G 177 1.13 26.51 -0.74
N SER G 178 0.97 26.29 0.57
CA SER G 178 2.13 26.27 1.47
C SER G 178 3.09 25.15 1.08
N LEU G 179 2.58 24.00 0.65
CA LEU G 179 3.45 22.91 0.23
C LEU G 179 4.22 23.24 -1.05
N PHE G 180 3.73 24.18 -1.86
CA PHE G 180 4.38 24.58 -3.09
C PHE G 180 4.95 26.00 -3.02
N SER G 181 5.17 26.51 -1.81
CA SER G 181 5.65 27.88 -1.65
C SER G 181 7.10 28.06 -2.10
N HIS G 182 7.84 26.97 -2.30
CA HIS G 182 9.23 27.08 -2.73
C HIS G 182 9.38 27.19 -4.24
N LEU G 183 8.29 27.10 -5.00
CA LEU G 183 8.35 27.17 -6.45
C LEU G 183 7.79 28.51 -6.95
N PRO G 184 8.32 29.03 -8.05
CA PRO G 184 7.78 30.27 -8.61
C PRO G 184 6.42 30.03 -9.27
N GLN G 185 5.66 31.12 -9.35
CA GLN G 185 4.34 31.08 -9.99
C GLN G 185 4.08 32.44 -10.62
N TYR G 186 3.92 32.47 -11.93
CA TYR G 186 3.84 33.70 -12.68
C TYR G 186 2.44 33.89 -13.28
N SER G 187 2.24 35.05 -13.89
CA SER G 187 1.02 35.37 -14.60
C SER G 187 1.30 35.40 -16.10
N ARG G 188 0.40 34.80 -16.88
CA ARG G 188 0.60 34.75 -18.33
C ARG G 188 0.61 36.14 -18.95
N GLN G 189 -0.28 37.02 -18.49
CA GLN G 189 -0.36 38.36 -19.06
C GLN G 189 0.91 39.16 -18.79
N ASN G 190 1.47 39.02 -17.60
CA ASN G 190 2.69 39.74 -17.25
C ASN G 190 3.88 39.20 -18.03
N SER G 191 4.65 40.12 -18.64
CA SER G 191 5.84 39.75 -19.40
C SER G 191 7.02 40.55 -18.89
N LEU G 192 8.21 39.96 -19.01
CA LEU G 192 9.43 40.59 -18.53
C LEU G 192 9.93 41.69 -19.46
N THR G 193 9.48 41.71 -20.71
CA THR G 193 10.02 42.63 -21.70
C THR G 193 9.46 44.05 -21.57
N GLN G 194 8.44 44.27 -20.73
CA GLN G 194 7.93 45.62 -20.57
C GLN G 194 8.92 46.53 -19.87
N PHE G 195 9.82 45.96 -19.07
CA PHE G 195 10.86 46.71 -18.38
C PHE G 195 12.22 46.59 -19.06
N MET G 196 12.26 46.11 -20.30
CA MET G 196 13.50 45.88 -21.02
C MET G 196 13.60 46.83 -22.20
N SER G 197 14.84 47.19 -22.55
CA SER G 197 15.07 48.21 -23.56
C SER G 197 14.72 47.69 -24.95
N ILE G 198 14.16 48.58 -25.77
CA ILE G 198 13.89 48.33 -27.18
C ILE G 198 14.73 49.31 -27.99
N PRO G 199 15.67 48.84 -28.84
CA PRO G 199 15.98 47.43 -29.10
C PRO G 199 16.69 46.76 -27.93
N SER G 200 16.66 45.43 -27.91
CA SER G 200 17.27 44.68 -26.82
C SER G 200 18.79 44.74 -26.91
N SER G 201 19.42 45.08 -25.80
CA SER G 201 20.88 45.16 -25.71
C SER G 201 21.45 44.19 -24.69
N VAL G 202 20.88 44.15 -23.49
CA VAL G 202 21.35 43.20 -22.47
C VAL G 202 21.12 41.77 -22.93
N ILE G 203 19.95 41.50 -23.49
CA ILE G 203 19.58 40.17 -23.94
C ILE G 203 19.52 40.17 -25.46
N HIS G 204 20.06 39.12 -26.07
CA HIS G 204 20.03 39.00 -27.52
C HIS G 204 18.58 38.97 -28.02
N PRO G 205 18.27 39.60 -29.15
CA PRO G 205 16.88 39.65 -29.62
C PRO G 205 16.27 38.27 -29.86
N ALA G 206 17.07 37.31 -30.34
CA ALA G 206 16.55 35.96 -30.54
C ALA G 206 16.10 35.35 -29.22
N MET G 207 16.90 35.52 -28.16
CA MET G 207 16.52 35.03 -26.85
C MET G 207 15.30 35.78 -26.31
N VAL G 208 15.19 37.08 -26.60
CA VAL G 208 14.02 37.84 -26.16
C VAL G 208 12.76 37.28 -26.79
N ARG G 209 12.80 37.04 -28.11
CA ARG G 209 11.65 36.49 -28.80
C ARG G 209 11.33 35.08 -28.30
N LEU G 210 12.36 34.27 -28.09
CA LEU G 210 12.15 32.90 -27.61
C LEU G 210 11.51 32.89 -26.22
N GLY G 211 11.99 33.75 -25.32
CA GLY G 211 11.37 33.84 -24.01
C GLY G 211 9.95 34.37 -24.07
N LEU G 212 9.69 35.29 -25.00
CA LEU G 212 8.34 35.82 -25.16
C LEU G 212 7.37 34.71 -25.59
N GLN G 213 7.79 33.87 -26.54
CA GLN G 213 6.90 32.77 -26.94
C GLN G 213 6.89 31.64 -25.93
N TYR G 214 7.91 31.54 -25.06
CA TYR G 214 7.86 30.57 -23.97
C TYR G 214 6.84 30.99 -22.91
N SER G 215 6.87 32.27 -22.50
CA SER G 215 5.99 32.73 -21.43
C SER G 215 4.53 32.74 -21.86
N GLN G 216 4.27 33.01 -23.13
CA GLN G 216 2.91 33.02 -23.66
C GLN G 216 2.42 31.65 -24.09
N GLY G 217 3.28 30.63 -24.01
CA GLY G 217 2.90 29.30 -24.42
C GLY G 217 2.67 29.15 -25.91
N LEU G 218 3.44 29.85 -26.74
CA LEU G 218 3.31 29.69 -28.19
C LEU G 218 3.96 28.40 -28.67
N VAL G 219 5.00 27.94 -27.98
CA VAL G 219 5.59 26.63 -28.20
C VAL G 219 5.58 25.90 -26.86
N SER G 220 5.11 24.66 -26.86
CA SER G 220 4.87 23.96 -25.60
C SER G 220 5.55 22.60 -25.51
N GLY G 221 5.65 21.87 -26.63
CA GLY G 221 6.20 20.54 -26.57
C GLY G 221 7.66 20.54 -26.16
N SER G 222 8.06 19.48 -25.46
CA SER G 222 9.43 19.37 -24.99
C SER G 222 10.42 19.34 -26.15
N ASN G 223 10.14 18.52 -27.16
CA ASN G 223 10.97 18.50 -28.36
C ASN G 223 10.90 19.83 -29.10
N ALA G 224 9.71 20.41 -29.19
CA ALA G 224 9.57 21.71 -29.83
C ALA G 224 10.34 22.79 -29.07
N ARG G 225 10.25 22.77 -27.74
CA ARG G 225 10.99 23.74 -26.94
C ARG G 225 12.50 23.58 -27.13
N CYS G 226 12.98 22.34 -27.14
CA CYS G 226 14.41 22.10 -27.35
C CYS G 226 14.85 22.57 -28.73
N ILE G 227 14.05 22.29 -29.75
CA ILE G 227 14.40 22.69 -31.12
C ILE G 227 14.43 24.21 -31.23
N ALA G 228 13.44 24.89 -30.66
CA ALA G 228 13.41 26.35 -30.70
C ALA G 228 14.60 26.94 -29.95
N LEU G 229 14.94 26.36 -28.79
CA LEU G 229 16.09 26.84 -28.04
C LEU G 229 17.38 26.67 -28.83
N LEU G 230 17.54 25.52 -29.50
CA LEU G 230 18.74 25.29 -30.28
C LEU G 230 18.81 26.19 -31.50
N ARG G 231 17.66 26.50 -32.12
CA ARG G 231 17.66 27.45 -33.23
C ARG G 231 18.06 28.84 -32.76
N ALA G 232 17.51 29.28 -31.63
CA ALA G 232 17.88 30.59 -31.08
C ALA G 232 19.36 30.62 -30.72
N LEU G 233 19.88 29.51 -30.16
CA LEU G 233 21.30 29.45 -29.83
C LEU G 233 22.16 29.50 -31.10
N GLN G 234 21.71 28.85 -32.18
CA GLN G 234 22.43 28.94 -33.44
C GLN G 234 22.45 30.38 -33.95
N GLN G 235 21.32 31.08 -33.84
CA GLN G 235 21.28 32.49 -34.23
C GLN G 235 22.26 33.32 -33.40
N VAL G 236 22.30 33.06 -32.09
CA VAL G 236 23.21 33.79 -31.21
C VAL G 236 24.66 33.53 -31.59
N ILE G 237 25.00 32.27 -31.86
CA ILE G 237 26.36 31.93 -32.25
C ILE G 237 26.71 32.61 -33.58
N GLN G 238 25.75 32.67 -34.50
CA GLN G 238 25.98 33.35 -35.77
C GLN G 238 26.25 34.84 -35.56
N ASP G 239 25.50 35.47 -34.66
CA ASP G 239 25.66 36.89 -34.41
C ASP G 239 26.80 37.21 -33.43
N TYR G 240 27.38 36.19 -32.79
CA TYR G 240 28.40 36.42 -31.78
C TYR G 240 29.72 36.86 -32.41
N THR G 241 30.44 37.71 -31.69
CA THR G 241 31.79 38.11 -32.04
C THR G 241 32.68 38.06 -30.81
N THR G 242 33.97 37.82 -31.03
CA THR G 242 34.81 37.71 -29.85
C THR G 242 35.38 39.06 -29.46
N PRO G 243 35.49 39.35 -28.16
CA PRO G 243 36.12 40.60 -27.72
C PRO G 243 37.62 40.47 -27.69
N PRO G 244 38.35 41.57 -27.82
CA PRO G 244 39.82 41.50 -27.79
C PRO G 244 40.33 41.02 -26.44
N ASN G 245 41.46 40.32 -26.48
CA ASN G 245 42.12 39.77 -25.28
C ASN G 245 41.17 38.85 -24.51
N GLU G 246 40.51 37.95 -25.24
CA GLU G 246 39.62 36.98 -24.63
C GLU G 246 39.50 35.78 -25.54
N GLU G 247 39.00 34.67 -24.98
CA GLU G 247 38.82 33.43 -25.69
C GLU G 247 37.35 33.12 -25.85
N LEU G 248 37.00 32.52 -27.00
CA LEU G 248 35.60 32.17 -27.26
C LEU G 248 35.09 31.15 -26.27
N SER G 249 35.93 30.15 -25.93
CA SER G 249 35.48 29.05 -25.08
C SER G 249 35.02 29.54 -23.71
N ARG G 250 35.56 30.66 -23.23
CA ARG G 250 35.13 31.23 -21.96
C ARG G 250 34.12 32.36 -22.13
N ASP G 251 34.35 33.25 -23.09
CA ASP G 251 33.46 34.39 -23.27
C ASP G 251 32.06 33.95 -23.68
N LEU G 252 31.95 32.99 -24.60
CA LEU G 252 30.64 32.52 -25.01
C LEU G 252 29.90 31.85 -23.87
N VAL G 253 30.60 31.03 -23.08
CA VAL G 253 29.95 30.37 -21.94
C VAL G 253 29.47 31.39 -20.94
N ASN G 254 30.30 32.40 -20.64
CA ASN G 254 29.89 33.42 -19.68
C ASN G 254 28.74 34.28 -20.22
N LYS G 255 28.72 34.50 -21.54
CA LYS G 255 27.68 35.34 -22.14
C LYS G 255 26.34 34.61 -22.25
N LEU G 256 26.36 33.29 -22.39
CA LEU G 256 25.10 32.57 -22.55
C LEU G 256 24.31 32.47 -21.25
N LYS G 257 24.99 32.54 -20.10
CA LYS G 257 24.30 32.33 -18.82
C LYS G 257 23.20 33.35 -18.56
N PRO G 258 23.39 34.65 -18.75
CA PRO G 258 22.26 35.58 -18.54
C PRO G 258 21.08 35.29 -19.44
N TYR G 259 21.32 34.84 -20.68
CA TYR G 259 20.22 34.50 -21.56
C TYR G 259 19.42 33.32 -21.01
N MET G 260 20.11 32.32 -20.47
CA MET G 260 19.40 31.18 -19.91
C MET G 260 18.67 31.57 -18.63
N SER G 261 19.23 32.49 -17.84
CA SER G 261 18.51 32.98 -16.66
C SER G 261 17.25 33.72 -17.08
N PHE G 262 17.33 34.54 -18.14
CA PHE G 262 16.14 35.22 -18.64
C PHE G 262 15.10 34.22 -19.14
N LEU G 263 15.55 33.18 -19.85
CA LEU G 263 14.63 32.16 -20.33
C LEU G 263 13.95 31.43 -19.17
N THR G 264 14.72 31.11 -18.12
CA THR G 264 14.15 30.49 -16.94
C THR G 264 13.12 31.40 -16.27
N GLN G 265 13.40 32.70 -16.23
CA GLN G 265 12.44 33.65 -15.69
C GLN G 265 11.16 33.66 -16.53
N CYS G 266 11.29 33.58 -17.85
CA CYS G 266 10.12 33.51 -18.71
C CYS G 266 9.31 32.24 -18.45
N ARG G 267 9.99 31.10 -18.28
CA ARG G 267 9.37 29.83 -17.95
C ARG G 267 10.45 28.85 -17.50
N PRO G 268 10.20 28.03 -16.49
CA PRO G 268 11.22 27.07 -16.05
C PRO G 268 11.62 26.12 -17.17
N LEU G 269 12.91 25.84 -17.24
CA LEU G 269 13.44 25.02 -18.32
C LEU G 269 13.03 23.57 -18.16
N SER G 270 12.73 22.91 -19.29
CA SER G 270 12.42 21.50 -19.26
C SER G 270 13.69 20.67 -19.27
N ALA G 271 13.53 19.36 -19.05
CA ALA G 271 14.68 18.46 -18.98
C ALA G 271 15.42 18.39 -20.31
N SER G 272 14.68 18.37 -21.42
CA SER G 272 15.31 18.32 -22.73
C SER G 272 16.15 19.57 -22.97
N MET G 273 15.63 20.74 -22.61
CA MET G 273 16.40 21.98 -22.76
C MET G 273 17.61 21.98 -21.83
N HIS G 274 17.47 21.45 -20.62
CA HIS G 274 18.62 21.35 -19.72
C HIS G 274 19.73 20.49 -20.33
N ASN G 275 19.34 19.34 -20.89
CA ASN G 275 20.33 18.46 -21.52
C ASN G 275 20.96 19.13 -22.73
N ALA G 276 20.16 19.87 -23.51
CA ALA G 276 20.71 20.59 -24.66
C ALA G 276 21.70 21.65 -24.21
N ILE G 277 21.39 22.37 -23.13
CA ILE G 277 22.30 23.38 -22.60
C ILE G 277 23.60 22.73 -22.15
N LYS G 278 23.50 21.60 -21.45
CA LYS G 278 24.71 20.89 -21.01
C LYS G 278 25.56 20.46 -22.20
N PHE G 279 24.91 19.91 -23.24
CA PHE G 279 25.65 19.48 -24.41
C PHE G 279 26.32 20.65 -25.11
N LEU G 280 25.61 21.77 -25.25
CA LEU G 280 26.19 22.93 -25.93
C LEU G 280 27.34 23.53 -25.13
N ASN G 281 27.21 23.57 -23.80
CA ASN G 281 28.30 24.06 -22.98
C ASN G 281 29.52 23.16 -23.10
N LYS G 282 29.31 21.84 -23.12
CA LYS G 282 30.43 20.92 -23.31
C LYS G 282 31.08 21.10 -24.68
N GLU G 283 30.26 21.35 -25.71
CA GLU G 283 30.81 21.55 -27.04
C GLU G 283 31.60 22.86 -27.13
N ILE G 284 31.09 23.92 -26.50
CA ILE G 284 31.78 25.21 -26.57
C ILE G 284 33.07 25.17 -25.76
N THR G 285 33.05 24.52 -24.60
CA THR G 285 34.28 24.38 -23.81
C THR G 285 35.34 23.58 -24.56
N SER G 286 34.91 22.60 -25.37
CA SER G 286 35.85 21.77 -26.13
C SER G 286 36.47 22.51 -27.30
N VAL G 287 35.99 23.71 -27.63
CA VAL G 287 36.55 24.46 -28.76
C VAL G 287 37.96 24.91 -28.42
N GLY G 288 38.90 24.60 -29.31
CA GLY G 288 40.29 24.95 -29.07
C GLY G 288 40.53 26.44 -29.18
N SER G 289 41.53 26.91 -28.42
CA SER G 289 41.88 28.33 -28.46
C SER G 289 42.47 28.72 -29.80
N SER G 290 43.28 27.83 -30.40
CA SER G 290 43.89 28.10 -31.69
C SER G 290 42.89 28.11 -32.84
N LYS G 291 41.66 27.66 -32.61
CA LYS G 291 40.67 27.63 -33.67
C LYS G 291 40.27 29.05 -34.08
N ARG G 292 40.04 29.23 -35.37
CA ARG G 292 39.61 30.53 -35.87
C ARG G 292 38.15 30.79 -35.49
N GLU G 293 37.78 32.07 -35.45
CA GLU G 293 36.45 32.45 -34.98
C GLU G 293 35.35 31.89 -35.88
N GLU G 294 35.46 32.12 -37.19
CA GLU G 294 34.42 31.66 -38.09
C GLU G 294 34.41 30.13 -38.21
N GLU G 295 35.59 29.50 -38.17
CA GLU G 295 35.64 28.04 -38.14
C GLU G 295 34.93 27.50 -36.90
N ALA G 296 35.19 28.12 -35.74
CA ALA G 296 34.55 27.67 -34.51
C ALA G 296 33.04 27.86 -34.58
N LYS G 297 32.59 28.99 -35.11
CA LYS G 297 31.16 29.24 -35.22
C LYS G 297 30.48 28.24 -36.15
N SER G 298 31.10 27.97 -37.31
CA SER G 298 30.53 27.00 -38.24
C SER G 298 30.50 25.61 -37.62
N GLU G 299 31.57 25.24 -36.92
CA GLU G 299 31.61 23.93 -36.26
C GLU G 299 30.54 23.83 -35.18
N LEU G 300 30.32 24.89 -34.42
CA LEU G 300 29.27 24.88 -33.41
C LEU G 300 27.89 24.74 -34.03
N ARG G 301 27.63 25.48 -35.12
CA ARG G 301 26.34 25.36 -35.79
C ARG G 301 26.13 23.96 -36.36
N ALA G 302 27.18 23.38 -36.95
CA ALA G 302 27.08 22.02 -37.48
C ALA G 302 26.85 21.02 -36.35
N ALA G 303 27.52 21.21 -35.22
CA ALA G 303 27.31 20.32 -34.08
C ALA G 303 25.88 20.42 -33.55
N ILE G 304 25.32 21.63 -33.52
CA ILE G 304 23.93 21.78 -33.09
C ILE G 304 22.99 21.07 -34.05
N ASP G 305 23.22 21.23 -35.36
CA ASP G 305 22.39 20.56 -36.35
C ASP G 305 22.49 19.04 -36.22
N ARG G 306 23.71 18.52 -36.04
CA ARG G 306 23.89 17.08 -35.88
C ARG G 306 23.23 16.57 -34.61
N TYR G 307 23.32 17.34 -33.53
CA TYR G 307 22.65 16.97 -32.29
C TYR G 307 21.15 16.88 -32.50
N VAL G 308 20.56 17.89 -33.15
CA VAL G 308 19.13 17.84 -33.42
C VAL G 308 18.79 16.60 -34.23
N GLN G 309 19.49 16.39 -35.34
CA GLN G 309 19.24 15.23 -36.19
C GLN G 309 19.26 13.94 -35.40
N GLU G 310 20.41 13.63 -34.78
CA GLU G 310 20.59 12.34 -34.13
C GLU G 310 19.63 12.17 -32.96
N LYS G 311 19.50 13.20 -32.11
CA LYS G 311 18.73 13.04 -30.89
C LYS G 311 17.22 13.09 -31.10
N ILE G 312 16.74 13.65 -32.21
CA ILE G 312 15.30 13.75 -32.47
C ILE G 312 14.86 12.83 -33.60
N VAL G 313 15.35 13.06 -34.82
CA VAL G 313 14.74 12.44 -35.98
C VAL G 313 15.06 10.94 -36.04
N LEU G 314 16.35 10.60 -36.00
CA LEU G 314 16.74 9.20 -36.05
C LEU G 314 16.24 8.44 -34.83
N ALA G 315 16.24 9.10 -33.67
CA ALA G 315 15.72 8.46 -32.46
C ALA G 315 14.24 8.15 -32.60
N ALA G 316 13.46 9.10 -33.14
CA ALA G 316 12.03 8.86 -33.33
C ALA G 316 11.80 7.74 -34.34
N GLN G 317 12.58 7.70 -35.42
CA GLN G 317 12.41 6.64 -36.41
C GLN G 317 12.74 5.27 -35.81
N ALA G 318 13.82 5.18 -35.02
CA ALA G 318 14.17 3.92 -34.39
C ALA G 318 13.11 3.50 -33.38
N ILE G 319 12.58 4.45 -32.61
CA ILE G 319 11.55 4.13 -31.63
C ILE G 319 10.27 3.66 -32.33
N SER G 320 9.93 4.27 -33.47
CA SER G 320 8.78 3.82 -34.24
C SER G 320 8.97 2.41 -34.75
N ARG G 321 10.18 2.11 -35.27
CA ARG G 321 10.44 0.75 -35.73
C ARG G 321 10.34 -0.26 -34.59
N PHE G 322 10.88 0.10 -33.42
CA PHE G 322 10.80 -0.81 -32.27
C PHE G 322 9.36 -1.02 -31.83
N ALA G 323 8.56 0.06 -31.78
CA ALA G 323 7.19 -0.02 -31.31
C ALA G 323 6.26 -0.68 -32.32
N TYR G 324 6.67 -0.76 -33.59
CA TYR G 324 5.86 -1.48 -34.57
C TYR G 324 5.69 -2.95 -34.17
N GLN G 325 6.72 -3.55 -33.57
CA GLN G 325 6.65 -4.95 -33.18
C GLN G 325 5.70 -5.19 -32.02
N LYS G 326 5.40 -4.16 -31.22
CA LYS G 326 4.51 -4.29 -30.07
C LYS G 326 3.07 -3.94 -30.38
N ILE G 327 2.75 -3.61 -31.62
CA ILE G 327 1.39 -3.28 -32.02
C ILE G 327 0.89 -4.38 -32.95
N SER G 328 -0.23 -4.98 -32.58
CA SER G 328 -0.83 -6.08 -33.34
C SER G 328 -2.19 -5.67 -33.87
N ASN G 329 -2.72 -6.49 -34.77
CA ASN G 329 -4.02 -6.21 -35.37
C ASN G 329 -5.13 -6.39 -34.35
N GLY G 330 -6.04 -5.43 -34.30
CA GLY G 330 -7.23 -5.54 -33.47
C GLY G 330 -7.06 -5.18 -32.02
N ASP G 331 -6.00 -4.48 -31.65
CA ASP G 331 -5.80 -4.07 -30.26
C ASP G 331 -6.20 -2.61 -30.07
N VAL G 332 -6.44 -2.25 -28.81
CA VAL G 332 -6.85 -0.91 -28.44
C VAL G 332 -5.72 -0.26 -27.66
N ILE G 333 -5.26 0.89 -28.13
CA ILE G 333 -4.13 1.60 -27.55
C ILE G 333 -4.65 2.89 -26.92
N LEU G 334 -4.26 3.12 -25.66
CA LEU G 334 -4.65 4.31 -24.92
C LEU G 334 -3.48 5.29 -24.87
N VAL G 335 -3.74 6.54 -25.21
CA VAL G 335 -2.73 7.60 -25.19
C VAL G 335 -3.24 8.76 -24.37
N TYR G 336 -2.30 9.57 -23.88
CA TYR G 336 -2.62 10.69 -23.00
C TYR G 336 -1.98 11.97 -23.53
N GLY G 337 -2.77 13.04 -23.59
CA GLY G 337 -2.27 14.35 -23.94
C GLY G 337 -1.72 14.40 -25.37
N CYS G 338 -0.70 15.24 -25.55
CA CYS G 338 -0.05 15.43 -26.84
C CYS G 338 1.41 15.04 -26.74
N SER G 339 1.85 14.15 -27.62
CA SER G 339 3.24 13.75 -27.70
C SER G 339 3.57 13.47 -29.16
N SER G 340 4.58 14.16 -29.69
CA SER G 340 4.94 13.97 -31.09
C SER G 340 5.43 12.55 -31.34
N LEU G 341 6.19 11.99 -30.40
CA LEU G 341 6.70 10.64 -30.56
C LEU G 341 5.57 9.62 -30.64
N VAL G 342 4.58 9.74 -29.75
CA VAL G 342 3.45 8.81 -29.76
C VAL G 342 2.66 8.93 -31.06
N SER G 343 2.41 10.16 -31.51
CA SER G 343 1.67 10.37 -32.75
C SER G 343 2.41 9.78 -33.94
N ARG G 344 3.72 10.01 -34.01
CA ARG G 344 4.51 9.43 -35.10
C ARG G 344 4.48 7.90 -35.05
N ILE G 345 4.63 7.34 -33.85
CA ILE G 345 4.60 5.88 -33.71
C ILE G 345 3.30 5.32 -34.25
N LEU G 346 2.18 5.92 -33.83
CA LEU G 346 0.87 5.44 -34.27
C LEU G 346 0.70 5.62 -35.77
N GLN G 347 1.16 6.75 -36.31
CA GLN G 347 0.99 7.02 -37.74
C GLN G 347 1.75 6.01 -38.58
N GLU G 348 3.03 5.75 -38.25
CA GLU G 348 3.77 4.76 -39.01
C GLU G 348 3.23 3.35 -38.79
N ALA G 349 2.76 3.02 -37.58
CA ALA G 349 2.17 1.71 -37.36
C ALA G 349 0.94 1.51 -38.24
N TRP G 350 0.11 2.54 -38.36
CA TRP G 350 -1.03 2.46 -39.27
C TRP G 350 -0.58 2.37 -40.72
N THR G 351 0.48 3.10 -41.07
CA THR G 351 0.95 3.13 -42.46
C THR G 351 1.46 1.76 -42.91
N GLU G 352 2.24 1.08 -42.06
CA GLU G 352 2.82 -0.20 -42.46
C GLU G 352 1.77 -1.30 -42.58
N GLY G 353 0.54 -1.08 -42.13
CA GLY G 353 -0.53 -2.04 -42.31
C GLY G 353 -1.19 -2.55 -41.04
N ARG G 354 -0.77 -2.12 -39.86
CA ARG G 354 -1.46 -2.52 -38.65
C ARG G 354 -2.85 -1.89 -38.60
N ARG G 355 -3.83 -2.67 -38.16
CA ARG G 355 -5.21 -2.21 -38.04
C ARG G 355 -5.60 -2.24 -36.56
N PHE G 356 -5.96 -1.08 -36.03
CA PHE G 356 -6.23 -0.93 -34.62
C PHE G 356 -7.06 0.34 -34.40
N ARG G 357 -7.37 0.62 -33.14
CA ARG G 357 -8.05 1.83 -32.75
C ARG G 357 -7.32 2.45 -31.56
N VAL G 358 -7.43 3.77 -31.44
CA VAL G 358 -6.72 4.53 -30.42
C VAL G 358 -7.73 5.20 -29.51
N VAL G 359 -7.44 5.20 -28.21
CA VAL G 359 -8.25 5.89 -27.21
C VAL G 359 -7.43 7.04 -26.68
N VAL G 360 -7.96 8.26 -26.82
CA VAL G 360 -7.25 9.49 -26.45
C VAL G 360 -7.81 9.99 -25.13
N VAL G 361 -6.92 10.27 -24.17
CA VAL G 361 -7.29 10.79 -22.87
C VAL G 361 -6.77 12.22 -22.76
N ASP G 362 -7.61 13.12 -22.27
CA ASP G 362 -7.29 14.53 -22.17
C ASP G 362 -7.61 15.05 -20.78
N SER G 363 -6.94 16.13 -20.40
CA SER G 363 -7.14 16.75 -19.09
C SER G 363 -7.11 18.26 -19.22
N ARG G 364 -7.86 18.92 -18.34
CA ARG G 364 -7.89 20.37 -18.27
C ARG G 364 -6.64 20.89 -17.56
N PRO G 365 -6.27 22.17 -17.79
CA PRO G 365 -6.89 23.15 -18.69
C PRO G 365 -6.24 23.22 -20.07
N TRP G 366 -5.13 22.50 -20.27
CA TRP G 366 -4.39 22.61 -21.52
C TRP G 366 -5.15 21.96 -22.67
N LEU G 367 -5.74 20.79 -22.42
CA LEU G 367 -6.47 20.03 -23.44
C LEU G 367 -5.61 19.77 -24.67
N GLU G 368 -4.35 19.37 -24.42
CA GLU G 368 -3.43 19.10 -25.50
C GLU G 368 -3.79 17.85 -26.29
N GLY G 369 -4.48 16.90 -25.67
CA GLY G 369 -4.82 15.65 -26.35
C GLY G 369 -5.60 15.88 -27.63
N ARG G 370 -6.42 16.93 -27.67
CA ARG G 370 -7.17 17.26 -28.89
C ARG G 370 -6.24 17.32 -30.10
N HIS G 371 -5.07 17.95 -29.94
CA HIS G 371 -4.08 17.97 -31.00
C HIS G 371 -3.88 16.59 -31.59
N THR G 372 -3.48 15.64 -30.73
CA THR G 372 -3.25 14.27 -31.20
C THR G 372 -4.47 13.72 -31.91
N LEU G 373 -5.66 13.98 -31.35
CA LEU G 373 -6.89 13.51 -31.97
C LEU G 373 -6.94 13.93 -33.43
N ARG G 374 -6.72 15.23 -33.69
CA ARG G 374 -6.77 15.71 -35.06
C ARG G 374 -5.80 14.93 -35.94
N SER G 375 -4.56 14.75 -35.46
CA SER G 375 -3.58 13.99 -36.22
C SER G 375 -4.13 12.62 -36.57
N LEU G 376 -4.69 11.91 -35.59
CA LEU G 376 -5.24 10.60 -35.86
C LEU G 376 -6.36 10.67 -36.89
N VAL G 377 -7.24 11.68 -36.76
CA VAL G 377 -8.32 11.83 -37.72
C VAL G 377 -7.76 12.08 -39.11
N HIS G 378 -6.62 12.77 -39.20
CA HIS G 378 -6.01 13.02 -40.50
C HIS G 378 -5.20 11.83 -41.01
N ALA G 379 -4.92 10.84 -40.16
CA ALA G 379 -4.20 9.66 -40.57
C ALA G 379 -5.10 8.50 -40.95
N GLY G 380 -6.41 8.62 -40.71
CA GLY G 380 -7.34 7.54 -40.96
C GLY G 380 -7.49 6.56 -39.83
N VAL G 381 -6.74 6.74 -38.75
CA VAL G 381 -6.82 5.81 -37.60
C VAL G 381 -8.11 6.08 -36.83
N PRO G 382 -8.92 5.07 -36.54
CA PRO G 382 -10.08 5.28 -35.67
C PRO G 382 -9.64 5.73 -34.29
N ALA G 383 -10.41 6.65 -33.71
CA ALA G 383 -10.02 7.27 -32.45
C ALA G 383 -11.24 7.52 -31.58
N SER G 384 -11.00 7.56 -30.27
CA SER G 384 -12.01 7.90 -29.29
C SER G 384 -11.44 8.97 -28.37
N TYR G 385 -12.34 9.76 -27.77
CA TYR G 385 -11.95 10.91 -26.96
C TYR G 385 -12.72 10.90 -25.65
N LEU G 386 -12.00 11.17 -24.55
CA LEU G 386 -12.61 11.27 -23.23
C LEU G 386 -11.64 12.01 -22.32
N LEU G 387 -12.16 12.43 -21.17
CA LEU G 387 -11.37 13.10 -20.15
C LEU G 387 -10.77 12.10 -19.18
N ILE G 388 -9.75 12.55 -18.43
CA ILE G 388 -9.04 11.64 -17.53
C ILE G 388 -9.94 11.03 -16.45
N PRO G 389 -10.90 11.72 -15.83
CA PRO G 389 -11.67 11.07 -14.76
C PRO G 389 -12.44 9.84 -15.22
N ALA G 390 -12.76 9.74 -16.50
CA ALA G 390 -13.50 8.60 -17.04
C ALA G 390 -12.57 7.49 -17.54
N ALA G 391 -11.26 7.61 -17.30
CA ALA G 391 -10.32 6.63 -17.83
C ALA G 391 -10.63 5.24 -17.30
N SER G 392 -10.96 5.12 -16.01
CA SER G 392 -11.29 3.83 -15.43
C SER G 392 -12.48 3.17 -16.14
N TYR G 393 -13.34 3.96 -16.78
CA TYR G 393 -14.45 3.38 -17.53
C TYR G 393 -13.98 2.68 -18.80
N VAL G 394 -12.92 3.19 -19.44
CA VAL G 394 -12.54 2.74 -20.77
C VAL G 394 -11.40 1.71 -20.76
N LEU G 395 -10.67 1.58 -19.66
CA LEU G 395 -9.54 0.65 -19.60
C LEU G 395 -9.91 -0.83 -19.70
N PRO G 396 -11.12 -1.26 -19.30
CA PRO G 396 -11.48 -2.66 -19.53
C PRO G 396 -11.37 -3.10 -20.99
N GLU G 397 -11.65 -2.23 -21.95
CA GLU G 397 -11.52 -2.58 -23.36
C GLU G 397 -10.16 -2.23 -23.93
N VAL G 398 -9.28 -1.63 -23.14
CA VAL G 398 -7.96 -1.22 -23.60
C VAL G 398 -6.99 -2.39 -23.44
N SER G 399 -6.17 -2.61 -24.46
CA SER G 399 -5.19 -3.69 -24.45
C SER G 399 -3.78 -3.23 -24.07
N LYS G 400 -3.35 -2.07 -24.57
CA LYS G 400 -2.05 -1.51 -24.22
C LYS G 400 -2.21 -0.02 -23.95
N VAL G 401 -1.33 0.52 -23.10
CA VAL G 401 -1.29 1.94 -22.80
C VAL G 401 0.06 2.47 -23.25
N LEU G 402 0.04 3.45 -24.14
CA LEU G 402 1.24 4.07 -24.68
C LEU G 402 1.33 5.50 -24.17
N LEU G 403 2.38 5.80 -23.41
CA LEU G 403 2.53 7.08 -22.75
C LEU G 403 3.82 7.75 -23.18
N GLY G 404 3.73 9.05 -23.50
CA GLY G 404 4.92 9.83 -23.72
C GLY G 404 5.53 10.30 -22.42
N ALA G 405 6.81 10.69 -22.50
CA ALA G 405 7.55 11.10 -21.32
C ALA G 405 8.27 12.41 -21.60
N HIS G 406 8.29 13.29 -20.59
CA HIS G 406 9.09 14.50 -20.67
C HIS G 406 10.51 14.29 -20.15
N ALA G 407 10.70 13.34 -19.25
CA ALA G 407 12.02 13.03 -18.71
C ALA G 407 11.98 11.66 -18.06
N LEU G 408 13.14 11.01 -18.05
CA LEU G 408 13.35 9.76 -17.33
C LEU G 408 14.42 9.99 -16.28
N LEU G 409 14.11 9.66 -15.03
CA LEU G 409 15.01 9.92 -13.92
C LEU G 409 15.90 8.72 -13.65
N ALA G 410 17.00 8.98 -12.92
CA ALA G 410 18.01 7.95 -12.70
C ALA G 410 17.50 6.75 -11.92
N ASN G 411 16.41 6.91 -11.16
CA ASN G 411 15.83 5.80 -10.42
C ASN G 411 14.78 5.05 -11.20
N GLY G 412 14.57 5.40 -12.48
CA GLY G 412 13.57 4.76 -13.29
C GLY G 412 12.21 5.43 -13.29
N SER G 413 12.03 6.48 -12.50
CA SER G 413 10.77 7.20 -12.48
C SER G 413 10.56 7.96 -13.79
N VAL G 414 9.31 8.18 -14.13
CA VAL G 414 8.94 8.87 -15.37
C VAL G 414 8.33 10.21 -14.99
N MET G 415 9.02 11.30 -15.33
CA MET G 415 8.50 12.64 -15.11
C MET G 415 7.75 13.06 -16.37
N SER G 416 6.47 13.38 -16.24
CA SER G 416 5.65 13.65 -17.41
C SER G 416 4.53 14.60 -17.03
N ARG G 417 3.59 14.80 -17.96
CA ARG G 417 2.44 15.66 -17.70
C ARG G 417 1.61 15.08 -16.56
N VAL G 418 1.07 15.98 -15.73
CA VAL G 418 0.29 15.55 -14.58
C VAL G 418 -0.90 14.72 -15.04
N GLY G 419 -1.14 13.60 -14.34
CA GLY G 419 -2.14 12.63 -14.75
C GLY G 419 -1.58 11.38 -15.39
N THR G 420 -0.29 11.36 -15.73
CA THR G 420 0.30 10.17 -16.33
C THR G 420 0.40 9.04 -15.29
N ALA G 421 0.88 9.36 -14.09
CA ALA G 421 0.94 8.36 -13.03
C ALA G 421 -0.44 7.87 -12.65
N GLN G 422 -1.45 8.74 -12.73
CA GLN G 422 -2.82 8.33 -12.51
C GLN G 422 -3.23 7.24 -13.49
N LEU G 423 -2.96 7.47 -14.77
CA LEU G 423 -3.32 6.48 -15.80
C LEU G 423 -2.53 5.19 -15.61
N ALA G 424 -1.26 5.30 -15.24
CA ALA G 424 -0.47 4.09 -14.98
C ALA G 424 -1.06 3.29 -13.83
N LEU G 425 -1.46 3.96 -12.75
CA LEU G 425 -2.04 3.27 -11.62
C LEU G 425 -3.37 2.60 -11.97
N VAL G 426 -4.23 3.30 -12.72
CA VAL G 426 -5.51 2.72 -13.08
C VAL G 426 -5.32 1.55 -14.06
N ALA G 427 -4.34 1.68 -14.97
CA ALA G 427 -4.04 0.58 -15.88
C ALA G 427 -3.54 -0.65 -15.12
N ARG G 428 -2.69 -0.43 -14.12
CA ARG G 428 -2.26 -1.55 -13.29
C ARG G 428 -3.44 -2.17 -12.56
N ALA G 429 -4.35 -1.34 -12.06
CA ALA G 429 -5.56 -1.85 -11.41
C ALA G 429 -6.43 -2.64 -12.38
N HIS G 430 -6.36 -2.34 -13.67
CA HIS G 430 -7.12 -3.05 -14.69
C HIS G 430 -6.30 -4.07 -15.45
N ASN G 431 -5.08 -4.36 -14.99
CA ASN G 431 -4.23 -5.40 -15.58
C ASN G 431 -3.89 -5.09 -17.04
N VAL G 432 -3.57 -3.84 -17.33
CA VAL G 432 -3.20 -3.39 -18.67
C VAL G 432 -1.74 -3.00 -18.66
N PRO G 433 -0.90 -3.54 -19.55
CA PRO G 433 0.51 -3.14 -19.57
C PRO G 433 0.68 -1.69 -19.95
N VAL G 434 1.72 -1.07 -19.39
CA VAL G 434 2.01 0.34 -19.59
C VAL G 434 3.34 0.45 -20.33
N LEU G 435 3.33 1.12 -21.47
CA LEU G 435 4.52 1.33 -22.29
C LEU G 435 4.85 2.81 -22.35
N VAL G 436 6.14 3.12 -22.19
CA VAL G 436 6.63 4.49 -22.22
C VAL G 436 7.67 4.61 -23.31
N CYS G 437 7.49 5.58 -24.20
CA CYS G 437 8.46 5.87 -25.25
C CYS G 437 9.15 7.19 -24.94
N CYS G 438 10.48 7.20 -25.04
CA CYS G 438 11.26 8.38 -24.69
C CYS G 438 12.62 8.28 -25.35
N GLU G 439 13.08 9.38 -25.93
CA GLU G 439 14.42 9.44 -26.48
C GLU G 439 15.45 9.51 -25.35
N THR G 440 16.62 8.92 -25.61
CA THR G 440 17.64 8.83 -24.57
C THR G 440 18.21 10.18 -24.18
N TYR G 441 18.06 11.21 -25.01
CA TYR G 441 18.56 12.53 -24.66
C TYR G 441 17.71 13.21 -23.60
N LYS G 442 16.54 12.66 -23.27
CA LYS G 442 15.71 13.18 -22.19
C LYS G 442 15.99 12.49 -20.85
N PHE G 443 16.97 11.59 -20.81
CA PHE G 443 17.32 10.91 -19.56
C PHE G 443 18.09 11.87 -18.65
N CYS G 444 17.74 11.88 -17.38
CA CYS G 444 18.32 12.79 -16.40
C CYS G 444 19.02 12.01 -15.30
N GLU G 445 20.13 12.57 -14.82
CA GLU G 445 20.88 11.95 -13.73
C GLU G 445 20.27 12.22 -12.36
N ARG G 446 19.39 13.21 -12.25
CA ARG G 446 18.78 13.53 -10.97
C ARG G 446 17.69 12.52 -10.63
N VAL G 447 17.29 12.52 -9.36
CA VAL G 447 16.25 11.63 -8.87
C VAL G 447 15.17 12.47 -8.19
N GLN G 448 13.96 11.91 -8.15
CA GLN G 448 12.82 12.61 -7.59
C GLN G 448 11.78 11.59 -7.15
N THR G 449 11.36 11.67 -5.90
CA THR G 449 10.42 10.71 -5.33
C THR G 449 8.96 11.15 -5.38
N ASP G 450 8.70 12.45 -5.54
CA ASP G 450 7.33 12.95 -5.54
C ASP G 450 7.27 14.18 -6.44
N ALA G 451 6.06 14.73 -6.58
CA ALA G 451 5.82 15.88 -7.44
C ALA G 451 5.91 17.21 -6.71
N PHE G 452 6.26 17.20 -5.43
CA PHE G 452 6.29 18.42 -4.63
C PHE G 452 7.65 19.10 -4.63
N VAL G 453 8.73 18.33 -4.62
CA VAL G 453 10.06 18.92 -4.49
C VAL G 453 10.43 19.72 -5.73
N SER G 454 10.15 19.18 -6.92
CA SER G 454 10.46 19.84 -8.18
C SER G 454 9.26 19.75 -9.10
N ASN G 455 8.74 20.91 -9.50
CA ASN G 455 7.57 20.99 -10.36
C ASN G 455 7.47 22.41 -10.88
N GLU G 456 6.46 22.65 -11.72
CA GLU G 456 6.20 23.97 -12.28
C GLU G 456 4.79 24.40 -11.92
N LEU G 457 4.64 25.67 -11.57
CA LEU G 457 3.34 26.25 -11.23
C LEU G 457 2.89 27.13 -12.39
N ASP G 458 1.85 26.69 -13.09
CA ASP G 458 1.29 27.46 -14.19
C ASP G 458 0.41 28.58 -13.66
N ASP G 459 -0.22 29.30 -14.57
CA ASP G 459 -1.07 30.42 -14.18
C ASP G 459 -2.34 29.88 -13.53
N PRO G 460 -2.63 30.24 -12.28
CA PRO G 460 -3.84 29.73 -11.63
C PRO G 460 -5.12 30.16 -12.32
N ASP G 461 -5.14 31.33 -12.95
CA ASP G 461 -6.34 31.82 -13.60
C ASP G 461 -6.80 30.91 -14.74
N ASP G 462 -5.92 30.06 -15.26
CA ASP G 462 -6.33 29.10 -16.28
C ASP G 462 -7.34 28.09 -15.75
N LEU G 463 -7.40 27.90 -14.43
CA LEU G 463 -8.34 26.95 -13.86
C LEU G 463 -9.78 27.44 -13.93
N GLN G 464 -10.00 28.73 -14.17
CA GLN G 464 -11.35 29.25 -14.24
C GLN G 464 -12.05 28.72 -15.49
N CYS G 465 -13.28 28.22 -15.29
CA CYS G 465 -14.08 27.68 -16.38
C CYS G 465 -15.48 28.27 -16.31
N LYS G 466 -16.07 28.48 -17.48
CA LYS G 466 -17.41 29.05 -17.58
C LYS G 466 -18.41 27.91 -17.62
N ARG G 467 -19.02 27.60 -16.47
CA ARG G 467 -20.04 26.58 -16.36
C ARG G 467 -21.38 27.26 -16.14
N GLY G 468 -22.34 27.00 -17.03
CA GLY G 468 -23.62 27.67 -16.96
C GLY G 468 -23.54 29.10 -17.49
N GLU G 469 -23.79 30.06 -16.61
CA GLU G 469 -23.72 31.47 -16.97
C GLU G 469 -22.72 32.26 -16.13
N HIS G 470 -22.06 31.63 -15.17
CA HIS G 470 -21.14 32.33 -14.28
C HIS G 470 -19.87 31.50 -14.12
N VAL G 471 -18.79 32.19 -13.72
CA VAL G 471 -17.51 31.57 -13.43
C VAL G 471 -17.35 31.54 -11.92
N ALA G 472 -17.33 30.34 -11.34
CA ALA G 472 -17.26 30.21 -9.89
C ALA G 472 -15.93 30.70 -9.33
N LEU G 473 -14.84 30.55 -10.10
CA LEU G 473 -13.51 30.91 -9.64
C LEU G 473 -13.12 32.33 -10.01
N ALA G 474 -14.06 33.14 -10.51
CA ALA G 474 -13.74 34.52 -10.84
C ALA G 474 -13.47 35.32 -9.58
N ASN G 475 -12.42 36.15 -9.63
CA ASN G 475 -11.99 36.95 -8.49
C ASN G 475 -11.73 36.07 -7.27
N TRP G 476 -11.06 34.94 -7.50
CA TRP G 476 -10.81 33.99 -6.42
C TRP G 476 -9.85 34.53 -5.38
N GLN G 477 -9.07 35.56 -5.71
CA GLN G 477 -8.14 36.14 -4.74
C GLN G 477 -8.84 36.97 -3.68
N ASN G 478 -10.13 37.27 -3.84
CA ASN G 478 -10.86 37.98 -2.81
C ASN G 478 -10.97 37.16 -1.52
N HIS G 479 -11.08 35.85 -1.64
CA HIS G 479 -11.11 34.97 -0.48
C HIS G 479 -9.69 34.72 0.01
N ALA G 480 -9.41 35.11 1.25
CA ALA G 480 -8.05 35.02 1.76
C ALA G 480 -7.58 33.57 1.86
N SER G 481 -8.45 32.66 2.28
CA SER G 481 -8.07 31.27 2.50
C SER G 481 -8.09 30.43 1.23
N LEU G 482 -8.60 30.96 0.13
CA LEU G 482 -8.68 30.20 -1.11
C LEU G 482 -7.35 30.21 -1.85
N ARG G 483 -6.96 29.04 -2.36
CA ARG G 483 -5.77 28.89 -3.18
C ARG G 483 -6.11 28.10 -4.43
N LEU G 484 -5.37 28.37 -5.50
CA LEU G 484 -5.53 27.69 -6.77
C LEU G 484 -4.21 27.05 -7.16
N LEU G 485 -4.21 25.73 -7.34
CA LEU G 485 -3.01 24.97 -7.66
C LEU G 485 -3.13 24.45 -9.08
N ASN G 486 -2.16 24.82 -9.93
CA ASN G 486 -2.09 24.35 -11.31
C ASN G 486 -0.75 23.63 -11.50
N LEU G 487 -0.72 22.35 -11.15
CA LEU G 487 0.48 21.57 -11.31
C LEU G 487 0.69 21.21 -12.79
N VAL G 488 1.95 21.21 -13.22
CA VAL G 488 2.29 20.94 -14.60
C VAL G 488 2.76 19.51 -14.81
N TYR G 489 3.60 18.99 -13.90
CA TYR G 489 4.20 17.69 -14.06
C TYR G 489 3.85 16.78 -12.89
N ASP G 490 4.06 15.48 -13.12
CA ASP G 490 3.96 14.48 -12.07
C ASP G 490 5.02 13.40 -12.32
N VAL G 491 5.20 12.54 -11.32
CA VAL G 491 6.22 11.51 -11.33
C VAL G 491 5.54 10.15 -11.20
N THR G 492 5.86 9.24 -12.12
CA THR G 492 5.35 7.88 -12.08
C THR G 492 6.45 6.96 -11.56
N PRO G 493 6.20 6.19 -10.50
CA PRO G 493 7.25 5.31 -9.99
C PRO G 493 7.56 4.20 -10.98
N PRO G 494 8.78 3.67 -10.96
CA PRO G 494 9.14 2.63 -11.94
C PRO G 494 8.32 1.35 -11.81
N GLU G 495 7.71 1.10 -10.66
CA GLU G 495 6.90 -0.11 -10.50
C GLU G 495 5.60 -0.06 -11.28
N LEU G 496 5.20 1.11 -11.79
CA LEU G 496 3.99 1.27 -12.56
C LEU G 496 4.23 1.24 -14.07
N VAL G 497 5.47 1.03 -14.50
CA VAL G 497 5.82 1.04 -15.92
C VAL G 497 6.38 -0.33 -16.28
N ASP G 498 5.83 -0.93 -17.34
CA ASP G 498 6.23 -2.26 -17.75
C ASP G 498 7.40 -2.26 -18.73
N LEU G 499 7.52 -1.24 -19.57
CA LEU G 499 8.51 -1.25 -20.64
C LEU G 499 8.80 0.17 -21.10
N VAL G 500 10.07 0.44 -21.41
CA VAL G 500 10.50 1.72 -21.97
C VAL G 500 11.07 1.45 -23.35
N ILE G 501 10.56 2.17 -24.35
CA ILE G 501 11.02 2.04 -25.73
C ILE G 501 11.89 3.25 -26.06
N THR G 502 13.18 2.99 -26.32
CA THR G 502 14.12 4.02 -26.70
C THR G 502 14.78 3.61 -28.01
N GLU G 503 15.58 4.52 -28.57
CA GLU G 503 16.31 4.22 -29.79
C GLU G 503 17.32 3.10 -29.58
N LEU G 504 17.67 2.80 -28.32
CA LEU G 504 18.54 1.67 -28.04
C LEU G 504 17.78 0.35 -27.95
N GLY G 505 16.46 0.38 -27.89
CA GLY G 505 15.67 -0.82 -27.88
C GLY G 505 14.63 -0.79 -26.79
N MET G 506 14.23 -1.97 -26.35
CA MET G 506 13.15 -2.15 -25.38
C MET G 506 13.77 -2.58 -24.06
N ILE G 507 13.62 -1.75 -23.03
CA ILE G 507 14.35 -1.96 -21.79
C ILE G 507 13.39 -1.82 -20.61
N PRO G 508 13.76 -2.37 -19.46
CA PRO G 508 13.01 -2.05 -18.23
C PRO G 508 13.35 -0.67 -17.72
N CYS G 509 12.52 -0.17 -16.79
CA CYS G 509 12.78 1.12 -16.19
C CYS G 509 14.09 1.12 -15.40
N SER G 510 14.39 0.01 -14.73
CA SER G 510 15.62 -0.09 -13.96
C SER G 510 16.87 0.04 -14.82
N SER G 511 16.74 -0.11 -16.13
CA SER G 511 17.86 0.04 -17.05
C SER G 511 18.11 1.49 -17.44
N VAL G 512 17.31 2.44 -16.95
CA VAL G 512 17.53 3.84 -17.28
C VAL G 512 18.91 4.34 -16.85
N PRO G 513 19.37 4.09 -15.63
CA PRO G 513 20.74 4.53 -15.29
C PRO G 513 21.82 3.90 -16.16
N VAL G 514 21.62 2.65 -16.58
CA VAL G 514 22.61 1.98 -17.42
C VAL G 514 22.85 2.77 -18.70
N VAL G 515 21.77 3.23 -19.33
CA VAL G 515 21.90 4.07 -20.51
C VAL G 515 22.68 5.33 -20.18
N LEU G 516 22.36 5.95 -19.03
CA LEU G 516 23.10 7.14 -18.60
C LEU G 516 24.58 6.83 -18.44
N ARG G 517 24.92 5.58 -18.13
CA ARG G 517 26.33 5.21 -18.02
C ARG G 517 26.98 5.06 -19.39
N VAL G 518 26.24 4.54 -20.37
CA VAL G 518 26.85 4.26 -21.68
C VAL G 518 26.83 5.47 -22.60
N LYS G 519 25.92 6.42 -22.39
CA LYS G 519 25.91 7.63 -23.22
C LYS G 519 27.06 8.56 -22.85
N SER G 520 27.32 8.73 -21.55
CA SER G 520 28.42 9.60 -21.13
C SER G 520 29.77 9.01 -21.54
N SER G 521 29.94 7.70 -21.39
CA SER G 521 31.19 7.04 -21.75
C SER G 521 30.99 5.56 -22.03
N GLN H 166 -16.58 24.24 43.35
CA GLN H 166 -16.71 22.93 42.75
C GLN H 166 -15.34 22.28 42.55
N VAL H 167 -15.22 21.44 41.52
CA VAL H 167 -13.98 20.75 41.22
C VAL H 167 -13.18 21.59 40.22
N PRO H 168 -11.94 21.96 40.52
CA PRO H 168 -11.15 22.77 39.58
C PRO H 168 -10.69 21.93 38.39
N THR H 169 -10.20 22.62 37.38
CA THR H 169 -9.76 22.00 36.14
C THR H 169 -8.25 21.74 36.21
N ARG H 170 -7.85 20.50 35.92
CA ARG H 170 -6.44 20.15 35.93
C ARG H 170 -5.70 20.89 34.81
N LYS H 171 -4.51 21.39 35.14
CA LYS H 171 -3.74 22.17 34.19
C LYS H 171 -2.90 21.26 33.31
N ASP H 172 -2.90 21.56 32.01
CA ASP H 172 -2.09 20.82 31.06
C ASP H 172 -0.61 21.04 31.35
N TYR H 173 0.20 20.00 31.15
CA TYR H 173 1.62 20.04 31.44
C TYR H 173 2.43 19.93 30.16
N GLY H 174 3.40 20.82 29.99
CA GLY H 174 4.28 20.76 28.84
C GLY H 174 3.62 21.27 27.58
N SER H 175 4.38 21.19 26.49
CA SER H 175 3.90 21.58 25.16
C SER H 175 3.58 20.33 24.36
N LYS H 176 2.41 20.32 23.73
CA LYS H 176 1.93 19.16 23.00
C LYS H 176 2.22 19.29 21.50
N VAL H 177 2.34 18.14 20.85
CA VAL H 177 2.50 18.12 19.40
C VAL H 177 1.26 18.73 18.75
N SER H 178 1.46 19.42 17.63
CA SER H 178 0.36 20.13 16.98
C SER H 178 -0.76 19.18 16.58
N LEU H 179 -0.41 18.01 16.06
CA LEU H 179 -1.43 17.03 15.66
C LEU H 179 -2.18 16.48 16.86
N PHE H 180 -1.61 16.54 18.06
CA PHE H 180 -2.26 16.04 19.27
C PHE H 180 -2.69 17.17 20.20
N SER H 181 -2.83 18.39 19.69
CA SER H 181 -3.18 19.53 20.52
C SER H 181 -4.61 19.48 21.02
N HIS H 182 -5.45 18.62 20.46
CA HIS H 182 -6.85 18.51 20.89
C HIS H 182 -7.05 17.57 22.06
N LEU H 183 -5.98 16.91 22.52
CA LEU H 183 -6.09 15.97 23.63
C LEU H 183 -5.42 16.54 24.88
N PRO H 184 -5.93 16.21 26.06
CA PRO H 184 -5.29 16.67 27.30
C PRO H 184 -3.99 15.93 27.56
N GLN H 185 -3.13 16.57 28.35
CA GLN H 185 -1.85 15.99 28.73
C GLN H 185 -1.49 16.52 30.11
N TYR H 186 -1.43 15.63 31.09
CA TYR H 186 -1.25 16.01 32.48
C TYR H 186 0.14 15.60 32.98
N SER H 187 0.43 15.98 34.21
CA SER H 187 1.65 15.61 34.90
C SER H 187 1.32 14.65 36.04
N ARG H 188 2.14 13.60 36.17
CA ARG H 188 1.88 12.60 37.20
C ARG H 188 1.97 13.18 38.61
N GLN H 189 2.96 14.05 38.84
CA GLN H 189 3.14 14.62 40.17
C GLN H 189 1.98 15.55 40.54
N ASN H 190 1.47 16.31 39.57
CA ASN H 190 0.42 17.28 39.84
C ASN H 190 -0.92 16.58 40.04
N SER H 191 -1.36 16.49 41.29
CA SER H 191 -2.65 15.91 41.62
C SER H 191 -3.70 17.01 41.74
N LEU H 192 -4.97 16.61 41.65
CA LEU H 192 -6.10 17.52 41.74
C LEU H 192 -6.60 17.71 43.17
N THR H 193 -6.51 16.69 44.01
CA THR H 193 -7.04 16.76 45.36
C THR H 193 -6.32 17.78 46.24
N GLN H 194 -5.18 18.30 45.79
CA GLN H 194 -4.53 19.39 46.50
C GLN H 194 -5.39 20.65 46.50
N PHE H 195 -6.34 20.77 45.57
CA PHE H 195 -7.26 21.90 45.53
C PHE H 195 -8.66 21.54 46.00
N MET H 196 -8.80 20.42 46.71
CA MET H 196 -10.09 19.93 47.18
C MET H 196 -10.10 19.83 48.69
N SER H 197 -11.29 19.97 49.26
CA SER H 197 -11.44 20.04 50.71
C SER H 197 -11.19 18.69 51.37
N ILE H 198 -10.73 18.73 52.61
CA ILE H 198 -10.55 17.55 53.44
C ILE H 198 -11.36 17.76 54.73
N PRO H 199 -12.35 16.91 55.03
CA PRO H 199 -12.75 15.74 54.24
C PRO H 199 -13.47 16.12 52.95
N SER H 200 -13.50 15.20 51.99
CA SER H 200 -14.11 15.48 50.70
C SER H 200 -15.62 15.64 50.86
N SER H 201 -16.17 16.71 50.29
CA SER H 201 -17.59 16.99 50.36
C SER H 201 -18.26 16.96 49.00
N VAL H 202 -17.74 17.71 48.02
CA VAL H 202 -18.35 17.72 46.69
C VAL H 202 -18.13 16.40 45.96
N ILE H 203 -17.08 15.66 46.30
CA ILE H 203 -16.78 14.37 45.69
C ILE H 203 -16.77 13.32 46.79
N HIS H 204 -17.39 12.18 46.51
CA HIS H 204 -17.42 11.10 47.48
C HIS H 204 -16.00 10.61 47.75
N PRO H 205 -15.67 10.28 49.00
CA PRO H 205 -14.28 9.86 49.31
C PRO H 205 -13.80 8.66 48.54
N ALA H 206 -14.69 7.70 48.25
CA ALA H 206 -14.30 6.54 47.45
C ALA H 206 -13.85 6.98 46.06
N MET H 207 -14.60 7.90 45.44
CA MET H 207 -14.21 8.41 44.14
C MET H 207 -12.91 9.20 44.21
N VAL H 208 -12.69 9.93 45.31
CA VAL H 208 -11.45 10.67 45.47
C VAL H 208 -10.26 9.72 45.52
N ARG H 209 -10.37 8.66 46.32
CA ARG H 209 -9.30 7.68 46.40
C ARG H 209 -9.08 6.98 45.07
N LEU H 210 -10.17 6.62 44.39
CA LEU H 210 -10.06 5.93 43.11
C LEU H 210 -9.39 6.80 42.06
N GLY H 211 -9.75 8.09 42.00
CA GLY H 211 -9.08 9.00 41.10
C GLY H 211 -7.62 9.22 41.46
N LEU H 212 -7.31 9.22 42.76
CA LEU H 212 -5.93 9.35 43.18
C LEU H 212 -5.08 8.18 42.69
N GLN H 213 -5.60 6.95 42.81
CA GLN H 213 -4.84 5.82 42.30
C GLN H 213 -4.88 5.73 40.78
N TYR H 214 -5.88 6.34 40.13
CA TYR H 214 -5.88 6.42 38.67
C TYR H 214 -4.78 7.35 38.17
N SER H 215 -4.68 8.55 38.76
CA SER H 215 -3.72 9.53 38.27
C SER H 215 -2.28 9.09 38.54
N GLN H 216 -2.04 8.38 39.64
CA GLN H 216 -0.71 7.91 39.97
C GLN H 216 -0.36 6.58 39.31
N GLY H 217 -1.31 5.96 38.62
CA GLY H 217 -1.04 4.69 37.96
C GLY H 217 -0.92 3.51 38.90
N LEU H 218 -1.62 3.54 40.04
CA LEU H 218 -1.59 2.40 40.96
C LEU H 218 -2.40 1.23 40.44
N VAL H 219 -3.39 1.50 39.59
CA VAL H 219 -4.13 0.46 38.87
C VAL H 219 -4.12 0.84 37.39
N SER H 220 -3.78 -0.11 36.54
CA SER H 220 -3.56 0.21 35.13
C SER H 220 -4.36 -0.65 34.17
N GLY H 221 -4.58 -1.92 34.49
CA GLY H 221 -5.27 -2.80 33.57
C GLY H 221 -6.72 -2.39 33.36
N SER H 222 -7.22 -2.62 32.15
CA SER H 222 -8.59 -2.23 31.82
C SER H 222 -9.59 -2.99 32.68
N ASN H 223 -9.40 -4.30 32.83
CA ASN H 223 -10.26 -5.08 33.71
C ASN H 223 -10.11 -4.63 35.16
N ALA H 224 -8.87 -4.38 35.59
CA ALA H 224 -8.65 -3.90 36.96
C ALA H 224 -9.28 -2.53 37.17
N ARG H 225 -9.15 -1.63 36.19
CA ARG H 225 -9.77 -0.32 36.32
C ARG H 225 -11.28 -0.43 36.38
N CYS H 226 -11.88 -1.28 35.54
CA CYS H 226 -13.32 -1.45 35.58
C CYS H 226 -13.78 -2.03 36.90
N ILE H 227 -13.05 -3.02 37.44
CA ILE H 227 -13.41 -3.63 38.71
C ILE H 227 -13.32 -2.61 39.84
N ALA H 228 -12.24 -1.83 39.87
CA ALA H 228 -12.09 -0.80 40.90
C ALA H 228 -13.19 0.24 40.80
N LEU H 229 -13.53 0.66 39.58
CA LEU H 229 -14.61 1.63 39.40
C LEU H 229 -15.94 1.07 39.90
N LEU H 230 -16.21 -0.19 39.59
CA LEU H 230 -17.48 -0.79 40.03
C LEU H 230 -17.52 -0.96 41.55
N ARG H 231 -16.38 -1.28 42.16
CA ARG H 231 -16.34 -1.36 43.62
C ARG H 231 -16.57 0.01 44.25
N ALA H 232 -15.95 1.05 43.70
CA ALA H 232 -16.17 2.40 44.22
C ALA H 232 -17.63 2.82 44.03
N LEU H 233 -18.23 2.46 42.90
CA LEU H 233 -19.63 2.77 42.67
C LEU H 233 -20.54 2.02 43.64
N GLN H 234 -20.19 0.78 43.96
CA GLN H 234 -20.93 0.03 44.98
C GLN H 234 -20.84 0.73 46.33
N GLN H 235 -19.65 1.19 46.69
CA GLN H 235 -19.49 1.92 47.95
C GLN H 235 -20.32 3.20 47.96
N VAL H 236 -20.32 3.93 46.85
CA VAL H 236 -21.10 5.16 46.76
C VAL H 236 -22.58 4.87 46.90
N ILE H 237 -23.07 3.82 46.22
CA ILE H 237 -24.48 3.45 46.30
C ILE H 237 -24.83 3.05 47.72
N GLN H 238 -23.93 2.32 48.40
CA GLN H 238 -24.18 1.94 49.78
C GLN H 238 -24.27 3.17 50.68
N ASP H 239 -23.40 4.15 50.48
CA ASP H 239 -23.42 5.36 51.29
C ASP H 239 -24.46 6.37 50.84
N TYR H 240 -25.11 6.15 49.71
CA TYR H 240 -26.06 7.11 49.17
C TYR H 240 -27.38 7.11 49.95
N THR H 241 -27.99 8.28 50.05
CA THR H 241 -29.33 8.44 50.60
C THR H 241 -30.14 9.36 49.70
N THR H 242 -31.44 9.11 49.64
CA THR H 242 -32.29 9.90 48.74
C THR H 242 -32.69 11.21 49.41
N PRO H 243 -32.74 12.31 48.67
CA PRO H 243 -33.19 13.58 49.23
C PRO H 243 -34.71 13.67 49.19
N PRO H 244 -35.31 14.42 50.13
CA PRO H 244 -36.78 14.56 50.12
C PRO H 244 -37.27 15.20 48.83
N ASN H 245 -38.46 14.76 48.41
CA ASN H 245 -39.11 15.26 47.20
C ASN H 245 -38.23 15.09 45.97
N GLU H 246 -37.69 13.87 45.81
CA GLU H 246 -36.85 13.56 44.67
C GLU H 246 -36.95 12.06 44.38
N GLU H 247 -36.49 11.68 43.20
CA GLU H 247 -36.54 10.29 42.74
C GLU H 247 -35.14 9.70 42.72
N LEU H 248 -35.06 8.40 43.04
CA LEU H 248 -33.78 7.71 43.07
C LEU H 248 -33.13 7.71 41.69
N SER H 249 -33.91 7.39 40.66
CA SER H 249 -33.35 7.16 39.33
C SER H 249 -32.67 8.40 38.77
N ARG H 250 -33.28 9.57 38.94
CA ARG H 250 -32.70 10.80 38.39
C ARG H 250 -31.61 11.35 39.31
N ASP H 251 -31.87 11.37 40.61
CA ASP H 251 -30.91 11.96 41.55
C ASP H 251 -29.60 11.19 41.58
N LEU H 252 -29.67 9.85 41.53
CA LEU H 252 -28.44 9.06 41.55
C LEU H 252 -27.57 9.35 40.34
N VAL H 253 -28.18 9.43 39.15
CA VAL H 253 -27.42 9.72 37.94
C VAL H 253 -26.84 11.13 37.99
N ASN H 254 -27.65 12.10 38.43
CA ASN H 254 -27.17 13.48 38.49
C ASN H 254 -26.06 13.64 39.53
N LYS H 255 -26.07 12.83 40.58
CA LYS H 255 -25.00 12.86 41.56
C LYS H 255 -23.76 12.14 41.06
N LEU H 256 -23.93 11.07 40.27
CA LEU H 256 -22.78 10.32 39.76
C LEU H 256 -22.07 11.06 38.63
N LYS H 257 -22.77 11.92 37.89
CA LYS H 257 -22.13 12.62 36.78
C LYS H 257 -20.89 13.42 37.21
N PRO H 258 -20.93 14.26 38.25
CA PRO H 258 -19.70 14.97 38.65
C PRO H 258 -18.58 14.04 39.08
N TYR H 259 -18.92 12.89 39.69
CA TYR H 259 -17.88 11.93 40.06
C TYR H 259 -17.18 11.39 38.83
N MET H 260 -17.94 11.09 37.77
CA MET H 260 -17.32 10.60 36.55
C MET H 260 -16.51 11.69 35.87
N SER H 261 -16.98 12.94 35.95
CA SER H 261 -16.18 14.05 35.42
C SER H 261 -14.85 14.18 36.16
N PHE H 262 -14.88 14.06 37.49
CA PHE H 262 -13.65 14.12 38.28
C PHE H 262 -12.72 12.97 37.92
N LEU H 263 -13.28 11.76 37.76
CA LEU H 263 -12.46 10.62 37.38
C LEU H 263 -11.83 10.80 36.01
N THR H 264 -12.59 11.36 35.06
CA THR H 264 -12.04 11.66 33.75
C THR H 264 -10.92 12.69 33.84
N GLN H 265 -11.09 13.70 34.71
CA GLN H 265 -10.03 14.67 34.92
C GLN H 265 -8.77 14.01 35.49
N CYS H 266 -8.94 13.05 36.41
CA CYS H 266 -7.80 12.33 36.95
C CYS H 266 -7.08 11.53 35.86
N ARG H 267 -7.85 10.87 35.00
CA ARG H 267 -7.31 10.11 33.87
C ARG H 267 -8.45 9.78 32.90
N PRO H 268 -8.21 9.84 31.59
CA PRO H 268 -9.28 9.52 30.64
C PRO H 268 -9.80 8.10 30.84
N LEU H 269 -11.12 7.95 30.72
CA LEU H 269 -11.76 6.68 30.99
C LEU H 269 -11.48 5.67 29.89
N SER H 270 -11.33 4.41 30.28
CA SER H 270 -11.15 3.34 29.32
C SER H 270 -12.49 2.93 28.71
N ALA H 271 -12.42 2.16 27.62
CA ALA H 271 -13.63 1.70 26.95
C ALA H 271 -14.45 0.79 27.85
N SER H 272 -13.79 -0.12 28.58
CA SER H 272 -14.49 -0.96 29.53
C SER H 272 -15.16 -0.11 30.61
N MET H 273 -14.48 0.95 31.05
CA MET H 273 -15.08 1.87 32.01
C MET H 273 -16.32 2.54 31.44
N HIS H 274 -16.25 2.98 30.19
CA HIS H 274 -17.42 3.61 29.56
C HIS H 274 -18.59 2.64 29.45
N ASN H 275 -18.31 1.39 29.07
CA ASN H 275 -19.37 0.39 28.99
C ASN H 275 -19.98 0.10 30.35
N ALA H 276 -19.14 0.03 31.40
CA ALA H 276 -19.65 -0.17 32.74
C ALA H 276 -20.51 0.99 33.20
N ILE H 277 -20.09 2.22 32.87
CA ILE H 277 -20.88 3.41 33.22
C ILE H 277 -22.23 3.37 32.52
N LYS H 278 -22.24 3.02 31.24
CA LYS H 278 -23.50 2.93 30.50
C LYS H 278 -24.41 1.87 31.11
N PHE H 279 -23.84 0.70 31.45
CA PHE H 279 -24.64 -0.36 32.05
C PHE H 279 -25.23 0.09 33.39
N LEU H 280 -24.43 0.74 34.22
CA LEU H 280 -24.92 1.16 35.54
C LEU H 280 -25.97 2.25 35.41
N ASN H 281 -25.78 3.17 34.45
CA ASN H 281 -26.80 4.20 34.23
C ASN H 281 -28.11 3.59 33.75
N LYS H 282 -28.03 2.60 32.86
CA LYS H 282 -29.24 1.92 32.41
C LYS H 282 -29.91 1.17 33.56
N GLU H 283 -29.12 0.56 34.43
CA GLU H 283 -29.69 -0.15 35.58
C GLU H 283 -30.35 0.81 36.56
N ILE H 284 -29.72 1.96 36.81
CA ILE H 284 -30.29 2.92 37.74
C ILE H 284 -31.56 3.55 37.18
N THR H 285 -31.56 3.87 35.88
CA THR H 285 -32.76 4.43 35.26
C THR H 285 -33.91 3.44 35.28
N SER H 286 -33.60 2.13 35.29
CA SER H 286 -34.62 1.09 35.30
C SER H 286 -35.21 0.84 36.68
N VAL H 287 -34.68 1.49 37.73
CA VAL H 287 -35.21 1.28 39.07
C VAL H 287 -36.57 1.96 39.18
N GLY H 288 -37.56 1.20 39.63
CA GLY H 288 -38.91 1.73 39.75
C GLY H 288 -39.01 2.79 40.83
N SER H 289 -39.91 3.76 40.60
CA SER H 289 -40.13 4.82 41.57
C SER H 289 -40.73 4.28 42.86
N SER H 290 -41.65 3.32 42.75
CA SER H 290 -42.29 2.73 43.93
C SER H 290 -41.36 1.82 44.71
N LYS H 291 -40.19 1.50 44.18
CA LYS H 291 -39.25 0.62 44.88
C LYS H 291 -38.69 1.30 46.12
N ARG H 292 -38.52 0.52 47.18
CA ARG H 292 -37.98 1.04 48.42
C ARG H 292 -36.49 1.36 48.26
N GLU H 293 -36.00 2.25 49.12
CA GLU H 293 -34.62 2.73 49.00
C GLU H 293 -33.62 1.61 49.27
N GLU H 294 -33.78 0.91 50.39
CA GLU H 294 -32.82 -0.15 50.72
C GLU H 294 -32.91 -1.30 49.72
N GLU H 295 -34.12 -1.65 49.29
CA GLU H 295 -34.28 -2.69 48.28
C GLU H 295 -33.61 -2.28 46.98
N ALA H 296 -33.79 -1.03 46.56
CA ALA H 296 -33.15 -0.55 45.33
C ALA H 296 -31.64 -0.58 45.44
N LYS H 297 -31.10 -0.16 46.60
CA LYS H 297 -29.65 -0.18 46.78
C LYS H 297 -29.10 -1.60 46.76
N SER H 298 -29.78 -2.52 47.43
CA SER H 298 -29.35 -3.92 47.43
C SER H 298 -29.42 -4.51 46.02
N GLU H 299 -30.48 -4.20 45.28
CA GLU H 299 -30.60 -4.68 43.91
C GLU H 299 -29.50 -4.12 43.03
N LEU H 300 -29.16 -2.84 43.20
CA LEU H 300 -28.08 -2.25 42.43
C LEU H 300 -26.74 -2.92 42.74
N ARG H 301 -26.48 -3.16 44.03
CA ARG H 301 -25.23 -3.83 44.40
C ARG H 301 -25.17 -5.24 43.83
N ALA H 302 -26.28 -5.98 43.89
CA ALA H 302 -26.33 -7.32 43.33
C ALA H 302 -26.15 -7.29 41.82
N ALA H 303 -26.74 -6.31 41.15
CA ALA H 303 -26.57 -6.17 39.70
C ALA H 303 -25.12 -5.89 39.35
N ILE H 304 -24.45 -5.04 40.13
CA ILE H 304 -23.04 -4.76 39.87
C ILE H 304 -22.21 -6.02 40.05
N ASP H 305 -22.47 -6.77 41.13
CA ASP H 305 -21.72 -8.01 41.36
C ASP H 305 -21.95 -9.02 40.24
N ARG H 306 -23.20 -9.18 39.80
CA ARG H 306 -23.51 -10.10 38.72
C ARG H 306 -22.87 -9.65 37.41
N TYR H 307 -22.86 -8.34 37.15
CA TYR H 307 -22.19 -7.83 35.96
C TYR H 307 -20.71 -8.16 35.99
N VAL H 308 -20.05 -7.91 37.13
CA VAL H 308 -18.63 -8.25 37.24
C VAL H 308 -18.42 -9.73 36.97
N GLN H 309 -19.19 -10.58 37.64
CA GLN H 309 -19.05 -12.02 37.49
C GLN H 309 -19.17 -12.43 36.02
N GLU H 310 -20.34 -12.17 35.43
CA GLU H 310 -20.61 -12.64 34.08
C GLU H 310 -19.64 -12.04 33.07
N LYS H 311 -19.38 -10.74 33.14
CA LYS H 311 -18.61 -10.07 32.11
C LYS H 311 -17.11 -10.27 32.25
N ILE H 312 -16.61 -10.70 33.41
CA ILE H 312 -15.17 -10.92 33.61
C ILE H 312 -14.84 -12.39 33.78
N VAL H 313 -15.35 -13.02 34.85
CA VAL H 313 -14.84 -14.32 35.25
C VAL H 313 -15.29 -15.41 34.28
N LEU H 314 -16.60 -15.51 34.06
CA LEU H 314 -17.12 -16.53 33.15
C LEU H 314 -16.65 -16.27 31.72
N ALA H 315 -16.56 -15.00 31.33
CA ALA H 315 -16.06 -14.67 30.00
C ALA H 315 -14.62 -15.13 29.82
N ALA H 316 -13.77 -14.89 30.83
CA ALA H 316 -12.38 -15.33 30.75
C ALA H 316 -12.29 -16.85 30.70
N GLN H 317 -13.11 -17.54 31.50
CA GLN H 317 -13.10 -18.99 31.48
C GLN H 317 -13.51 -19.54 30.11
N ALA H 318 -14.56 -18.98 29.53
CA ALA H 318 -15.00 -19.43 28.21
C ALA H 318 -13.95 -19.13 27.14
N ILE H 319 -13.32 -17.95 27.22
CA ILE H 319 -12.30 -17.60 26.24
C ILE H 319 -11.10 -18.53 26.36
N SER H 320 -10.71 -18.87 27.59
CA SER H 320 -9.60 -19.81 27.77
C SER H 320 -9.97 -21.20 27.23
N ARG H 321 -11.20 -21.65 27.47
CA ARG H 321 -11.64 -22.92 26.92
C ARG H 321 -11.58 -22.91 25.40
N PHE H 322 -12.03 -21.82 24.77
CA PHE H 322 -11.99 -21.72 23.32
C PHE H 322 -10.55 -21.70 22.80
N ALA H 323 -9.67 -20.96 23.49
CA ALA H 323 -8.30 -20.82 23.03
C ALA H 323 -7.47 -22.07 23.27
N TYR H 324 -7.92 -22.96 24.16
CA TYR H 324 -7.22 -24.23 24.35
C TYR H 324 -7.18 -25.04 23.07
N GLN H 325 -8.26 -25.01 22.28
CA GLN H 325 -8.33 -25.77 21.05
C GLN H 325 -7.36 -25.26 19.98
N LYS H 326 -6.97 -23.99 20.04
CA LYS H 326 -6.09 -23.40 19.05
C LYS H 326 -4.62 -23.45 19.44
N ILE H 327 -4.30 -24.02 20.60
CA ILE H 327 -2.93 -24.16 21.07
C ILE H 327 -2.55 -25.62 20.96
N SER H 328 -1.46 -25.91 20.24
CA SER H 328 -0.99 -27.26 20.02
C SER H 328 0.38 -27.45 20.64
N ASN H 329 0.79 -28.71 20.77
CA ASN H 329 2.09 -29.02 21.36
C ASN H 329 3.22 -28.60 20.43
N GLY H 330 4.24 -27.96 21.00
CA GLY H 330 5.43 -27.61 20.25
C GLY H 330 5.36 -26.33 19.44
N ASP H 331 4.37 -25.48 19.69
CA ASP H 331 4.24 -24.22 18.95
C ASP H 331 4.78 -23.06 19.78
N VAL H 332 5.01 -21.94 19.10
CA VAL H 332 5.54 -20.74 19.72
C VAL H 332 4.48 -19.65 19.64
N ILE H 333 4.11 -19.10 20.80
CA ILE H 333 3.10 -18.05 20.91
C ILE H 333 3.79 -16.77 21.33
N LEU H 334 3.55 -15.69 20.58
CA LEU H 334 4.12 -14.39 20.85
C LEU H 334 3.07 -13.50 21.51
N VAL H 335 3.42 -12.93 22.66
CA VAL H 335 2.51 -12.07 23.41
C VAL H 335 3.17 -10.70 23.60
N TYR H 336 2.33 -9.69 23.83
CA TYR H 336 2.78 -8.31 23.95
C TYR H 336 2.22 -7.69 25.22
N GLY H 337 3.09 -7.03 25.98
CA GLY H 337 2.69 -6.27 27.14
C GLY H 337 2.11 -7.14 28.24
N CYS H 338 1.15 -6.56 28.97
CA CYS H 338 0.48 -7.23 30.07
C CYS H 338 -1.01 -7.31 29.78
N SER H 339 -1.55 -8.52 29.85
CA SER H 339 -2.98 -8.74 29.68
C SER H 339 -3.38 -9.91 30.57
N SER H 340 -4.35 -9.69 31.46
CA SER H 340 -4.79 -10.74 32.36
C SER H 340 -5.39 -11.90 31.59
N LEU H 341 -6.14 -11.60 30.52
CA LEU H 341 -6.77 -12.65 29.73
C LEU H 341 -5.72 -13.54 29.06
N VAL H 342 -4.67 -12.93 28.51
CA VAL H 342 -3.63 -13.70 27.82
C VAL H 342 -2.91 -14.61 28.81
N SER H 343 -2.54 -14.06 29.97
CA SER H 343 -1.85 -14.85 30.98
C SER H 343 -2.73 -15.99 31.49
N ARG H 344 -4.01 -15.71 31.72
CA ARG H 344 -4.93 -16.75 32.16
C ARG H 344 -5.04 -17.85 31.12
N ILE H 345 -5.18 -17.47 29.85
CA ILE H 345 -5.28 -18.45 28.77
C ILE H 345 -4.05 -19.34 28.73
N LEU H 346 -2.87 -18.71 28.79
CA LEU H 346 -1.63 -19.49 28.73
C LEU H 346 -1.49 -20.40 29.95
N GLN H 347 -1.89 -19.92 31.13
CA GLN H 347 -1.77 -20.73 32.34
C GLN H 347 -2.65 -21.97 32.26
N GLU H 348 -3.92 -21.80 31.86
CA GLU H 348 -4.77 -22.99 31.74
C GLU H 348 -4.31 -23.89 30.60
N ALA H 349 -3.82 -23.32 29.51
CA ALA H 349 -3.33 -24.16 28.42
C ALA H 349 -2.16 -25.02 28.88
N TRP H 350 -1.24 -24.44 29.66
CA TRP H 350 -0.14 -25.23 30.22
C TRP H 350 -0.66 -26.25 31.22
N THR H 351 -1.67 -25.89 32.01
CA THR H 351 -2.18 -26.78 33.05
C THR H 351 -2.83 -28.02 32.44
N GLU H 352 -3.63 -27.86 31.39
CA GLU H 352 -4.33 -29.01 30.82
C GLU H 352 -3.40 -29.99 30.12
N GLY H 353 -2.14 -29.61 29.87
CA GLY H 353 -1.18 -30.56 29.34
C GLY H 353 -0.49 -30.14 28.06
N ARG H 354 -0.84 -28.97 27.53
CA ARG H 354 -0.15 -28.46 26.34
C ARG H 354 1.29 -28.10 26.70
N ARG H 355 2.20 -28.42 25.79
CA ARG H 355 3.63 -28.13 25.96
C ARG H 355 4.06 -27.19 24.86
N PHE H 356 4.54 -26.01 25.24
CA PHE H 356 4.88 -24.96 24.30
C PHE H 356 5.83 -23.98 24.98
N ARG H 357 6.21 -22.95 24.23
CA ARG H 357 7.01 -21.85 24.75
C ARG H 357 6.37 -20.52 24.35
N VAL H 358 6.60 -19.50 25.16
CA VAL H 358 5.98 -18.19 24.98
C VAL H 358 7.09 -17.17 24.74
N VAL H 359 6.85 -16.26 23.81
CA VAL H 359 7.76 -15.16 23.52
C VAL H 359 7.06 -13.87 23.95
N VAL H 360 7.69 -13.14 24.87
CA VAL H 360 7.12 -11.95 25.47
C VAL H 360 7.77 -10.72 24.84
N VAL H 361 6.94 -9.79 24.38
CA VAL H 361 7.39 -8.55 23.77
C VAL H 361 7.01 -7.40 24.69
N ASP H 362 7.95 -6.47 24.91
CA ASP H 362 7.77 -5.36 25.82
C ASP H 362 8.19 -4.06 25.15
N SER H 363 7.64 -2.95 25.65
CA SER H 363 7.94 -1.63 25.11
C SER H 363 8.04 -0.63 26.25
N ARG H 364 8.88 0.39 26.03
CA ARG H 364 9.04 1.48 26.97
C ARG H 364 7.87 2.46 26.86
N PRO H 365 7.61 3.26 27.90
CA PRO H 365 8.29 3.29 29.21
C PRO H 365 7.60 2.46 30.29
N TRP H 366 6.43 1.90 29.98
CA TRP H 366 5.66 1.18 30.99
C TRP H 366 6.31 -0.15 31.34
N LEU H 367 6.81 -0.87 30.35
CA LEU H 367 7.43 -2.19 30.54
C LEU H 367 6.48 -3.14 31.28
N GLU H 368 5.21 -3.16 30.85
CA GLU H 368 4.23 -4.00 31.52
C GLU H 368 4.45 -5.47 31.23
N GLY H 369 5.07 -5.80 30.09
CA GLY H 369 5.28 -7.19 29.72
C GLY H 369 6.02 -7.98 30.78
N ARG H 370 6.94 -7.33 31.50
CA ARG H 370 7.65 -7.99 32.58
C ARG H 370 6.70 -8.70 33.53
N HIS H 371 5.60 -8.03 33.89
CA HIS H 371 4.57 -8.65 34.72
C HIS H 371 4.22 -10.03 34.20
N THR H 372 3.77 -10.10 32.95
CA THR H 372 3.39 -11.39 32.36
C THR H 372 4.55 -12.38 32.45
N LEU H 373 5.76 -11.91 32.18
CA LEU H 373 6.93 -12.80 32.26
C LEU H 373 6.97 -13.49 33.61
N ARG H 374 6.86 -12.72 34.70
CA ARG H 374 6.90 -13.30 36.03
C ARG H 374 5.83 -14.38 36.16
N SER H 375 4.61 -14.07 35.74
CA SER H 375 3.53 -15.05 35.81
C SER H 375 3.93 -16.34 35.11
N LEU H 376 4.48 -16.23 33.89
CA LEU H 376 4.88 -17.41 33.17
C LEU H 376 5.96 -18.17 33.93
N VAL H 377 6.92 -17.44 34.50
CA VAL H 377 7.98 -18.09 35.27
C VAL H 377 7.38 -18.81 36.47
N HIS H 378 6.31 -18.27 37.04
CA HIS H 378 5.68 -18.92 38.18
C HIS H 378 4.74 -20.05 37.77
N ALA H 379 4.45 -20.20 36.48
CA ALA H 379 3.60 -21.28 36.01
C ALA H 379 4.39 -22.45 35.43
N GLY H 380 5.71 -22.31 35.29
CA GLY H 380 6.53 -23.34 34.68
C GLY H 380 6.62 -23.26 33.18
N VAL H 381 5.93 -22.33 32.55
CA VAL H 381 5.96 -22.20 31.09
C VAL H 381 7.28 -21.60 30.66
N PRO H 382 8.01 -22.21 29.73
CA PRO H 382 9.22 -21.57 29.19
C PRO H 382 8.87 -20.25 28.51
N ALA H 383 9.74 -19.26 28.69
CA ALA H 383 9.44 -17.92 28.22
C ALA H 383 10.69 -17.24 27.71
N SER H 384 10.50 -16.29 26.79
CA SER H 384 11.58 -15.45 26.27
C SER H 384 11.14 -14.00 26.36
N TYR H 385 12.13 -13.11 26.44
CA TYR H 385 11.89 -11.69 26.65
C TYR H 385 12.70 -10.86 25.66
N LEU H 386 12.06 -9.86 25.08
CA LEU H 386 12.72 -8.93 24.17
C LEU H 386 11.87 -7.68 24.04
N LEU H 387 12.47 -6.64 23.49
CA LEU H 387 11.79 -5.38 23.24
C LEU H 387 11.13 -5.39 21.87
N ILE H 388 10.18 -4.47 21.68
CA ILE H 388 9.40 -4.44 20.43
C ILE H 388 10.26 -4.25 19.18
N PRO H 389 11.30 -3.40 19.15
CA PRO H 389 12.04 -3.22 17.89
C PRO H 389 12.66 -4.50 17.35
N ALA H 390 12.96 -5.46 18.21
CA ALA H 390 13.56 -6.73 17.81
C ALA H 390 12.53 -7.79 17.44
N ALA H 391 11.25 -7.42 17.40
CA ALA H 391 10.20 -8.41 17.13
C ALA H 391 10.40 -9.08 15.78
N SER H 392 10.77 -8.30 14.75
CA SER H 392 11.01 -8.87 13.44
C SER H 392 12.12 -9.93 13.45
N TYR H 393 13.02 -9.88 14.44
CA TYR H 393 14.04 -10.90 14.54
C TYR H 393 13.48 -12.24 15.02
N VAL H 394 12.45 -12.21 15.85
CA VAL H 394 11.99 -13.42 16.52
C VAL H 394 10.77 -14.06 15.84
N LEU H 395 10.06 -13.33 15.00
CA LEU H 395 8.85 -13.84 14.35
C LEU H 395 9.07 -15.01 13.39
N PRO H 396 10.24 -15.15 12.75
CA PRO H 396 10.47 -16.36 11.94
C PRO H 396 10.27 -17.66 12.69
N GLU H 397 10.60 -17.71 13.99
CA GLU H 397 10.40 -18.91 14.79
C GLU H 397 9.05 -18.94 15.50
N VAL H 398 8.25 -17.88 15.38
CA VAL H 398 6.97 -17.78 16.07
C VAL H 398 5.90 -18.48 15.25
N SER H 399 5.07 -19.27 15.91
CA SER H 399 4.00 -20.01 15.24
C SER H 399 2.70 -19.21 15.20
N LYS H 400 2.37 -18.48 16.26
CA LYS H 400 1.18 -17.65 16.28
C LYS H 400 1.40 -16.47 17.22
N VAL H 401 0.63 -15.41 17.00
CA VAL H 401 0.67 -14.22 17.84
C VAL H 401 -0.66 -14.11 18.56
N LEU H 402 -0.62 -13.96 19.89
CA LEU H 402 -1.81 -13.81 20.71
C LEU H 402 -1.75 -12.45 21.39
N LEU H 403 -2.79 -11.63 21.18
CA LEU H 403 -2.80 -10.26 21.64
C LEU H 403 -4.07 -9.97 22.43
N GLY H 404 -3.91 -9.29 23.55
CA GLY H 404 -5.06 -8.75 24.25
C GLY H 404 -5.54 -7.44 23.63
N ALA H 405 -6.77 -7.09 23.94
CA ALA H 405 -7.39 -5.90 23.38
C ALA H 405 -8.01 -5.06 24.47
N HIS H 406 -7.76 -3.75 24.42
CA HIS H 406 -8.44 -2.82 25.32
C HIS H 406 -9.86 -2.54 24.86
N ALA H 407 -10.10 -2.58 23.55
CA ALA H 407 -11.43 -2.35 23.00
C ALA H 407 -11.49 -2.88 21.58
N LEU H 408 -12.69 -3.24 21.15
CA LEU H 408 -12.97 -3.62 19.78
C LEU H 408 -14.01 -2.66 19.23
N LEU H 409 -13.71 -2.04 18.09
CA LEU H 409 -14.57 -1.01 17.53
C LEU H 409 -15.52 -1.61 16.49
N ALA H 410 -16.56 -0.83 16.17
CA ALA H 410 -17.65 -1.33 15.33
C ALA H 410 -17.20 -1.72 13.93
N ASN H 411 -16.09 -1.17 13.46
CA ASN H 411 -15.57 -1.51 12.13
C ASN H 411 -14.63 -2.70 12.16
N GLY H 412 -14.44 -3.34 13.30
CA GLY H 412 -13.58 -4.48 13.43
C GLY H 412 -12.15 -4.16 13.82
N SER H 413 -11.78 -2.89 13.89
CA SER H 413 -10.43 -2.53 14.28
C SER H 413 -10.23 -2.77 15.78
N VAL H 414 -8.97 -2.97 16.15
CA VAL H 414 -8.61 -3.32 17.52
C VAL H 414 -7.89 -2.13 18.15
N MET H 415 -8.51 -1.53 19.17
CA MET H 415 -7.87 -0.46 19.92
C MET H 415 -7.14 -1.09 21.11
N SER H 416 -5.83 -0.85 21.19
CA SER H 416 -5.04 -1.55 22.20
C SER H 416 -3.82 -0.69 22.56
N ARG H 417 -2.93 -1.27 23.35
CA ARG H 417 -1.69 -0.59 23.71
C ARG H 417 -0.86 -0.29 22.47
N VAL H 418 -0.20 0.87 22.47
CA VAL H 418 0.58 1.28 21.31
C VAL H 418 1.67 0.26 21.04
N GLY H 419 1.84 -0.08 19.76
CA GLY H 419 2.73 -1.14 19.35
C GLY H 419 2.05 -2.44 18.97
N THR H 420 0.75 -2.57 19.27
CA THR H 420 0.02 -3.78 18.89
C THR H 420 -0.18 -3.85 17.38
N ALA H 421 -0.58 -2.73 16.77
CA ALA H 421 -0.77 -2.72 15.32
C ALA H 421 0.54 -2.94 14.58
N GLN H 422 1.64 -2.38 15.10
CA GLN H 422 2.95 -2.60 14.49
C GLN H 422 3.33 -4.08 14.56
N LEU H 423 3.08 -4.71 15.71
CA LEU H 423 3.37 -6.14 15.85
C LEU H 423 2.52 -6.97 14.89
N ALA H 424 1.23 -6.60 14.74
CA ALA H 424 0.38 -7.31 13.80
C ALA H 424 0.88 -7.17 12.38
N LEU H 425 1.32 -5.97 12.01
CA LEU H 425 1.85 -5.76 10.65
C LEU H 425 3.12 -6.58 10.42
N VAL H 426 4.03 -6.59 11.40
CA VAL H 426 5.27 -7.34 11.23
C VAL H 426 4.98 -8.84 11.19
N ALA H 427 4.00 -9.31 11.97
CA ALA H 427 3.62 -10.71 11.91
C ALA H 427 3.02 -11.06 10.56
N ARG H 428 2.19 -10.17 10.00
CA ARG H 428 1.65 -10.39 8.66
C ARG H 428 2.77 -10.46 7.63
N ALA H 429 3.81 -9.63 7.80
CA ALA H 429 4.96 -9.69 6.91
C ALA H 429 5.71 -11.01 7.01
N HIS H 430 5.57 -11.74 8.11
CA HIS H 430 6.23 -13.02 8.31
C HIS H 430 5.29 -14.22 8.19
N ASN H 431 4.03 -13.98 7.78
CA ASN H 431 3.08 -15.04 7.49
C ASN H 431 2.76 -15.87 8.74
N VAL H 432 2.50 -15.20 9.86
CA VAL H 432 2.11 -15.88 11.08
C VAL H 432 0.70 -15.43 11.46
N PRO H 433 -0.15 -16.32 11.95
CA PRO H 433 -1.52 -15.92 12.30
C PRO H 433 -1.56 -15.01 13.52
N VAL H 434 -2.57 -14.15 13.54
CA VAL H 434 -2.78 -13.17 14.59
C VAL H 434 -4.16 -13.43 15.21
N LEU H 435 -4.16 -13.68 16.52
CA LEU H 435 -5.37 -13.92 17.29
C LEU H 435 -5.49 -12.82 18.35
N VAL H 436 -6.68 -12.27 18.49
CA VAL H 436 -6.96 -11.22 19.46
C VAL H 436 -8.03 -11.73 20.41
N CYS H 437 -7.73 -11.73 21.70
CA CYS H 437 -8.67 -12.17 22.72
C CYS H 437 -9.27 -10.96 23.41
N CYS H 438 -10.59 -10.95 23.52
CA CYS H 438 -11.29 -9.81 24.10
C CYS H 438 -12.67 -10.25 24.55
N GLU H 439 -13.07 -9.79 25.73
CA GLU H 439 -14.43 -10.03 26.21
C GLU H 439 -15.41 -9.11 25.48
N THR H 440 -16.64 -9.61 25.32
CA THR H 440 -17.64 -8.88 24.54
C THR H 440 -18.07 -7.58 25.20
N TYR H 441 -17.86 -7.44 26.52
CA TYR H 441 -18.22 -6.20 27.19
C TYR H 441 -17.28 -5.05 26.87
N LYS H 442 -16.16 -5.32 26.21
CA LYS H 442 -15.24 -4.28 25.76
C LYS H 442 -15.53 -3.82 24.33
N PHE H 443 -16.58 -4.34 23.70
CA PHE H 443 -16.94 -3.93 22.35
C PHE H 443 -17.57 -2.54 22.38
N CYS H 444 -17.20 -1.71 21.41
CA CYS H 444 -17.65 -0.33 21.36
C CYS H 444 -18.40 -0.06 20.06
N GLU H 445 -19.43 0.78 20.14
CA GLU H 445 -20.20 1.17 18.96
C GLU H 445 -19.50 2.22 18.12
N ARG H 446 -18.54 2.94 18.69
CA ARG H 446 -17.84 3.98 17.96
C ARG H 446 -16.84 3.38 16.97
N VAL H 447 -16.41 4.20 16.02
CA VAL H 447 -15.43 3.80 15.02
C VAL H 447 -14.27 4.78 15.05
N GLN H 448 -13.11 4.31 14.60
CA GLN H 448 -11.90 5.11 14.62
C GLN H 448 -10.93 4.57 13.57
N THR H 449 -10.45 5.46 12.71
CA THR H 449 -9.59 5.06 11.60
C THR H 449 -8.10 5.19 11.90
N ASP H 450 -7.71 6.05 12.85
CA ASP H 450 -6.31 6.25 13.16
C ASP H 450 -6.16 6.49 14.66
N ALA H 451 -4.92 6.65 15.11
CA ALA H 451 -4.62 6.86 16.51
C ALA H 451 -4.56 8.33 16.90
N PHE H 452 -4.86 9.24 15.96
CA PHE H 452 -4.72 10.67 16.21
C PHE H 452 -6.01 11.30 16.73
N VAL H 453 -7.17 10.85 16.26
CA VAL H 453 -8.43 11.50 16.61
C VAL H 453 -8.77 11.26 18.08
N SER H 454 -8.60 10.03 18.55
CA SER H 454 -8.89 9.67 19.93
C SER H 454 -7.74 8.87 20.49
N ASN H 455 -7.13 9.38 21.56
CA ASN H 455 -5.98 8.74 22.20
C ASN H 455 -5.78 9.40 23.55
N GLU H 456 -4.77 8.92 24.28
CA GLU H 456 -4.41 9.46 25.59
C GLU H 456 -2.96 9.88 25.57
N LEU H 457 -2.68 11.03 26.20
CA LEU H 457 -1.32 11.56 26.31
C LEU H 457 -0.86 11.36 27.75
N ASP H 458 0.14 10.51 27.94
CA ASP H 458 0.68 10.25 29.27
C ASP H 458 1.70 11.35 29.61
N ASP H 459 2.38 11.19 30.74
CA ASP H 459 3.36 12.17 31.16
C ASP H 459 4.59 12.11 30.25
N PRO H 460 4.94 13.20 29.56
CA PRO H 460 6.13 13.16 28.70
C PRO H 460 7.42 12.87 29.44
N ASP H 461 7.51 13.29 30.71
CA ASP H 461 8.75 13.08 31.48
C ASP H 461 9.07 11.61 31.67
N ASP H 462 8.09 10.72 31.49
CA ASP H 462 8.36 9.28 31.56
C ASP H 462 9.30 8.82 30.45
N LEU H 463 9.39 9.58 29.35
CA LEU H 463 10.26 9.18 28.26
C LEU H 463 11.74 9.36 28.59
N GLN H 464 12.06 10.11 29.64
CA GLN H 464 13.45 10.33 30.01
C GLN H 464 14.06 9.02 30.53
N CYS H 465 15.23 8.68 30.01
CA CYS H 465 15.95 7.49 30.43
C CYS H 465 17.40 7.84 30.70
N LYS H 466 17.99 7.18 31.68
CA LYS H 466 19.38 7.39 32.06
C LYS H 466 20.25 6.40 31.29
N ARG H 467 20.81 6.86 30.18
CA ARG H 467 21.72 6.04 29.37
C ARG H 467 23.14 6.50 29.70
N GLY H 468 23.83 5.72 30.50
CA GLY H 468 25.16 6.08 30.97
C GLY H 468 25.10 6.95 32.22
N GLU H 469 25.72 8.12 32.15
CA GLU H 469 25.70 9.07 33.26
C GLU H 469 24.91 10.34 32.95
N HIS H 470 24.38 10.47 31.74
CA HIS H 470 23.67 11.67 31.32
C HIS H 470 22.27 11.30 30.84
N VAL H 471 21.29 12.15 31.18
CA VAL H 471 19.93 12.02 30.69
C VAL H 471 19.74 13.07 29.61
N ALA H 472 19.62 12.61 28.36
CA ALA H 472 19.56 13.53 27.23
C ALA H 472 18.28 14.36 27.23
N LEU H 473 17.18 13.80 27.72
CA LEU H 473 15.89 14.49 27.71
C LEU H 473 15.62 15.29 28.98
N ALA H 474 16.63 15.46 29.85
CA ALA H 474 16.44 16.26 31.05
C ALA H 474 16.28 17.73 30.69
N ASN H 475 15.31 18.38 31.34
CA ASN H 475 14.98 19.79 31.07
C ASN H 475 14.69 20.00 29.59
N TRP H 476 13.92 19.09 29.00
CA TRP H 476 13.61 19.17 27.58
C TRP H 476 12.73 20.37 27.23
N GLN H 477 12.05 20.95 28.21
CA GLN H 477 11.21 22.11 27.94
C GLN H 477 12.02 23.38 27.71
N ASN H 478 13.33 23.36 27.97
CA ASN H 478 14.15 24.53 27.69
C ASN H 478 14.21 24.81 26.19
N HIS H 479 14.28 23.77 25.38
CA HIS H 479 14.26 23.93 23.92
C HIS H 479 12.83 24.19 23.47
N ALA H 480 12.62 25.35 22.84
CA ALA H 480 11.27 25.76 22.47
C ALA H 480 10.66 24.81 21.42
N SER H 481 11.46 24.38 20.46
CA SER H 481 10.95 23.56 19.37
C SER H 481 10.83 22.08 19.74
N LEU H 482 11.40 21.65 20.85
CA LEU H 482 11.35 20.25 21.24
C LEU H 482 9.98 19.88 21.80
N ARG H 483 9.48 18.71 21.39
CA ARG H 483 8.24 18.15 21.90
C ARG H 483 8.45 16.70 22.26
N LEU H 484 7.71 16.23 23.26
CA LEU H 484 7.77 14.84 23.71
C LEU H 484 6.38 14.24 23.60
N LEU H 485 6.26 13.17 22.83
CA LEU H 485 4.99 12.50 22.58
C LEU H 485 4.99 11.14 23.27
N ASN H 486 4.04 10.93 24.18
CA ASN H 486 3.87 9.65 24.87
C ASN H 486 2.49 9.12 24.54
N LEU H 487 2.37 8.43 23.41
CA LEU H 487 1.09 7.85 23.01
C LEU H 487 0.79 6.61 23.84
N VAL H 488 -0.48 6.44 24.20
CA VAL H 488 -0.90 5.33 25.03
C VAL H 488 -1.51 4.21 24.21
N TYR H 489 -2.35 4.53 23.23
CA TYR H 489 -3.09 3.53 22.48
C TYR H 489 -2.78 3.64 20.99
N ASP H 490 -3.12 2.57 20.28
CA ASP H 490 -3.07 2.54 18.82
C ASP H 490 -4.22 1.68 18.30
N VAL H 491 -4.44 1.76 16.99
CA VAL H 491 -5.54 1.09 16.33
C VAL H 491 -4.97 0.14 15.27
N THR H 492 -5.41 -1.11 15.32
CA THR H 492 -5.02 -2.13 14.35
C THR H 492 -6.17 -2.32 13.36
N PRO H 493 -5.93 -2.17 12.06
CA PRO H 493 -7.02 -2.36 11.10
C PRO H 493 -7.49 -3.79 11.09
N PRO H 494 -8.76 -4.04 10.76
CA PRO H 494 -9.28 -5.42 10.78
C PRO H 494 -8.56 -6.36 9.83
N GLU H 495 -7.95 -5.84 8.76
CA GLU H 495 -7.26 -6.69 7.80
C GLU H 495 -5.96 -7.28 8.36
N LEU H 496 -5.48 -6.78 9.49
CA LEU H 496 -4.26 -7.28 10.11
C LEU H 496 -4.52 -8.29 11.22
N VAL H 497 -5.78 -8.64 11.47
CA VAL H 497 -6.16 -9.57 12.53
C VAL H 497 -6.81 -10.78 11.88
N ASP H 498 -6.29 -11.98 12.19
CA ASP H 498 -6.81 -13.19 11.57
C ASP H 498 -8.02 -13.74 12.32
N LEU H 499 -7.96 -13.78 13.64
CA LEU H 499 -9.03 -14.40 14.42
C LEU H 499 -9.29 -13.59 15.69
N VAL H 500 -10.55 -13.57 16.12
CA VAL H 500 -10.96 -12.94 17.36
C VAL H 500 -11.59 -14.00 18.25
N ILE H 501 -11.10 -14.12 19.48
CA ILE H 501 -11.59 -15.09 20.44
C ILE H 501 -12.42 -14.35 21.49
N THR H 502 -13.71 -14.68 21.56
CA THR H 502 -14.61 -14.13 22.56
C THR H 502 -15.29 -15.26 23.29
N GLU H 503 -16.09 -14.91 24.30
CA GLU H 503 -16.87 -15.92 25.02
C GLU H 503 -17.99 -16.50 24.17
N LEU H 504 -18.34 -15.83 23.07
CA LEU H 504 -19.36 -16.37 22.16
C LEU H 504 -18.82 -17.44 21.25
N GLY H 505 -17.53 -17.41 20.94
CA GLY H 505 -16.89 -18.39 20.09
C GLY H 505 -15.81 -17.74 19.26
N MET H 506 -15.34 -18.48 18.25
CA MET H 506 -14.28 -18.02 17.37
C MET H 506 -14.92 -17.26 16.21
N ILE H 507 -14.71 -15.94 16.18
CA ILE H 507 -15.37 -15.09 15.18
C ILE H 507 -14.32 -14.21 14.50
N PRO H 508 -14.56 -13.77 13.26
CA PRO H 508 -13.67 -12.80 12.62
C PRO H 508 -13.94 -11.38 13.12
N CYS H 509 -13.07 -10.47 12.68
CA CYS H 509 -13.21 -9.07 13.06
C CYS H 509 -14.52 -8.48 12.54
N SER H 510 -14.92 -8.86 11.32
CA SER H 510 -16.12 -8.32 10.72
C SER H 510 -17.38 -8.67 11.51
N SER H 511 -17.30 -9.65 12.40
CA SER H 511 -18.43 -10.03 13.24
C SER H 511 -18.55 -9.19 14.51
N VAL H 512 -17.65 -8.24 14.73
CA VAL H 512 -17.75 -7.39 15.92
C VAL H 512 -19.06 -6.62 15.97
N PRO H 513 -19.52 -5.94 14.90
CA PRO H 513 -20.84 -5.29 14.98
C PRO H 513 -21.97 -6.26 15.23
N VAL H 514 -21.89 -7.47 14.68
CA VAL H 514 -22.95 -8.47 14.86
C VAL H 514 -23.15 -8.74 16.34
N VAL H 515 -22.06 -8.94 17.07
CA VAL H 515 -22.15 -9.13 18.52
C VAL H 515 -22.82 -7.92 19.16
N LEU H 516 -22.40 -6.71 18.75
CA LEU H 516 -23.02 -5.50 19.27
C LEU H 516 -24.52 -5.48 19.00
N ARG H 517 -24.96 -6.13 17.93
CA ARG H 517 -26.38 -6.21 17.64
C ARG H 517 -27.08 -7.21 18.55
N VAL H 518 -26.42 -8.33 18.89
CA VAL H 518 -27.09 -9.36 19.67
C VAL H 518 -26.97 -9.15 21.17
N LYS H 519 -25.95 -8.43 21.63
CA LYS H 519 -25.85 -8.14 23.06
C LYS H 519 -26.86 -7.09 23.48
N SER H 520 -27.04 -6.06 22.67
CA SER H 520 -28.03 -5.02 22.99
C SER H 520 -29.45 -5.58 22.97
N SER H 521 -29.77 -6.39 21.98
CA SER H 521 -31.10 -6.96 21.85
C SER H 521 -31.07 -8.23 21.01
N PRO I 40 -46.47 36.49 -17.06
CA PRO I 40 -46.43 36.48 -18.53
C PRO I 40 -47.51 35.59 -19.13
N PRO I 41 -47.95 35.93 -20.35
CA PRO I 41 -48.96 35.11 -21.02
C PRO I 41 -48.40 33.75 -21.40
N PRO I 42 -49.25 32.75 -21.58
CA PRO I 42 -48.75 31.42 -21.95
C PRO I 42 -48.00 31.45 -23.27
N LEU I 43 -46.93 30.65 -23.35
CA LEU I 43 -46.09 30.61 -24.53
C LEU I 43 -46.72 29.70 -25.58
N GLN I 44 -46.90 30.23 -26.79
CA GLN I 44 -47.46 29.49 -27.90
C GLN I 44 -46.36 29.17 -28.92
N ALA I 45 -46.70 28.32 -29.88
CA ALA I 45 -45.77 27.95 -30.93
C ALA I 45 -46.56 27.59 -32.18
N VAL I 46 -46.02 27.99 -33.34
CA VAL I 46 -46.62 27.70 -34.63
C VAL I 46 -45.74 26.66 -35.31
N LEU I 47 -46.30 25.48 -35.58
CA LEU I 47 -45.58 24.37 -36.17
C LEU I 47 -46.06 24.18 -37.60
N VAL I 48 -45.12 24.26 -38.55
CA VAL I 48 -45.41 24.06 -39.96
C VAL I 48 -45.07 22.62 -40.31
N ALA I 49 -46.08 21.80 -40.51
CA ALA I 49 -45.90 20.38 -40.81
C ALA I 49 -45.79 20.10 -42.30
N ASP I 50 -45.57 21.13 -43.12
CA ASP I 50 -45.45 20.96 -44.57
C ASP I 50 -44.14 21.58 -45.02
N SER I 51 -43.32 20.79 -45.70
CA SER I 51 -42.10 21.29 -46.33
C SER I 51 -42.46 21.64 -47.77
N PHE I 52 -42.64 22.94 -48.03
CA PHE I 52 -43.12 23.38 -49.32
C PHE I 52 -42.09 23.23 -50.43
N ASP I 53 -40.84 22.90 -50.08
CA ASP I 53 -39.85 22.55 -51.08
C ASP I 53 -40.08 21.12 -51.57
N ARG I 54 -39.20 20.64 -52.44
CA ARG I 54 -39.36 19.31 -53.03
C ARG I 54 -38.01 18.59 -53.02
N ARG I 55 -37.32 18.66 -51.89
CA ARG I 55 -35.96 18.11 -51.79
C ARG I 55 -35.94 16.62 -51.46
N PHE I 56 -37.07 16.02 -51.14
CA PHE I 56 -37.10 14.62 -50.72
C PHE I 56 -37.78 13.70 -51.72
N PHE I 57 -38.08 14.18 -52.92
CA PHE I 57 -38.57 13.30 -53.97
C PHE I 57 -37.47 12.32 -54.38
N PRO I 58 -37.83 11.08 -54.74
CA PRO I 58 -39.20 10.54 -54.80
C PRO I 58 -39.66 9.90 -53.49
N ILE I 59 -38.87 10.06 -52.43
CA ILE I 59 -39.20 9.42 -51.15
C ILE I 59 -40.48 10.00 -50.57
N SER I 60 -40.72 11.30 -50.78
CA SER I 60 -41.82 11.99 -50.13
C SER I 60 -43.15 11.83 -50.85
N LYS I 61 -43.20 11.13 -51.98
CA LYS I 61 -44.46 10.94 -52.68
C LYS I 61 -45.44 10.11 -51.85
N ASP I 62 -44.95 9.06 -51.19
CA ASP I 62 -45.82 8.16 -50.44
C ASP I 62 -45.95 8.57 -48.98
N GLN I 63 -44.88 9.06 -48.37
CA GLN I 63 -44.89 9.46 -46.97
C GLN I 63 -44.43 10.90 -46.84
N PRO I 64 -45.14 11.73 -46.08
CA PRO I 64 -44.69 13.11 -45.87
C PRO I 64 -43.37 13.15 -45.14
N ARG I 65 -42.57 14.19 -45.42
CA ARG I 65 -41.26 14.31 -44.81
C ARG I 65 -41.34 14.42 -43.30
N VAL I 66 -42.42 15.02 -42.78
CA VAL I 66 -42.56 15.20 -41.34
C VAL I 66 -42.70 13.87 -40.61
N LEU I 67 -43.10 12.80 -41.31
CA LEU I 67 -43.29 11.49 -40.70
C LEU I 67 -42.16 10.52 -41.01
N LEU I 68 -41.07 11.00 -41.61
CA LEU I 68 -39.95 10.11 -41.91
C LEU I 68 -39.28 9.65 -40.62
N PRO I 69 -38.93 8.36 -40.52
CA PRO I 69 -38.26 7.87 -39.31
C PRO I 69 -36.76 8.13 -39.37
N LEU I 70 -36.26 8.96 -38.46
CA LEU I 70 -34.84 9.25 -38.40
C LEU I 70 -34.08 8.18 -37.62
N ALA I 71 -34.48 7.96 -36.36
CA ALA I 71 -33.92 6.93 -35.50
C ALA I 71 -35.03 6.05 -34.98
N ASN I 72 -35.89 5.59 -35.89
CA ASN I 72 -37.14 4.87 -35.64
C ASN I 72 -38.20 5.77 -35.03
N VAL I 73 -37.99 7.08 -35.03
CA VAL I 73 -38.94 8.05 -34.51
C VAL I 73 -39.13 9.14 -35.55
N ALA I 74 -40.38 9.55 -35.76
CA ALA I 74 -40.68 10.57 -36.76
C ALA I 74 -40.11 11.92 -36.34
N LEU I 75 -39.81 12.76 -37.34
CA LEU I 75 -39.23 14.07 -37.08
C LEU I 75 -40.19 14.97 -36.32
N ILE I 76 -41.49 14.89 -36.64
CA ILE I 76 -42.47 15.72 -35.95
C ILE I 76 -42.53 15.36 -34.47
N ASP I 77 -42.23 14.11 -34.13
CA ASP I 77 -42.14 13.74 -32.72
C ASP I 77 -40.99 14.46 -32.03
N TYR I 78 -39.83 14.54 -32.68
CA TYR I 78 -38.72 15.29 -32.13
C TYR I 78 -39.08 16.77 -31.97
N THR I 79 -39.73 17.35 -32.97
CA THR I 79 -40.11 18.76 -32.89
C THR I 79 -41.09 19.00 -31.75
N LEU I 80 -42.09 18.14 -31.61
CA LEU I 80 -43.07 18.29 -30.54
C LEU I 80 -42.42 18.11 -29.17
N GLU I 81 -41.50 17.16 -29.04
CA GLU I 81 -40.80 16.98 -27.78
C GLU I 81 -39.95 18.20 -27.44
N PHE I 82 -39.28 18.77 -28.44
CA PHE I 82 -38.49 19.98 -28.21
C PHE I 82 -39.38 21.14 -27.77
N LEU I 83 -40.54 21.29 -28.41
CA LEU I 83 -41.45 22.37 -28.02
C LEU I 83 -41.99 22.16 -26.62
N THR I 84 -42.36 20.93 -26.27
CA THR I 84 -42.91 20.66 -24.94
C THR I 84 -41.86 20.84 -23.86
N ALA I 85 -40.62 20.43 -24.13
CA ALA I 85 -39.58 20.50 -23.12
C ALA I 85 -39.19 21.94 -22.78
N THR I 86 -39.31 22.85 -23.74
CA THR I 86 -38.89 24.23 -23.55
C THR I 86 -39.97 25.10 -22.92
N GLY I 87 -41.14 24.54 -22.62
CA GLY I 87 -42.17 25.27 -21.93
C GLY I 87 -43.33 25.76 -22.78
N VAL I 88 -43.42 25.34 -24.04
CA VAL I 88 -44.55 25.73 -24.88
C VAL I 88 -45.80 25.00 -24.41
N GLN I 89 -46.88 25.76 -24.19
CA GLN I 89 -48.13 25.22 -23.71
C GLN I 89 -49.19 25.07 -24.79
N GLU I 90 -49.02 25.68 -25.95
CA GLU I 90 -49.99 25.58 -27.03
C GLU I 90 -49.23 25.54 -28.36
N THR I 91 -49.50 24.50 -29.16
CA THR I 91 -48.83 24.31 -30.43
C THR I 91 -49.87 24.20 -31.53
N PHE I 92 -49.72 25.01 -32.58
CA PHE I 92 -50.57 24.93 -33.77
C PHE I 92 -49.81 24.24 -34.88
N VAL I 93 -50.41 23.19 -35.46
CA VAL I 93 -49.78 22.38 -36.49
C VAL I 93 -50.50 22.66 -37.80
N PHE I 94 -49.75 23.13 -38.80
CA PHE I 94 -50.28 23.45 -40.12
C PHE I 94 -49.72 22.44 -41.12
N CYS I 95 -50.61 21.62 -41.69
CA CYS I 95 -50.23 20.59 -42.66
C CYS I 95 -51.14 20.68 -43.86
N CYS I 96 -50.54 20.68 -45.05
CA CYS I 96 -51.29 20.69 -46.31
C CYS I 96 -51.06 19.44 -47.14
N TRP I 97 -49.80 19.07 -47.38
CA TRP I 97 -49.49 17.92 -48.20
C TRP I 97 -49.56 16.65 -47.37
N LYS I 98 -50.42 15.71 -47.77
CA LYS I 98 -50.61 14.44 -47.07
C LYS I 98 -50.96 14.67 -45.60
N ALA I 99 -51.86 15.63 -45.35
CA ALA I 99 -52.22 15.99 -43.98
C ALA I 99 -52.99 14.88 -43.27
N ALA I 100 -53.61 13.96 -44.01
CA ALA I 100 -54.37 12.89 -43.37
C ALA I 100 -53.46 11.97 -42.56
N GLN I 101 -52.33 11.56 -43.15
CA GLN I 101 -51.39 10.70 -42.45
C GLN I 101 -50.80 11.42 -41.24
N ILE I 102 -50.47 12.70 -41.39
CA ILE I 102 -49.93 13.47 -40.28
C ILE I 102 -50.93 13.56 -39.14
N LYS I 103 -52.20 13.84 -39.46
CA LYS I 103 -53.23 13.91 -38.43
C LYS I 103 -53.42 12.57 -37.74
N GLU I 104 -53.43 11.47 -38.51
CA GLU I 104 -53.59 10.15 -37.93
C GLU I 104 -52.43 9.82 -37.00
N HIS I 105 -51.20 10.14 -37.41
CA HIS I 105 -50.03 9.89 -36.57
C HIS I 105 -50.06 10.74 -35.31
N LEU I 106 -50.47 12.00 -35.44
CA LEU I 106 -50.46 12.90 -34.29
C LEU I 106 -51.53 12.54 -33.27
N LEU I 107 -52.72 12.14 -33.75
CA LEU I 107 -53.78 11.76 -32.84
C LEU I 107 -53.44 10.50 -32.04
N LYS I 108 -52.52 9.69 -32.53
CA LYS I 108 -52.06 8.50 -31.83
C LYS I 108 -50.81 8.73 -30.99
N SER I 109 -50.31 9.97 -30.94
CA SER I 109 -49.06 10.26 -30.27
C SER I 109 -49.28 10.64 -28.81
N LYS I 110 -48.17 10.84 -28.09
CA LYS I 110 -48.24 11.18 -26.67
C LYS I 110 -48.79 12.59 -26.46
N TRP I 111 -48.42 13.52 -27.32
CA TRP I 111 -48.76 14.92 -27.11
C TRP I 111 -50.24 15.23 -27.34
N CYS I 112 -51.00 14.30 -27.90
CA CYS I 112 -52.44 14.48 -28.05
C CYS I 112 -53.23 13.87 -26.90
N ARG I 113 -52.55 13.30 -25.91
CA ARG I 113 -53.23 12.77 -24.73
C ARG I 113 -53.73 13.91 -23.86
N PRO I 114 -54.81 13.70 -23.11
CA PRO I 114 -55.31 14.77 -22.23
C PRO I 114 -54.33 15.17 -21.15
N THR I 115 -53.37 14.32 -20.80
CA THR I 115 -52.40 14.62 -19.76
C THR I 115 -51.23 15.46 -20.25
N SER I 116 -51.15 15.72 -21.56
CA SER I 116 -50.04 16.50 -22.10
C SER I 116 -50.21 17.97 -21.75
N LEU I 117 -49.12 18.60 -21.30
CA LEU I 117 -49.14 20.02 -20.96
C LEU I 117 -49.05 20.91 -22.19
N ASN I 118 -48.73 20.35 -23.35
CA ASN I 118 -48.64 21.11 -24.60
C ASN I 118 -49.80 20.68 -25.49
N VAL I 119 -50.87 21.47 -25.49
CA VAL I 119 -52.05 21.14 -26.29
C VAL I 119 -51.73 21.36 -27.76
N VAL I 120 -51.98 20.33 -28.58
CA VAL I 120 -51.68 20.35 -30.00
C VAL I 120 -52.97 20.55 -30.76
N ARG I 121 -53.01 21.58 -31.61
CA ARG I 121 -54.15 21.86 -32.48
C ARG I 121 -53.74 21.65 -33.93
N ILE I 122 -54.63 21.07 -34.72
CA ILE I 122 -54.37 20.75 -36.12
C ILE I 122 -55.21 21.68 -36.98
N ILE I 123 -54.55 22.44 -37.85
CA ILE I 123 -55.21 23.30 -38.82
C ILE I 123 -54.75 22.85 -40.20
N THR I 124 -55.69 22.44 -41.04
CA THR I 124 -55.40 21.88 -42.35
C THR I 124 -56.11 22.69 -43.43
N SER I 125 -55.38 23.04 -44.48
CA SER I 125 -55.93 23.74 -45.62
C SER I 125 -55.16 23.32 -46.87
N GLU I 126 -55.89 23.03 -47.95
CA GLU I 126 -55.25 22.62 -49.19
C GLU I 126 -54.73 23.80 -50.01
N LEU I 127 -55.02 25.04 -49.60
CA LEU I 127 -54.55 26.22 -50.30
C LEU I 127 -53.18 26.68 -49.86
N TYR I 128 -52.59 26.03 -48.86
CA TYR I 128 -51.28 26.44 -48.37
C TYR I 128 -50.21 26.16 -49.42
N ARG I 129 -49.40 27.18 -49.71
CA ARG I 129 -48.31 27.05 -50.66
C ARG I 129 -46.95 27.43 -50.12
N SER I 130 -46.87 28.15 -49.01
CA SER I 130 -45.59 28.57 -48.43
C SER I 130 -45.82 28.95 -46.97
N LEU I 131 -44.70 29.19 -46.28
CA LEU I 131 -44.78 29.64 -44.89
C LEU I 131 -45.47 30.98 -44.78
N GLY I 132 -45.32 31.84 -45.80
CA GLY I 132 -46.03 33.11 -45.79
C GLY I 132 -47.53 32.94 -45.75
N ASP I 133 -48.04 31.94 -46.49
CA ASP I 133 -49.48 31.65 -46.44
C ASP I 133 -49.91 31.22 -45.05
N VAL I 134 -49.10 30.38 -44.39
CA VAL I 134 -49.41 29.93 -43.04
C VAL I 134 -49.45 31.11 -42.08
N LEU I 135 -48.46 32.00 -42.17
CA LEU I 135 -48.43 33.16 -41.28
C LEU I 135 -49.58 34.13 -41.58
N ARG I 136 -49.95 34.28 -42.85
CA ARG I 136 -51.10 35.11 -43.19
C ARG I 136 -52.38 34.53 -42.61
N ASP I 137 -52.52 33.20 -42.66
CA ASP I 137 -53.68 32.55 -42.05
C ASP I 137 -53.69 32.76 -40.54
N VAL I 138 -52.51 32.67 -39.91
CA VAL I 138 -52.41 32.90 -38.47
C VAL I 138 -52.85 34.33 -38.13
N ASP I 139 -52.38 35.30 -38.92
CA ASP I 139 -52.77 36.68 -38.69
C ASP I 139 -54.27 36.88 -38.90
N ALA I 140 -54.84 36.24 -39.92
CA ALA I 140 -56.26 36.37 -40.19
C ALA I 140 -57.11 35.80 -39.06
N LYS I 141 -56.72 34.64 -38.53
CA LYS I 141 -57.46 34.01 -37.44
C LYS I 141 -57.03 34.48 -36.07
N ALA I 142 -55.98 35.30 -35.98
CA ALA I 142 -55.51 35.87 -34.71
C ALA I 142 -55.23 34.77 -33.68
N LEU I 143 -54.57 33.70 -34.13
CA LEU I 143 -54.28 32.59 -33.23
C LEU I 143 -53.27 32.99 -32.15
N VAL I 144 -52.23 33.71 -32.54
CA VAL I 144 -51.15 34.08 -31.63
C VAL I 144 -51.51 35.39 -30.93
N ARG I 145 -51.33 35.43 -29.61
CA ARG I 145 -51.60 36.64 -28.86
C ARG I 145 -50.37 37.50 -28.65
N SER I 146 -49.24 36.89 -28.27
CA SER I 146 -48.01 37.64 -28.05
C SER I 146 -46.79 36.73 -27.92
N ASP I 147 -45.73 37.02 -28.67
CA ASP I 147 -44.42 36.40 -28.51
C ASP I 147 -44.50 34.88 -28.64
N PHE I 148 -44.85 34.45 -29.85
CA PHE I 148 -44.94 33.03 -30.14
C PHE I 148 -43.62 32.51 -30.69
N LEU I 149 -43.56 31.21 -30.97
CA LEU I 149 -42.37 30.54 -31.46
C LEU I 149 -42.64 29.96 -32.83
N LEU I 150 -41.74 30.21 -33.77
CA LEU I 150 -41.86 29.72 -35.14
C LEU I 150 -40.76 28.70 -35.41
N VAL I 151 -41.16 27.52 -35.90
CA VAL I 151 -40.23 26.44 -36.17
C VAL I 151 -40.87 25.52 -37.21
N TYR I 152 -40.04 24.77 -37.92
CA TYR I 152 -40.52 23.81 -38.90
C TYR I 152 -40.76 22.45 -38.25
N GLY I 153 -41.44 21.57 -38.98
CA GLY I 153 -41.77 20.25 -38.49
C GLY I 153 -40.65 19.23 -38.55
N ASP I 154 -39.51 19.60 -39.11
CA ASP I 154 -38.37 18.70 -39.25
C ASP I 154 -37.16 19.26 -38.52
N VAL I 155 -37.37 19.78 -37.31
CA VAL I 155 -36.32 20.40 -36.50
C VAL I 155 -36.04 19.51 -35.30
N ILE I 156 -34.78 19.12 -35.14
CA ILE I 156 -34.33 18.33 -34.01
C ILE I 156 -33.52 19.24 -33.11
N SER I 157 -33.96 19.41 -31.87
CA SER I 157 -33.31 20.35 -30.97
C SER I 157 -33.59 19.98 -29.52
N ASN I 158 -32.70 20.44 -28.64
CA ASN I 158 -32.87 20.36 -27.20
C ASN I 158 -32.63 21.72 -26.56
N ILE I 159 -32.92 22.79 -27.29
CA ILE I 159 -32.60 24.14 -26.86
C ILE I 159 -33.68 24.65 -25.91
N ASN I 160 -33.26 25.31 -24.83
CA ASN I 160 -34.16 26.00 -23.92
C ASN I 160 -34.09 27.49 -24.24
N ILE I 161 -35.21 28.05 -24.71
CA ILE I 161 -35.24 29.43 -25.19
C ILE I 161 -35.69 30.38 -24.09
N THR I 162 -35.67 29.93 -22.84
CA THR I 162 -36.11 30.78 -21.74
C THR I 162 -35.27 32.04 -21.64
N ARG I 163 -33.94 31.91 -21.72
CA ARG I 163 -33.08 33.09 -21.71
C ARG I 163 -33.32 33.96 -22.94
N ALA I 164 -33.46 33.33 -24.11
CA ALA I 164 -33.74 34.10 -25.33
C ALA I 164 -35.10 34.78 -25.24
N LEU I 165 -36.10 34.10 -24.69
CA LEU I 165 -37.41 34.71 -24.51
C LEU I 165 -37.35 35.90 -23.57
N GLU I 166 -36.60 35.75 -22.47
CA GLU I 166 -36.46 36.85 -21.52
C GLU I 166 -35.78 38.05 -22.16
N GLU I 167 -34.71 37.80 -22.93
CA GLU I 167 -34.02 38.89 -23.62
C GLU I 167 -34.95 39.57 -24.63
N HIS I 168 -35.71 38.78 -25.39
CA HIS I 168 -36.63 39.34 -26.36
C HIS I 168 -37.69 40.21 -25.70
N ARG I 169 -38.27 39.72 -24.60
CA ARG I 169 -39.30 40.49 -23.90
C ARG I 169 -38.73 41.75 -23.29
N LEU I 170 -37.52 41.67 -22.72
CA LEU I 170 -36.90 42.86 -22.14
C LEU I 170 -36.61 43.91 -23.19
N ARG I 171 -36.09 43.48 -24.36
CA ARG I 171 -35.80 44.46 -25.40
C ARG I 171 -37.08 44.98 -26.07
N ARG I 172 -38.17 44.21 -26.02
CA ARG I 172 -39.45 44.74 -26.45
C ARG I 172 -39.95 45.81 -25.50
N LYS I 173 -39.86 45.55 -24.19
CA LYS I 173 -40.34 46.51 -23.20
C LYS I 173 -39.51 47.79 -23.22
N LEU I 174 -38.18 47.65 -23.31
CA LEU I 174 -37.33 48.83 -23.26
C LEU I 174 -37.43 49.68 -24.52
N GLU I 175 -37.51 49.05 -25.69
CA GLU I 175 -37.46 49.75 -26.96
C GLU I 175 -38.81 49.82 -27.66
N LYS I 176 -39.90 49.91 -26.89
CA LYS I 176 -41.27 50.08 -27.39
C LYS I 176 -41.55 49.23 -28.63
N ASN I 177 -41.45 47.92 -28.42
CA ASN I 177 -41.83 46.87 -29.41
C ASN I 177 -41.28 47.14 -30.81
N VAL I 178 -40.15 47.84 -30.90
CA VAL I 178 -39.50 48.05 -32.20
C VAL I 178 -39.01 46.73 -32.76
N SER I 179 -38.34 45.93 -31.94
CA SER I 179 -37.87 44.63 -32.38
C SER I 179 -39.05 43.69 -32.63
N VAL I 180 -38.92 42.84 -33.66
CA VAL I 180 -39.99 41.94 -34.04
C VAL I 180 -39.56 40.48 -34.09
N MET I 181 -38.29 40.17 -34.31
CA MET I 181 -37.87 38.79 -34.51
C MET I 181 -36.51 38.58 -33.86
N THR I 182 -36.35 37.45 -33.17
CA THR I 182 -35.06 37.00 -32.67
C THR I 182 -34.83 35.58 -33.17
N MET I 183 -33.83 35.40 -34.03
CA MET I 183 -33.50 34.10 -34.56
C MET I 183 -32.54 33.37 -33.61
N ILE I 184 -32.55 32.05 -33.68
CA ILE I 184 -31.69 31.20 -32.86
C ILE I 184 -30.63 30.58 -33.76
N PHE I 185 -29.37 30.76 -33.39
CA PHE I 185 -28.25 30.18 -34.11
C PHE I 185 -27.38 29.37 -33.15
N LYS I 186 -26.74 28.35 -33.69
CA LYS I 186 -25.84 27.49 -32.93
C LYS I 186 -24.40 27.78 -33.33
N GLU I 187 -23.55 28.06 -32.35
CA GLU I 187 -22.13 28.29 -32.62
C GLU I 187 -21.51 27.00 -33.15
N SER I 188 -21.09 27.03 -34.41
CA SER I 188 -20.61 25.84 -35.09
C SER I 188 -19.39 26.22 -35.93
N SER I 189 -18.92 25.26 -36.73
CA SER I 189 -17.80 25.44 -37.63
C SER I 189 -18.23 25.17 -39.06
N PRO I 190 -17.66 25.89 -40.04
CA PRO I 190 -18.08 25.69 -41.44
C PRO I 190 -17.79 24.29 -41.97
N SER I 191 -16.87 23.54 -41.35
CA SER I 191 -16.49 22.23 -41.83
C SER I 191 -17.31 21.10 -41.21
N HIS I 192 -18.24 21.41 -40.32
CA HIS I 192 -19.05 20.36 -39.71
C HIS I 192 -20.00 19.74 -40.73
N PRO I 193 -20.28 18.44 -40.62
CA PRO I 193 -21.24 17.82 -41.55
C PRO I 193 -22.62 18.45 -41.51
N THR I 194 -23.05 18.97 -40.37
CA THR I 194 -24.37 19.60 -40.27
C THR I 194 -24.45 20.91 -41.02
N ARG I 195 -23.32 21.48 -41.44
CA ARG I 195 -23.32 22.74 -42.21
C ARG I 195 -23.41 22.41 -43.69
N CYS I 196 -24.61 22.04 -44.12
CA CYS I 196 -24.86 21.76 -45.52
C CYS I 196 -24.72 23.03 -46.36
N HIS I 197 -24.28 22.85 -47.61
CA HIS I 197 -24.02 23.99 -48.48
C HIS I 197 -25.29 24.76 -48.81
N GLU I 198 -26.43 24.07 -48.92
CA GLU I 198 -27.66 24.73 -49.32
C GLU I 198 -28.11 25.75 -48.28
N ASP I 199 -28.00 25.41 -47.00
CA ASP I 199 -28.49 26.24 -45.92
C ASP I 199 -27.38 27.04 -45.23
N ASN I 200 -26.21 27.13 -45.85
CA ASN I 200 -25.14 27.94 -45.29
C ASN I 200 -25.52 29.41 -45.32
N VAL I 201 -25.16 30.14 -44.25
CA VAL I 201 -25.57 31.52 -44.08
C VAL I 201 -24.41 32.32 -43.49
N VAL I 202 -24.29 33.58 -43.90
CA VAL I 202 -23.34 34.52 -43.33
C VAL I 202 -24.10 35.77 -42.91
N VAL I 203 -23.78 36.29 -41.72
CA VAL I 203 -24.56 37.34 -41.09
C VAL I 203 -23.61 38.44 -40.64
N ALA I 204 -24.13 39.67 -40.60
CA ALA I 204 -23.43 40.81 -40.02
C ALA I 204 -24.32 41.42 -38.96
N VAL I 205 -23.78 41.57 -37.74
CA VAL I 205 -24.57 41.98 -36.59
C VAL I 205 -23.86 43.08 -35.83
N ASP I 206 -24.57 43.65 -34.86
CA ASP I 206 -24.03 44.58 -33.89
C ASP I 206 -23.76 43.83 -32.60
N SER I 207 -22.48 43.74 -32.20
CA SER I 207 -22.11 42.89 -31.08
C SER I 207 -22.71 43.39 -29.77
N THR I 208 -22.84 44.70 -29.61
CA THR I 208 -23.32 45.26 -28.34
C THR I 208 -24.75 44.84 -28.05
N THR I 209 -25.62 44.88 -29.04
CA THR I 209 -27.05 44.62 -28.84
C THR I 209 -27.54 43.36 -29.55
N ASN I 210 -26.65 42.61 -30.22
CA ASN I 210 -27.03 41.41 -30.96
C ASN I 210 -28.11 41.71 -31.98
N ARG I 211 -27.96 42.82 -32.70
CA ARG I 211 -28.92 43.26 -33.70
C ARG I 211 -28.47 42.80 -35.09
N VAL I 212 -29.37 42.15 -35.81
CA VAL I 212 -29.05 41.66 -37.15
C VAL I 212 -29.09 42.83 -38.13
N LEU I 213 -27.97 43.08 -38.79
CA LEU I 213 -27.85 44.15 -39.77
C LEU I 213 -27.83 43.65 -41.20
N HIS I 214 -27.17 42.53 -41.47
CA HIS I 214 -27.14 41.95 -42.80
C HIS I 214 -27.24 40.43 -42.69
N PHE I 215 -27.87 39.81 -43.68
CA PHE I 215 -28.16 38.39 -43.66
C PHE I 215 -28.17 37.89 -45.09
N GLN I 216 -27.34 36.89 -45.41
CA GLN I 216 -27.36 36.37 -46.77
C GLN I 216 -26.87 34.93 -46.79
N LYS I 217 -27.19 34.24 -47.88
CA LYS I 217 -26.82 32.85 -48.06
C LYS I 217 -25.59 32.73 -48.95
N THR I 218 -24.77 31.71 -48.69
CA THR I 218 -23.52 31.49 -49.40
C THR I 218 -23.62 30.36 -50.41
N GLN I 219 -24.79 30.18 -51.01
CA GLN I 219 -25.00 29.11 -51.99
C GLN I 219 -24.23 29.45 -53.26
N GLY I 220 -23.13 28.74 -53.48
CA GLY I 220 -22.33 28.93 -54.69
C GLY I 220 -21.70 30.30 -54.84
N LEU I 221 -21.16 30.85 -53.75
CA LEU I 221 -20.51 32.14 -53.78
C LEU I 221 -19.12 32.03 -53.19
N ARG I 222 -18.12 32.55 -53.91
CA ARG I 222 -16.76 32.63 -53.40
C ARG I 222 -16.44 34.00 -52.81
N ARG I 223 -17.29 35.00 -53.03
CA ARG I 223 -17.11 36.34 -52.48
C ARG I 223 -18.40 36.76 -51.80
N PHE I 224 -18.27 37.49 -50.70
CA PHE I 224 -19.41 38.01 -49.95
C PHE I 224 -19.32 39.52 -49.89
N ALA I 225 -20.38 40.20 -50.30
CA ALA I 225 -20.42 41.65 -50.37
C ALA I 225 -21.29 42.19 -49.25
N PHE I 226 -20.77 43.18 -48.53
CA PHE I 226 -21.50 43.83 -47.44
C PHE I 226 -21.59 45.32 -47.71
N PRO I 227 -22.80 45.87 -47.88
CA PRO I 227 -22.91 47.32 -48.07
C PRO I 227 -22.46 48.08 -46.83
N LEU I 228 -21.91 49.27 -47.06
CA LEU I 228 -21.45 50.12 -45.96
C LEU I 228 -22.58 50.85 -45.25
N SER I 229 -23.82 50.71 -45.72
CA SER I 229 -24.94 51.39 -45.08
C SER I 229 -25.08 50.97 -43.62
N LEU I 230 -24.84 49.68 -43.32
CA LEU I 230 -24.86 49.24 -41.93
C LEU I 230 -23.77 49.94 -41.12
N PHE I 231 -22.60 50.14 -41.72
CA PHE I 231 -21.56 50.93 -41.06
C PHE I 231 -22.00 52.35 -40.79
N GLN I 232 -22.97 52.86 -41.57
CA GLN I 232 -23.52 54.18 -41.30
C GLN I 232 -24.32 54.23 -40.00
N GLY I 233 -24.77 53.07 -39.50
CA GLY I 233 -25.50 53.05 -38.24
C GLY I 233 -24.64 53.48 -37.07
N SER I 234 -23.42 52.94 -37.00
CA SER I 234 -22.48 53.29 -35.94
C SER I 234 -21.08 52.91 -36.38
N SER I 235 -20.08 53.53 -35.75
CA SER I 235 -18.69 53.23 -36.05
C SER I 235 -18.16 52.03 -35.29
N ASP I 236 -18.95 51.45 -34.38
CA ASP I 236 -18.52 50.32 -33.58
C ASP I 236 -19.62 49.29 -33.52
N GLY I 237 -19.24 48.04 -33.23
CA GLY I 237 -20.17 46.96 -33.04
C GLY I 237 -20.37 46.06 -34.24
N VAL I 238 -19.96 46.48 -35.43
CA VAL I 238 -20.18 45.66 -36.63
C VAL I 238 -19.27 44.44 -36.58
N GLU I 239 -19.87 43.26 -36.64
CA GLU I 239 -19.13 42.01 -36.65
C GLU I 239 -19.73 41.07 -37.69
N VAL I 240 -18.87 40.48 -38.51
CA VAL I 240 -19.28 39.53 -39.54
C VAL I 240 -19.09 38.13 -38.99
N ARG I 241 -20.16 37.36 -38.93
CA ARG I 241 -20.16 36.01 -38.39
C ARG I 241 -20.47 35.00 -39.49
N TYR I 242 -19.59 34.00 -39.61
CA TYR I 242 -19.80 32.84 -40.48
C TYR I 242 -19.77 31.54 -39.69
N ASP I 243 -19.72 31.61 -38.36
CA ASP I 243 -19.69 30.44 -37.49
C ASP I 243 -21.04 30.16 -36.87
N LEU I 244 -22.12 30.39 -37.61
CA LEU I 244 -23.47 30.22 -37.10
C LEU I 244 -24.19 29.16 -37.93
N LEU I 245 -24.86 28.24 -37.26
CA LEU I 245 -25.69 27.23 -37.91
C LEU I 245 -27.14 27.59 -37.70
N ASP I 246 -27.92 27.61 -38.78
CA ASP I 246 -29.31 28.05 -38.73
C ASP I 246 -30.16 26.92 -38.14
N CYS I 247 -30.53 27.07 -36.87
CA CYS I 247 -31.42 26.12 -36.22
C CYS I 247 -32.85 26.20 -36.74
N HIS I 248 -33.17 27.23 -37.52
CA HIS I 248 -34.52 27.45 -38.05
C HIS I 248 -35.54 27.58 -36.92
N ILE I 249 -35.13 28.25 -35.85
CA ILE I 249 -36.00 28.55 -34.71
C ILE I 249 -36.04 30.07 -34.55
N SER I 250 -37.24 30.62 -34.40
CA SER I 250 -37.37 32.06 -34.22
C SER I 250 -38.39 32.36 -33.13
N ILE I 251 -38.12 33.43 -32.38
CA ILE I 251 -39.09 34.02 -31.47
C ILE I 251 -39.63 35.27 -32.15
N CYS I 252 -40.90 35.24 -32.50
CA CYS I 252 -41.53 36.28 -33.31
C CYS I 252 -42.60 37.00 -32.50
N SER I 253 -43.29 37.91 -33.17
CA SER I 253 -44.36 38.71 -32.61
C SER I 253 -45.56 38.66 -33.55
N PRO I 254 -46.75 39.02 -33.07
CA PRO I 254 -47.88 39.19 -34.00
C PRO I 254 -47.60 40.22 -35.07
N GLN I 255 -46.72 41.19 -34.81
CA GLN I 255 -46.34 42.15 -35.83
C GLN I 255 -45.63 41.47 -37.00
N VAL I 256 -44.96 40.35 -36.76
CA VAL I 256 -44.36 39.59 -37.86
C VAL I 256 -45.45 39.07 -38.79
N ALA I 257 -46.52 38.52 -38.21
CA ALA I 257 -47.64 38.05 -39.03
C ALA I 257 -48.31 39.22 -39.75
N GLN I 258 -48.43 40.37 -39.07
CA GLN I 258 -49.01 41.54 -39.71
C GLN I 258 -48.18 42.00 -40.90
N LEU I 259 -46.85 41.99 -40.75
CA LEU I 259 -45.97 42.36 -41.85
C LEU I 259 -46.05 41.35 -43.00
N PHE I 260 -46.18 40.06 -42.67
CA PHE I 260 -46.36 39.07 -43.71
C PHE I 260 -47.66 39.29 -44.46
N THR I 261 -48.72 39.68 -43.75
CA THR I 261 -49.98 40.01 -44.41
C THR I 261 -49.84 41.24 -45.29
N ASP I 262 -49.13 42.26 -44.82
CA ASP I 262 -48.97 43.49 -45.60
C ASP I 262 -48.22 43.24 -46.89
N ASN I 263 -47.15 42.47 -46.84
CA ASN I 263 -46.34 42.16 -48.03
C ASN I 263 -46.76 40.78 -48.53
N PHE I 264 -47.68 40.77 -49.51
CA PHE I 264 -48.20 39.52 -50.05
C PHE I 264 -47.14 38.73 -50.80
N ASP I 265 -46.04 39.37 -51.22
CA ASP I 265 -44.99 38.68 -51.94
C ASP I 265 -44.08 37.87 -51.02
N TYR I 266 -44.23 38.00 -49.71
CA TYR I 266 -43.41 37.24 -48.77
C TYR I 266 -43.84 35.78 -48.76
N GLN I 267 -42.93 34.89 -49.12
CA GLN I 267 -43.20 33.45 -49.16
C GLN I 267 -42.45 32.66 -48.09
N THR I 268 -41.18 32.96 -47.88
CA THR I 268 -40.35 32.27 -46.90
C THR I 268 -39.87 33.25 -45.84
N ARG I 269 -39.17 32.71 -44.84
CA ARG I 269 -38.60 33.55 -43.80
C ARG I 269 -37.45 34.40 -44.32
N ASP I 270 -36.68 33.87 -45.28
CA ASP I 270 -35.57 34.62 -45.84
C ASP I 270 -36.07 35.88 -46.56
N ASP I 271 -37.18 35.75 -47.30
CA ASP I 271 -37.75 36.91 -47.97
C ASP I 271 -38.12 38.00 -46.98
N PHE I 272 -38.78 37.61 -45.89
CA PHE I 272 -39.16 38.58 -44.86
C PHE I 272 -37.94 39.24 -44.24
N VAL I 273 -36.92 38.44 -43.92
CA VAL I 273 -35.72 38.99 -43.28
C VAL I 273 -35.03 39.98 -44.21
N ARG I 274 -34.84 39.59 -45.47
CA ARG I 274 -34.17 40.47 -46.42
C ARG I 274 -34.97 41.74 -46.69
N GLY I 275 -36.29 41.62 -46.84
CA GLY I 275 -37.10 42.80 -47.07
C GLY I 275 -37.08 43.75 -45.88
N LEU I 276 -37.14 43.21 -44.67
CA LEU I 276 -37.06 44.04 -43.48
C LEU I 276 -35.70 44.72 -43.35
N LEU I 277 -34.63 44.00 -43.66
CA LEU I 277 -33.29 44.56 -43.49
C LEU I 277 -33.00 45.63 -44.54
N VAL I 278 -33.42 45.42 -45.79
CA VAL I 278 -33.14 46.39 -46.83
C VAL I 278 -33.92 47.67 -46.62
N ASN I 279 -35.15 47.56 -46.12
CA ASN I 279 -36.03 48.72 -45.92
C ASN I 279 -35.94 49.22 -44.47
N GLU I 280 -34.74 49.64 -44.09
CA GLU I 280 -34.50 50.15 -42.75
C GLU I 280 -34.79 51.64 -42.61
N GLU I 281 -34.98 52.35 -43.72
CA GLU I 281 -35.23 53.79 -43.64
C GLU I 281 -36.56 54.08 -42.97
N ILE I 282 -37.61 53.34 -43.32
CA ILE I 282 -38.94 53.55 -42.77
C ILE I 282 -39.35 52.31 -41.97
N LEU I 283 -39.98 52.55 -40.83
CA LEU I 283 -40.47 51.50 -39.93
C LEU I 283 -39.41 50.40 -39.73
N GLY I 284 -38.30 50.82 -39.12
CA GLY I 284 -37.12 49.99 -38.94
C GLY I 284 -37.40 48.55 -38.56
N ASN I 285 -38.07 48.34 -37.43
CA ASN I 285 -38.48 47.01 -36.98
C ASN I 285 -37.28 46.06 -36.91
N GLN I 286 -36.38 46.38 -35.98
CA GLN I 286 -35.10 45.68 -35.89
C GLN I 286 -35.31 44.19 -35.64
N ILE I 287 -34.39 43.39 -36.16
CA ILE I 287 -34.35 41.95 -35.94
C ILE I 287 -33.08 41.62 -35.17
N HIS I 288 -33.23 40.87 -34.09
CA HIS I 288 -32.10 40.46 -33.25
C HIS I 288 -31.85 38.98 -33.42
N MET I 289 -30.86 38.47 -32.68
CA MET I 289 -30.50 37.06 -32.77
C MET I 289 -29.92 36.61 -31.43
N HIS I 290 -29.97 35.29 -31.22
CA HIS I 290 -29.43 34.65 -30.03
C HIS I 290 -28.60 33.45 -30.44
N VAL I 291 -27.43 33.30 -29.83
CA VAL I 291 -26.48 32.23 -30.18
C VAL I 291 -26.34 31.31 -28.99
N THR I 292 -26.50 30.01 -29.23
CA THR I 292 -26.30 28.99 -28.22
C THR I 292 -25.05 28.19 -28.53
N ALA I 293 -24.34 27.79 -27.47
CA ALA I 293 -23.10 27.04 -27.62
C ALA I 293 -23.09 25.69 -26.93
N LYS I 294 -24.02 25.43 -26.02
CA LYS I 294 -24.06 24.17 -25.28
C LYS I 294 -25.22 23.27 -25.66
N GLU I 295 -26.22 23.79 -26.38
CA GLU I 295 -27.37 23.01 -26.80
C GLU I 295 -27.29 22.72 -28.29
N TYR I 296 -28.15 21.81 -28.74
CA TYR I 296 -28.14 21.32 -30.11
C TYR I 296 -29.40 21.76 -30.84
N GLY I 297 -29.25 22.11 -32.12
CA GLY I 297 -30.37 22.46 -32.96
C GLY I 297 -30.05 22.32 -34.44
N ALA I 298 -30.91 21.62 -35.18
CA ALA I 298 -30.68 21.40 -36.60
C ALA I 298 -32.01 21.14 -37.28
N ARG I 299 -32.00 21.27 -38.61
CA ARG I 299 -33.17 21.01 -39.44
C ARG I 299 -32.83 19.98 -40.49
N VAL I 300 -33.71 19.00 -40.66
CA VAL I 300 -33.52 17.93 -41.65
C VAL I 300 -34.16 18.40 -42.96
N SER I 301 -33.35 18.92 -43.86
CA SER I 301 -33.84 19.46 -45.13
C SER I 301 -33.44 18.63 -46.34
N ASN I 302 -32.52 17.69 -46.19
CA ASN I 302 -32.10 16.85 -47.31
C ASN I 302 -31.52 15.56 -46.75
N LEU I 303 -31.06 14.69 -47.66
CA LEU I 303 -30.53 13.40 -47.24
C LEU I 303 -29.22 13.54 -46.48
N HIS I 304 -28.37 14.48 -46.89
CA HIS I 304 -27.13 14.72 -46.16
C HIS I 304 -27.41 15.20 -44.74
N MET I 305 -28.34 16.15 -44.61
CA MET I 305 -28.73 16.62 -43.28
C MET I 305 -29.39 15.50 -42.48
N TYR I 306 -30.19 14.67 -43.15
CA TYR I 306 -30.80 13.52 -42.46
C TYR I 306 -29.74 12.60 -41.88
N SER I 307 -28.72 12.29 -42.69
CA SER I 307 -27.65 11.41 -42.21
C SER I 307 -26.88 12.03 -41.07
N ALA I 308 -26.53 13.32 -41.19
CA ALA I 308 -25.77 13.98 -40.14
C ALA I 308 -26.56 14.04 -38.83
N VAL I 309 -27.85 14.38 -38.92
CA VAL I 309 -28.67 14.49 -37.72
C VAL I 309 -28.89 13.12 -37.09
N CYS I 310 -29.06 12.09 -37.92
CA CYS I 310 -29.21 10.74 -37.38
C CYS I 310 -27.94 10.30 -36.66
N ALA I 311 -26.77 10.60 -37.24
CA ALA I 311 -25.52 10.27 -36.56
C ALA I 311 -25.39 11.02 -35.25
N ASP I 312 -25.79 12.30 -35.24
CA ASP I 312 -25.71 13.09 -34.00
C ASP I 312 -26.66 12.54 -32.95
N VAL I 313 -27.86 12.11 -33.34
CA VAL I 313 -28.83 11.59 -32.40
C VAL I 313 -28.36 10.27 -31.82
N ILE I 314 -27.83 9.38 -32.66
CA ILE I 314 -27.34 8.09 -32.18
C ILE I 314 -26.18 8.28 -31.21
N ARG I 315 -25.31 9.26 -31.48
CA ARG I 315 -24.17 9.55 -30.64
C ARG I 315 -24.50 10.45 -29.45
N ARG I 316 -25.78 10.62 -29.15
CA ARG I 316 -26.25 11.29 -27.93
C ARG I 316 -25.94 12.79 -27.92
N TRP I 317 -25.80 13.40 -29.09
CA TRP I 317 -25.56 14.84 -29.13
C TRP I 317 -26.79 15.67 -28.80
N VAL I 318 -27.97 15.06 -28.77
CA VAL I 318 -29.21 15.77 -28.49
C VAL I 318 -29.78 15.30 -27.15
N TYR I 319 -28.89 14.92 -26.24
CA TYR I 319 -29.33 14.43 -24.93
C TYR I 319 -30.18 15.50 -24.25
N PRO I 320 -31.29 15.12 -23.58
CA PRO I 320 -31.73 13.75 -23.28
C PRO I 320 -32.58 13.08 -24.36
N LEU I 321 -32.58 13.60 -25.58
CA LEU I 321 -33.32 12.97 -26.68
C LEU I 321 -32.42 11.88 -27.26
N THR I 322 -32.50 10.69 -26.68
CA THR I 322 -31.68 9.55 -27.05
C THR I 322 -32.59 8.37 -27.32
N PRO I 323 -32.12 7.38 -28.11
CA PRO I 323 -32.98 6.23 -28.42
C PRO I 323 -33.48 5.47 -27.20
N GLU I 324 -32.64 5.31 -26.18
CA GLU I 324 -33.06 4.56 -25.00
C GLU I 324 -33.91 5.38 -24.04
N ALA I 325 -33.95 6.70 -24.21
CA ALA I 325 -34.78 7.54 -23.34
C ALA I 325 -36.27 7.27 -23.58
N ASN I 326 -36.64 6.92 -24.83
CA ASN I 326 -38.02 6.65 -25.20
C ASN I 326 -38.93 7.83 -24.86
N PHE I 327 -38.57 8.99 -25.41
CA PHE I 327 -39.34 10.20 -25.16
C PHE I 327 -40.75 10.14 -25.74
N THR I 328 -40.99 9.23 -26.68
CA THR I 328 -42.35 8.90 -27.12
C THR I 328 -42.80 7.67 -26.35
N ASP I 329 -43.91 7.80 -25.63
CA ASP I 329 -44.38 6.70 -24.77
C ASP I 329 -44.99 5.58 -25.61
N SER I 330 -44.15 4.82 -26.29
CA SER I 330 -44.58 3.68 -27.10
C SER I 330 -43.76 2.47 -26.73
N THR I 331 -44.43 1.32 -26.59
CA THR I 331 -43.74 0.10 -26.21
C THR I 331 -42.91 -0.50 -27.35
N THR I 332 -43.18 -0.10 -28.59
CA THR I 332 -42.48 -0.68 -29.73
C THR I 332 -41.11 -0.04 -29.97
N GLN I 333 -40.82 1.09 -29.34
CA GLN I 333 -39.57 1.80 -29.55
C GLN I 333 -38.66 1.76 -28.34
N SER I 334 -38.95 0.89 -27.38
CA SER I 334 -38.07 0.74 -26.22
C SER I 334 -36.79 0.01 -26.62
N CYS I 335 -35.70 0.35 -25.94
CA CYS I 335 -34.41 -0.29 -26.20
C CYS I 335 -33.50 -0.06 -25.02
N THR I 336 -32.38 -0.80 -25.02
CA THR I 336 -31.36 -0.70 -23.99
C THR I 336 -30.06 -0.22 -24.61
N HIS I 337 -29.35 0.64 -23.88
CA HIS I 337 -28.10 1.23 -24.31
C HIS I 337 -26.93 0.45 -23.72
N SER I 338 -25.90 0.24 -24.54
CA SER I 338 -24.72 -0.52 -24.15
C SER I 338 -23.48 0.11 -24.76
N ARG I 339 -22.33 -0.38 -24.31
CA ARG I 339 -21.03 0.20 -24.65
C ARG I 339 -20.88 0.37 -26.16
N HIS I 340 -20.11 1.39 -26.53
CA HIS I 340 -19.90 1.77 -27.94
C HIS I 340 -21.20 2.20 -28.61
N ASN I 341 -22.12 2.74 -27.81
CA ASN I 341 -23.39 3.30 -28.31
C ASN I 341 -24.18 2.25 -29.09
N ILE I 342 -24.44 1.11 -28.45
CA ILE I 342 -25.20 0.03 -29.06
C ILE I 342 -26.59 0.03 -28.43
N TYR I 343 -27.60 0.26 -29.25
CA TYR I 343 -28.98 0.31 -28.80
C TYR I 343 -29.70 -0.94 -29.31
N ARG I 344 -30.19 -1.77 -28.40
CA ARG I 344 -30.79 -3.05 -28.74
C ARG I 344 -32.23 -3.08 -28.25
N GLY I 345 -33.16 -3.40 -29.15
CA GLY I 345 -34.56 -3.47 -28.81
C GLY I 345 -34.95 -4.83 -28.28
N PRO I 346 -36.22 -4.97 -27.88
CA PRO I 346 -36.69 -6.27 -27.37
C PRO I 346 -36.76 -7.31 -28.47
N GLU I 347 -36.41 -8.55 -28.12
CA GLU I 347 -36.51 -9.70 -29.01
C GLU I 347 -35.77 -9.46 -30.33
N VAL I 348 -34.45 -9.27 -30.21
CA VAL I 348 -33.58 -9.10 -31.37
C VAL I 348 -32.95 -10.41 -31.80
N SER I 349 -32.40 -11.16 -30.86
CA SER I 349 -31.81 -12.48 -31.11
C SER I 349 -30.73 -12.39 -32.18
N LEU I 350 -29.66 -11.66 -31.86
CA LEU I 350 -28.54 -11.51 -32.76
C LEU I 350 -27.89 -12.86 -33.03
N GLY I 351 -27.55 -13.11 -34.29
CA GLY I 351 -27.00 -14.39 -34.68
C GLY I 351 -25.57 -14.58 -34.21
N HIS I 352 -25.12 -15.83 -34.28
CA HIS I 352 -23.78 -16.17 -33.85
C HIS I 352 -22.75 -15.66 -34.84
N GLY I 353 -21.66 -15.11 -34.31
CA GLY I 353 -20.57 -14.61 -35.12
C GLY I 353 -20.73 -13.21 -35.67
N SER I 354 -21.92 -12.63 -35.56
CA SER I 354 -22.14 -11.27 -36.04
C SER I 354 -21.59 -10.26 -35.04
N ILE I 355 -21.12 -9.12 -35.55
CA ILE I 355 -20.46 -8.11 -34.74
C ILE I 355 -21.13 -6.77 -34.99
N LEU I 356 -21.55 -6.11 -33.91
CA LEU I 356 -22.02 -4.74 -33.95
C LEU I 356 -20.90 -3.85 -33.40
N GLU I 357 -20.25 -3.09 -34.29
CA GLU I 357 -19.06 -2.36 -33.89
C GLU I 357 -19.40 -1.17 -32.99
N GLU I 358 -20.14 -0.20 -33.53
CA GLU I 358 -20.46 1.00 -32.77
C GLU I 358 -21.60 1.74 -33.46
N ASN I 359 -22.32 2.53 -32.66
CA ASN I 359 -23.37 3.42 -33.15
C ASN I 359 -24.43 2.66 -33.95
N VAL I 360 -24.99 1.62 -33.34
CA VAL I 360 -25.97 0.74 -33.98
C VAL I 360 -27.25 0.78 -33.17
N LEU I 361 -28.38 0.98 -33.85
CA LEU I 361 -29.70 0.94 -33.24
C LEU I 361 -30.50 -0.19 -33.89
N LEU I 362 -31.08 -1.05 -33.07
CA LEU I 362 -31.82 -2.21 -33.54
C LEU I 362 -33.26 -2.11 -33.06
N GLY I 363 -34.21 -2.22 -33.99
CA GLY I 363 -35.61 -2.18 -33.65
C GLY I 363 -36.12 -3.48 -33.05
N SER I 364 -37.33 -3.40 -32.50
CA SER I 364 -37.95 -4.58 -31.90
C SER I 364 -38.38 -5.56 -32.97
N GLY I 365 -38.00 -6.83 -32.79
CA GLY I 365 -38.36 -7.88 -33.73
C GLY I 365 -37.38 -8.08 -34.87
N THR I 366 -36.36 -7.23 -34.99
CA THR I 366 -35.38 -7.38 -36.04
C THR I 366 -34.57 -8.65 -35.82
N VAL I 367 -34.32 -9.39 -36.90
CA VAL I 367 -33.59 -10.65 -36.86
C VAL I 367 -32.32 -10.50 -37.68
N ILE I 368 -31.19 -10.85 -37.08
CA ILE I 368 -29.88 -10.71 -37.71
C ILE I 368 -29.28 -12.09 -37.89
N GLY I 369 -28.72 -12.34 -39.07
CA GLY I 369 -28.13 -13.63 -39.38
C GLY I 369 -26.79 -13.86 -38.73
N SER I 370 -25.95 -14.69 -39.34
CA SER I 370 -24.66 -15.06 -38.78
C SER I 370 -23.52 -14.42 -39.56
N ASN I 371 -22.43 -14.12 -38.84
CA ASN I 371 -21.23 -13.52 -39.42
C ASN I 371 -21.54 -12.21 -40.12
N CYS I 372 -22.44 -11.42 -39.54
CA CYS I 372 -22.77 -10.11 -40.06
C CYS I 372 -21.83 -9.04 -39.50
N PHE I 373 -21.89 -7.86 -40.09
CA PHE I 373 -21.07 -6.74 -39.66
C PHE I 373 -21.86 -5.46 -39.89
N ILE I 374 -22.45 -4.93 -38.81
CA ILE I 374 -23.26 -3.72 -38.86
C ILE I 374 -22.53 -2.62 -38.11
N THR I 375 -22.37 -1.46 -38.75
CA THR I 375 -21.66 -0.35 -38.12
C THR I 375 -22.29 0.97 -38.54
N ASN I 376 -22.51 1.85 -37.57
CA ASN I 376 -23.04 3.20 -37.81
C ASN I 376 -24.35 3.15 -38.57
N SER I 377 -25.19 2.17 -38.25
CA SER I 377 -26.42 1.93 -38.99
C SER I 377 -27.61 1.90 -38.04
N VAL I 378 -28.77 2.32 -38.56
CA VAL I 378 -30.03 2.28 -37.84
C VAL I 378 -30.96 1.32 -38.58
N ILE I 379 -31.48 0.33 -37.87
CA ILE I 379 -32.33 -0.69 -38.46
C ILE I 379 -33.69 -0.65 -37.75
N GLY I 380 -34.76 -0.55 -38.54
CA GLY I 380 -36.08 -0.43 -37.99
C GLY I 380 -36.62 -1.75 -37.48
N PRO I 381 -37.80 -1.68 -36.85
CA PRO I 381 -38.41 -2.89 -36.29
C PRO I 381 -38.88 -3.85 -37.38
N GLY I 382 -38.85 -5.14 -37.04
CA GLY I 382 -39.35 -6.16 -37.95
C GLY I 382 -38.50 -6.41 -39.17
N CYS I 383 -37.21 -6.10 -39.11
CA CYS I 383 -36.32 -6.33 -40.25
C CYS I 383 -35.74 -7.74 -40.19
N HIS I 384 -35.42 -8.28 -41.36
CA HIS I 384 -34.79 -9.58 -41.50
C HIS I 384 -33.51 -9.42 -42.30
N ILE I 385 -32.39 -9.84 -41.73
CA ILE I 385 -31.07 -9.69 -42.34
C ILE I 385 -30.45 -11.07 -42.49
N GLY I 386 -29.91 -11.34 -43.67
CA GLY I 386 -29.29 -12.63 -43.95
C GLY I 386 -27.95 -12.82 -43.27
N ASP I 387 -27.12 -13.68 -43.85
CA ASP I 387 -25.79 -13.98 -43.31
C ASP I 387 -24.71 -13.35 -44.16
N ASN I 388 -23.58 -13.04 -43.52
CA ASN I 388 -22.42 -12.48 -44.20
C ASN I 388 -22.77 -11.18 -44.94
N VAL I 389 -23.61 -10.36 -44.31
CA VAL I 389 -24.05 -9.08 -44.87
C VAL I 389 -23.36 -7.98 -44.09
N VAL I 390 -22.81 -7.00 -44.81
CA VAL I 390 -22.06 -5.91 -44.21
C VAL I 390 -22.84 -4.62 -44.44
N LEU I 391 -23.32 -4.01 -43.36
CA LEU I 391 -24.03 -2.74 -43.40
C LEU I 391 -23.14 -1.67 -42.78
N ASP I 392 -22.87 -0.61 -43.54
CA ASP I 392 -22.02 0.49 -43.09
C ASP I 392 -22.71 1.81 -43.39
N GLN I 393 -23.05 2.57 -42.35
CA GLN I 393 -23.68 3.88 -42.48
C GLN I 393 -24.98 3.81 -43.26
N THR I 394 -25.72 2.71 -43.13
CA THR I 394 -26.99 2.53 -43.80
C THR I 394 -28.15 2.80 -42.84
N TYR I 395 -29.32 3.05 -43.42
CA TYR I 395 -30.53 3.30 -42.65
C TYR I 395 -31.64 2.41 -43.22
N LEU I 396 -32.06 1.44 -42.42
CA LEU I 396 -33.08 0.48 -42.82
C LEU I 396 -34.35 0.75 -42.03
N TRP I 397 -35.45 0.99 -42.74
CA TRP I 397 -36.73 1.23 -42.10
C TRP I 397 -37.45 -0.09 -41.87
N GLN I 398 -38.66 -0.01 -41.31
CA GLN I 398 -39.36 -1.22 -40.90
C GLN I 398 -39.74 -2.07 -42.10
N GLY I 399 -39.69 -3.39 -41.91
CA GLY I 399 -40.09 -4.34 -42.94
C GLY I 399 -39.02 -4.68 -43.96
N VAL I 400 -37.82 -4.12 -43.85
CA VAL I 400 -36.79 -4.37 -44.84
C VAL I 400 -36.24 -5.79 -44.66
N ARG I 401 -36.17 -6.52 -45.77
CA ARG I 401 -35.58 -7.86 -45.81
C ARG I 401 -34.35 -7.81 -46.70
N VAL I 402 -33.22 -8.29 -46.18
CA VAL I 402 -31.95 -8.28 -46.89
C VAL I 402 -31.44 -9.73 -46.96
N ALA I 403 -31.12 -10.17 -48.17
CA ALA I 403 -30.63 -11.53 -48.37
C ALA I 403 -29.17 -11.64 -47.97
N ALA I 404 -28.71 -12.88 -47.87
CA ALA I 404 -27.34 -13.15 -47.44
C ALA I 404 -26.33 -12.65 -48.47
N GLY I 405 -25.17 -12.22 -47.98
CA GLY I 405 -24.07 -11.80 -48.82
C GLY I 405 -24.15 -10.38 -49.34
N ALA I 406 -25.15 -9.61 -48.95
CA ALA I 406 -25.27 -8.24 -49.43
C ALA I 406 -24.22 -7.35 -48.78
N GLN I 407 -23.86 -6.28 -49.49
CA GLN I 407 -22.93 -5.26 -48.99
C GLN I 407 -23.55 -3.90 -49.23
N ILE I 408 -24.02 -3.25 -48.16
CA ILE I 408 -24.69 -1.97 -48.25
C ILE I 408 -23.86 -0.93 -47.51
N HIS I 409 -23.54 0.17 -48.20
CA HIS I 409 -22.76 1.25 -47.64
C HIS I 409 -23.44 2.58 -47.93
N GLN I 410 -23.67 3.37 -46.89
CA GLN I 410 -24.17 4.74 -47.02
C GLN I 410 -25.44 4.82 -47.88
N SER I 411 -26.34 3.87 -47.68
CA SER I 411 -27.57 3.80 -48.45
C SER I 411 -28.78 3.89 -47.53
N LEU I 412 -29.93 4.17 -48.13
CA LEU I 412 -31.19 4.30 -47.42
C LEU I 412 -32.21 3.36 -48.03
N LEU I 413 -32.89 2.58 -47.18
CA LEU I 413 -33.93 1.65 -47.61
C LEU I 413 -35.24 2.03 -46.91
N CYS I 414 -36.29 2.19 -47.71
CA CYS I 414 -37.58 2.64 -47.19
C CYS I 414 -38.40 1.43 -46.73
N ASP I 415 -39.69 1.67 -46.47
CA ASP I 415 -40.54 0.65 -45.88
C ASP I 415 -40.64 -0.59 -46.75
N ASN I 416 -40.44 -1.76 -46.14
CA ASN I 416 -40.64 -3.05 -46.78
C ASN I 416 -39.79 -3.23 -48.03
N ALA I 417 -38.62 -2.59 -48.07
CA ALA I 417 -37.72 -2.79 -49.19
C ALA I 417 -37.12 -4.19 -49.17
N GLU I 418 -36.71 -4.66 -50.34
CA GLU I 418 -36.17 -6.00 -50.49
C GLU I 418 -34.86 -5.95 -51.25
N VAL I 419 -33.91 -6.79 -50.83
CA VAL I 419 -32.61 -6.91 -51.49
C VAL I 419 -32.32 -8.40 -51.66
N LYS I 420 -31.98 -8.81 -52.89
CA LYS I 420 -31.76 -10.21 -53.19
C LYS I 420 -30.29 -10.57 -52.92
N GLU I 421 -29.91 -11.79 -53.29
CA GLU I 421 -28.57 -12.27 -53.02
C GLU I 421 -27.56 -11.63 -53.97
N ARG I 422 -26.31 -11.54 -53.50
CA ARG I 422 -25.19 -11.02 -54.29
C ARG I 422 -25.49 -9.62 -54.83
N VAL I 423 -25.94 -8.74 -53.94
CA VAL I 423 -26.27 -7.37 -54.28
C VAL I 423 -25.36 -6.44 -53.48
N THR I 424 -24.69 -5.53 -54.18
CA THR I 424 -23.81 -4.55 -53.56
C THR I 424 -24.32 -3.16 -53.88
N LEU I 425 -24.56 -2.36 -52.84
CA LEU I 425 -25.07 -1.01 -52.99
C LEU I 425 -23.92 -0.02 -52.74
N LYS I 426 -23.64 0.81 -53.75
CA LYS I 426 -22.63 1.83 -53.62
C LYS I 426 -23.14 2.97 -52.74
N PRO I 427 -22.24 3.79 -52.19
CA PRO I 427 -22.68 4.87 -51.31
C PRO I 427 -23.64 5.83 -52.01
N ARG I 428 -24.57 6.39 -51.22
CA ARG I 428 -25.56 7.37 -51.68
C ARG I 428 -26.60 6.73 -52.59
N SER I 429 -27.09 5.55 -52.22
CA SER I 429 -28.16 4.87 -52.94
C SER I 429 -29.44 4.89 -52.11
N VAL I 430 -30.58 4.97 -52.80
CA VAL I 430 -31.88 5.06 -52.15
C VAL I 430 -32.83 4.05 -52.79
N LEU I 431 -33.55 3.30 -51.95
CA LEU I 431 -34.61 2.40 -52.39
C LEU I 431 -35.89 2.80 -51.67
N THR I 432 -36.97 3.00 -52.43
CA THR I 432 -38.19 3.61 -51.89
C THR I 432 -39.39 2.68 -52.03
N SER I 433 -40.08 2.43 -50.92
CA SER I 433 -41.46 1.92 -50.92
C SER I 433 -41.57 0.58 -51.64
N GLN I 434 -40.96 -0.43 -51.02
CA GLN I 434 -41.09 -1.84 -51.39
C GLN I 434 -40.34 -2.18 -52.67
N VAL I 435 -39.28 -1.44 -53.00
CA VAL I 435 -38.48 -1.75 -54.16
C VAL I 435 -37.75 -3.08 -53.93
N VAL I 436 -37.83 -3.96 -54.91
CA VAL I 436 -37.10 -5.22 -54.91
C VAL I 436 -35.98 -5.10 -55.94
N VAL I 437 -34.76 -5.43 -55.53
CA VAL I 437 -33.58 -5.30 -56.37
C VAL I 437 -33.08 -6.70 -56.71
N GLY I 438 -32.89 -6.96 -58.00
CA GLY I 438 -32.53 -8.28 -58.47
C GLY I 438 -31.12 -8.67 -58.10
N PRO I 439 -30.81 -9.96 -58.23
CA PRO I 439 -29.49 -10.46 -57.84
C PRO I 439 -28.45 -10.20 -58.92
N ASN I 440 -27.19 -10.42 -58.53
CA ASN I 440 -26.05 -10.43 -59.46
C ASN I 440 -25.90 -9.10 -60.21
N ILE I 441 -26.08 -7.99 -59.49
CA ILE I 441 -25.83 -6.67 -60.05
C ILE I 441 -25.13 -5.80 -59.01
N THR I 442 -24.55 -4.70 -59.48
CA THR I 442 -23.90 -3.72 -58.62
C THR I 442 -24.41 -2.34 -59.00
N LEU I 443 -25.16 -1.71 -58.10
CA LEU I 443 -25.73 -0.41 -58.38
C LEU I 443 -24.64 0.66 -58.42
N PRO I 444 -24.82 1.70 -59.25
CA PRO I 444 -23.89 2.84 -59.20
C PRO I 444 -24.04 3.64 -57.92
N GLU I 445 -23.22 4.69 -57.77
CA GLU I 445 -23.24 5.46 -56.54
C GLU I 445 -24.59 6.14 -56.32
N GLY I 446 -24.97 7.05 -57.21
CA GLY I 446 -26.19 7.80 -57.05
C GLY I 446 -27.41 7.10 -57.61
N SER I 447 -27.70 5.90 -57.12
CA SER I 447 -28.81 5.10 -57.62
C SER I 447 -30.04 5.33 -56.75
N VAL I 448 -31.06 5.95 -57.32
CA VAL I 448 -32.35 6.15 -56.65
C VAL I 448 -33.38 5.29 -57.38
N ILE I 449 -34.02 4.37 -56.65
CA ILE I 449 -34.99 3.46 -57.22
C ILE I 449 -36.29 3.58 -56.45
N SER I 450 -37.40 3.77 -57.18
CA SER I 450 -38.71 3.87 -56.57
C SER I 450 -39.73 3.26 -57.54
N LEU I 451 -40.89 2.89 -57.01
CA LEU I 451 -41.93 2.31 -57.83
C LEU I 451 -42.54 3.33 -58.80
N HIS I 452 -42.32 4.61 -58.56
CA HIS I 452 -42.82 5.64 -59.48
C HIS I 452 -41.83 5.82 -60.63
N PRO I 453 -42.28 5.71 -61.88
CA PRO I 453 -41.35 5.73 -63.02
C PRO I 453 -40.59 7.04 -63.14
N PRO I 454 -41.26 8.21 -63.27
CA PRO I 454 -40.54 9.40 -63.75
C PRO I 454 -39.51 9.95 -62.78
N ASP I 455 -39.91 10.16 -61.52
CA ASP I 455 -39.02 10.78 -60.55
C ASP I 455 -37.82 9.89 -60.26
N ALA I 456 -38.03 8.59 -60.11
CA ALA I 456 -36.93 7.67 -59.85
C ALA I 456 -35.99 7.62 -61.06
N GLU I 457 -34.69 7.76 -60.79
CA GLU I 457 -33.72 7.73 -61.87
C GLU I 457 -33.70 6.38 -62.57
N GLU I 458 -33.78 5.29 -61.80
CA GLU I 458 -33.84 3.93 -62.34
C GLU I 458 -35.08 3.27 -61.76
N ASP I 459 -36.22 3.47 -62.43
CA ASP I 459 -37.45 2.80 -62.02
C ASP I 459 -37.29 1.29 -62.15
N GLU I 460 -37.70 0.56 -61.12
CA GLU I 460 -37.53 -0.89 -61.11
C GLU I 460 -38.60 -1.52 -60.25
N ASP I 461 -38.86 -2.79 -60.53
CA ASP I 461 -39.80 -3.60 -59.75
C ASP I 461 -39.14 -4.80 -59.10
N ASP I 462 -38.33 -5.56 -59.85
CA ASP I 462 -37.64 -6.71 -59.29
C ASP I 462 -36.20 -6.82 -59.79
N GLY I 463 -35.63 -5.75 -60.33
CA GLY I 463 -34.25 -5.77 -60.77
C GLY I 463 -33.90 -4.48 -61.47
N GLU I 464 -32.59 -4.22 -61.54
CA GLU I 464 -32.09 -2.99 -62.14
C GLU I 464 -32.04 -3.06 -63.66
N PHE I 465 -32.12 -4.25 -64.25
CA PHE I 465 -32.09 -4.42 -65.71
C PHE I 465 -33.53 -4.36 -66.23
N SER I 466 -34.02 -3.13 -66.41
CA SER I 466 -35.37 -2.87 -66.90
C SER I 466 -36.43 -3.56 -66.05
N PRO J 40 49.07 10.37 36.12
CA PRO J 40 48.98 9.33 37.15
C PRO J 40 49.92 8.16 36.89
N PRO J 41 50.35 7.48 37.95
CA PRO J 41 51.22 6.31 37.78
C PRO J 41 50.48 5.18 37.09
N PRO J 42 51.20 4.28 36.41
CA PRO J 42 50.52 3.17 35.73
C PRO J 42 49.75 2.30 36.69
N LEU J 43 48.60 1.82 36.24
CA LEU J 43 47.75 0.99 37.08
C LEU J 43 48.36 -0.39 37.27
N GLN J 44 48.32 -0.89 38.50
CA GLN J 44 48.84 -2.19 38.84
C GLN J 44 47.75 -3.04 39.47
N ALA J 45 47.92 -4.36 39.38
CA ALA J 45 46.94 -5.30 39.90
C ALA J 45 47.64 -6.44 40.63
N VAL J 46 47.05 -6.84 41.75
CA VAL J 46 47.50 -8.00 42.52
C VAL J 46 46.44 -9.09 42.35
N LEU J 47 46.81 -10.15 41.64
CA LEU J 47 45.95 -11.29 41.37
C LEU J 47 46.35 -12.44 42.28
N VAL J 48 45.41 -12.88 43.11
CA VAL J 48 45.64 -14.01 43.99
C VAL J 48 45.21 -15.28 43.26
N ALA J 49 46.18 -16.10 42.87
CA ALA J 49 45.93 -17.30 42.10
C ALA J 49 45.72 -18.54 42.96
N ASP J 50 45.71 -18.39 44.28
CA ASP J 50 45.50 -19.50 45.19
C ASP J 50 44.26 -19.22 46.04
N SER J 51 43.33 -20.17 46.03
CA SER J 51 42.14 -20.09 46.88
C SER J 51 42.45 -20.82 48.18
N PHE J 52 42.70 -20.06 49.24
CA PHE J 52 43.10 -20.63 50.53
C PHE J 52 41.89 -21.19 51.28
N ASP J 53 41.22 -22.13 50.63
CA ASP J 53 40.06 -22.80 51.19
C ASP J 53 40.00 -24.22 50.64
N ARG J 54 38.90 -24.92 50.90
CA ARG J 54 38.77 -26.31 50.49
C ARG J 54 37.40 -26.58 49.86
N ARG J 55 36.87 -25.60 49.12
CA ARG J 55 35.49 -25.71 48.64
C ARG J 55 35.37 -26.69 47.49
N PHE J 56 36.32 -26.67 46.56
CA PHE J 56 36.21 -27.47 45.34
C PHE J 56 36.80 -28.87 45.48
N PHE J 57 37.30 -29.24 46.64
CA PHE J 57 37.81 -30.58 46.84
C PHE J 57 36.65 -31.57 46.75
N PRO J 58 36.86 -32.77 46.18
CA PRO J 58 38.14 -33.32 45.71
C PRO J 58 38.45 -33.00 44.24
N ILE J 59 37.65 -32.15 43.60
CA ILE J 59 37.91 -31.79 42.21
C ILE J 59 39.24 -31.07 42.09
N SER J 60 39.54 -30.18 43.04
CA SER J 60 40.78 -29.41 43.01
C SER J 60 41.97 -30.16 43.57
N LYS J 61 41.81 -31.43 43.95
CA LYS J 61 42.93 -32.21 44.44
C LYS J 61 43.98 -32.44 43.36
N ASP J 62 43.56 -32.56 42.11
CA ASP J 62 44.48 -32.82 41.01
C ASP J 62 44.69 -31.64 40.08
N GLN J 63 43.78 -30.66 40.07
CA GLN J 63 43.91 -29.50 39.22
C GLN J 63 43.64 -28.23 40.01
N PRO J 64 44.47 -27.19 39.85
CA PRO J 64 44.23 -25.94 40.57
C PRO J 64 42.92 -25.31 40.16
N ARG J 65 42.32 -24.57 41.11
CA ARG J 65 41.00 -24.00 40.88
C ARG J 65 41.01 -22.97 39.75
N VAL J 66 42.06 -22.17 39.67
CA VAL J 66 42.11 -21.11 38.66
C VAL J 66 42.22 -21.67 37.25
N LEU J 67 42.60 -22.95 37.10
CA LEU J 67 42.72 -23.57 35.79
C LEU J 67 41.49 -24.39 35.41
N LEU J 68 40.44 -24.37 36.23
CA LEU J 68 39.24 -25.13 35.90
C LEU J 68 38.54 -24.49 34.69
N PRO J 69 38.03 -25.30 33.76
CA PRO J 69 37.33 -24.74 32.60
C PRO J 69 35.87 -24.43 32.88
N LEU J 70 35.49 -23.16 32.78
CA LEU J 70 34.10 -22.77 33.00
C LEU J 70 33.28 -22.92 31.72
N ALA J 71 33.71 -22.25 30.65
CA ALA J 71 33.08 -22.35 29.33
C ALA J 71 34.13 -22.73 28.31
N ASN J 72 34.92 -23.77 28.64
CA ASN J 72 36.08 -24.26 27.90
C ASN J 72 37.25 -23.31 28.05
N VAL J 73 37.18 -22.35 28.98
CA VAL J 73 38.24 -21.38 29.21
C VAL J 73 38.49 -21.31 30.71
N ALA J 74 39.77 -21.27 31.10
CA ALA J 74 40.14 -21.23 32.50
C ALA J 74 39.69 -19.93 33.16
N LEU J 75 39.42 -20.00 34.46
CA LEU J 75 38.96 -18.82 35.20
C LEU J 75 40.03 -17.73 35.23
N ILE J 76 41.30 -18.12 35.40
CA ILE J 76 42.36 -17.12 35.43
C ILE J 76 42.45 -16.39 34.10
N ASP J 77 42.06 -17.04 33.00
CA ASP J 77 42.00 -16.36 31.72
C ASP J 77 40.96 -15.25 31.73
N TYR J 78 39.78 -15.53 32.31
CA TYR J 78 38.76 -14.49 32.44
C TYR J 78 39.26 -13.34 33.31
N THR J 79 39.91 -13.66 34.43
CA THR J 79 40.40 -12.62 35.32
C THR J 79 41.46 -11.76 34.64
N LEU J 80 42.39 -12.39 33.93
CA LEU J 80 43.43 -11.64 33.22
C LEU J 80 42.83 -10.78 32.11
N GLU J 81 41.83 -11.32 31.39
CA GLU J 81 41.18 -10.53 30.35
C GLU J 81 40.47 -9.32 30.94
N PHE J 82 39.79 -9.50 32.08
CA PHE J 82 39.13 -8.37 32.73
C PHE J 82 40.15 -7.32 33.17
N LEU J 83 41.26 -7.77 33.76
CA LEU J 83 42.29 -6.82 34.19
C LEU J 83 42.88 -6.06 33.01
N THR J 84 43.15 -6.76 31.91
CA THR J 84 43.70 -6.10 30.73
C THR J 84 42.71 -5.12 30.12
N ALA J 85 41.43 -5.50 30.06
CA ALA J 85 40.43 -4.62 29.48
C ALA J 85 40.20 -3.38 30.33
N THR J 86 40.25 -3.53 31.66
CA THR J 86 39.99 -2.38 32.53
C THR J 86 41.13 -1.38 32.55
N GLY J 87 42.27 -1.70 31.96
CA GLY J 87 43.38 -0.79 31.86
C GLY J 87 44.58 -1.08 32.75
N VAL J 88 44.69 -2.29 33.30
CA VAL J 88 45.84 -2.62 34.14
C VAL J 88 47.06 -2.85 33.25
N GLN J 89 48.18 -2.21 33.62
CA GLN J 89 49.41 -2.33 32.85
C GLN J 89 50.38 -3.37 33.40
N GLU J 90 50.31 -3.68 34.69
CA GLU J 90 51.17 -4.69 35.30
C GLU J 90 50.35 -5.50 36.28
N THR J 91 50.44 -6.83 36.17
CA THR J 91 49.69 -7.75 37.02
C THR J 91 50.66 -8.68 37.73
N PHE J 92 50.51 -8.79 39.04
CA PHE J 92 51.30 -9.73 39.85
C PHE J 92 50.43 -10.93 40.20
N VAL J 93 50.93 -12.12 39.91
CA VAL J 93 50.21 -13.37 40.14
C VAL J 93 50.94 -14.14 41.23
N PHE J 94 50.22 -14.47 42.30
CA PHE J 94 50.77 -15.20 43.44
C PHE J 94 50.14 -16.59 43.48
N CYS J 95 50.94 -17.61 43.25
CA CYS J 95 50.48 -18.99 43.22
C CYS J 95 51.29 -19.83 44.21
N CYS J 96 50.59 -20.58 45.06
CA CYS J 96 51.23 -21.47 46.00
C CYS J 96 50.87 -22.93 45.76
N TRP J 97 49.58 -23.25 45.65
CA TRP J 97 49.13 -24.62 45.46
C TRP J 97 49.14 -24.97 43.99
N LYS J 98 49.91 -26.00 43.63
CA LYS J 98 50.05 -26.44 42.24
C LYS J 98 50.47 -25.30 41.32
N ALA J 99 51.45 -24.52 41.79
CA ALA J 99 51.89 -23.35 41.04
C ALA J 99 52.57 -23.71 39.73
N ALA J 100 53.11 -24.93 39.60
CA ALA J 100 53.77 -25.32 38.37
C ALA J 100 52.79 -25.37 37.20
N GLN J 101 51.61 -25.96 37.42
CA GLN J 101 50.61 -26.02 36.37
C GLN J 101 50.12 -24.63 35.99
N ILE J 102 49.93 -23.76 36.98
CA ILE J 102 49.49 -22.39 36.71
C ILE J 102 50.53 -21.65 35.89
N LYS J 103 51.81 -21.80 36.26
CA LYS J 103 52.87 -21.13 35.51
C LYS J 103 52.95 -21.66 34.08
N GLU J 104 52.84 -22.97 33.91
CA GLU J 104 52.89 -23.55 32.57
C GLU J 104 51.73 -23.05 31.71
N HIS J 105 50.53 -22.98 32.29
CA HIS J 105 49.37 -22.50 31.55
C HIS J 105 49.51 -21.02 31.22
N LEU J 106 50.06 -20.23 32.14
CA LEU J 106 50.18 -18.80 31.92
C LEU J 106 51.24 -18.48 30.87
N LEU J 107 52.33 -19.25 30.83
CA LEU J 107 53.39 -18.98 29.88
C LEU J 107 52.93 -19.18 28.44
N LYS J 108 51.96 -20.07 28.22
CA LYS J 108 51.39 -20.29 26.90
C LYS J 108 50.21 -19.37 26.60
N SER J 109 49.81 -18.53 27.55
CA SER J 109 48.63 -17.70 27.39
C SER J 109 48.93 -16.47 26.53
N LYS J 110 47.86 -15.77 26.15
CA LYS J 110 48.01 -14.57 25.33
C LYS J 110 48.69 -13.45 26.09
N TRP J 111 48.39 -13.32 27.39
CA TRP J 111 48.87 -12.19 28.19
C TRP J 111 50.37 -12.27 28.51
N CYS J 112 51.01 -13.41 28.26
CA CYS J 112 52.45 -13.51 28.43
C CYS J 112 53.23 -13.23 27.15
N ARG J 113 52.53 -12.92 26.06
CA ARG J 113 53.21 -12.56 24.83
C ARG J 113 53.82 -11.17 24.96
N PRO J 114 54.91 -10.89 24.24
CA PRO J 114 55.52 -9.55 24.31
C PRO J 114 54.61 -8.44 23.81
N THR J 115 53.60 -8.76 23.00
CA THR J 115 52.69 -7.75 22.48
C THR J 115 51.61 -7.34 23.49
N SER J 116 51.47 -8.05 24.59
CA SER J 116 50.44 -7.72 25.56
C SER J 116 50.80 -6.46 26.33
N LEU J 117 49.82 -5.57 26.49
CA LEU J 117 50.01 -4.34 27.25
C LEU J 117 49.94 -4.57 28.75
N ASN J 118 49.49 -5.74 29.19
CA ASN J 118 49.41 -6.08 30.61
C ASN J 118 50.52 -7.09 30.90
N VAL J 119 51.65 -6.59 31.41
CA VAL J 119 52.78 -7.46 31.72
C VAL J 119 52.44 -8.29 32.94
N VAL J 120 52.58 -9.60 32.83
CA VAL J 120 52.22 -10.53 33.90
C VAL J 120 53.50 -11.03 34.55
N ARG J 121 53.59 -10.85 35.86
CA ARG J 121 54.69 -11.35 36.66
C ARG J 121 54.18 -12.45 37.59
N ILE J 122 54.92 -13.54 37.69
CA ILE J 122 54.51 -14.70 38.49
C ILE J 122 55.45 -14.80 39.69
N ILE J 123 54.87 -14.77 40.89
CA ILE J 123 55.61 -14.93 42.13
C ILE J 123 55.05 -16.15 42.85
N THR J 124 55.94 -17.11 43.15
CA THR J 124 55.55 -18.38 43.73
C THR J 124 56.29 -18.59 45.04
N SER J 125 55.56 -18.98 46.08
CA SER J 125 56.14 -19.30 47.37
C SER J 125 55.28 -20.35 48.05
N GLU J 126 55.92 -21.36 48.63
CA GLU J 126 55.20 -22.42 49.32
C GLU J 126 54.79 -22.05 50.74
N LEU J 127 55.23 -20.89 51.24
CA LEU J 127 54.87 -20.45 52.58
C LEU J 127 53.53 -19.71 52.62
N TYR J 128 52.93 -19.43 51.47
CA TYR J 128 51.67 -18.71 51.45
C TYR J 128 50.56 -19.57 52.05
N ARG J 129 49.79 -18.97 52.96
CA ARG J 129 48.66 -19.64 53.58
C ARG J 129 47.37 -18.84 53.54
N SER J 130 47.42 -17.55 53.23
CA SER J 130 46.23 -16.71 53.20
C SER J 130 46.54 -15.47 52.38
N LEU J 131 45.48 -14.71 52.08
CA LEU J 131 45.65 -13.45 51.36
C LEU J 131 46.47 -12.45 52.17
N GLY J 132 46.37 -12.53 53.50
CA GLY J 132 47.18 -11.67 54.34
C GLY J 132 48.67 -11.89 54.14
N ASP J 133 49.08 -13.15 53.98
CA ASP J 133 50.48 -13.45 53.69
C ASP J 133 50.90 -12.85 52.35
N VAL J 134 50.04 -12.93 51.34
CA VAL J 134 50.35 -12.36 50.04
C VAL J 134 50.53 -10.85 50.14
N LEU J 135 49.63 -10.19 50.86
CA LEU J 135 49.74 -8.74 51.00
C LEU J 135 50.95 -8.35 51.84
N ARG J 136 51.30 -9.15 52.85
CA ARG J 136 52.51 -8.88 53.62
C ARG J 136 53.75 -9.01 52.75
N ASP J 137 53.78 -10.03 51.88
CA ASP J 137 54.89 -10.16 50.94
C ASP J 137 54.96 -8.99 49.98
N VAL J 138 53.80 -8.52 49.51
CA VAL J 138 53.76 -7.36 48.63
C VAL J 138 54.33 -6.14 49.33
N ASP J 139 53.93 -5.92 50.59
CA ASP J 139 54.46 -4.80 51.35
C ASP J 139 55.96 -4.93 51.58
N ALA J 140 56.42 -6.15 51.87
CA ALA J 140 57.85 -6.37 52.10
C ALA J 140 58.67 -6.07 50.86
N LYS J 141 58.20 -6.51 49.70
CA LYS J 141 58.94 -6.29 48.45
C LYS J 141 58.59 -4.96 47.79
N ALA J 142 57.63 -4.20 48.33
CA ALA J 142 57.25 -2.89 47.82
C ALA J 142 56.90 -2.96 46.33
N LEU J 143 56.09 -3.96 45.98
CA LEU J 143 55.72 -4.15 44.58
C LEU J 143 54.80 -3.04 44.09
N VAL J 144 53.81 -2.68 44.91
CA VAL J 144 52.79 -1.70 44.51
C VAL J 144 53.27 -0.30 44.83
N ARG J 145 53.03 0.63 43.90
CA ARG J 145 53.41 2.02 44.11
C ARG J 145 52.25 2.84 44.68
N SER J 146 51.10 2.82 44.00
CA SER J 146 49.93 3.57 44.46
C SER J 146 48.67 3.14 43.75
N ASP J 147 47.59 2.93 44.51
CA ASP J 147 46.25 2.70 43.98
C ASP J 147 46.22 1.49 43.05
N PHE J 148 46.48 0.32 43.62
CA PHE J 148 46.44 -0.93 42.88
C PHE J 148 45.08 -1.61 43.04
N LEU J 149 44.82 -2.56 42.17
CA LEU J 149 43.56 -3.31 42.17
C LEU J 149 43.82 -4.72 42.69
N LEU J 150 43.17 -5.07 43.80
CA LEU J 150 43.29 -6.39 44.39
C LEU J 150 42.12 -7.26 43.93
N VAL J 151 42.44 -8.45 43.42
CA VAL J 151 41.43 -9.38 42.90
C VAL J 151 41.92 -10.80 43.06
N TYR J 152 40.98 -11.74 43.09
CA TYR J 152 41.27 -13.16 43.14
C TYR J 152 41.38 -13.72 41.72
N GLY J 153 41.88 -14.95 41.64
CA GLY J 153 42.09 -15.61 40.36
C GLY J 153 40.86 -16.25 39.75
N ASP J 154 39.73 -16.21 40.43
CA ASP J 154 38.49 -16.82 39.96
C ASP J 154 37.38 -15.79 39.86
N VAL J 155 37.69 -14.62 39.32
CA VAL J 155 36.76 -13.51 39.20
C VAL J 155 36.41 -13.34 37.73
N ILE J 156 35.11 -13.41 37.42
CA ILE J 156 34.60 -13.19 36.08
C ILE J 156 33.91 -11.84 36.08
N SER J 157 34.41 -10.91 35.26
CA SER J 157 33.88 -9.55 35.28
C SER J 157 34.17 -8.86 33.95
N ASN J 158 33.36 -7.85 33.66
CA ASN J 158 33.59 -6.93 32.54
C ASN J 158 33.49 -5.48 33.02
N ILE J 159 33.83 -5.25 34.29
CA ILE J 159 33.64 -3.95 34.92
C ILE J 159 34.79 -3.03 34.54
N ASN J 160 34.46 -1.77 34.22
CA ASN J 160 35.45 -0.72 34.00
C ASN J 160 35.50 0.14 35.26
N ILE J 161 36.65 0.12 35.94
CA ILE J 161 36.78 0.80 37.22
C ILE J 161 37.38 2.19 37.06
N THR J 162 37.37 2.70 35.83
CA THR J 162 37.95 4.02 35.58
C THR J 162 37.24 5.10 36.38
N ARG J 163 35.91 5.07 36.39
CA ARG J 163 35.16 6.02 37.22
C ARG J 163 35.43 5.78 38.70
N ALA J 164 35.44 4.52 39.12
CA ALA J 164 35.74 4.21 40.52
C ALA J 164 37.15 4.63 40.89
N LEU J 165 38.11 4.41 40.00
CA LEU J 165 39.49 4.82 40.27
C LEU J 165 39.60 6.34 40.37
N GLU J 166 38.91 7.07 39.50
CA GLU J 166 38.93 8.52 39.56
C GLU J 166 38.31 9.02 40.87
N GLU J 167 37.18 8.43 41.27
CA GLU J 167 36.56 8.81 42.52
C GLU J 167 37.49 8.53 43.70
N HIS J 168 38.13 7.36 43.70
CA HIS J 168 39.06 6.98 44.76
C HIS J 168 40.23 7.96 44.85
N ARG J 169 40.81 8.31 43.71
CA ARG J 169 41.94 9.23 43.69
C ARG J 169 41.53 10.62 44.16
N LEU J 170 40.39 11.12 43.68
CA LEU J 170 39.93 12.44 44.10
C LEU J 170 39.62 12.46 45.59
N ARG J 171 39.01 11.39 46.10
CA ARG J 171 38.68 11.31 47.52
C ARG J 171 39.93 11.27 48.38
N ARG J 172 40.95 10.52 47.96
CA ARG J 172 42.20 10.51 48.72
C ARG J 172 42.98 11.82 48.61
N LYS J 173 42.83 12.53 47.50
CA LYS J 173 43.48 13.83 47.36
C LYS J 173 42.83 14.88 48.25
N LEU J 174 41.50 14.89 48.30
CA LEU J 174 40.79 15.91 49.07
C LEU J 174 40.98 15.71 50.57
N GLU J 175 40.86 14.47 51.05
CA GLU J 175 40.96 14.18 52.47
C GLU J 175 42.35 13.76 52.90
N LYS J 176 43.33 13.80 51.99
CA LYS J 176 44.73 13.51 52.31
C LYS J 176 44.93 12.11 52.89
N ASN J 177 44.65 11.09 52.08
CA ASN J 177 45.06 9.70 52.34
C ASN J 177 44.29 9.08 53.50
N VAL J 178 43.12 9.62 53.86
CA VAL J 178 42.30 8.99 54.89
C VAL J 178 41.67 7.71 54.34
N SER J 179 41.11 7.77 53.13
CA SER J 179 40.48 6.62 52.52
C SER J 179 41.54 5.67 51.97
N VAL J 180 41.41 4.38 52.28
CA VAL J 180 42.40 3.39 51.87
C VAL J 180 41.81 2.28 51.00
N MET J 181 40.51 2.01 51.08
CA MET J 181 39.91 0.89 50.36
C MET J 181 38.65 1.36 49.66
N THR J 182 38.42 0.84 48.45
CA THR J 182 37.18 1.05 47.71
C THR J 182 36.74 -0.29 47.15
N MET J 183 35.73 -0.89 47.77
CA MET J 183 35.22 -2.17 47.30
C MET J 183 34.24 -1.97 46.15
N ILE J 184 34.16 -2.97 45.28
CA ILE J 184 33.26 -2.94 44.13
C ILE J 184 32.10 -3.89 44.41
N PHE J 185 30.89 -3.38 44.30
CA PHE J 185 29.68 -4.17 44.49
C PHE J 185 28.78 -4.03 43.26
N LYS J 186 28.02 -5.07 42.98
CA LYS J 186 27.07 -5.08 41.88
C LYS J 186 25.65 -5.04 42.44
N GLU J 187 24.84 -4.10 41.94
CA GLU J 187 23.46 -4.03 42.37
C GLU J 187 22.69 -5.23 41.84
N SER J 188 21.99 -5.93 42.74
CA SER J 188 21.30 -7.15 42.38
C SER J 188 20.19 -7.41 43.40
N SER J 189 19.49 -8.52 43.20
CA SER J 189 18.42 -8.98 44.08
C SER J 189 18.91 -10.16 44.92
N PRO J 190 18.46 -10.27 46.17
CA PRO J 190 18.88 -11.39 47.02
C PRO J 190 18.46 -12.75 46.49
N SER J 191 17.46 -12.82 45.62
CA SER J 191 16.96 -14.08 45.10
C SER J 191 17.65 -14.54 43.83
N HIS J 192 18.63 -13.79 43.33
CA HIS J 192 19.34 -14.19 42.13
C HIS J 192 20.20 -15.42 42.41
N PRO J 193 20.34 -16.31 41.43
CA PRO J 193 21.21 -17.49 41.63
C PRO J 193 22.65 -17.14 41.94
N THR J 194 23.15 -16.01 41.48
CA THR J 194 24.54 -15.64 41.71
C THR J 194 24.82 -15.23 43.16
N ARG J 195 23.79 -15.05 43.98
CA ARG J 195 23.97 -14.65 45.37
C ARG J 195 23.79 -15.87 46.26
N CYS J 196 24.88 -16.63 46.41
CA CYS J 196 24.87 -17.79 47.29
C CYS J 196 24.87 -17.36 48.75
N HIS J 197 24.33 -18.24 49.61
CA HIS J 197 24.30 -17.96 51.04
C HIS J 197 25.70 -17.87 51.66
N GLU J 198 26.69 -18.53 51.04
CA GLU J 198 28.04 -18.53 51.61
C GLU J 198 28.65 -17.13 51.59
N ASP J 199 28.45 -16.37 50.51
CA ASP J 199 29.09 -15.07 50.34
C ASP J 199 28.10 -13.92 50.44
N ASN J 200 26.95 -14.13 51.05
CA ASN J 200 25.98 -13.05 51.23
C ASN J 200 26.49 -12.06 52.27
N VAL J 201 26.35 -10.77 51.97
CA VAL J 201 26.83 -9.70 52.82
C VAL J 201 25.74 -8.65 52.97
N VAL J 202 25.63 -8.07 54.16
CA VAL J 202 24.78 -6.92 54.41
C VAL J 202 25.66 -5.79 54.92
N VAL J 203 25.42 -4.58 54.41
CA VAL J 203 26.33 -3.46 54.59
C VAL J 203 25.52 -2.24 55.05
N ALA J 204 26.18 -1.36 55.80
CA ALA J 204 25.60 -0.07 56.19
C ALA J 204 26.58 1.02 55.81
N VAL J 205 26.11 2.02 55.05
CA VAL J 205 26.97 3.07 54.51
C VAL J 205 26.33 4.43 54.73
N ASP J 206 27.09 5.46 54.37
CA ASP J 206 26.60 6.83 54.30
C ASP J 206 26.39 7.19 52.83
N SER J 207 25.17 7.59 52.49
CA SER J 207 24.82 7.81 51.09
C SER J 207 25.60 8.97 50.48
N THR J 208 25.82 10.02 51.26
CA THR J 208 26.43 11.24 50.71
C THR J 208 27.85 10.99 50.21
N THR J 209 28.64 10.25 50.98
CA THR J 209 30.05 10.04 50.64
C THR J 209 30.36 8.60 50.23
N ASN J 210 29.36 7.70 50.24
CA ASN J 210 29.57 6.30 49.90
C ASN J 210 30.65 5.66 50.77
N ARG J 211 30.61 5.96 52.07
CA ARG J 211 31.57 5.46 53.03
C ARG J 211 31.00 4.25 53.76
N VAL J 212 31.77 3.17 53.81
CA VAL J 212 31.33 1.94 54.47
C VAL J 212 31.46 2.13 55.97
N LEU J 213 30.33 2.00 56.69
CA LEU J 213 30.32 2.12 58.14
C LEU J 213 30.19 0.79 58.84
N HIS J 214 29.48 -0.18 58.25
CA HIS J 214 29.33 -1.50 58.84
C HIS J 214 29.28 -2.54 57.73
N PHE J 215 29.86 -3.71 58.00
CA PHE J 215 29.92 -4.78 57.02
C PHE J 215 29.83 -6.11 57.75
N GLN J 216 28.94 -7.00 57.31
CA GLN J 216 28.90 -8.31 57.94
C GLN J 216 28.31 -9.32 56.96
N LYS J 217 28.52 -10.60 57.29
CA LYS J 217 28.01 -11.71 56.50
C LYS J 217 26.69 -12.22 57.09
N THR J 218 25.78 -12.62 56.22
CA THR J 218 24.44 -13.02 56.63
C THR J 218 24.24 -14.53 56.65
N GLN J 219 25.32 -15.30 56.57
CA GLN J 219 25.19 -16.75 56.55
C GLN J 219 24.72 -17.27 57.91
N GLY J 220 23.65 -18.06 57.89
CA GLY J 220 23.16 -18.66 59.12
C GLY J 220 22.53 -17.69 60.10
N LEU J 221 22.03 -16.55 59.63
CA LEU J 221 21.43 -15.56 60.50
C LEU J 221 20.05 -15.17 60.00
N ARG J 222 19.10 -15.04 60.92
CA ARG J 222 17.78 -14.52 60.63
C ARG J 222 17.60 -13.07 61.09
N ARG J 223 18.49 -12.58 61.94
CA ARG J 223 18.46 -11.22 62.42
C ARG J 223 19.83 -10.58 62.21
N PHE J 224 19.84 -9.27 61.98
CA PHE J 224 21.06 -8.53 61.73
C PHE J 224 21.15 -7.37 62.73
N ALA J 225 22.32 -7.23 63.34
CA ALA J 225 22.54 -6.23 64.39
C ALA J 225 23.39 -5.09 63.86
N PHE J 226 23.00 -3.86 64.19
CA PHE J 226 23.74 -2.66 63.79
C PHE J 226 23.96 -1.80 65.02
N PRO J 227 25.20 -1.60 65.45
CA PRO J 227 25.46 -0.78 66.64
C PRO J 227 25.15 0.69 66.38
N LEU J 228 24.86 1.40 67.47
CA LEU J 228 24.61 2.84 67.41
C LEU J 228 25.85 3.65 67.05
N SER J 229 27.05 3.05 67.11
CA SER J 229 28.28 3.81 66.90
C SER J 229 28.28 4.48 65.52
N LEU J 230 27.83 3.76 64.49
CA LEU J 230 27.76 4.36 63.16
C LEU J 230 26.81 5.56 63.15
N PHE J 231 25.67 5.45 63.85
CA PHE J 231 24.78 6.60 63.97
C PHE J 231 25.45 7.75 64.70
N GLN J 232 26.40 7.45 65.59
CA GLN J 232 27.16 8.52 66.25
C GLN J 232 28.12 9.19 65.28
N GLY J 233 28.54 8.48 64.23
CA GLY J 233 29.45 9.09 63.26
C GLY J 233 28.79 10.24 62.51
N SER J 234 27.57 10.03 62.04
CA SER J 234 26.81 11.06 61.33
C SER J 234 25.34 10.93 61.71
N SER J 235 24.71 12.08 62.00
CA SER J 235 23.31 12.10 62.39
C SER J 235 22.37 11.80 61.22
N ASP J 236 22.86 11.77 59.99
CA ASP J 236 22.02 11.51 58.84
C ASP J 236 22.85 10.86 57.75
N GLY J 237 22.16 10.21 56.81
CA GLY J 237 22.81 9.58 55.67
C GLY J 237 23.00 8.08 55.78
N VAL J 238 22.56 7.46 56.87
CA VAL J 238 22.80 6.03 57.09
C VAL J 238 21.81 5.23 56.26
N GLU J 239 22.32 4.35 55.40
CA GLU J 239 21.52 3.43 54.63
C GLU J 239 22.02 2.00 54.82
N VAL J 240 21.07 1.09 55.08
CA VAL J 240 21.36 -0.34 55.20
C VAL J 240 21.04 -0.99 53.87
N ARG J 241 22.06 -1.57 53.23
CA ARG J 241 21.94 -2.16 51.91
C ARG J 241 22.11 -3.67 51.99
N TYR J 242 21.14 -4.39 51.42
CA TYR J 242 21.20 -5.83 51.24
C TYR J 242 21.08 -6.22 49.78
N ASP J 243 21.11 -5.25 48.87
CA ASP J 243 21.00 -5.49 47.43
C ASP J 243 22.34 -5.40 46.73
N LEU J 244 23.41 -5.84 47.38
CA LEU J 244 24.76 -5.75 46.85
C LEU J 244 25.34 -7.14 46.70
N LEU J 245 25.97 -7.40 45.56
CA LEU J 245 26.68 -8.64 45.31
C LEU J 245 28.17 -8.36 45.33
N ASP J 246 28.91 -9.17 46.10
CA ASP J 246 30.34 -8.95 46.32
C ASP J 246 31.11 -9.43 45.09
N CYS J 247 31.54 -8.48 44.25
CA CYS J 247 32.37 -8.81 43.10
C CYS J 247 33.77 -9.24 43.49
N HIS J 248 34.16 -9.06 44.75
CA HIS J 248 35.49 -9.43 45.25
C HIS J 248 36.59 -8.68 44.48
N ILE J 249 36.31 -7.42 44.15
CA ILE J 249 37.27 -6.53 43.52
C ILE J 249 37.46 -5.32 44.42
N SER J 250 38.71 -4.97 44.70
CA SER J 250 38.98 -3.83 45.56
C SER J 250 40.01 -2.91 44.92
N ILE J 251 39.84 -1.61 45.14
CA ILE J 251 40.85 -0.61 44.80
C ILE J 251 41.52 -0.23 46.11
N CYS J 252 42.78 -0.61 46.26
CA CYS J 252 43.50 -0.49 47.51
C CYS J 252 44.64 0.50 47.38
N SER J 253 45.37 0.68 48.47
CA SER J 253 46.54 1.53 48.56
C SER J 253 47.66 0.75 49.24
N PRO J 254 48.91 1.22 49.14
CA PRO J 254 49.97 0.61 49.95
C PRO J 254 49.71 0.71 51.45
N GLN J 255 48.86 1.65 51.88
CA GLN J 255 48.53 1.76 53.29
C GLN J 255 47.80 0.51 53.78
N VAL J 256 46.96 -0.09 52.95
CA VAL J 256 46.30 -1.33 53.36
C VAL J 256 47.31 -2.46 53.49
N ALA J 257 48.34 -2.47 52.63
CA ALA J 257 49.41 -3.47 52.78
C ALA J 257 50.17 -3.25 54.08
N GLN J 258 50.44 -1.99 54.42
CA GLN J 258 51.11 -1.70 55.69
C GLN J 258 50.24 -2.13 56.87
N LEU J 259 48.93 -1.90 56.77
CA LEU J 259 48.03 -2.31 57.85
C LEU J 259 48.00 -3.83 57.98
N PHE J 260 48.03 -4.55 56.86
CA PHE J 260 48.12 -6.01 56.92
C PHE J 260 49.43 -6.43 57.57
N THR J 261 50.52 -5.74 57.27
CA THR J 261 51.80 -6.05 57.89
C THR J 261 51.76 -5.82 59.40
N ASP J 262 51.14 -4.72 59.83
CA ASP J 262 51.09 -4.41 61.26
C ASP J 262 50.26 -5.43 62.02
N ASN J 263 49.06 -5.73 61.53
CA ASN J 263 48.16 -6.69 62.19
C ASN J 263 48.44 -8.06 61.59
N PHE J 264 49.34 -8.80 62.23
CA PHE J 264 49.72 -10.13 61.74
C PHE J 264 48.58 -11.13 61.81
N ASP J 265 47.55 -10.87 62.63
CA ASP J 265 46.42 -11.78 62.73
C ASP J 265 45.50 -11.69 61.52
N TYR J 266 45.66 -10.69 60.66
CA TYR J 266 44.82 -10.57 59.48
C TYR J 266 45.15 -11.68 58.49
N GLN J 267 44.11 -12.38 58.02
CA GLN J 267 44.27 -13.47 57.07
C GLN J 267 43.46 -13.27 55.80
N THR J 268 42.26 -12.71 55.90
CA THR J 268 41.39 -12.48 54.75
C THR J 268 41.03 -11.00 54.67
N ARG J 269 40.31 -10.65 53.60
CA ARG J 269 39.86 -9.28 53.44
C ARG J 269 38.78 -8.92 54.45
N ASP J 270 37.92 -9.89 54.81
CA ASP J 270 36.87 -9.63 55.78
C ASP J 270 37.45 -9.28 57.14
N ASP J 271 38.52 -9.97 57.55
CA ASP J 271 39.18 -9.66 58.81
C ASP J 271 39.69 -8.22 58.84
N PHE J 272 40.35 -7.81 57.75
CA PHE J 272 40.85 -6.44 57.67
C PHE J 272 39.72 -5.43 57.71
N VAL J 273 38.65 -5.69 56.96
CA VAL J 273 37.53 -4.74 56.90
C VAL J 273 36.89 -4.60 58.27
N ARG J 274 36.61 -5.72 58.94
CA ARG J 274 35.98 -5.67 60.25
C ARG J 274 36.89 -5.02 61.29
N GLY J 275 38.18 -5.36 61.28
CA GLY J 275 39.10 -4.75 62.24
C GLY J 275 39.23 -3.24 62.03
N LEU J 276 39.26 -2.81 60.78
CA LEU J 276 39.31 -1.38 60.50
C LEU J 276 38.02 -0.68 60.93
N LEU J 277 36.88 -1.33 60.70
CA LEU J 277 35.59 -0.69 61.00
C LEU J 277 35.36 -0.58 62.50
N VAL J 278 35.71 -1.62 63.26
CA VAL J 278 35.50 -1.57 64.71
C VAL J 278 36.43 -0.55 65.35
N ASN J 279 37.66 -0.44 64.85
CA ASN J 279 38.66 0.47 65.42
C ASN J 279 38.65 1.83 64.74
N GLU J 280 37.48 2.47 64.69
CA GLU J 280 37.35 3.78 64.09
C GLU J 280 37.70 4.92 65.03
N GLU J 281 37.83 4.65 66.34
CA GLU J 281 38.15 5.71 67.28
C GLU J 281 39.53 6.31 67.02
N ILE J 282 40.52 5.46 66.75
CA ILE J 282 41.87 5.89 66.42
C ILE J 282 42.24 5.34 65.07
N LEU J 283 43.05 6.09 64.33
CA LEU J 283 43.50 5.71 62.98
C LEU J 283 42.30 5.40 62.09
N GLY J 284 41.49 6.44 61.86
CA GLY J 284 40.22 6.31 61.16
C GLY J 284 40.26 5.44 59.93
N ASN J 285 41.00 5.87 58.91
CA ASN J 285 41.23 5.08 57.70
C ASN J 285 39.91 4.59 57.10
N GLN J 286 39.10 5.54 56.65
CA GLN J 286 37.77 5.21 56.17
C GLN J 286 37.82 4.29 54.96
N ILE J 287 36.81 3.44 54.84
CA ILE J 287 36.65 2.53 53.72
C ILE J 287 35.39 2.93 52.96
N HIS J 288 35.51 3.09 51.65
CA HIS J 288 34.41 3.49 50.80
C HIS J 288 34.05 2.34 49.85
N MET J 289 33.03 2.56 49.02
CA MET J 289 32.53 1.53 48.13
C MET J 289 31.97 2.16 46.87
N HIS J 290 31.92 1.36 45.81
CA HIS J 290 31.36 1.77 44.53
C HIS J 290 30.41 0.69 44.04
N VAL J 291 29.26 1.09 43.53
CA VAL J 291 28.21 0.18 43.09
C VAL J 291 28.02 0.35 41.58
N THR J 292 28.06 -0.77 40.86
CA THR J 292 27.80 -0.80 39.43
C THR J 292 26.47 -1.48 39.15
N ALA J 293 25.73 -0.98 38.17
CA ALA J 293 24.43 -1.51 37.82
C ALA J 293 24.32 -1.98 36.38
N LYS J 294 25.28 -1.64 35.51
CA LYS J 294 25.23 -2.02 34.11
C LYS J 294 26.30 -3.02 33.71
N GLU J 295 27.27 -3.29 34.57
CA GLU J 295 28.33 -4.25 34.29
C GLU J 295 28.18 -5.47 35.17
N TYR J 296 28.95 -6.51 34.85
CA TYR J 296 28.85 -7.81 35.51
C TYR J 296 30.13 -8.10 36.28
N GLY J 297 29.95 -8.70 37.46
CA GLY J 297 31.08 -9.12 38.27
C GLY J 297 30.71 -10.20 39.27
N ALA J 298 31.47 -11.29 39.30
CA ALA J 298 31.18 -12.39 40.20
C ALA J 298 32.45 -13.17 40.47
N ARG J 299 32.41 -14.00 41.50
CA ARG J 299 33.52 -14.87 41.87
C ARG J 299 33.03 -16.32 41.93
N VAL J 300 33.84 -17.23 41.38
CA VAL J 300 33.52 -18.65 41.38
C VAL J 300 34.13 -19.25 42.65
N SER J 301 33.29 -19.49 43.66
CA SER J 301 33.75 -20.00 44.94
C SER J 301 33.25 -21.39 45.26
N ASN J 302 32.21 -21.88 44.58
CA ASN J 302 31.68 -23.21 44.82
C ASN J 302 31.04 -23.73 43.54
N LEU J 303 30.55 -24.96 43.59
CA LEU J 303 29.97 -25.58 42.41
C LEU J 303 28.71 -24.86 41.97
N HIS J 304 27.87 -24.45 42.92
CA HIS J 304 26.68 -23.69 42.59
C HIS J 304 27.04 -22.35 41.94
N MET J 305 28.03 -21.66 42.50
CA MET J 305 28.51 -20.42 41.88
C MET J 305 29.10 -20.69 40.50
N TYR J 306 29.83 -21.81 40.36
CA TYR J 306 30.39 -22.17 39.06
C TYR J 306 29.30 -22.34 38.02
N SER J 307 28.23 -23.07 38.38
CA SER J 307 27.14 -23.30 37.45
C SER J 307 26.42 -21.99 37.11
N ALA J 308 26.18 -21.14 38.11
CA ALA J 308 25.50 -19.87 37.85
C ALA J 308 26.33 -18.98 36.93
N VAL J 309 27.64 -18.90 37.17
CA VAL J 309 28.50 -18.05 36.36
C VAL J 309 28.62 -18.63 34.94
N CYS J 310 28.67 -19.95 34.82
CA CYS J 310 28.71 -20.55 33.49
C CYS J 310 27.43 -20.26 32.71
N ALA J 311 26.28 -20.36 33.38
CA ALA J 311 25.02 -20.02 32.72
C ALA J 311 24.99 -18.55 32.31
N ASP J 312 25.50 -17.66 33.15
CA ASP J 312 25.54 -16.25 32.81
C ASP J 312 26.47 -15.99 31.63
N VAL J 313 27.62 -16.67 31.59
CA VAL J 313 28.57 -16.47 30.50
C VAL J 313 28.02 -16.98 29.18
N ILE J 314 27.38 -18.15 29.19
CA ILE J 314 26.80 -18.70 27.97
C ILE J 314 25.69 -17.80 27.45
N ARG J 315 24.88 -17.24 28.36
CA ARG J 315 23.78 -16.38 27.98
C ARG J 315 24.20 -14.92 27.76
N ARG J 316 25.50 -14.68 27.57
CA ARG J 316 26.05 -13.41 27.10
C ARG J 316 25.96 -12.29 28.13
N TRP J 317 25.78 -12.61 29.41
CA TRP J 317 25.68 -11.57 30.43
C TRP J 317 27.01 -10.87 30.69
N VAL J 318 28.13 -11.40 30.21
CA VAL J 318 29.44 -10.82 30.44
C VAL J 318 30.01 -10.30 29.13
N TYR J 319 29.14 -9.86 28.24
CA TYR J 319 29.58 -9.33 26.95
C TYR J 319 30.55 -8.18 27.17
N PRO J 320 31.64 -8.09 26.39
CA PRO J 320 31.98 -8.91 25.21
C PRO J 320 32.74 -10.21 25.51
N LEU J 321 32.71 -10.69 26.74
CA LEU J 321 33.35 -11.96 27.09
C LEU J 321 32.35 -13.07 26.80
N THR J 322 32.34 -13.53 25.56
CA THR J 322 31.42 -14.55 25.08
C THR J 322 32.21 -15.66 24.42
N PRO J 323 31.64 -16.87 24.34
CA PRO J 323 32.39 -17.99 23.75
C PRO J 323 32.86 -17.74 22.33
N GLU J 324 32.05 -17.08 21.50
CA GLU J 324 32.43 -16.84 20.12
C GLU J 324 33.39 -15.66 19.95
N ALA J 325 33.52 -14.82 20.98
CA ALA J 325 34.45 -13.70 20.90
C ALA J 325 35.90 -14.18 20.83
N ASN J 326 36.20 -15.31 21.47
CA ASN J 326 37.55 -15.89 21.48
C ASN J 326 38.57 -14.89 22.02
N PHE J 327 38.32 -14.40 23.23
CA PHE J 327 39.19 -13.42 23.85
C PHE J 327 40.56 -13.99 24.17
N THR J 328 40.71 -15.31 24.18
CA THR J 328 42.00 -15.97 24.22
C THR J 328 42.34 -16.44 22.81
N ASP J 329 43.50 -16.03 22.29
CA ASP J 329 43.89 -16.34 20.92
C ASP J 329 44.33 -17.81 20.87
N SER J 330 43.33 -18.69 20.86
CA SER J 330 43.55 -20.13 20.80
C SER J 330 42.78 -20.69 19.63
N THR J 331 43.44 -21.52 18.82
CA THR J 331 42.80 -22.07 17.63
C THR J 331 41.65 -23.01 17.99
N THR J 332 41.81 -23.80 19.05
CA THR J 332 40.80 -24.79 19.43
C THR J 332 39.61 -24.17 20.14
N GLN J 333 39.70 -22.91 20.55
CA GLN J 333 38.61 -22.25 21.27
C GLN J 333 37.65 -21.51 20.35
N SER J 334 37.89 -21.53 19.04
CA SER J 334 37.01 -20.83 18.11
C SER J 334 35.66 -21.53 18.00
N CYS J 335 34.61 -20.75 17.80
CA CYS J 335 33.27 -21.28 17.61
C CYS J 335 32.41 -20.24 16.93
N THR J 336 31.25 -20.67 16.45
CA THR J 336 30.28 -19.82 15.79
C THR J 336 29.00 -19.77 16.64
N HIS J 337 28.39 -18.59 16.68
CA HIS J 337 27.19 -18.33 17.46
C HIS J 337 25.96 -18.39 16.56
N SER J 338 24.90 -19.03 17.06
CA SER J 338 23.68 -19.25 16.31
C SER J 338 22.48 -19.07 17.24
N ARG J 339 21.31 -19.01 16.61
CA ARG J 339 20.06 -18.70 17.31
C ARG J 339 19.87 -19.59 18.53
N HIS J 340 19.18 -19.03 19.53
CA HIS J 340 18.95 -19.68 20.82
C HIS J 340 20.26 -19.94 21.56
N ASN J 341 21.26 -19.09 21.31
CA ASN J 341 22.54 -19.15 22.00
C ASN J 341 23.23 -20.51 21.82
N ILE J 342 23.40 -20.91 20.56
CA ILE J 342 24.04 -22.18 20.24
C ILE J 342 25.45 -21.89 19.74
N TYR J 343 26.45 -22.36 20.47
CA TYR J 343 27.85 -22.14 20.11
C TYR J 343 28.43 -23.46 19.61
N ARG J 344 28.84 -23.49 18.35
CA ARG J 344 29.31 -24.70 17.71
C ARG J 344 30.76 -24.52 17.26
N GLY J 345 31.62 -25.44 17.66
CA GLY J 345 33.02 -25.38 17.30
C GLY J 345 33.32 -26.06 15.98
N PRO J 346 34.58 -26.02 15.57
CA PRO J 346 34.95 -26.69 14.31
C PRO J 346 34.87 -28.20 14.42
N GLU J 347 34.40 -28.83 13.35
CA GLU J 347 34.35 -30.29 13.23
C GLU J 347 33.55 -30.92 14.37
N VAL J 348 32.28 -30.58 14.43
CA VAL J 348 31.35 -31.14 15.41
C VAL J 348 30.61 -32.34 14.85
N SER J 349 30.05 -32.20 13.65
CA SER J 349 29.36 -33.29 12.96
C SER J 349 28.21 -33.85 13.81
N LEU J 350 27.23 -32.99 14.06
CA LEU J 350 26.06 -33.38 14.82
C LEU J 350 25.32 -34.52 14.12
N GLY J 351 24.90 -35.51 14.90
CA GLY J 351 24.23 -36.66 14.34
C GLY J 351 22.80 -36.35 13.92
N HIS J 352 22.23 -37.30 13.17
CA HIS J 352 20.87 -37.14 12.67
C HIS J 352 19.87 -37.31 13.81
N GLY J 353 18.88 -36.42 13.84
CA GLY J 353 17.82 -36.49 14.83
C GLY J 353 18.14 -35.84 16.16
N SER J 354 19.40 -35.48 16.42
CA SER J 354 19.76 -34.82 17.67
C SER J 354 19.30 -33.36 17.65
N ILE J 355 18.93 -32.86 18.82
CA ILE J 355 18.38 -31.52 18.96
C ILE J 355 19.16 -30.78 20.03
N LEU J 356 19.66 -29.59 19.69
CA LEU J 356 20.26 -28.67 20.64
C LEU J 356 19.25 -27.56 20.89
N GLU J 357 18.64 -27.55 22.08
CA GLU J 357 17.53 -26.65 22.35
C GLU J 357 18.01 -25.21 22.51
N GLU J 358 18.82 -24.95 23.54
CA GLU J 358 19.28 -23.60 23.80
C GLU J 358 20.46 -23.64 24.76
N ASN J 359 21.29 -22.60 24.69
CA ASN J 359 22.40 -22.38 25.61
C ASN J 359 23.34 -23.59 25.64
N VAL J 360 23.83 -23.96 24.46
CA VAL J 360 24.70 -25.12 24.28
C VAL J 360 26.01 -24.65 23.67
N LEU J 361 27.12 -25.08 24.26
CA LEU J 361 28.46 -24.82 23.74
C LEU J 361 29.13 -26.14 23.43
N LEU J 362 29.63 -26.27 22.20
CA LEU J 362 30.26 -27.50 21.73
C LEU J 362 31.72 -27.22 21.39
N GLY J 363 32.62 -28.02 21.96
CA GLY J 363 34.03 -27.87 21.69
C GLY J 363 34.44 -28.46 20.35
N SER J 364 35.66 -28.14 19.95
CA SER J 364 36.19 -28.63 18.69
C SER J 364 36.50 -30.13 18.80
N GLY J 365 36.04 -30.89 17.81
CA GLY J 365 36.27 -32.33 17.77
C GLY J 365 35.23 -33.16 18.48
N THR J 366 34.28 -32.54 19.19
CA THR J 366 33.23 -33.28 19.87
C THR J 366 32.33 -33.99 18.87
N VAL J 367 31.97 -35.23 19.17
CA VAL J 367 31.12 -36.04 18.32
C VAL J 367 29.83 -36.36 19.07
N ILE J 368 28.69 -36.11 18.42
CA ILE J 368 27.38 -36.31 19.02
C ILE J 368 26.64 -37.38 18.24
N GLY J 369 26.02 -38.30 18.97
CA GLY J 369 25.29 -39.40 18.35
C GLY J 369 23.97 -38.99 17.73
N SER J 370 23.03 -39.93 17.66
CA SER J 370 21.74 -39.71 17.02
C SER J 370 20.63 -39.69 18.06
N ASN J 371 19.60 -38.88 17.77
CA ASN J 371 18.43 -38.74 18.64
C ASN J 371 18.84 -38.26 20.04
N CYS J 372 19.85 -37.40 20.11
CA CYS J 372 20.31 -36.83 21.36
C CYS J 372 19.48 -35.60 21.72
N PHE J 373 19.61 -35.15 22.97
CA PHE J 373 18.91 -33.97 23.45
C PHE J 373 19.81 -33.28 24.46
N ILE J 374 20.50 -32.23 24.01
CA ILE J 374 21.42 -31.47 24.85
C ILE J 374 20.82 -30.09 25.07
N THR J 375 20.75 -29.67 26.34
CA THR J 375 20.16 -28.38 26.67
C THR J 375 20.87 -27.77 27.87
N ASN J 376 21.20 -26.48 27.75
CA ASN J 376 21.80 -25.72 28.84
C ASN J 376 23.10 -26.38 29.34
N SER J 377 23.86 -26.95 28.42
CA SER J 377 25.04 -27.72 28.76
C SER J 377 26.25 -27.21 27.99
N VAL J 378 27.43 -27.38 28.61
CA VAL J 378 28.70 -27.03 27.99
C VAL J 378 29.51 -28.30 27.86
N ILE J 379 29.96 -28.59 26.63
CA ILE J 379 30.71 -29.80 26.33
C ILE J 379 32.07 -29.40 25.81
N GLY J 380 33.13 -29.98 26.39
CA GLY J 380 34.48 -29.62 26.03
C GLY J 380 34.92 -30.26 24.74
N PRO J 381 36.12 -29.89 24.30
CA PRO J 381 36.66 -30.44 23.04
C PRO J 381 36.98 -31.92 23.15
N GLY J 382 36.86 -32.61 22.02
CA GLY J 382 37.21 -34.01 21.96
C GLY J 382 36.34 -34.91 22.80
N CYS J 383 35.03 -34.69 22.78
CA CYS J 383 34.09 -35.52 23.51
C CYS J 383 33.35 -36.45 22.56
N HIS J 384 32.90 -37.58 23.09
CA HIS J 384 32.14 -38.57 22.33
C HIS J 384 30.85 -38.87 23.07
N ILE J 385 29.72 -38.68 22.39
CA ILE J 385 28.40 -38.87 22.98
C ILE J 385 27.66 -39.92 22.17
N GLY J 386 27.09 -40.90 22.87
CA GLY J 386 26.35 -41.95 22.21
C GLY J 386 24.95 -41.53 21.81
N ASP J 387 24.22 -42.48 21.25
CA ASP J 387 22.86 -42.22 20.78
C ASP J 387 21.89 -42.17 21.96
N ASN J 388 20.82 -41.38 21.77
CA ASN J 388 19.73 -41.27 22.74
C ASN J 388 20.23 -40.84 24.11
N VAL J 389 21.20 -39.91 24.12
CA VAL J 389 21.73 -39.34 25.36
C VAL J 389 21.04 -38.02 25.62
N VAL J 390 20.60 -37.82 26.85
CA VAL J 390 19.88 -36.62 27.25
C VAL J 390 20.73 -35.89 28.29
N LEU J 391 21.29 -34.76 27.89
CA LEU J 391 22.11 -33.92 28.76
C LEU J 391 21.33 -32.65 29.10
N ASP J 392 21.14 -32.40 30.39
CA ASP J 392 20.38 -31.25 30.87
C ASP J 392 21.18 -30.56 31.96
N GLN J 393 21.62 -29.33 31.70
CA GLN J 393 22.34 -28.51 32.67
C GLN J 393 23.62 -29.19 33.15
N THR J 394 24.27 -29.96 32.28
CA THR J 394 25.49 -30.66 32.62
C THR J 394 26.70 -29.90 32.09
N TYR J 395 27.87 -30.24 32.62
CA TYR J 395 29.13 -29.64 32.20
C TYR J 395 30.14 -30.76 31.95
N LEU J 396 30.50 -30.95 30.69
CA LEU J 396 31.42 -32.01 30.27
C LEU J 396 32.73 -31.38 29.83
N TRP J 397 33.82 -31.80 30.46
CA TRP J 397 35.14 -31.30 30.11
C TRP J 397 35.74 -32.18 29.00
N GLN J 398 36.97 -31.88 28.62
CA GLN J 398 37.58 -32.55 27.47
C GLN J 398 37.82 -34.03 27.76
N GLY J 399 37.65 -34.85 26.71
CA GLY J 399 37.91 -36.27 26.78
C GLY J 399 36.78 -37.11 27.35
N VAL J 400 35.64 -36.52 27.67
CA VAL J 400 34.53 -37.27 28.26
C VAL J 400 33.88 -38.15 27.20
N ARG J 401 33.69 -39.42 27.53
CA ARG J 401 32.95 -40.36 26.68
C ARG J 401 31.68 -40.77 27.40
N VAL J 402 30.54 -40.64 26.71
CA VAL J 402 29.23 -41.00 27.25
C VAL J 402 28.63 -42.06 26.35
N ALA J 403 28.24 -43.18 26.94
CA ALA J 403 27.66 -44.27 26.18
C ALA J 403 26.19 -43.98 25.86
N ALA J 404 25.64 -44.78 24.94
CA ALA J 404 24.28 -44.57 24.47
C ALA J 404 23.26 -44.82 25.58
N GLY J 405 22.19 -44.05 25.56
CA GLY J 405 21.09 -44.21 26.49
C GLY J 405 21.25 -43.52 27.83
N ALA J 406 22.38 -42.86 28.07
CA ALA J 406 22.59 -42.20 29.34
C ALA J 406 21.69 -40.99 29.50
N GLN J 407 21.32 -40.70 30.74
CA GLN J 407 20.51 -39.53 31.09
C GLN J 407 21.26 -38.77 32.18
N ILE J 408 21.88 -37.65 31.81
CA ILE J 408 22.68 -36.86 32.74
C ILE J 408 21.97 -35.52 32.94
N HIS J 409 21.65 -35.21 34.19
CA HIS J 409 20.95 -33.98 34.54
C HIS J 409 21.73 -33.26 35.65
N GLN J 410 22.09 -32.01 35.40
CA GLN J 410 22.62 -31.11 36.43
C GLN J 410 23.83 -31.73 37.15
N SER J 411 24.78 -32.24 36.37
CA SER J 411 25.97 -32.88 36.93
C SER J 411 27.21 -32.31 36.25
N LEU J 412 28.37 -32.64 36.83
CA LEU J 412 29.66 -32.19 36.32
C LEU J 412 30.54 -33.42 36.06
N LEU J 413 31.19 -33.43 34.90
CA LEU J 413 32.12 -34.50 34.54
C LEU J 413 33.47 -33.88 34.22
N CYS J 414 34.52 -34.40 34.84
CA CYS J 414 35.85 -33.84 34.71
C CYS J 414 36.60 -34.51 33.55
N ASP J 415 37.91 -34.29 33.50
CA ASP J 415 38.71 -34.70 32.35
C ASP J 415 38.64 -36.20 32.13
N ASN J 416 38.37 -36.60 30.88
CA ASN J 416 38.41 -37.99 30.44
C ASN J 416 37.51 -38.90 31.27
N ALA J 417 36.41 -38.36 31.80
CA ALA J 417 35.45 -39.19 32.52
C ALA J 417 34.72 -40.11 31.54
N GLU J 418 34.26 -41.24 32.07
CA GLU J 418 33.58 -42.24 31.26
C GLU J 418 32.27 -42.63 31.92
N VAL J 419 31.24 -42.79 31.09
CA VAL J 419 29.92 -43.21 31.54
C VAL J 419 29.47 -44.37 30.66
N LYS J 420 29.08 -45.48 31.29
CA LYS J 420 28.70 -46.68 30.55
C LYS J 420 27.23 -46.63 30.16
N GLU J 421 26.76 -47.70 29.54
CA GLU J 421 25.39 -47.75 29.04
C GLU J 421 24.39 -47.87 30.18
N ARG J 422 23.19 -47.33 29.94
CA ARG J 422 22.08 -47.41 30.91
C ARG J 422 22.49 -46.84 32.26
N VAL J 423 23.05 -45.64 32.24
CA VAL J 423 23.48 -44.94 33.45
C VAL J 423 22.71 -43.63 33.54
N THR J 424 22.08 -43.40 34.69
CA THR J 424 21.32 -42.18 34.94
C THR J 424 21.98 -41.43 36.10
N LEU J 425 22.37 -40.18 35.86
CA LEU J 425 22.99 -39.33 36.87
C LEU J 425 21.95 -38.36 37.40
N LYS J 426 21.64 -38.48 38.69
CA LYS J 426 20.70 -37.57 39.32
C LYS J 426 21.36 -36.20 39.49
N PRO J 427 20.55 -35.15 39.67
CA PRO J 427 21.11 -33.80 39.77
C PRO J 427 22.09 -33.66 40.93
N ARG J 428 23.06 -32.77 40.74
CA ARG J 428 24.10 -32.46 41.73
C ARG J 428 25.04 -33.65 41.95
N SER J 429 25.58 -34.18 40.84
CA SER J 429 26.55 -35.26 40.87
C SER J 429 27.86 -34.80 40.23
N VAL J 430 28.97 -35.35 40.70
CA VAL J 430 30.30 -34.97 40.23
C VAL J 430 31.10 -36.22 39.91
N LEU J 431 31.75 -36.22 38.74
CA LEU J 431 32.70 -37.25 38.35
C LEU J 431 34.03 -36.57 38.06
N THR J 432 35.11 -37.07 38.65
CA THR J 432 36.39 -36.36 38.70
C THR J 432 37.52 -37.25 38.17
N SER J 433 38.23 -36.74 37.16
CA SER J 433 39.57 -37.21 36.79
C SER J 433 39.57 -38.71 36.45
N GLN J 434 38.90 -39.01 35.33
CA GLN J 434 38.99 -40.30 34.63
C GLN J 434 38.26 -41.43 35.32
N VAL J 435 37.34 -41.12 36.24
CA VAL J 435 36.56 -42.19 36.87
C VAL J 435 35.59 -42.79 35.85
N VAL J 436 35.29 -44.07 36.04
CA VAL J 436 34.37 -44.80 35.18
C VAL J 436 33.21 -45.30 36.02
N VAL J 437 32.00 -45.09 35.55
CA VAL J 437 30.79 -45.49 36.26
C VAL J 437 30.19 -46.69 35.56
N GLY J 438 29.92 -47.75 36.33
CA GLY J 438 29.46 -48.99 35.78
C GLY J 438 28.04 -48.92 35.24
N PRO J 439 27.66 -49.88 34.41
CA PRO J 439 26.34 -49.86 33.80
C PRO J 439 25.25 -50.35 34.75
N ASN J 440 24.01 -50.10 34.33
CA ASN J 440 22.81 -50.66 34.97
C ASN J 440 22.70 -50.25 36.45
N ILE J 441 23.07 -49.00 36.75
CA ILE J 441 22.90 -48.44 38.08
C ILE J 441 22.41 -47.00 37.96
N THR J 442 21.81 -46.50 39.04
CA THR J 442 21.34 -45.13 39.12
C THR J 442 21.96 -44.47 40.33
N LEU J 443 22.70 -43.38 40.10
CA LEU J 443 23.37 -42.69 41.18
C LEU J 443 22.35 -41.90 42.02
N PRO J 444 22.62 -41.72 43.31
CA PRO J 444 21.78 -40.82 44.12
C PRO J 444 21.97 -39.36 43.71
N GLU J 445 21.20 -38.46 44.32
CA GLU J 445 21.32 -37.04 43.97
C GLU J 445 22.72 -36.52 44.28
N GLY J 446 23.11 -36.52 45.56
CA GLY J 446 24.41 -36.05 45.94
C GLY J 446 25.45 -37.15 45.97
N SER J 447 26.25 -37.26 44.90
CA SER J 447 27.26 -38.30 44.80
C SER J 447 28.51 -37.73 44.14
N VAL J 448 29.65 -37.90 44.79
CA VAL J 448 30.95 -37.48 44.27
C VAL J 448 31.82 -38.72 44.13
N ILE J 449 32.35 -38.93 42.93
CA ILE J 449 33.19 -40.09 42.63
C ILE J 449 34.55 -39.58 42.14
N SER J 450 35.62 -40.01 42.80
CA SER J 450 36.96 -39.63 42.45
C SER J 450 37.89 -40.83 42.60
N LEU J 451 39.01 -40.80 41.89
CA LEU J 451 39.98 -41.88 41.98
C LEU J 451 40.65 -41.93 43.34
N HIS J 452 40.75 -40.79 44.02
CA HIS J 452 41.32 -40.76 45.37
C HIS J 452 40.36 -41.42 46.34
N PRO J 453 40.79 -42.43 47.09
CA PRO J 453 39.86 -43.19 47.94
C PRO J 453 39.21 -42.35 49.01
N PRO J 454 39.97 -41.67 49.89
CA PRO J 454 39.30 -41.07 51.05
C PRO J 454 38.56 -39.78 50.71
N ASP J 455 39.07 -38.99 49.77
CA ASP J 455 38.46 -37.70 49.47
C ASP J 455 37.07 -37.86 48.87
N ALA J 456 36.90 -38.81 47.95
CA ALA J 456 35.60 -39.02 47.32
C ALA J 456 34.59 -39.56 48.32
N GLU J 457 33.36 -39.05 48.24
CA GLU J 457 32.29 -39.59 49.07
C GLU J 457 32.02 -41.05 48.74
N GLU J 458 32.10 -41.41 47.46
CA GLU J 458 31.97 -42.79 47.00
C GLU J 458 33.12 -43.05 46.04
N ASP J 459 34.25 -43.51 46.57
CA ASP J 459 35.40 -43.83 45.74
C ASP J 459 35.05 -44.96 44.79
N GLU J 460 35.44 -44.80 43.51
CA GLU J 460 35.12 -45.80 42.51
C GLU J 460 36.14 -45.72 41.38
N ASP J 461 36.28 -46.83 40.67
CA ASP J 461 37.15 -46.91 39.50
C ASP J 461 36.42 -47.42 38.27
N ASP J 462 35.50 -48.37 38.43
CA ASP J 462 34.74 -48.88 37.29
C ASP J 462 33.27 -49.11 37.61
N GLY J 463 32.79 -48.65 38.76
CA GLY J 463 31.39 -48.83 39.10
C GLY J 463 31.10 -48.30 40.49
N GLU J 464 29.83 -48.02 40.73
CA GLU J 464 29.42 -47.48 42.02
C GLU J 464 29.51 -48.52 43.12
N PHE J 465 29.19 -49.78 42.80
CA PHE J 465 29.21 -50.86 43.78
C PHE J 465 30.64 -51.39 43.90
N SER J 466 31.29 -51.12 45.03
CA SER J 466 32.66 -51.57 45.29
C SER J 466 33.63 -51.09 44.21
N MET K 1 18.73 -6.35 -32.96
CA MET K 1 18.70 -7.77 -33.29
C MET K 1 19.95 -8.18 -34.07
N ASN K 2 20.25 -9.48 -34.04
CA ASN K 2 21.42 -9.98 -34.75
C ASN K 2 21.25 -9.88 -36.26
N SER K 3 20.01 -9.86 -36.74
CA SER K 3 19.74 -9.81 -38.17
C SER K 3 20.01 -8.44 -38.78
N GLN K 4 20.28 -7.42 -37.97
CA GLN K 4 20.51 -6.07 -38.47
C GLN K 4 21.98 -5.73 -38.59
N TYR K 5 22.89 -6.64 -38.22
CA TYR K 5 24.30 -6.37 -38.35
C TYR K 5 24.71 -6.39 -39.82
N MET K 6 25.57 -5.44 -40.21
CA MET K 6 26.03 -5.31 -41.59
C MET K 6 27.55 -5.31 -41.61
N PHE K 7 28.13 -6.25 -42.37
CA PHE K 7 29.57 -6.21 -42.59
C PHE K 7 29.94 -5.14 -43.60
N ASP K 8 29.10 -4.95 -44.63
CA ASP K 8 29.31 -3.93 -45.63
C ASP K 8 27.97 -3.35 -46.05
N TYR K 9 27.98 -2.11 -46.50
CA TYR K 9 26.80 -1.39 -46.92
C TYR K 9 26.91 -1.02 -48.40
N PRO K 10 25.88 -1.30 -49.20
CA PRO K 10 25.90 -0.90 -50.62
C PRO K 10 25.43 0.54 -50.80
N ALA K 11 26.36 1.42 -51.16
CA ALA K 11 26.01 2.77 -51.56
C ALA K 11 25.61 2.77 -53.03
N ILE K 12 24.47 3.39 -53.32
CA ILE K 12 23.88 3.37 -54.66
C ILE K 12 24.11 4.74 -55.30
N ASN K 13 24.71 4.74 -56.49
CA ASN K 13 24.92 5.95 -57.27
C ASN K 13 24.09 5.81 -58.54
N ILE K 14 23.07 6.64 -58.68
CA ILE K 14 22.17 6.63 -59.82
C ILE K 14 22.56 7.78 -60.74
N ASP K 15 22.88 7.47 -61.99
CA ASP K 15 23.29 8.47 -62.96
C ASP K 15 22.07 9.09 -63.63
N VAL K 16 22.08 10.41 -63.78
CA VAL K 16 20.93 11.10 -64.36
C VAL K 16 21.00 11.08 -65.88
N ARG K 17 22.20 11.12 -66.46
CA ARG K 17 22.33 11.09 -67.91
C ARG K 17 21.80 9.79 -68.49
N CYS K 18 22.11 8.66 -67.85
CA CYS K 18 21.62 7.36 -68.28
C CYS K 18 21.47 6.48 -67.06
N HIS K 19 20.34 5.77 -66.97
CA HIS K 19 20.11 4.85 -65.87
C HIS K 19 20.57 3.44 -66.19
N ARG K 20 20.36 2.99 -67.43
CA ARG K 20 20.76 1.65 -67.83
C ARG K 20 22.27 1.46 -67.90
N LEU K 21 23.03 2.55 -67.86
CA LEU K 21 24.49 2.49 -67.82
C LEU K 21 25.00 3.54 -66.84
N LEU K 22 26.19 3.28 -66.31
CA LEU K 22 26.93 4.13 -65.37
C LEU K 22 26.27 4.23 -64.00
N SER K 23 25.12 3.59 -63.78
CA SER K 23 24.52 3.50 -62.46
C SER K 23 25.14 2.32 -61.72
N SER K 24 25.67 2.59 -60.52
CA SER K 24 26.53 1.63 -59.86
C SER K 24 26.11 1.43 -58.41
N VAL K 25 26.52 0.29 -57.86
CA VAL K 25 26.41 -0.02 -56.44
C VAL K 25 27.79 -0.39 -55.94
N SER K 26 28.28 0.33 -54.93
CA SER K 26 29.62 0.11 -54.39
C SER K 26 29.52 -0.26 -52.92
N TYR K 27 30.19 -1.33 -52.53
CA TYR K 27 30.12 -1.81 -51.15
C TYR K 27 31.23 -1.18 -50.32
N VAL K 28 30.86 -0.60 -49.18
CA VAL K 28 31.80 0.09 -48.30
C VAL K 28 31.69 -0.51 -46.91
N ALA K 29 32.77 -0.39 -46.15
CA ALA K 29 32.82 -0.98 -44.82
C ALA K 29 31.79 -0.30 -43.89
N TYR K 30 30.98 -1.12 -43.23
CA TYR K 30 30.00 -0.64 -42.27
C TYR K 30 30.33 -1.10 -40.85
N ASN K 31 30.44 -2.41 -40.63
CA ASN K 31 30.92 -2.99 -39.38
C ASN K 31 30.11 -2.49 -38.18
N LYS K 32 28.80 -2.41 -38.33
CA LYS K 32 27.92 -2.01 -37.24
C LYS K 32 26.52 -2.53 -37.53
N PHE K 33 25.61 -2.27 -36.59
CA PHE K 33 24.22 -2.70 -36.73
C PHE K 33 23.45 -1.69 -37.58
N HIS K 34 22.77 -2.18 -38.61
CA HIS K 34 21.98 -1.31 -39.47
C HIS K 34 20.61 -1.05 -38.83
N THR K 35 19.93 -0.03 -39.35
CA THR K 35 18.61 0.32 -38.83
C THR K 35 17.52 -0.66 -39.25
N HIS K 36 17.77 -1.45 -40.29
CA HIS K 36 16.78 -2.39 -40.82
C HIS K 36 17.39 -3.78 -40.89
N ASP K 37 16.58 -4.76 -41.28
CA ASP K 37 17.05 -6.12 -41.46
C ASP K 37 17.83 -6.25 -42.76
N VAL K 38 18.61 -7.33 -42.86
CA VAL K 38 19.54 -7.54 -43.96
C VAL K 38 19.23 -8.88 -44.62
N SER K 39 19.16 -8.89 -45.95
CA SER K 39 19.08 -10.11 -46.73
C SER K 39 20.43 -10.39 -47.37
N THR K 40 20.71 -11.67 -47.61
CA THR K 40 22.00 -12.09 -48.17
C THR K 40 21.75 -12.86 -49.45
N TYR K 41 22.35 -12.39 -50.54
CA TYR K 41 22.27 -13.06 -51.83
C TYR K 41 23.65 -13.01 -52.49
N GLU K 42 24.26 -14.17 -52.67
CA GLU K 42 25.58 -14.29 -53.30
C GLU K 42 26.60 -13.40 -52.62
N HIS K 43 26.64 -13.49 -51.29
CA HIS K 43 27.53 -12.71 -50.43
C HIS K 43 27.28 -11.21 -50.54
N CYS K 44 26.12 -10.82 -51.05
CA CYS K 44 25.73 -9.43 -51.17
C CYS K 44 24.68 -9.12 -50.12
N GLU K 45 24.88 -8.04 -49.37
CA GLU K 45 23.98 -7.65 -48.29
C GLU K 45 23.03 -6.57 -48.81
N ILE K 46 21.74 -6.87 -48.79
CA ILE K 46 20.68 -5.96 -49.22
C ILE K 46 19.94 -5.48 -47.97
N PRO K 47 20.00 -4.19 -47.64
CA PRO K 47 19.18 -3.69 -46.53
C PRO K 47 17.71 -3.66 -46.92
N LEU K 48 16.87 -4.23 -46.06
CA LEU K 48 15.43 -4.33 -46.31
C LEU K 48 14.74 -3.04 -45.88
N GLU K 49 15.05 -1.96 -46.62
CA GLU K 49 14.46 -0.66 -46.30
C GLU K 49 12.96 -0.65 -46.56
N LYS K 50 12.52 -1.26 -47.66
CA LYS K 50 11.11 -1.26 -48.03
C LYS K 50 10.41 -2.59 -47.82
N LEU K 51 11.16 -3.69 -47.73
CA LEU K 51 10.60 -5.01 -47.48
C LEU K 51 10.93 -5.46 -46.06
N ARG K 52 10.27 -6.54 -45.64
CA ARG K 52 10.44 -7.08 -44.29
C ARG K 52 11.02 -8.48 -44.38
N LEU K 53 11.78 -8.85 -43.34
CA LEU K 53 12.36 -10.17 -43.28
C LEU K 53 11.26 -11.23 -43.20
N GLY K 54 11.49 -12.35 -43.88
CA GLY K 54 10.55 -13.45 -43.87
C GLY K 54 11.25 -14.76 -43.52
N PHE K 55 10.44 -15.72 -43.10
CA PHE K 55 10.94 -17.02 -42.65
C PHE K 55 10.14 -18.13 -43.30
N GLY K 56 10.79 -19.27 -43.49
CA GLY K 56 10.18 -20.45 -44.05
C GLY K 56 10.98 -20.99 -45.22
N ARG K 57 10.42 -22.00 -45.87
CA ARG K 57 11.03 -22.67 -47.01
C ARG K 57 10.06 -22.70 -48.18
N ARG K 58 9.49 -21.53 -48.50
CA ARG K 58 8.41 -21.40 -49.49
C ARG K 58 8.86 -21.82 -50.89
N ASN K 59 7.91 -21.86 -51.82
CA ASN K 59 8.13 -22.36 -53.16
C ASN K 59 9.18 -21.54 -53.92
N SER K 60 8.88 -20.28 -54.18
CA SER K 60 9.74 -19.44 -55.00
C SER K 60 9.96 -18.09 -54.33
N LEU K 61 10.77 -17.24 -54.98
CA LEU K 61 10.95 -15.88 -54.49
C LEU K 61 9.67 -15.08 -54.58
N ALA K 62 8.77 -15.46 -55.49
CA ALA K 62 7.49 -14.77 -55.59
C ALA K 62 6.64 -14.98 -54.35
N ASP K 63 6.71 -16.16 -53.73
CA ASP K 63 5.94 -16.44 -52.53
C ASP K 63 6.38 -15.61 -51.33
N PHE K 64 7.53 -14.95 -51.41
CA PHE K 64 8.01 -14.07 -50.35
C PHE K 64 7.64 -12.61 -50.59
N TYR K 65 7.93 -12.08 -51.78
CA TYR K 65 7.63 -10.69 -52.07
C TYR K 65 6.15 -10.47 -52.36
N SER K 66 5.40 -11.53 -52.65
CA SER K 66 3.94 -11.40 -52.76
C SER K 66 3.32 -11.03 -51.43
N LEU K 67 3.96 -11.39 -50.32
CA LEU K 67 3.53 -11.00 -48.99
C LEU K 67 4.26 -9.75 -48.49
N GLY K 68 4.99 -9.06 -49.36
CA GLY K 68 5.74 -7.90 -48.96
C GLY K 68 6.98 -8.20 -48.15
N GLU K 69 7.54 -9.39 -48.28
CA GLU K 69 8.70 -9.80 -47.51
C GLU K 69 9.83 -10.22 -48.45
N LEU K 70 10.93 -10.65 -47.84
CA LEU K 70 12.10 -11.16 -48.54
C LEU K 70 12.78 -12.16 -47.62
N PRO K 71 13.29 -13.27 -48.16
CA PRO K 71 13.97 -14.25 -47.31
C PRO K 71 15.30 -13.72 -46.79
N ALA K 72 15.71 -14.29 -45.65
CA ALA K 72 16.96 -13.86 -45.03
C ALA K 72 18.16 -14.19 -45.93
N SER K 73 18.15 -15.36 -46.56
CA SER K 73 19.24 -15.74 -47.44
C SER K 73 18.75 -16.83 -48.39
N TRP K 74 19.11 -16.72 -49.66
CA TRP K 74 18.75 -17.72 -50.65
C TRP K 74 19.70 -17.62 -51.84
N GLY K 75 19.71 -18.66 -52.65
CA GLY K 75 20.57 -18.73 -53.81
C GLY K 75 21.59 -19.84 -53.70
N PRO K 76 22.40 -20.02 -54.74
CA PRO K 76 23.40 -21.09 -54.72
C PRO K 76 24.45 -20.95 -53.63
N ALA K 77 24.68 -19.75 -53.11
CA ALA K 77 25.76 -19.54 -52.16
C ALA K 77 25.42 -19.98 -50.74
N CYS K 78 24.17 -20.37 -50.48
CA CYS K 78 23.73 -20.81 -49.16
C CYS K 78 23.42 -22.30 -49.20
N TYR K 79 23.87 -23.02 -48.17
CA TYR K 79 23.67 -24.47 -48.13
C TYR K 79 22.20 -24.83 -48.02
N PHE K 80 21.46 -24.14 -47.15
CA PHE K 80 20.01 -24.30 -47.03
C PHE K 80 19.34 -23.02 -47.45
N SER K 81 18.41 -23.12 -48.40
CA SER K 81 17.81 -21.97 -49.05
C SER K 81 16.32 -21.90 -48.74
N SER K 82 15.81 -20.69 -48.56
CA SER K 82 14.38 -20.49 -48.35
C SER K 82 13.57 -20.84 -49.59
N VAL K 83 14.18 -20.83 -50.77
CA VAL K 83 13.57 -21.33 -51.99
C VAL K 83 14.40 -22.49 -52.49
N LYS K 84 13.72 -23.57 -52.89
CA LYS K 84 14.42 -24.79 -53.27
C LYS K 84 15.25 -24.54 -54.54
N PRO K 85 16.44 -25.14 -54.64
CA PRO K 85 17.27 -24.92 -55.82
C PRO K 85 16.62 -25.46 -57.08
N MET K 86 16.94 -24.84 -58.21
CA MET K 86 16.35 -25.22 -59.48
C MET K 86 17.37 -24.98 -60.58
N MET K 87 17.52 -25.96 -61.46
CA MET K 87 18.46 -25.88 -62.56
C MET K 87 17.83 -25.16 -63.75
N TYR K 88 18.65 -24.44 -64.50
CA TYR K 88 18.21 -23.65 -65.63
C TYR K 88 18.99 -24.05 -66.87
N THR K 89 18.32 -24.02 -68.02
CA THR K 89 18.91 -24.49 -69.26
C THR K 89 19.76 -23.39 -69.90
N PHE K 90 20.43 -23.76 -71.00
CA PHE K 90 21.24 -22.86 -71.82
C PHE K 90 22.42 -22.27 -71.05
N GLN K 91 22.80 -22.86 -69.93
CA GLN K 91 23.99 -22.40 -69.22
C GLN K 91 25.26 -22.64 -70.03
N GLY K 92 25.35 -23.81 -70.68
CA GLY K 92 26.47 -24.06 -71.57
C GLY K 92 26.52 -23.09 -72.73
N MET K 93 25.36 -22.74 -73.28
CA MET K 93 25.31 -21.74 -74.34
C MET K 93 25.76 -20.38 -73.81
N ALA K 94 25.35 -20.02 -72.60
CA ALA K 94 25.78 -18.76 -72.00
C ALA K 94 27.30 -18.72 -71.86
N SER K 95 27.90 -19.83 -71.42
CA SER K 95 29.35 -19.91 -71.36
C SER K 95 29.97 -19.84 -72.75
N ASP K 96 29.29 -20.40 -73.76
CA ASP K 96 29.81 -20.38 -75.12
C ASP K 96 29.90 -18.96 -75.66
N LEU K 97 28.80 -18.21 -75.60
CA LEU K 97 28.86 -16.81 -76.03
C LEU K 97 29.36 -15.87 -74.94
N SER K 98 29.92 -16.39 -73.83
CA SER K 98 30.63 -15.53 -72.90
C SER K 98 31.80 -14.83 -73.57
N ARG K 99 32.47 -15.52 -74.50
CA ARG K 99 33.58 -14.92 -75.23
C ARG K 99 33.09 -13.94 -76.30
N PHE K 100 31.91 -14.19 -76.88
CA PHE K 100 31.38 -13.30 -77.90
C PHE K 100 31.13 -11.92 -77.33
N ASP K 101 31.56 -10.89 -78.05
CA ASP K 101 31.43 -9.52 -77.61
C ASP K 101 30.10 -8.92 -78.07
N LEU K 102 29.92 -7.62 -77.81
CA LEU K 102 28.70 -6.95 -78.23
C LEU K 102 28.57 -6.86 -79.73
N THR K 103 29.71 -6.77 -80.44
CA THR K 103 29.70 -6.69 -81.90
C THR K 103 29.27 -8.01 -82.51
N PRO K 111 21.68 -7.80 -86.36
CA PRO K 111 20.31 -7.83 -86.90
C PRO K 111 19.28 -8.16 -85.83
N ASN K 112 18.64 -9.32 -85.96
CA ASN K 112 17.65 -9.73 -84.97
C ASN K 112 18.31 -10.12 -83.65
N VAL K 113 19.58 -10.52 -83.68
CA VAL K 113 20.28 -10.90 -82.47
C VAL K 113 20.44 -9.70 -81.54
N LEU K 114 20.68 -8.52 -82.10
CA LEU K 114 20.81 -7.31 -81.28
C LEU K 114 19.51 -7.02 -80.54
N LYS K 115 18.37 -7.13 -81.24
CA LYS K 115 17.09 -6.92 -80.59
C LYS K 115 16.82 -8.01 -79.55
N ALA K 116 17.23 -9.25 -79.84
CA ALA K 116 17.02 -10.33 -78.89
C ALA K 116 17.82 -10.10 -77.61
N LEU K 117 19.06 -9.65 -77.73
CA LEU K 117 19.92 -9.42 -76.57
C LEU K 117 19.75 -8.04 -75.96
N SER K 118 18.92 -7.18 -76.55
CA SER K 118 18.66 -5.88 -75.94
C SER K 118 17.96 -6.01 -74.59
N TRP K 119 17.15 -7.05 -74.42
CA TRP K 119 16.49 -7.30 -73.14
C TRP K 119 17.53 -7.65 -72.08
N PRO K 120 17.32 -7.22 -70.82
CA PRO K 120 16.22 -6.38 -70.33
C PRO K 120 16.56 -4.91 -70.22
N LEU K 121 17.82 -4.55 -70.49
CA LEU K 121 18.26 -3.17 -70.34
C LEU K 121 17.60 -2.23 -71.33
N GLY K 122 17.10 -2.74 -72.45
CA GLY K 122 16.55 -1.90 -73.49
C GLY K 122 17.60 -1.51 -74.50
N ILE K 123 18.85 -1.41 -74.05
CA ILE K 123 19.99 -1.16 -74.92
C ILE K 123 20.81 -2.45 -75.00
N PRO K 124 21.31 -2.83 -76.17
CA PRO K 124 22.07 -4.09 -76.28
C PRO K 124 23.25 -4.11 -75.32
N ASP K 125 23.46 -5.28 -74.70
CA ASP K 125 24.57 -5.48 -73.78
C ASP K 125 24.84 -6.99 -73.68
N CYS K 126 26.06 -7.32 -73.29
CA CYS K 126 26.49 -8.71 -73.19
C CYS K 126 27.23 -8.98 -71.89
N GLU K 127 26.86 -8.27 -70.81
CA GLU K 127 27.52 -8.47 -69.53
C GLU K 127 27.08 -9.76 -68.84
N ILE K 128 25.83 -10.19 -69.07
CA ILE K 128 25.34 -11.39 -68.40
C ILE K 128 26.09 -12.63 -68.90
N PHE K 129 26.58 -12.61 -70.15
CA PHE K 129 27.38 -13.72 -70.63
C PHE K 129 28.67 -13.86 -69.82
N SER K 130 29.33 -12.74 -69.52
CA SER K 130 30.48 -12.78 -68.63
C SER K 130 30.08 -13.15 -67.21
N ILE K 131 28.87 -12.78 -66.80
CA ILE K 131 28.38 -13.14 -65.47
C ILE K 131 28.09 -14.64 -65.40
N CYS K 132 27.48 -15.20 -66.44
CA CYS K 132 27.09 -16.61 -66.45
C CYS K 132 28.20 -17.54 -66.88
N SER K 133 29.38 -17.03 -67.21
CA SER K 133 30.48 -17.88 -67.63
C SER K 133 30.96 -18.77 -66.49
N ASP K 134 31.47 -19.95 -66.85
CA ASP K 134 32.01 -20.85 -65.83
C ASP K 134 33.27 -20.30 -65.20
N ARG K 135 34.01 -19.45 -65.91
CA ARG K 135 35.18 -18.80 -65.34
C ARG K 135 34.81 -17.72 -64.32
N PHE K 136 33.53 -17.37 -64.22
CA PHE K 136 33.08 -16.34 -63.28
C PHE K 136 32.79 -17.00 -61.94
N VAL K 137 33.58 -16.65 -60.94
CA VAL K 137 33.42 -17.16 -59.58
C VAL K 137 32.93 -16.02 -58.70
N ARG K 138 31.88 -16.29 -57.92
CA ARG K 138 31.26 -15.27 -57.09
C ARG K 138 31.94 -15.26 -55.72
N GLY K 139 32.49 -14.10 -55.35
CA GLY K 139 33.15 -13.94 -54.06
C GLY K 139 32.90 -12.56 -53.50
N LEU K 140 33.96 -11.93 -53.00
CA LEU K 140 33.87 -10.59 -52.44
C LEU K 140 34.20 -9.50 -53.46
N GLN K 141 34.51 -9.87 -54.71
CA GLN K 141 34.84 -8.91 -55.74
C GLN K 141 33.76 -8.78 -56.81
N THR K 142 32.78 -9.66 -56.83
CA THR K 142 31.71 -9.63 -57.82
C THR K 142 30.41 -9.06 -57.29
N ARG K 143 30.37 -8.64 -56.02
CA ARG K 143 29.16 -8.03 -55.48
C ARG K 143 28.81 -6.74 -56.21
N ASP K 144 29.82 -5.92 -56.49
CA ASP K 144 29.57 -4.64 -57.15
C ASP K 144 28.93 -4.83 -58.51
N GLN K 145 29.48 -5.73 -59.33
CA GLN K 145 28.97 -5.94 -60.69
C GLN K 145 27.55 -6.48 -60.66
N LEU K 146 27.30 -7.51 -59.84
CA LEU K 146 25.97 -8.11 -59.78
C LEU K 146 24.95 -7.10 -59.26
N MET K 147 25.29 -6.35 -58.22
CA MET K 147 24.36 -5.39 -57.66
C MET K 147 24.10 -4.24 -58.63
N SER K 148 25.13 -3.80 -59.35
CA SER K 148 24.93 -2.76 -60.35
C SER K 148 24.03 -3.25 -61.48
N TYR K 149 24.22 -4.50 -61.91
CA TYR K 149 23.35 -5.06 -62.95
C TYR K 149 21.91 -5.13 -62.46
N ILE K 150 21.70 -5.55 -61.21
CA ILE K 150 20.34 -5.62 -60.67
C ILE K 150 19.74 -4.22 -60.59
N LEU K 151 20.53 -3.24 -60.13
CA LEU K 151 20.02 -1.87 -60.00
C LEU K 151 19.65 -1.29 -61.34
N ARG K 152 20.49 -1.48 -62.36
CA ARG K 152 20.18 -0.93 -63.68
C ARG K 152 19.07 -1.70 -64.36
N MET K 153 18.88 -2.98 -64.00
CA MET K 153 17.79 -3.76 -64.56
C MET K 153 16.43 -3.19 -64.18
N GLY K 154 16.27 -2.79 -62.92
CA GLY K 154 15.04 -2.20 -62.45
C GLY K 154 15.09 -0.68 -62.40
N ASP K 155 13.97 -0.10 -62.01
CA ASP K 155 13.82 1.36 -61.88
C ASP K 155 13.43 1.67 -60.45
N SER K 156 14.42 1.79 -59.57
CA SER K 156 14.19 2.10 -58.17
C SER K 156 15.50 2.55 -57.54
N HIS K 157 15.39 3.21 -56.40
CA HIS K 157 16.55 3.62 -55.62
C HIS K 157 16.85 2.66 -54.47
N SER K 158 16.09 1.58 -54.34
CA SER K 158 16.29 0.58 -53.30
C SER K 158 16.64 -0.75 -53.93
N LEU K 159 17.64 -1.42 -53.35
CA LEU K 159 18.13 -2.67 -53.92
C LEU K 159 17.08 -3.77 -53.85
N ASP K 160 16.33 -3.85 -52.75
CA ASP K 160 15.31 -4.89 -52.62
C ASP K 160 14.19 -4.69 -53.62
N GLU K 161 13.76 -3.43 -53.82
CA GLU K 161 12.75 -3.16 -54.83
C GLU K 161 13.28 -3.46 -56.22
N CYS K 162 14.58 -3.21 -56.46
CA CYS K 162 15.18 -3.55 -57.73
C CYS K 162 15.15 -5.06 -57.97
N ILE K 163 15.46 -5.85 -56.94
CA ILE K 163 15.40 -7.30 -57.06
C ILE K 163 13.97 -7.76 -57.35
N VAL K 164 13.00 -7.18 -56.64
CA VAL K 164 11.60 -7.56 -56.82
C VAL K 164 11.16 -7.25 -58.25
N GLN K 165 11.49 -6.06 -58.75
CA GLN K 165 11.11 -5.68 -60.10
C GLN K 165 11.81 -6.54 -61.14
N ALA K 166 13.08 -6.90 -60.89
CA ALA K 166 13.80 -7.76 -61.81
C ALA K 166 13.13 -9.12 -61.91
N HIS K 167 12.73 -9.70 -60.77
CA HIS K 167 12.06 -10.99 -60.81
C HIS K 167 10.67 -10.87 -61.44
N LYS K 168 9.98 -9.75 -61.21
CA LYS K 168 8.68 -9.54 -61.84
C LYS K 168 8.80 -9.50 -63.35
N LYS K 169 9.79 -8.76 -63.86
CA LYS K 169 9.98 -8.71 -65.31
C LYS K 169 10.50 -10.05 -65.84
N ILE K 170 11.24 -10.81 -65.04
CA ILE K 170 11.63 -12.16 -65.42
C ILE K 170 10.39 -13.01 -65.65
N LEU K 171 9.46 -12.98 -64.70
CA LEU K 171 8.22 -13.75 -64.83
C LEU K 171 7.40 -13.27 -66.01
N GLN K 172 7.33 -11.95 -66.22
CA GLN K 172 6.56 -11.43 -67.35
C GLN K 172 7.15 -11.89 -68.68
N GLU K 173 8.48 -11.84 -68.82
CA GLU K 173 9.11 -12.30 -70.05
C GLU K 173 8.92 -13.80 -70.24
N ALA K 174 8.96 -14.57 -69.15
CA ALA K 174 8.70 -16.00 -69.25
C ALA K 174 7.27 -16.27 -69.71
N ARG K 175 6.31 -15.51 -69.19
CA ARG K 175 4.92 -15.66 -69.62
C ARG K 175 4.75 -15.29 -71.09
N ARG K 176 5.44 -14.23 -71.53
CA ARG K 176 5.30 -13.80 -72.92
C ARG K 176 5.76 -14.87 -73.89
N LEU K 177 6.85 -15.57 -73.55
CA LEU K 177 7.42 -16.59 -74.42
C LEU K 177 6.83 -17.98 -74.19
N GLY K 178 5.84 -18.10 -73.31
CA GLY K 178 5.17 -19.37 -73.09
C GLY K 178 5.88 -20.32 -72.15
N LEU K 179 6.98 -19.91 -71.52
CA LEU K 179 7.68 -20.78 -70.58
C LEU K 179 6.88 -20.93 -69.29
N SER K 180 6.97 -22.11 -68.69
CA SER K 180 6.22 -22.40 -67.48
C SER K 180 6.76 -21.60 -66.30
N ASP K 181 5.83 -21.22 -65.41
CA ASP K 181 6.21 -20.42 -64.25
C ASP K 181 7.02 -21.23 -63.25
N GLU K 182 6.70 -22.52 -63.09
CA GLU K 182 7.34 -23.34 -62.07
C GLU K 182 8.83 -23.53 -62.34
N HIS K 183 9.28 -23.33 -63.58
CA HIS K 183 10.69 -23.45 -63.91
C HIS K 183 11.45 -22.14 -63.74
N TYR K 184 10.77 -21.07 -63.33
CA TYR K 184 11.39 -19.77 -63.09
C TYR K 184 10.99 -19.33 -61.69
N ASN K 185 11.76 -19.75 -60.69
CA ASN K 185 11.43 -19.52 -59.30
C ASN K 185 12.25 -18.42 -58.64
N GLY K 186 13.32 -17.96 -59.28
CA GLY K 186 14.15 -16.92 -58.73
C GLY K 186 15.33 -17.39 -57.90
N TYR K 187 15.69 -18.67 -57.99
CA TYR K 187 16.81 -19.18 -57.20
C TYR K 187 18.12 -18.51 -57.61
N ASP K 188 18.33 -18.30 -58.90
CA ASP K 188 19.53 -17.62 -59.41
C ASP K 188 19.08 -16.70 -60.55
N LEU K 189 18.85 -15.43 -60.22
CA LEU K 189 18.28 -14.49 -61.19
C LEU K 189 19.18 -14.33 -62.41
N PHE K 190 20.49 -14.30 -62.20
CA PHE K 190 21.41 -14.10 -63.33
C PHE K 190 21.37 -15.30 -64.28
N ARG K 191 21.22 -16.50 -63.74
CA ARG K 191 21.04 -17.67 -64.60
C ARG K 191 19.71 -17.59 -65.36
N GLU K 192 18.67 -17.05 -64.74
CA GLU K 192 17.41 -16.83 -65.46
C GLU K 192 17.62 -15.86 -66.61
N ILE K 193 18.36 -14.78 -66.38
CA ILE K 193 18.65 -13.82 -67.44
C ILE K 193 19.42 -14.49 -68.57
N GLY K 194 20.44 -15.27 -68.22
CA GLY K 194 21.21 -15.95 -69.24
C GLY K 194 20.38 -16.91 -70.07
N SER K 195 19.54 -17.71 -69.39
CA SER K 195 18.69 -18.66 -70.10
C SER K 195 17.70 -17.95 -71.01
N LEU K 196 17.07 -16.89 -70.52
CA LEU K 196 16.10 -16.16 -71.34
C LEU K 196 16.77 -15.50 -72.53
N VAL K 197 17.95 -14.91 -72.33
CA VAL K 197 18.65 -14.26 -73.43
C VAL K 197 19.08 -15.29 -74.47
N CYS K 198 19.58 -16.44 -74.02
CA CYS K 198 19.98 -17.49 -74.96
C CYS K 198 18.78 -18.01 -75.74
N LEU K 199 17.65 -18.21 -75.07
CA LEU K 199 16.45 -18.69 -75.75
C LEU K 199 15.96 -17.67 -76.77
N ARG K 200 16.00 -16.38 -76.41
CA ARG K 200 15.63 -15.34 -77.37
C ARG K 200 16.58 -15.32 -78.56
N LEU K 201 17.88 -15.50 -78.30
CA LEU K 201 18.87 -15.50 -79.38
C LEU K 201 18.63 -16.65 -80.35
N ILE K 202 18.38 -17.86 -79.81
CA ILE K 202 18.14 -19.01 -80.68
C ILE K 202 16.75 -18.95 -81.30
N ASN K 203 15.84 -18.15 -80.75
CA ASN K 203 14.52 -17.99 -81.34
C ASN K 203 14.46 -16.89 -82.37
N ALA K 204 15.52 -16.10 -82.53
CA ALA K 204 15.53 -15.01 -83.50
C ALA K 204 16.96 -14.64 -83.88
N MET L 1 -20.99 -25.14 19.67
CA MET L 1 -20.68 -26.55 19.53
C MET L 1 -21.89 -27.41 19.89
N ASN L 2 -22.28 -28.29 18.95
CA ASN L 2 -23.48 -29.10 19.14
C ASN L 2 -23.35 -30.09 20.29
N SER L 3 -22.11 -30.46 20.66
CA SER L 3 -21.90 -31.44 21.71
C SER L 3 -22.01 -30.85 23.12
N GLN L 4 -22.25 -29.55 23.24
CA GLN L 4 -22.37 -28.90 24.54
C GLN L 4 -23.81 -28.60 24.93
N TYR L 5 -24.78 -28.88 24.06
CA TYR L 5 -26.17 -28.64 24.40
C TYR L 5 -26.64 -29.65 25.46
N MET L 6 -27.42 -29.15 26.42
CA MET L 6 -27.93 -29.96 27.52
C MET L 6 -29.44 -29.82 27.58
N PHE L 7 -30.14 -30.96 27.49
CA PHE L 7 -31.57 -30.95 27.74
C PHE L 7 -31.88 -30.85 29.22
N ASP L 8 -31.10 -31.52 30.07
CA ASP L 8 -31.26 -31.47 31.50
C ASP L 8 -29.88 -31.45 32.16
N TYR L 9 -29.81 -30.85 33.34
CA TYR L 9 -28.58 -30.72 34.09
C TYR L 9 -28.67 -31.47 35.42
N PRO L 10 -27.64 -32.23 35.77
CA PRO L 10 -27.62 -32.93 37.07
C PRO L 10 -27.12 -32.02 38.18
N ALA L 11 -28.03 -31.68 39.10
CA ALA L 11 -27.68 -30.93 40.30
C ALA L 11 -27.34 -31.91 41.42
N ILE L 12 -26.14 -31.78 41.97
CA ILE L 12 -25.61 -32.73 42.95
C ILE L 12 -25.75 -32.14 44.35
N ASN L 13 -26.35 -32.92 45.25
CA ASN L 13 -26.45 -32.55 46.66
C ASN L 13 -25.75 -33.62 47.47
N ILE L 14 -24.74 -33.22 48.23
CA ILE L 14 -23.91 -34.12 49.02
C ILE L 14 -24.02 -33.71 50.49
N ASP L 15 -24.36 -34.68 51.34
CA ASP L 15 -24.46 -34.45 52.78
C ASP L 15 -23.16 -34.88 53.45
N VAL L 16 -22.64 -34.02 54.33
CA VAL L 16 -21.35 -34.27 54.94
C VAL L 16 -21.40 -35.42 55.94
N ARG L 17 -22.54 -35.61 56.61
CA ARG L 17 -22.63 -36.60 57.67
C ARG L 17 -22.37 -38.01 57.15
N CYS L 18 -22.92 -38.34 55.98
CA CYS L 18 -22.72 -39.66 55.39
C CYS L 18 -22.74 -39.52 53.87
N HIS L 19 -21.62 -39.89 53.24
CA HIS L 19 -21.57 -39.83 51.78
C HIS L 19 -22.35 -40.98 51.16
N ARG L 20 -22.29 -42.17 51.77
CA ARG L 20 -22.91 -43.35 51.21
C ARG L 20 -24.43 -43.35 51.31
N LEU L 21 -25.01 -42.49 52.15
CA LEU L 21 -26.45 -42.40 52.31
C LEU L 21 -26.89 -40.95 52.17
N LEU L 22 -28.07 -40.76 51.57
CA LEU L 22 -28.74 -39.47 51.40
C LEU L 22 -28.03 -38.53 50.44
N SER L 23 -26.88 -38.91 49.90
CA SER L 23 -26.22 -38.11 48.87
C SER L 23 -26.87 -38.41 47.53
N SER L 24 -27.42 -37.38 46.88
CA SER L 24 -28.26 -37.59 45.71
C SER L 24 -27.88 -36.62 44.60
N VAL L 25 -28.40 -36.88 43.42
CA VAL L 25 -28.31 -35.97 42.29
C VAL L 25 -29.66 -35.94 41.59
N SER L 26 -30.24 -34.75 41.47
CA SER L 26 -31.50 -34.56 40.76
C SER L 26 -31.21 -34.03 39.36
N TYR L 27 -32.26 -33.98 38.54
CA TYR L 27 -32.14 -33.48 37.17
C TYR L 27 -33.11 -32.31 37.00
N VAL L 28 -32.61 -31.19 36.48
CA VAL L 28 -33.40 -29.99 36.32
C VAL L 28 -33.34 -29.55 34.85
N ALA L 29 -34.34 -28.78 34.44
CA ALA L 29 -34.40 -28.33 33.06
C ALA L 29 -33.29 -27.32 32.79
N TYR L 30 -32.54 -27.55 31.72
CA TYR L 30 -31.47 -26.65 31.30
C TYR L 30 -31.78 -25.99 29.96
N ASN L 31 -32.01 -26.80 28.92
CA ASN L 31 -32.46 -26.33 27.61
C ASN L 31 -31.55 -25.22 27.07
N LYS L 32 -30.25 -25.42 27.20
CA LYS L 32 -29.28 -24.45 26.68
C LYS L 32 -27.93 -25.15 26.51
N PHE L 33 -26.99 -24.43 25.92
CA PHE L 33 -25.65 -24.96 25.70
C PHE L 33 -24.85 -24.87 26.99
N HIS L 34 -24.25 -25.99 27.39
CA HIS L 34 -23.43 -26.02 28.59
C HIS L 34 -22.02 -25.51 28.28
N THR L 35 -21.29 -25.16 29.33
CA THR L 35 -19.93 -24.66 29.16
C THR L 35 -18.95 -25.76 28.75
N HIS L 36 -19.26 -27.02 29.03
CA HIS L 36 -18.39 -28.14 28.71
C HIS L 36 -19.13 -29.14 27.84
N ASP L 37 -18.42 -30.21 27.47
CA ASP L 37 -19.02 -31.27 26.65
C ASP L 37 -19.88 -32.19 27.52
N VAL L 38 -20.74 -32.96 26.85
CA VAL L 38 -21.72 -33.79 27.51
C VAL L 38 -21.55 -35.24 27.06
N SER L 39 -21.61 -36.16 28.00
CA SER L 39 -21.61 -37.59 27.72
C SER L 39 -22.98 -38.16 28.06
N THR L 40 -23.43 -39.15 27.29
CA THR L 40 -24.74 -39.75 27.47
C THR L 40 -24.59 -41.21 27.87
N TYR L 41 -25.17 -41.58 29.02
CA TYR L 41 -25.19 -42.96 29.47
C TYR L 41 -26.56 -43.25 30.07
N GLU L 42 -27.29 -44.18 29.44
CA GLU L 42 -28.64 -44.57 29.89
C GLU L 42 -29.54 -43.35 30.04
N HIS L 43 -29.58 -42.53 29.00
CA HIS L 43 -30.36 -41.30 28.94
C HIS L 43 -29.96 -40.31 30.03
N CYS L 44 -28.78 -40.48 30.60
CA CYS L 44 -28.25 -39.60 31.64
C CYS L 44 -27.16 -38.73 31.04
N GLU L 45 -27.25 -37.42 31.27
CA GLU L 45 -26.29 -36.46 30.73
C GLU L 45 -25.27 -36.12 31.82
N ILE L 46 -24.01 -36.38 31.53
CA ILE L 46 -22.89 -36.13 32.44
C ILE L 46 -22.05 -35.01 31.85
N PRO L 47 -21.92 -33.86 32.54
CA PRO L 47 -21.00 -32.83 32.07
C PRO L 47 -19.56 -33.30 32.18
N LEU L 48 -18.79 -33.05 31.12
CA LEU L 48 -17.38 -33.45 31.08
C LEU L 48 -16.50 -32.30 31.57
N GLU L 49 -16.68 -31.96 32.85
CA GLU L 49 -15.95 -30.84 33.42
C GLU L 49 -14.50 -31.18 33.74
N LYS L 50 -14.21 -32.43 34.11
CA LYS L 50 -12.86 -32.84 34.43
C LYS L 50 -12.23 -33.77 33.40
N LEU L 51 -13.04 -34.45 32.59
CA LEU L 51 -12.55 -35.28 31.51
C LEU L 51 -12.97 -34.68 30.18
N ARG L 52 -12.28 -35.10 29.11
CA ARG L 52 -12.50 -34.58 27.78
C ARG L 52 -13.25 -35.59 26.92
N LEU L 53 -13.99 -35.07 25.94
CA LEU L 53 -14.71 -35.94 25.01
C LEU L 53 -13.73 -36.73 24.16
N GLY L 54 -14.08 -37.99 23.89
CA GLY L 54 -13.24 -38.85 23.09
C GLY L 54 -14.04 -39.49 21.97
N PHE L 55 -13.31 -40.00 20.98
CA PHE L 55 -13.91 -40.61 19.80
C PHE L 55 -13.20 -41.91 19.49
N GLY L 56 -13.93 -42.82 18.85
CA GLY L 56 -13.43 -44.12 18.46
C GLY L 56 -14.37 -45.22 18.88
N ARG L 57 -13.90 -46.45 18.76
CA ARG L 57 -14.66 -47.65 19.11
C ARG L 57 -13.82 -48.60 19.94
N ARG L 58 -13.17 -48.05 20.98
CA ARG L 58 -12.30 -48.84 21.83
C ARG L 58 -13.11 -49.90 22.59
N ASN L 59 -12.45 -51.02 22.90
CA ASN L 59 -13.16 -52.17 23.45
C ASN L 59 -13.72 -51.89 24.84
N SER L 60 -12.93 -51.28 25.71
CA SER L 60 -13.30 -51.11 27.10
C SER L 60 -13.46 -49.64 27.45
N LEU L 61 -14.22 -49.39 28.53
CA LEU L 61 -14.34 -48.04 29.05
C LEU L 61 -13.03 -47.54 29.63
N ALA L 62 -12.21 -48.44 30.18
CA ALA L 62 -10.90 -48.04 30.69
C ALA L 62 -10.00 -47.51 29.57
N ASP L 63 -10.21 -48.01 28.35
CA ASP L 63 -9.44 -47.52 27.20
C ASP L 63 -9.68 -46.03 26.94
N PHE L 64 -10.78 -45.47 27.47
CA PHE L 64 -11.07 -44.06 27.29
C PHE L 64 -10.51 -43.21 28.43
N TYR L 65 -10.84 -43.55 29.67
CA TYR L 65 -10.38 -42.75 30.80
C TYR L 65 -8.90 -42.98 31.13
N SER L 66 -8.27 -44.00 30.55
CA SER L 66 -6.82 -44.11 30.67
C SER L 66 -6.11 -42.96 29.97
N LEU L 67 -6.76 -42.34 28.98
CA LEU L 67 -6.26 -41.15 28.31
C LEU L 67 -6.92 -39.88 28.82
N GLY L 68 -7.61 -39.95 29.95
CA GLY L 68 -8.34 -38.80 30.48
C GLY L 68 -9.50 -38.37 29.61
N GLU L 69 -10.22 -39.32 29.03
CA GLU L 69 -11.34 -39.02 28.15
C GLU L 69 -12.54 -39.90 28.50
N LEU L 70 -13.69 -39.48 28.02
CA LEU L 70 -14.93 -40.24 28.12
C LEU L 70 -15.63 -40.27 26.78
N PRO L 71 -16.30 -41.37 26.45
CA PRO L 71 -17.02 -41.43 25.17
C PRO L 71 -18.26 -40.54 25.18
N ALA L 72 -18.68 -40.16 23.97
CA ALA L 72 -19.88 -39.34 23.84
C ALA L 72 -21.11 -40.11 24.28
N SER L 73 -21.19 -41.41 23.96
CA SER L 73 -22.32 -42.22 24.37
C SER L 73 -21.91 -43.69 24.33
N TRP L 74 -22.31 -44.43 25.36
CA TRP L 74 -22.07 -45.85 25.43
C TRP L 74 -23.07 -46.48 26.40
N GLY L 75 -23.21 -47.80 26.30
CA GLY L 75 -24.15 -48.53 27.10
C GLY L 75 -25.26 -49.15 26.27
N PRO L 76 -26.11 -49.95 26.92
CA PRO L 76 -27.21 -50.60 26.18
C PRO L 76 -28.18 -49.64 25.51
N ALA L 77 -28.33 -48.43 26.06
CA ALA L 77 -29.35 -47.52 25.54
C ALA L 77 -29.00 -46.99 24.14
N CYS L 78 -27.72 -47.00 23.78
CA CYS L 78 -27.30 -46.50 22.48
C CYS L 78 -27.17 -47.63 21.48
N TYR L 79 -27.62 -47.38 20.25
CA TYR L 79 -27.62 -48.42 19.22
C TYR L 79 -26.21 -48.82 18.83
N PHE L 80 -25.34 -47.83 18.60
CA PHE L 80 -23.93 -48.08 18.33
C PHE L 80 -23.12 -47.56 19.51
N SER L 81 -22.34 -48.43 20.14
CA SER L 81 -21.65 -48.13 21.37
C SER L 81 -20.16 -47.93 21.12
N SER L 82 -19.60 -46.90 21.77
CA SER L 82 -18.16 -46.67 21.68
C SER L 82 -17.38 -47.82 22.30
N VAL L 83 -17.91 -48.41 23.37
CA VAL L 83 -17.30 -49.57 23.98
C VAL L 83 -17.88 -50.83 23.35
N LYS L 84 -17.13 -51.92 23.44
CA LYS L 84 -17.57 -53.19 22.88
C LYS L 84 -18.70 -53.75 23.74
N PRO L 85 -19.88 -54.02 23.18
CA PRO L 85 -20.98 -54.58 23.98
C PRO L 85 -20.64 -55.98 24.45
N MET L 86 -21.19 -56.32 25.62
CA MET L 86 -20.95 -57.64 26.21
C MET L 86 -22.03 -57.92 27.25
N MET L 87 -22.13 -59.18 27.64
CA MET L 87 -23.13 -59.63 28.59
C MET L 87 -22.46 -60.14 29.86
N TYR L 88 -23.17 -59.99 30.98
CA TYR L 88 -22.68 -60.41 32.29
C TYR L 88 -23.60 -61.46 32.89
N THR L 89 -23.05 -62.25 33.79
CA THR L 89 -23.76 -63.37 34.39
C THR L 89 -24.55 -62.95 35.62
N PHE L 90 -25.33 -63.89 36.14
CA PHE L 90 -26.10 -63.74 37.38
C PHE L 90 -27.17 -62.65 37.28
N GLN L 91 -27.56 -62.26 36.06
CA GLN L 91 -28.64 -61.30 35.91
C GLN L 91 -29.98 -61.87 36.38
N GLY L 92 -30.26 -63.11 36.01
CA GLY L 92 -31.46 -63.77 36.51
C GLY L 92 -31.45 -63.92 38.01
N MET L 93 -30.28 -64.23 38.58
CA MET L 93 -30.18 -64.31 40.04
C MET L 93 -30.45 -62.96 40.67
N ALA L 94 -29.92 -61.88 40.08
CA ALA L 94 -30.17 -60.54 40.61
C ALA L 94 -31.66 -60.22 40.56
N SER L 95 -32.32 -60.56 39.45
CA SER L 95 -33.78 -60.40 39.40
C SER L 95 -34.47 -61.24 40.47
N ASP L 96 -33.91 -62.40 40.80
CA ASP L 96 -34.50 -63.26 41.83
C ASP L 96 -34.43 -62.60 43.21
N LEU L 97 -33.26 -62.12 43.61
CA LEU L 97 -33.17 -61.46 44.91
C LEU L 97 -33.64 -60.01 44.87
N SER L 98 -34.09 -59.51 43.73
CA SER L 98 -34.70 -58.18 43.70
C SER L 98 -35.86 -58.08 44.68
N ARG L 99 -36.57 -59.18 44.94
CA ARG L 99 -37.63 -59.18 45.93
C ARG L 99 -37.08 -59.18 47.35
N PHE L 100 -35.90 -59.76 47.57
CA PHE L 100 -35.31 -59.78 48.90
C PHE L 100 -34.93 -58.38 49.35
N ASP L 101 -35.18 -58.09 50.62
CA ASP L 101 -34.90 -56.78 51.20
C ASP L 101 -33.59 -56.82 51.98
N LEU L 102 -33.28 -55.72 52.67
CA LEU L 102 -32.07 -55.66 53.46
C LEU L 102 -32.11 -56.57 54.68
N THR L 103 -33.31 -56.98 55.10
CA THR L 103 -33.45 -57.85 56.27
C THR L 103 -33.02 -59.28 55.93
N PRO L 111 -25.28 -62.43 58.65
CA PRO L 111 -23.87 -62.51 59.07
C PRO L 111 -22.90 -62.37 57.90
N ASN L 112 -22.53 -63.50 57.29
CA ASN L 112 -21.64 -63.46 56.14
C ASN L 112 -22.30 -62.81 54.93
N VAL L 113 -23.61 -62.98 54.78
CA VAL L 113 -24.32 -62.42 53.64
C VAL L 113 -24.27 -60.89 53.69
N LEU L 114 -24.43 -60.30 54.87
CA LEU L 114 -24.38 -58.85 55.00
C LEU L 114 -23.01 -58.31 54.62
N LYS L 115 -21.94 -58.96 55.10
CA LYS L 115 -20.60 -58.53 54.74
C LYS L 115 -20.34 -58.69 53.25
N ALA L 116 -20.85 -59.77 52.65
CA ALA L 116 -20.66 -59.98 51.22
C ALA L 116 -21.39 -58.91 50.41
N LEU L 117 -22.59 -58.53 50.83
CA LEU L 117 -23.39 -57.57 50.08
C LEU L 117 -23.12 -56.12 50.50
N SER L 118 -22.22 -55.90 51.46
CA SER L 118 -21.86 -54.53 51.84
C SER L 118 -21.17 -53.78 50.70
N TRP L 119 -20.59 -54.49 49.75
CA TRP L 119 -19.98 -53.85 48.59
C TRP L 119 -21.06 -53.19 47.73
N PRO L 120 -20.74 -52.05 47.08
CA PRO L 120 -19.47 -51.32 47.16
C PRO L 120 -19.52 -50.15 48.14
N LEU L 121 -20.67 -49.93 48.75
CA LEU L 121 -20.84 -48.80 49.67
C LEU L 121 -20.02 -48.98 50.95
N GLY L 122 -19.88 -50.22 51.41
CA GLY L 122 -19.35 -50.49 52.72
C GLY L 122 -20.40 -50.64 53.80
N ILE L 123 -21.62 -50.16 53.54
CA ILE L 123 -22.78 -50.37 54.41
C ILE L 123 -23.73 -51.27 53.64
N PRO L 124 -24.32 -52.28 54.28
CA PRO L 124 -25.19 -53.21 53.55
C PRO L 124 -26.34 -52.49 52.85
N ASP L 125 -26.58 -52.88 51.60
CA ASP L 125 -27.64 -52.30 50.78
C ASP L 125 -28.03 -53.30 49.72
N CYS L 126 -29.28 -53.20 49.25
CA CYS L 126 -29.82 -54.12 48.26
C CYS L 126 -30.47 -53.37 47.09
N GLU L 127 -29.99 -52.16 46.81
CA GLU L 127 -30.57 -51.37 45.72
C GLU L 127 -30.15 -51.89 44.35
N ILE L 128 -28.96 -52.47 44.24
CA ILE L 128 -28.48 -52.98 42.96
C ILE L 128 -29.37 -54.13 42.47
N PHE L 129 -29.95 -54.89 43.38
CA PHE L 129 -30.88 -55.94 42.98
C PHE L 129 -32.10 -55.37 42.30
N SER L 130 -32.65 -54.28 42.85
CA SER L 130 -33.76 -53.60 42.19
C SER L 130 -33.31 -52.94 40.89
N ILE L 131 -32.03 -52.56 40.80
CA ILE L 131 -31.51 -51.97 39.58
C ILE L 131 -31.47 -53.00 38.46
N CYS L 132 -30.99 -54.21 38.77
CA CYS L 132 -30.79 -55.25 37.77
C CYS L 132 -32.04 -56.11 37.53
N SER L 133 -33.14 -55.81 38.21
CA SER L 133 -34.35 -56.60 38.03
C SER L 133 -34.91 -56.43 36.62
N ASP L 134 -35.55 -57.49 36.11
CA ASP L 134 -36.14 -57.42 34.78
C ASP L 134 -37.33 -56.48 34.75
N ARG L 135 -38.06 -56.35 35.86
CA ARG L 135 -39.16 -55.40 35.93
C ARG L 135 -38.67 -53.95 35.84
N PHE L 136 -37.40 -53.71 36.13
CA PHE L 136 -36.85 -52.36 36.05
C PHE L 136 -36.62 -51.98 34.60
N VAL L 137 -37.12 -50.81 34.21
CA VAL L 137 -36.95 -50.27 32.87
C VAL L 137 -36.22 -48.94 32.97
N ARG L 138 -35.31 -48.69 32.03
CA ARG L 138 -34.51 -47.48 32.02
C ARG L 138 -35.20 -46.38 31.21
N GLY L 139 -35.33 -45.21 31.81
CA GLY L 139 -35.95 -44.08 31.15
C GLY L 139 -35.61 -42.75 31.81
N LEU L 140 -36.52 -41.79 31.69
CA LEU L 140 -36.28 -40.49 32.32
C LEU L 140 -36.49 -40.52 33.82
N GLN L 141 -37.35 -41.43 34.31
CA GLN L 141 -37.66 -41.47 35.73
C GLN L 141 -36.55 -42.12 36.55
N THR L 142 -35.68 -42.91 35.92
CA THR L 142 -34.64 -43.65 36.63
C THR L 142 -33.26 -43.01 36.52
N ARG L 143 -33.17 -41.81 35.92
CA ARG L 143 -31.88 -41.14 35.83
C ARG L 143 -31.37 -40.75 37.21
N ASP L 144 -32.25 -40.18 38.04
CA ASP L 144 -31.83 -39.64 39.33
C ASP L 144 -31.29 -40.74 40.23
N GLN L 145 -32.02 -41.85 40.36
CA GLN L 145 -31.60 -42.90 41.29
C GLN L 145 -30.32 -43.58 40.83
N LEU L 146 -30.19 -43.86 39.53
CA LEU L 146 -28.99 -44.52 39.03
C LEU L 146 -27.77 -43.62 39.19
N MET L 147 -27.92 -42.34 38.81
CA MET L 147 -26.80 -41.41 38.96
C MET L 147 -26.46 -41.17 40.42
N SER L 148 -27.46 -41.18 41.31
CA SER L 148 -27.18 -41.05 42.73
C SER L 148 -26.43 -42.25 43.27
N TYR L 149 -26.78 -43.46 42.80
CA TYR L 149 -26.03 -44.64 43.21
C TYR L 149 -24.58 -44.56 42.72
N ILE L 150 -24.39 -44.09 41.48
CA ILE L 150 -23.02 -43.93 40.97
C ILE L 150 -22.25 -42.91 41.81
N LEU L 151 -22.90 -41.80 42.15
CA LEU L 151 -22.26 -40.76 42.95
C LEU L 151 -21.90 -41.29 44.34
N ARG L 152 -22.80 -42.04 44.96
CA ARG L 152 -22.56 -42.54 46.32
C ARG L 152 -21.49 -43.61 46.34
N MET L 153 -21.37 -44.42 45.28
CA MET L 153 -20.34 -45.44 45.25
C MET L 153 -18.95 -44.83 45.26
N GLY L 154 -18.74 -43.77 44.47
CA GLY L 154 -17.46 -43.08 44.44
C GLY L 154 -17.37 -41.94 45.44
N ASP L 155 -16.19 -41.35 45.52
CA ASP L 155 -15.91 -40.23 46.42
C ASP L 155 -15.44 -39.04 45.58
N SER L 156 -16.39 -38.26 45.08
CA SER L 156 -16.09 -37.09 44.28
C SER L 156 -17.35 -36.23 44.18
N HIS L 157 -17.14 -34.98 43.75
CA HIS L 157 -18.24 -34.05 43.52
C HIS L 157 -18.64 -33.95 42.06
N SER L 158 -17.98 -34.71 41.18
CA SER L 158 -18.24 -34.68 39.75
C SER L 158 -18.69 -36.07 39.30
N LEU L 159 -19.71 -36.10 38.44
CA LEU L 159 -20.28 -37.38 38.01
C LEU L 159 -19.29 -38.21 37.19
N ASP L 160 -18.52 -37.56 36.31
CA ASP L 160 -17.58 -38.30 35.48
C ASP L 160 -16.48 -38.94 36.32
N GLU L 161 -15.95 -38.21 37.30
CA GLU L 161 -14.96 -38.78 38.20
C GLU L 161 -15.55 -39.94 39.00
N CYS L 162 -16.82 -39.80 39.41
CA CYS L 162 -17.49 -40.89 40.12
C CYS L 162 -17.60 -42.13 39.24
N ILE L 163 -17.93 -41.95 37.97
CA ILE L 163 -18.03 -43.08 37.05
C ILE L 163 -16.67 -43.75 36.88
N VAL L 164 -15.62 -42.93 36.72
CA VAL L 164 -14.28 -43.47 36.56
C VAL L 164 -13.87 -44.27 37.79
N GLN L 165 -14.13 -43.72 38.98
CA GLN L 165 -13.78 -44.42 40.21
C GLN L 165 -14.60 -45.69 40.39
N ALA L 166 -15.87 -45.66 39.99
CA ALA L 166 -16.71 -46.85 40.06
C ALA L 166 -16.15 -47.96 39.18
N HIS L 167 -15.76 -47.62 37.95
CA HIS L 167 -15.19 -48.64 37.07
C HIS L 167 -13.85 -49.13 37.61
N LYS L 168 -13.06 -48.23 38.20
CA LYS L 168 -11.78 -48.64 38.78
C LYS L 168 -11.97 -49.61 39.93
N LYS L 169 -12.95 -49.35 40.80
CA LYS L 169 -13.19 -50.26 41.92
C LYS L 169 -13.79 -51.57 41.43
N ILE L 170 -14.61 -51.54 40.37
CA ILE L 170 -15.11 -52.78 39.79
C ILE L 170 -13.95 -53.63 39.28
N LEU L 171 -13.00 -52.99 38.58
CA LEU L 171 -11.83 -53.72 38.09
C LEU L 171 -10.98 -54.24 39.24
N GLN L 172 -10.85 -53.46 40.32
CA GLN L 172 -10.08 -53.90 41.47
C GLN L 172 -10.72 -55.13 42.12
N GLU L 173 -12.04 -55.13 42.27
CA GLU L 173 -12.70 -56.31 42.84
C GLU L 173 -12.60 -57.51 41.89
N ALA L 174 -12.68 -57.27 40.59
CA ALA L 174 -12.52 -58.36 39.64
C ALA L 174 -11.12 -58.97 39.73
N ARG L 175 -10.10 -58.12 39.90
CA ARG L 175 -8.75 -58.62 40.12
C ARG L 175 -8.66 -59.41 41.42
N ARG L 176 -9.30 -58.91 42.47
CA ARG L 176 -9.25 -59.60 43.77
C ARG L 176 -9.89 -60.97 43.69
N LEU L 177 -11.03 -61.08 43.01
CA LEU L 177 -11.75 -62.35 42.90
C LEU L 177 -11.26 -63.22 41.75
N GLY L 178 -10.29 -62.75 40.97
CA GLY L 178 -9.67 -63.55 39.94
C GLY L 178 -10.35 -63.57 38.59
N LEU L 179 -11.37 -62.75 38.38
CA LEU L 179 -12.02 -62.69 37.08
C LEU L 179 -11.14 -61.96 36.07
N SER L 180 -11.30 -62.32 34.80
CA SER L 180 -10.47 -61.76 33.75
C SER L 180 -10.85 -60.31 33.45
N ASP L 181 -9.86 -59.53 33.03
CA ASP L 181 -10.09 -58.12 32.72
C ASP L 181 -10.98 -57.96 31.49
N GLU L 182 -10.77 -58.79 30.48
CA GLU L 182 -11.50 -58.63 29.22
C GLU L 182 -12.99 -58.88 29.37
N HIS L 183 -13.42 -59.57 30.42
CA HIS L 183 -14.83 -59.82 30.65
C HIS L 183 -15.51 -58.73 31.46
N TYR L 184 -14.78 -57.68 31.84
CA TYR L 184 -15.34 -56.52 32.54
C TYR L 184 -14.79 -55.27 31.86
N ASN L 185 -15.53 -54.79 30.85
CA ASN L 185 -15.10 -53.64 30.06
C ASN L 185 -15.82 -52.34 30.40
N GLY L 186 -16.91 -52.41 31.17
CA GLY L 186 -17.65 -51.21 31.52
C GLY L 186 -18.84 -50.89 30.64
N TYR L 187 -19.31 -51.85 29.83
CA TYR L 187 -20.45 -51.58 28.96
C TYR L 187 -21.70 -51.24 29.75
N ASP L 188 -21.95 -51.97 30.84
CA ASP L 188 -23.09 -51.69 31.73
C ASP L 188 -22.57 -51.79 33.16
N LEU L 189 -22.27 -50.64 33.76
CA LEU L 189 -21.63 -50.61 35.08
C LEU L 189 -22.49 -51.30 36.14
N PHE L 190 -23.79 -51.06 36.12
CA PHE L 190 -24.68 -51.61 37.14
C PHE L 190 -24.82 -53.12 37.01
N ARG L 191 -24.81 -53.64 35.78
CA ARG L 191 -24.81 -55.09 35.59
C ARG L 191 -23.52 -55.71 36.13
N GLU L 192 -22.39 -55.02 35.94
CA GLU L 192 -21.14 -55.48 36.53
C GLU L 192 -21.23 -55.50 38.05
N ILE L 193 -21.81 -54.45 38.64
CA ILE L 193 -21.96 -54.40 40.09
C ILE L 193 -22.82 -55.56 40.57
N GLY L 194 -23.94 -55.80 39.89
CA GLY L 194 -24.82 -56.89 40.28
C GLY L 194 -24.17 -58.25 40.15
N SER L 195 -23.43 -58.47 39.06
CA SER L 195 -22.74 -59.75 38.88
C SER L 195 -21.68 -59.97 39.96
N LEU L 196 -20.91 -58.92 40.27
CA LEU L 196 -19.90 -59.05 41.31
C LEU L 196 -20.54 -59.32 42.67
N VAL L 197 -21.64 -58.63 42.97
CA VAL L 197 -22.33 -58.83 44.24
C VAL L 197 -22.86 -60.26 44.34
N CYS L 198 -23.45 -60.75 43.26
CA CYS L 198 -23.98 -62.12 43.26
C CYS L 198 -22.85 -63.14 43.41
N LEU L 199 -21.72 -62.92 42.74
CA LEU L 199 -20.60 -63.83 42.89
C LEU L 199 -20.07 -63.83 44.32
N ARG L 200 -19.98 -62.66 44.94
CA ARG L 200 -19.54 -62.59 46.33
C ARG L 200 -20.54 -63.27 47.26
N LEU L 201 -21.84 -63.14 46.96
CA LEU L 201 -22.87 -63.77 47.77
C LEU L 201 -22.79 -65.28 47.69
N ILE L 202 -22.65 -65.83 46.47
CA ILE L 202 -22.57 -67.27 46.34
C ILE L 202 -21.26 -67.81 46.88
N ASN L 203 -20.18 -67.01 46.82
CA ASN L 203 -18.92 -67.44 47.39
C ASN L 203 -19.01 -67.60 48.90
N ALA L 204 -19.68 -66.66 49.57
CA ALA L 204 -19.84 -66.72 51.02
C ALA L 204 -21.18 -66.14 51.44
#